data_2L3F
#
_entry.id   2L3F
#
_entity_poly.entity_id   1
_entity_poly.type   'polypeptide(L)'
_entity_poly.pdbx_seq_one_letter_code
;MIKRGFPAVLDENTEILILGSLPSDESIRKQQYYGNPGNDFWRLVGHAIGENLQDMAYEKKLKTLKHNRIGLWDVFKAGS
REGSQDSKIGDEEINDFSGLKEMVPKLRLICFNGRKAGEYEPLLRGMGYETKVLPSSSGANRRFSKNRESEWEAVFRHLE
HHHHHH
;
_entity_poly.pdbx_strand_id   A
#
# COMPACT_ATOMS: atom_id res chain seq x y z
N MET A 1 -2.33 11.71 -19.20
CA MET A 1 -3.40 11.82 -18.19
C MET A 1 -2.82 11.86 -16.77
N ILE A 2 -3.60 12.43 -15.84
CA ILE A 2 -3.28 12.41 -14.40
C ILE A 2 -3.61 11.01 -13.84
N LYS A 3 -2.75 10.49 -12.96
CA LYS A 3 -2.91 9.15 -12.37
C LYS A 3 -3.79 9.28 -11.12
N ARG A 4 -4.94 8.62 -11.16
CA ARG A 4 -5.93 8.67 -10.08
C ARG A 4 -5.84 7.42 -9.20
N GLY A 5 -5.84 7.64 -7.89
CA GLY A 5 -5.80 6.56 -6.90
C GLY A 5 -7.08 5.75 -6.82
N PHE A 6 -7.15 4.83 -5.85
CA PHE A 6 -8.30 3.91 -5.70
C PHE A 6 -9.00 4.16 -4.36
N PRO A 7 -10.38 4.02 -4.30
CA PRO A 7 -11.13 3.94 -3.02
C PRO A 7 -10.53 2.90 -2.06
N ALA A 8 -10.59 3.19 -0.75
CA ALA A 8 -9.92 2.41 0.29
C ALA A 8 -10.44 0.95 0.30
N VAL A 9 -9.49 0.02 0.27
CA VAL A 9 -9.74 -1.42 0.28
C VAL A 9 -9.65 -1.86 1.74
N LEU A 10 -10.73 -1.61 2.49
CA LEU A 10 -10.67 -1.61 3.95
C LEU A 10 -11.76 -2.50 4.57
N ASP A 11 -11.47 -2.98 5.79
CA ASP A 11 -12.42 -3.69 6.66
C ASP A 11 -12.49 -2.91 7.99
N GLU A 12 -13.61 -3.03 8.72
CA GLU A 12 -13.79 -2.40 10.05
C GLU A 12 -12.81 -2.98 11.11
N ASN A 13 -12.14 -4.08 10.74
CA ASN A 13 -11.09 -4.70 11.54
C ASN A 13 -9.82 -4.67 10.68
N THR A 14 -8.96 -3.67 10.91
CA THR A 14 -7.70 -3.51 10.20
C THR A 14 -6.60 -2.96 11.14
N GLU A 15 -5.60 -3.81 11.42
CA GLU A 15 -4.45 -3.47 12.27
C GLU A 15 -3.39 -2.68 11.48
N ILE A 16 -3.21 -3.02 10.19
CA ILE A 16 -2.18 -2.42 9.32
C ILE A 16 -2.84 -1.82 8.08
N LEU A 17 -2.75 -0.50 7.92
CA LEU A 17 -3.25 0.21 6.73
C LEU A 17 -2.04 0.59 5.88
N ILE A 18 -1.97 0.01 4.68
CA ILE A 18 -0.83 0.19 3.77
C ILE A 18 -1.18 1.26 2.73
N LEU A 19 -0.52 2.42 2.85
CA LEU A 19 -0.69 3.54 1.92
C LEU A 19 0.46 3.51 0.91
N GLY A 20 0.15 3.16 -0.35
CA GLY A 20 1.07 3.37 -1.46
C GLY A 20 1.26 4.85 -1.74
N SER A 21 2.04 5.20 -2.75
CA SER A 21 2.29 6.59 -3.11
C SER A 21 1.22 7.05 -4.11
N LEU A 22 1.43 6.73 -5.39
CA LEU A 22 0.51 7.04 -6.47
C LEU A 22 0.42 5.79 -7.35
N PRO A 23 -0.77 5.11 -7.44
CA PRO A 23 -0.95 3.89 -8.26
C PRO A 23 -0.50 4.07 -9.72
N SER A 24 0.21 3.05 -10.24
CA SER A 24 0.71 3.02 -11.63
C SER A 24 -0.49 3.09 -12.60
N ASP A 25 -0.32 3.75 -13.76
CA ASP A 25 -1.43 3.87 -14.74
C ASP A 25 -1.87 2.48 -15.24
N GLU A 26 -0.90 1.54 -15.30
CA GLU A 26 -1.16 0.13 -15.67
C GLU A 26 -2.14 -0.53 -14.66
N SER A 27 -2.03 -0.13 -13.38
CA SER A 27 -2.97 -0.56 -12.33
C SER A 27 -4.36 0.04 -12.61
N ILE A 28 -4.36 1.36 -12.91
CA ILE A 28 -5.57 2.20 -13.05
C ILE A 28 -6.43 1.81 -14.28
N ARG A 29 -5.82 1.23 -15.33
CA ARG A 29 -6.57 0.78 -16.53
C ARG A 29 -7.46 -0.42 -16.20
N LYS A 30 -6.93 -1.28 -15.31
CA LYS A 30 -7.66 -2.44 -14.75
C LYS A 30 -8.44 -2.03 -13.48
N GLN A 31 -8.08 -0.83 -12.93
CA GLN A 31 -8.62 -0.27 -11.66
C GLN A 31 -8.24 -1.14 -10.44
N GLN A 32 -7.17 -1.94 -10.61
CA GLN A 32 -6.71 -2.95 -9.64
C GLN A 32 -5.18 -2.87 -9.50
N TYR A 33 -4.65 -2.92 -8.26
CA TYR A 33 -3.17 -2.93 -8.00
C TYR A 33 -2.51 -4.14 -8.71
N TYR A 34 -3.21 -5.30 -8.67
CA TYR A 34 -2.78 -6.56 -9.35
C TYR A 34 -2.78 -6.41 -10.90
N GLY A 35 -3.39 -5.30 -11.42
CA GLY A 35 -3.53 -5.03 -12.86
C GLY A 35 -2.23 -5.20 -13.64
N ASN A 36 -1.12 -4.78 -13.00
CA ASN A 36 0.24 -5.14 -13.44
C ASN A 36 0.85 -6.13 -12.40
N PRO A 37 1.08 -7.43 -12.78
CA PRO A 37 1.63 -8.49 -11.86
C PRO A 37 3.09 -8.23 -11.39
N GLY A 38 3.69 -7.10 -11.84
CA GLY A 38 5.02 -6.68 -11.38
C GLY A 38 4.97 -6.12 -9.96
N ASN A 39 3.75 -5.82 -9.47
CA ASN A 39 3.53 -5.51 -8.05
C ASN A 39 3.65 -6.82 -7.27
N ASP A 40 4.85 -7.05 -6.71
CA ASP A 40 5.21 -8.31 -6.02
C ASP A 40 4.63 -8.33 -4.59
N PHE A 41 3.96 -7.22 -4.22
CA PHE A 41 3.23 -6.99 -2.97
C PHE A 41 2.51 -8.26 -2.45
N TRP A 42 1.90 -8.98 -3.38
CA TRP A 42 1.03 -10.12 -3.09
C TRP A 42 1.84 -11.33 -2.58
N ARG A 43 3.11 -11.43 -3.02
CA ARG A 43 4.06 -12.46 -2.51
C ARG A 43 4.74 -11.99 -1.22
N LEU A 44 5.05 -10.67 -1.14
CA LEU A 44 5.75 -10.06 0.02
C LEU A 44 4.87 -10.19 1.29
N VAL A 45 3.60 -9.83 1.15
CA VAL A 45 2.57 -10.00 2.18
C VAL A 45 2.17 -11.49 2.30
N GLY A 46 2.11 -12.19 1.14
CA GLY A 46 1.58 -13.57 1.07
C GLY A 46 2.39 -14.58 1.86
N HIS A 47 3.73 -14.47 1.81
CA HIS A 47 4.65 -15.36 2.55
C HIS A 47 4.58 -15.04 4.06
N ALA A 48 4.31 -13.76 4.37
CA ALA A 48 4.28 -13.25 5.75
C ALA A 48 2.98 -13.66 6.50
N ILE A 49 1.85 -13.70 5.78
CA ILE A 49 0.55 -14.11 6.33
C ILE A 49 0.32 -15.63 6.13
N GLY A 50 1.20 -16.28 5.33
CA GLY A 50 1.15 -17.72 5.08
C GLY A 50 0.01 -18.14 4.15
N GLU A 51 -0.52 -17.19 3.37
CA GLU A 51 -1.68 -17.39 2.49
C GLU A 51 -1.35 -16.74 1.14
N ASN A 52 -1.19 -17.57 0.09
CA ASN A 52 -0.71 -17.11 -1.23
C ASN A 52 -1.76 -16.25 -1.96
N LEU A 53 -1.61 -14.92 -1.82
CA LEU A 53 -2.50 -13.92 -2.46
C LEU A 53 -2.44 -14.00 -3.99
N GLN A 54 -1.23 -14.30 -4.50
CA GLN A 54 -0.89 -14.26 -5.93
C GLN A 54 -1.86 -15.09 -6.81
N ASP A 55 -2.10 -16.36 -6.42
CA ASP A 55 -2.91 -17.32 -7.22
C ASP A 55 -4.43 -17.12 -6.98
N MET A 56 -4.79 -16.24 -6.03
CA MET A 56 -6.20 -15.92 -5.71
C MET A 56 -6.65 -14.80 -6.66
N ALA A 57 -7.89 -14.89 -7.16
CA ALA A 57 -8.51 -13.80 -7.97
C ALA A 57 -8.62 -12.51 -7.11
N TYR A 58 -8.58 -11.33 -7.77
CA TYR A 58 -8.40 -10.02 -7.09
C TYR A 58 -9.36 -9.80 -5.91
N GLU A 59 -10.64 -10.17 -6.09
CA GLU A 59 -11.65 -10.06 -5.03
C GLU A 59 -11.25 -10.91 -3.80
N LYS A 60 -10.83 -12.16 -4.05
CA LYS A 60 -10.47 -13.11 -2.97
C LYS A 60 -9.18 -12.70 -2.21
N LYS A 61 -8.12 -12.29 -2.94
CA LYS A 61 -6.86 -11.86 -2.29
C LYS A 61 -7.10 -10.66 -1.35
N LEU A 62 -8.06 -9.78 -1.72
CA LEU A 62 -8.51 -8.68 -0.85
C LEU A 62 -9.24 -9.24 0.40
N LYS A 63 -10.12 -10.25 0.21
CA LYS A 63 -10.85 -10.92 1.33
C LYS A 63 -9.86 -11.48 2.36
N THR A 64 -8.78 -12.07 1.84
CA THR A 64 -7.70 -12.67 2.64
C THR A 64 -6.96 -11.59 3.45
N LEU A 65 -6.75 -10.42 2.82
CA LEU A 65 -6.15 -9.24 3.48
C LEU A 65 -7.05 -8.76 4.63
N LYS A 66 -8.37 -8.63 4.36
CA LYS A 66 -9.36 -8.17 5.36
C LYS A 66 -9.38 -9.12 6.58
N HIS A 67 -9.26 -10.44 6.26
CA HIS A 67 -9.10 -11.53 7.24
C HIS A 67 -7.85 -11.34 8.10
N ASN A 68 -6.71 -10.99 7.46
CA ASN A 68 -5.43 -10.80 8.17
C ASN A 68 -5.31 -9.35 8.70
N ARG A 69 -6.41 -8.57 8.58
CA ARG A 69 -6.55 -7.23 9.19
C ARG A 69 -5.60 -6.21 8.51
N ILE A 70 -5.49 -6.38 7.20
CA ILE A 70 -4.75 -5.48 6.30
C ILE A 70 -5.74 -4.72 5.41
N GLY A 71 -5.53 -3.40 5.31
CA GLY A 71 -6.25 -2.55 4.36
C GLY A 71 -5.28 -1.92 3.38
N LEU A 72 -5.76 -1.61 2.17
CA LEU A 72 -4.92 -1.03 1.10
C LEU A 72 -5.49 0.31 0.69
N TRP A 73 -4.61 1.27 0.43
CA TRP A 73 -4.99 2.61 -0.05
C TRP A 73 -3.70 3.28 -0.60
N ASP A 74 -3.76 4.58 -0.88
CA ASP A 74 -2.61 5.37 -1.36
C ASP A 74 -2.51 6.69 -0.57
N VAL A 75 -1.48 7.49 -0.88
CA VAL A 75 -1.31 8.84 -0.35
C VAL A 75 -1.88 9.86 -1.36
N PHE A 76 -1.36 9.82 -2.60
CA PHE A 76 -1.77 10.74 -3.67
C PHE A 76 -3.04 10.23 -4.36
N LYS A 77 -4.16 10.92 -4.11
CA LYS A 77 -5.47 10.64 -4.76
C LYS A 77 -5.35 11.01 -6.27
N ALA A 78 -4.52 12.00 -6.57
CA ALA A 78 -4.22 12.39 -7.96
C ALA A 78 -2.82 13.01 -8.03
N GLY A 79 -2.04 12.54 -8.99
CA GLY A 79 -0.67 12.97 -9.20
C GLY A 79 -0.29 12.84 -10.65
N SER A 80 0.52 13.77 -11.16
CA SER A 80 0.98 13.74 -12.55
C SER A 80 2.29 12.95 -12.61
N ARG A 81 2.21 11.72 -13.13
CA ARG A 81 3.37 10.89 -13.45
C ARG A 81 3.31 10.62 -14.96
N GLU A 82 3.95 11.45 -15.79
CA GLU A 82 3.80 11.39 -17.26
C GLU A 82 5.18 11.45 -17.93
N GLY A 83 5.20 11.15 -19.24
CA GLY A 83 6.43 11.07 -20.03
C GLY A 83 7.09 12.42 -20.23
N SER A 84 8.02 12.76 -19.32
CA SER A 84 8.73 14.06 -19.32
C SER A 84 10.19 13.85 -18.86
N GLN A 85 10.92 14.96 -18.62
CA GLN A 85 12.30 14.93 -18.14
C GLN A 85 12.35 14.40 -16.70
N ASP A 86 11.69 15.15 -15.80
CA ASP A 86 11.69 14.89 -14.36
C ASP A 86 10.82 13.66 -14.03
N SER A 87 9.62 13.63 -14.63
CA SER A 87 8.60 12.59 -14.42
C SER A 87 8.24 12.44 -12.92
N LYS A 88 8.22 13.60 -12.22
CA LYS A 88 7.90 13.69 -10.78
C LYS A 88 6.39 13.95 -10.59
N ILE A 89 5.85 13.52 -9.44
CA ILE A 89 4.44 13.73 -9.08
C ILE A 89 4.21 15.24 -8.79
N GLY A 90 3.71 15.95 -9.81
CA GLY A 90 3.44 17.38 -9.68
C GLY A 90 2.20 17.65 -8.85
N ASP A 91 1.03 17.30 -9.45
CA ASP A 91 -0.30 17.33 -8.78
C ASP A 91 -0.26 16.86 -7.31
N GLU A 92 -0.93 17.65 -6.46
CA GLU A 92 -0.80 17.60 -4.99
C GLU A 92 -2.11 17.16 -4.33
N GLU A 93 -2.94 16.40 -5.06
CA GLU A 93 -4.22 15.91 -4.54
C GLU A 93 -3.94 14.69 -3.65
N ILE A 94 -4.16 14.86 -2.33
CA ILE A 94 -3.76 13.90 -1.30
C ILE A 94 -4.98 13.53 -0.44
N ASN A 95 -5.03 12.27 -0.03
CA ASN A 95 -6.13 11.72 0.79
C ASN A 95 -6.11 12.30 2.21
N ASP A 96 -7.29 12.41 2.83
CA ASP A 96 -7.43 12.87 4.22
C ASP A 96 -7.07 11.71 5.15
N PHE A 97 -6.20 11.98 6.13
CA PHE A 97 -5.74 10.99 7.09
C PHE A 97 -6.07 11.41 8.54
N SER A 98 -6.79 12.53 8.68
CA SER A 98 -7.32 12.99 9.98
C SER A 98 -8.54 12.12 10.39
N GLY A 99 -9.08 11.36 9.41
CA GLY A 99 -10.19 10.45 9.61
C GLY A 99 -9.73 9.01 9.88
N LEU A 100 -8.39 8.74 9.82
CA LEU A 100 -7.83 7.39 10.09
C LEU A 100 -8.29 6.81 11.44
N LYS A 101 -8.50 7.67 12.44
CA LYS A 101 -8.91 7.22 13.78
C LYS A 101 -10.36 6.67 13.77
N GLU A 102 -11.17 7.16 12.82
CA GLU A 102 -12.57 6.70 12.62
C GLU A 102 -12.63 5.42 11.76
N MET A 103 -11.98 5.45 10.58
CA MET A 103 -12.06 4.36 9.57
C MET A 103 -11.24 3.14 10.02
N VAL A 104 -10.16 3.39 10.80
CA VAL A 104 -9.30 2.32 11.36
C VAL A 104 -8.90 2.64 12.82
N PRO A 105 -9.75 2.22 13.82
CA PRO A 105 -9.38 2.32 15.26
C PRO A 105 -8.40 1.20 15.70
N LYS A 106 -8.41 0.06 14.99
CA LYS A 106 -7.50 -1.08 15.23
C LYS A 106 -6.11 -0.82 14.66
N LEU A 107 -5.98 0.25 13.85
CA LEU A 107 -4.71 0.65 13.25
C LEU A 107 -3.63 0.84 14.32
N ARG A 108 -2.48 0.23 14.07
CA ARG A 108 -1.32 0.30 14.95
C ARG A 108 -0.10 0.72 14.11
N LEU A 109 -0.02 0.21 12.85
CA LEU A 109 1.10 0.46 11.96
C LEU A 109 0.61 0.88 10.56
N ILE A 110 1.08 2.04 10.10
CA ILE A 110 0.78 2.57 8.77
C ILE A 110 1.99 2.29 7.86
N CYS A 111 1.84 1.37 6.91
CA CYS A 111 2.94 0.96 6.02
C CYS A 111 2.89 1.77 4.71
N PHE A 112 3.89 2.63 4.51
CA PHE A 112 4.05 3.45 3.31
C PHE A 112 4.85 2.67 2.27
N ASN A 113 4.21 2.33 1.14
CA ASN A 113 4.87 1.59 0.05
C ASN A 113 5.49 2.59 -0.94
N GLY A 114 6.83 2.69 -0.91
CA GLY A 114 7.59 3.60 -1.76
C GLY A 114 7.98 4.86 -1.03
N ARG A 115 9.10 5.48 -1.49
CA ARG A 115 9.65 6.73 -0.93
C ARG A 115 8.62 7.88 -0.92
N LYS A 116 7.98 8.13 -2.08
CA LYS A 116 6.95 9.19 -2.25
C LYS A 116 5.84 9.13 -1.17
N ALA A 117 5.45 7.90 -0.78
CA ALA A 117 4.48 7.68 0.30
C ALA A 117 5.12 8.00 1.66
N GLY A 118 6.35 7.48 1.84
CA GLY A 118 7.09 7.58 3.09
C GLY A 118 7.57 8.98 3.44
N GLU A 119 7.55 9.90 2.45
CA GLU A 119 7.82 11.33 2.68
C GLU A 119 6.74 11.96 3.58
N TYR A 120 5.53 11.39 3.54
CA TYR A 120 4.37 11.83 4.35
C TYR A 120 4.22 10.95 5.61
N GLU A 121 5.31 10.26 6.01
CA GLU A 121 5.38 9.55 7.28
C GLU A 121 5.23 10.52 8.50
N PRO A 122 6.07 11.63 8.62
CA PRO A 122 6.02 12.54 9.81
C PRO A 122 4.64 13.21 10.02
N LEU A 123 3.84 13.25 8.94
CA LEU A 123 2.45 13.73 8.98
C LEU A 123 1.60 12.80 9.88
N LEU A 124 1.69 11.48 9.63
CA LEU A 124 0.82 10.46 10.27
C LEU A 124 1.39 9.92 11.59
N ARG A 125 2.63 10.33 11.90
CA ARG A 125 3.23 10.11 13.23
C ARG A 125 2.53 11.00 14.28
N GLY A 126 1.84 12.05 13.79
CA GLY A 126 1.03 12.94 14.63
C GLY A 126 -0.32 12.33 15.00
N MET A 127 -0.76 11.28 14.27
CA MET A 127 -2.09 10.62 14.50
C MET A 127 -2.01 9.54 15.61
N GLY A 128 -0.87 9.47 16.34
CA GLY A 128 -0.67 8.50 17.42
C GLY A 128 -0.55 7.06 16.92
N TYR A 129 -0.28 6.89 15.63
CA TYR A 129 -0.10 5.58 14.99
C TYR A 129 1.35 5.39 14.58
N GLU A 130 1.92 4.21 14.88
CA GLU A 130 3.27 3.84 14.43
C GLU A 130 3.29 3.80 12.89
N THR A 131 4.41 4.23 12.32
CA THR A 131 4.57 4.34 10.87
C THR A 131 5.85 3.61 10.42
N LYS A 132 5.75 2.91 9.29
CA LYS A 132 6.84 2.15 8.68
C LYS A 132 6.91 2.48 7.19
N VAL A 133 8.05 3.03 6.73
CA VAL A 133 8.30 3.25 5.31
C VAL A 133 8.85 1.95 4.70
N LEU A 134 7.95 1.15 4.13
CA LEU A 134 8.33 0.01 3.28
C LEU A 134 8.80 0.53 1.90
N PRO A 135 9.71 -0.21 1.22
CA PRO A 135 10.08 0.11 -0.18
C PRO A 135 8.93 -0.26 -1.14
N SER A 136 8.97 0.26 -2.37
CA SER A 136 7.96 -0.01 -3.39
C SER A 136 7.97 -1.51 -3.74
N SER A 137 6.78 -2.12 -3.79
CA SER A 137 6.62 -3.54 -4.07
C SER A 137 6.72 -3.85 -5.58
N SER A 138 6.85 -2.79 -6.39
CA SER A 138 6.89 -2.88 -7.86
C SER A 138 8.16 -3.61 -8.34
N GLY A 139 8.11 -4.12 -9.58
CA GLY A 139 9.20 -4.89 -10.19
C GLY A 139 10.50 -4.11 -10.28
N ALA A 140 10.38 -2.78 -10.39
CA ALA A 140 11.52 -1.85 -10.43
C ALA A 140 12.44 -1.99 -9.22
N ASN A 141 11.85 -2.17 -8.03
CA ASN A 141 12.60 -2.34 -6.77
C ASN A 141 12.88 -3.84 -6.49
N ARG A 142 11.94 -4.70 -6.91
CA ARG A 142 11.98 -6.18 -6.69
C ARG A 142 13.32 -6.81 -7.15
N ARG A 143 13.77 -6.38 -8.34
CA ARG A 143 14.99 -6.90 -9.01
C ARG A 143 16.29 -6.66 -8.19
N PHE A 144 16.20 -5.82 -7.14
CA PHE A 144 17.34 -5.38 -6.32
C PHE A 144 17.14 -5.77 -4.83
N SER A 145 15.90 -5.60 -4.35
CA SER A 145 15.53 -5.85 -2.95
C SER A 145 15.01 -7.29 -2.78
N LYS A 146 15.94 -8.23 -2.57
CA LYS A 146 15.62 -9.66 -2.39
C LYS A 146 15.50 -10.03 -0.90
N ASN A 147 16.51 -9.64 -0.11
CA ASN A 147 16.55 -9.94 1.35
C ASN A 147 15.80 -8.86 2.16
N ARG A 148 15.31 -7.81 1.47
CA ARG A 148 14.63 -6.68 2.13
C ARG A 148 13.17 -7.06 2.47
N GLU A 149 12.63 -8.04 1.72
CA GLU A 149 11.27 -8.62 1.98
C GLU A 149 11.15 -9.30 3.36
N SER A 150 12.29 -9.55 4.03
CA SER A 150 12.33 -10.14 5.38
C SER A 150 11.71 -9.20 6.44
N GLU A 151 11.81 -7.87 6.22
CA GLU A 151 11.21 -6.86 7.11
C GLU A 151 9.69 -6.84 6.93
N TRP A 152 9.22 -7.19 5.71
CA TRP A 152 7.79 -7.29 5.38
C TRP A 152 7.20 -8.47 6.16
N GLU A 153 8.00 -9.54 6.28
CA GLU A 153 7.60 -10.74 6.99
C GLU A 153 7.48 -10.46 8.49
N ALA A 154 8.40 -9.60 9.00
CA ALA A 154 8.41 -9.17 10.40
C ALA A 154 7.14 -8.36 10.75
N VAL A 155 6.60 -7.64 9.74
CA VAL A 155 5.38 -6.84 9.88
C VAL A 155 4.12 -7.75 9.99
N PHE A 156 3.86 -8.57 8.95
CA PHE A 156 2.54 -9.25 8.77
C PHE A 156 2.43 -10.60 9.49
N ARG A 157 3.54 -11.11 10.07
CA ARG A 157 3.53 -12.36 10.88
C ARG A 157 2.76 -12.14 12.21
N HIS A 158 2.78 -10.88 12.70
CA HIS A 158 2.20 -10.50 14.01
C HIS A 158 0.66 -10.63 14.00
N LEU A 159 0.07 -10.59 12.77
CA LEU A 159 -1.40 -10.48 12.56
C LEU A 159 -2.18 -11.70 13.06
N GLU A 160 -1.48 -12.80 13.35
CA GLU A 160 -2.04 -13.92 14.11
C GLU A 160 -1.59 -13.77 15.57
N HIS A 161 -0.25 -13.83 15.76
CA HIS A 161 0.41 -13.68 17.07
C HIS A 161 1.94 -13.66 16.83
N MET A 1 -1.61 13.03 -18.48
CA MET A 1 -2.48 11.87 -18.21
C MET A 1 -2.71 11.72 -16.70
N ILE A 2 -3.94 12.03 -16.23
CA ILE A 2 -4.30 11.97 -14.80
C ILE A 2 -4.43 10.50 -14.36
N LYS A 3 -3.47 10.03 -13.55
CA LYS A 3 -3.46 8.66 -13.04
C LYS A 3 -4.04 8.67 -11.62
N ARG A 4 -5.21 8.06 -11.47
CA ARG A 4 -6.00 8.08 -10.23
C ARG A 4 -5.73 6.85 -9.38
N GLY A 5 -5.51 7.09 -8.08
CA GLY A 5 -5.44 6.03 -7.09
C GLY A 5 -6.81 5.43 -6.80
N PHE A 6 -6.90 4.66 -5.71
CA PHE A 6 -8.09 3.87 -5.38
C PHE A 6 -8.66 4.36 -4.02
N PRO A 7 -10.02 4.31 -3.80
CA PRO A 7 -10.61 4.57 -2.46
C PRO A 7 -10.14 3.49 -1.44
N ALA A 8 -10.28 3.78 -0.13
CA ALA A 8 -9.76 2.93 0.94
C ALA A 8 -10.39 1.52 0.92
N VAL A 9 -9.54 0.52 0.76
CA VAL A 9 -9.90 -0.89 0.73
C VAL A 9 -9.72 -1.40 2.16
N LEU A 10 -10.75 -1.21 2.97
CA LEU A 10 -10.61 -1.21 4.43
C LEU A 10 -11.65 -2.15 5.08
N ASP A 11 -11.31 -2.65 6.28
CA ASP A 11 -12.25 -3.41 7.14
C ASP A 11 -12.32 -2.71 8.52
N GLU A 12 -13.40 -2.98 9.28
CA GLU A 12 -13.58 -2.48 10.67
C GLU A 12 -12.44 -2.99 11.60
N ASN A 13 -11.87 -4.15 11.25
CA ASN A 13 -10.75 -4.78 11.95
C ASN A 13 -9.56 -4.70 11.01
N THR A 14 -8.85 -3.58 11.10
CA THR A 14 -7.61 -3.34 10.35
C THR A 14 -6.54 -2.82 11.32
N GLU A 15 -5.52 -3.64 11.55
CA GLU A 15 -4.41 -3.37 12.47
C GLU A 15 -3.25 -2.68 11.73
N ILE A 16 -3.10 -3.02 10.43
CA ILE A 16 -2.06 -2.44 9.55
C ILE A 16 -2.74 -1.88 8.30
N LEU A 17 -2.54 -0.58 8.04
CA LEU A 17 -3.06 0.09 6.84
C LEU A 17 -1.86 0.39 5.93
N ILE A 18 -1.84 -0.22 4.74
CA ILE A 18 -0.77 -0.09 3.76
C ILE A 18 -1.15 1.01 2.75
N LEU A 19 -0.51 2.18 2.87
CA LEU A 19 -0.66 3.30 1.96
C LEU A 19 0.46 3.24 0.91
N GLY A 20 0.13 2.90 -0.33
CA GLY A 20 1.05 3.09 -1.46
C GLY A 20 1.34 4.58 -1.72
N SER A 21 2.19 4.88 -2.71
CA SER A 21 2.56 6.26 -3.02
C SER A 21 1.55 6.77 -4.06
N LEU A 22 1.73 6.31 -5.29
CA LEU A 22 0.75 6.38 -6.37
C LEU A 22 0.70 4.95 -6.94
N PRO A 23 -0.50 4.28 -7.00
CA PRO A 23 -0.62 2.90 -7.53
C PRO A 23 -0.01 2.76 -8.95
N SER A 24 0.40 1.54 -9.31
CA SER A 24 1.00 1.25 -10.61
C SER A 24 0.02 1.63 -11.73
N ASP A 25 0.47 2.51 -12.64
CA ASP A 25 -0.41 3.12 -13.67
C ASP A 25 -1.03 2.07 -14.62
N GLU A 26 -0.38 0.90 -14.71
CA GLU A 26 -0.93 -0.30 -15.39
C GLU A 26 -2.17 -0.82 -14.63
N SER A 27 -2.02 -1.03 -13.30
CA SER A 27 -3.15 -1.33 -12.38
C SER A 27 -4.27 -0.25 -12.45
N ILE A 28 -3.87 1.01 -12.75
CA ILE A 28 -4.81 2.17 -12.86
C ILE A 28 -5.56 2.12 -14.23
N ARG A 29 -4.93 1.52 -15.26
CA ARG A 29 -5.57 1.26 -16.58
C ARG A 29 -6.80 0.32 -16.44
N LYS A 30 -6.78 -0.53 -15.40
CA LYS A 30 -7.90 -1.44 -15.08
C LYS A 30 -8.70 -0.89 -13.87
N GLN A 31 -8.22 0.24 -13.29
CA GLN A 31 -8.75 0.85 -12.04
C GLN A 31 -8.88 -0.16 -10.86
N GLN A 32 -8.04 -1.21 -10.88
CA GLN A 32 -8.16 -2.35 -9.97
C GLN A 32 -6.77 -2.96 -9.65
N TYR A 33 -6.55 -3.41 -8.37
CA TYR A 33 -5.28 -4.09 -7.93
C TYR A 33 -5.09 -5.48 -8.59
N TYR A 34 -6.12 -5.94 -9.33
CA TYR A 34 -6.07 -7.21 -10.09
C TYR A 34 -5.34 -6.98 -11.42
N GLY A 35 -5.36 -5.72 -11.89
CA GLY A 35 -4.89 -5.35 -13.23
C GLY A 35 -3.41 -5.63 -13.49
N ASN A 36 -2.59 -5.52 -12.44
CA ASN A 36 -1.14 -5.79 -12.54
C ASN A 36 -0.72 -6.90 -11.54
N PRO A 37 -0.32 -8.12 -12.04
CA PRO A 37 0.29 -9.17 -11.22
C PRO A 37 1.83 -9.04 -11.12
N GLY A 38 2.40 -8.02 -11.79
CA GLY A 38 3.86 -7.79 -11.75
C GLY A 38 4.30 -7.06 -10.48
N ASN A 39 3.31 -6.63 -9.69
CA ASN A 39 3.52 -6.11 -8.33
C ASN A 39 3.80 -7.27 -7.39
N ASP A 40 4.92 -7.20 -6.65
CA ASP A 40 5.38 -8.25 -5.75
C ASP A 40 4.96 -7.92 -4.32
N PHE A 41 4.18 -6.84 -4.13
CA PHE A 41 3.42 -6.60 -2.87
C PHE A 41 2.63 -7.85 -2.50
N TRP A 42 2.12 -8.53 -3.54
CA TRP A 42 1.31 -9.74 -3.42
C TRP A 42 2.19 -10.97 -3.04
N ARG A 43 3.48 -10.91 -3.42
CA ARG A 43 4.50 -11.90 -2.99
C ARG A 43 4.99 -11.62 -1.55
N LEU A 44 5.28 -10.35 -1.22
CA LEU A 44 5.98 -9.96 0.03
C LEU A 44 5.04 -10.05 1.24
N VAL A 45 3.78 -9.63 1.03
CA VAL A 45 2.72 -9.81 2.04
C VAL A 45 2.18 -11.26 1.96
N GLY A 46 2.23 -11.86 0.75
CA GLY A 46 1.69 -13.20 0.48
C GLY A 46 2.41 -14.31 1.26
N HIS A 47 3.74 -14.36 1.12
CA HIS A 47 4.56 -15.36 1.85
C HIS A 47 4.51 -15.09 3.36
N ALA A 48 4.34 -13.81 3.72
CA ALA A 48 4.33 -13.33 5.10
C ALA A 48 3.09 -13.81 5.87
N ILE A 49 1.96 -13.91 5.15
CA ILE A 49 0.67 -14.43 5.68
C ILE A 49 0.52 -15.94 5.33
N GLY A 50 1.42 -16.43 4.45
CA GLY A 50 1.49 -17.86 4.09
C GLY A 50 0.45 -18.33 3.09
N GLU A 51 0.14 -17.48 2.09
CA GLU A 51 -0.75 -17.82 0.95
C GLU A 51 -0.61 -16.72 -0.13
N ASN A 52 -0.34 -17.15 -1.38
CA ASN A 52 0.07 -16.26 -2.49
C ASN A 52 -1.11 -15.39 -3.01
N LEU A 53 -1.09 -14.10 -2.60
CA LEU A 53 -2.06 -13.07 -3.04
C LEU A 53 -2.02 -12.84 -4.56
N GLN A 54 -0.86 -13.14 -5.16
CA GLN A 54 -0.58 -12.86 -6.58
C GLN A 54 -1.44 -13.74 -7.50
N ASP A 55 -1.76 -14.97 -7.05
CA ASP A 55 -2.59 -15.94 -7.79
C ASP A 55 -4.09 -15.71 -7.51
N MET A 56 -4.40 -14.87 -6.51
CA MET A 56 -5.78 -14.64 -6.06
C MET A 56 -6.45 -13.58 -6.93
N ALA A 57 -7.71 -13.84 -7.29
CA ALA A 57 -8.58 -12.84 -7.91
C ALA A 57 -8.81 -11.68 -6.91
N TYR A 58 -9.08 -10.47 -7.44
CA TYR A 58 -9.15 -9.19 -6.66
C TYR A 58 -9.87 -9.35 -5.31
N GLU A 59 -11.07 -9.95 -5.35
CA GLU A 59 -11.95 -10.11 -4.18
C GLU A 59 -11.30 -11.01 -3.11
N LYS A 60 -10.84 -12.21 -3.53
CA LYS A 60 -10.14 -13.18 -2.64
C LYS A 60 -8.88 -12.55 -2.02
N LYS A 61 -8.14 -11.82 -2.87
CA LYS A 61 -6.87 -11.15 -2.51
C LYS A 61 -7.08 -10.18 -1.34
N LEU A 62 -8.07 -9.28 -1.51
CA LEU A 62 -8.41 -8.25 -0.52
C LEU A 62 -8.94 -8.85 0.78
N LYS A 63 -9.79 -9.89 0.67
CA LYS A 63 -10.46 -10.50 1.84
C LYS A 63 -9.47 -11.33 2.68
N THR A 64 -8.42 -11.86 2.03
CA THR A 64 -7.27 -12.47 2.73
C THR A 64 -6.59 -11.42 3.63
N LEU A 65 -6.45 -10.21 3.07
CA LEU A 65 -5.85 -9.06 3.76
C LEU A 65 -6.73 -8.64 4.94
N LYS A 66 -8.06 -8.45 4.71
CA LYS A 66 -9.03 -8.00 5.75
C LYS A 66 -9.00 -8.99 6.95
N HIS A 67 -9.01 -10.30 6.60
CA HIS A 67 -8.89 -11.44 7.56
C HIS A 67 -7.63 -11.30 8.44
N ASN A 68 -6.51 -10.88 7.84
CA ASN A 68 -5.21 -10.68 8.54
C ASN A 68 -5.14 -9.28 9.21
N ARG A 69 -6.24 -8.49 9.07
CA ARG A 69 -6.37 -7.11 9.60
C ARG A 69 -5.41 -6.16 8.87
N ILE A 70 -5.35 -6.33 7.54
CA ILE A 70 -4.62 -5.46 6.62
C ILE A 70 -5.63 -4.71 5.72
N GLY A 71 -5.39 -3.40 5.52
CA GLY A 71 -6.12 -2.60 4.54
C GLY A 71 -5.17 -2.02 3.51
N LEU A 72 -5.71 -1.56 2.38
CA LEU A 72 -4.93 -0.92 1.29
C LEU A 72 -5.50 0.46 1.00
N TRP A 73 -4.63 1.40 0.66
CA TRP A 73 -5.00 2.74 0.16
C TRP A 73 -3.72 3.36 -0.44
N ASP A 74 -3.74 4.65 -0.76
CA ASP A 74 -2.57 5.39 -1.25
C ASP A 74 -2.47 6.75 -0.52
N VAL A 75 -1.35 7.45 -0.72
CA VAL A 75 -1.10 8.79 -0.16
C VAL A 75 -1.44 9.88 -1.19
N PHE A 76 -1.16 9.60 -2.46
CA PHE A 76 -1.34 10.57 -3.56
C PHE A 76 -2.49 10.09 -4.45
N LYS A 77 -3.64 10.76 -4.31
CA LYS A 77 -4.89 10.41 -4.98
C LYS A 77 -4.79 10.57 -6.51
N ALA A 78 -3.89 11.46 -6.94
CA ALA A 78 -3.65 11.73 -8.36
C ALA A 78 -2.18 12.06 -8.58
N GLY A 79 -1.63 11.52 -9.66
CA GLY A 79 -0.30 11.84 -10.18
C GLY A 79 -0.35 11.85 -11.69
N SER A 80 -0.14 13.01 -12.32
CA SER A 80 -0.34 13.17 -13.76
C SER A 80 0.98 12.95 -14.50
N ARG A 81 0.98 12.00 -15.44
CA ARG A 81 2.12 11.79 -16.31
C ARG A 81 1.98 12.76 -17.50
N GLU A 82 2.66 13.89 -17.38
CA GLU A 82 2.63 14.99 -18.37
C GLU A 82 3.83 14.92 -19.34
N GLY A 83 4.89 14.15 -18.97
CA GLY A 83 6.03 13.91 -19.87
C GLY A 83 7.36 13.72 -19.15
N SER A 84 7.42 14.12 -17.86
CA SER A 84 8.66 14.05 -17.05
C SER A 84 9.06 12.59 -16.74
N GLN A 85 10.36 12.28 -16.93
CA GLN A 85 10.94 10.94 -16.68
C GLN A 85 11.39 10.81 -15.22
N ASP A 86 11.11 9.63 -14.62
CA ASP A 86 11.37 9.27 -13.20
C ASP A 86 10.41 9.96 -12.21
N SER A 87 9.84 11.11 -12.61
CA SER A 87 8.74 11.75 -11.88
C SER A 87 7.44 10.95 -12.15
N LYS A 88 7.12 10.05 -11.23
CA LYS A 88 5.94 9.17 -11.33
C LYS A 88 4.68 9.96 -10.96
N ILE A 89 4.79 10.77 -9.90
CA ILE A 89 3.69 11.58 -9.36
C ILE A 89 3.89 13.05 -9.77
N GLY A 90 3.20 13.46 -10.84
CA GLY A 90 3.22 14.85 -11.31
C GLY A 90 1.98 15.61 -10.88
N ASP A 91 1.72 15.61 -9.57
CA ASP A 91 0.47 16.16 -8.98
C ASP A 91 0.55 16.06 -7.44
N GLU A 92 -0.12 16.99 -6.74
CA GLU A 92 0.05 17.18 -5.28
C GLU A 92 -1.25 16.91 -4.50
N GLU A 93 -2.21 16.21 -5.12
CA GLU A 93 -3.49 15.87 -4.45
C GLU A 93 -3.27 14.70 -3.49
N ILE A 94 -3.25 15.02 -2.18
CA ILE A 94 -3.09 14.05 -1.09
C ILE A 94 -4.48 13.54 -0.65
N ASN A 95 -4.54 12.28 -0.22
CA ASN A 95 -5.72 11.72 0.45
C ASN A 95 -5.81 12.26 1.87
N ASP A 96 -7.04 12.51 2.34
CA ASP A 96 -7.29 13.02 3.70
C ASP A 96 -7.28 11.83 4.65
N PHE A 97 -6.47 11.94 5.71
CA PHE A 97 -6.29 10.88 6.71
C PHE A 97 -6.82 11.31 8.08
N SER A 98 -7.53 12.45 8.13
CA SER A 98 -8.15 12.96 9.38
C SER A 98 -9.28 12.03 9.85
N GLY A 99 -9.94 11.36 8.88
CA GLY A 99 -11.09 10.49 9.16
C GLY A 99 -10.68 9.08 9.54
N LEU A 100 -9.34 8.79 9.48
CA LEU A 100 -8.76 7.49 9.87
C LEU A 100 -9.26 7.06 11.24
N LYS A 101 -9.12 7.93 12.24
CA LYS A 101 -9.33 7.60 13.66
C LYS A 101 -10.77 7.08 13.94
N GLU A 102 -11.70 7.38 13.02
CA GLU A 102 -13.10 6.93 13.08
C GLU A 102 -13.27 5.52 12.44
N MET A 103 -12.61 5.29 11.28
CA MET A 103 -12.81 4.06 10.46
C MET A 103 -11.77 2.95 10.76
N VAL A 104 -10.66 3.28 11.43
CA VAL A 104 -9.65 2.29 11.85
C VAL A 104 -9.44 2.35 13.39
N PRO A 105 -10.26 1.57 14.17
CA PRO A 105 -10.08 1.45 15.64
C PRO A 105 -8.83 0.63 16.00
N LYS A 106 -8.59 -0.45 15.24
CA LYS A 106 -7.55 -1.45 15.54
C LYS A 106 -6.16 -1.07 14.98
N LEU A 107 -6.09 0.04 14.20
CA LEU A 107 -4.85 0.47 13.55
C LEU A 107 -3.76 0.80 14.58
N ARG A 108 -2.66 0.04 14.53
CA ARG A 108 -1.48 0.26 15.37
C ARG A 108 -0.31 0.73 14.50
N LEU A 109 -0.17 0.13 13.30
CA LEU A 109 0.98 0.35 12.39
C LEU A 109 0.51 0.70 10.96
N ILE A 110 1.11 1.73 10.37
CA ILE A 110 0.83 2.17 8.99
C ILE A 110 2.10 1.93 8.16
N CYS A 111 1.92 1.58 6.88
CA CYS A 111 3.03 1.26 5.95
C CYS A 111 2.95 2.14 4.69
N PHE A 112 3.94 3.02 4.51
CA PHE A 112 4.10 3.88 3.33
C PHE A 112 5.00 3.18 2.32
N ASN A 113 4.41 2.70 1.23
CA ASN A 113 5.07 1.85 0.24
C ASN A 113 5.51 2.73 -0.94
N GLY A 114 6.72 3.28 -0.80
CA GLY A 114 7.27 4.23 -1.76
C GLY A 114 7.93 5.40 -1.04
N ARG A 115 9.10 5.83 -1.55
CA ARG A 115 9.86 6.98 -1.04
C ARG A 115 8.99 8.26 -0.96
N LYS A 116 8.34 8.56 -2.10
CA LYS A 116 7.40 9.69 -2.25
C LYS A 116 6.26 9.66 -1.19
N ALA A 117 5.76 8.44 -0.87
CA ALA A 117 4.74 8.23 0.19
C ALA A 117 5.33 8.58 1.57
N GLY A 118 6.62 8.25 1.75
CA GLY A 118 7.35 8.51 2.98
C GLY A 118 7.51 9.98 3.33
N GLU A 119 7.28 10.88 2.35
CA GLU A 119 7.28 12.34 2.58
C GLU A 119 6.14 12.76 3.53
N TYR A 120 5.03 11.99 3.49
CA TYR A 120 3.84 12.22 4.35
C TYR A 120 3.69 11.08 5.39
N GLU A 121 4.82 10.43 5.73
CA GLU A 121 4.92 9.48 6.85
C GLU A 121 4.80 10.17 8.24
N PRO A 122 5.49 11.36 8.52
CA PRO A 122 5.35 12.05 9.82
C PRO A 122 3.96 12.72 9.99
N LEU A 123 3.20 12.82 8.88
CA LEU A 123 1.84 13.36 8.84
C LEU A 123 0.92 12.54 9.77
N LEU A 124 1.10 11.20 9.74
CA LEU A 124 0.23 10.25 10.47
C LEU A 124 0.84 9.82 11.83
N ARG A 125 2.12 10.17 12.07
CA ARG A 125 2.75 10.00 13.41
C ARG A 125 2.05 10.90 14.44
N GLY A 126 1.61 12.08 13.97
CA GLY A 126 0.95 13.07 14.81
C GLY A 126 -0.45 12.66 15.24
N MET A 127 -1.01 11.60 14.61
CA MET A 127 -2.36 11.07 14.91
C MET A 127 -2.30 9.90 15.92
N GLY A 128 -1.11 9.67 16.50
CA GLY A 128 -0.90 8.61 17.51
C GLY A 128 -0.77 7.23 16.91
N TYR A 129 -0.49 7.15 15.60
CA TYR A 129 -0.29 5.89 14.89
C TYR A 129 1.18 5.72 14.50
N GLU A 130 1.74 4.51 14.74
CA GLU A 130 3.09 4.15 14.30
C GLU A 130 3.13 4.05 12.77
N THR A 131 4.25 4.47 12.16
CA THR A 131 4.41 4.51 10.70
C THR A 131 5.77 3.88 10.29
N LYS A 132 5.79 3.30 9.09
CA LYS A 132 6.99 2.67 8.50
C LYS A 132 7.00 2.87 6.98
N VAL A 133 8.12 3.37 6.42
CA VAL A 133 8.27 3.53 4.97
C VAL A 133 8.84 2.22 4.38
N LEU A 134 7.94 1.39 3.86
CA LEU A 134 8.28 0.12 3.20
C LEU A 134 8.80 0.38 1.76
N PRO A 135 9.81 -0.43 1.28
CA PRO A 135 10.33 -0.35 -0.11
C PRO A 135 9.25 -0.60 -1.18
N SER A 136 9.48 -0.06 -2.39
CA SER A 136 8.64 -0.31 -3.57
C SER A 136 8.80 -1.77 -4.02
N SER A 137 7.75 -2.57 -3.81
CA SER A 137 7.72 -3.98 -4.20
C SER A 137 7.30 -4.16 -5.66
N SER A 138 7.45 -3.10 -6.47
CA SER A 138 7.25 -3.15 -7.93
C SER A 138 8.23 -4.17 -8.57
N GLY A 139 7.84 -4.71 -9.74
CA GLY A 139 8.70 -5.65 -10.49
C GLY A 139 9.95 -4.98 -11.06
N ALA A 140 9.90 -3.64 -11.15
CA ALA A 140 11.05 -2.80 -11.55
C ALA A 140 12.11 -2.71 -10.42
N ASN A 141 11.72 -3.10 -9.19
CA ASN A 141 12.56 -2.94 -7.97
C ASN A 141 12.60 -4.25 -7.14
N ARG A 142 12.04 -5.35 -7.69
CA ARG A 142 11.94 -6.66 -6.97
C ARG A 142 13.35 -7.26 -6.72
N ARG A 143 14.25 -7.04 -7.69
CA ARG A 143 15.64 -7.53 -7.69
C ARG A 143 16.47 -6.87 -6.57
N PHE A 144 16.06 -5.65 -6.17
CA PHE A 144 16.71 -4.88 -5.11
C PHE A 144 16.04 -5.18 -3.75
N SER A 145 14.71 -5.38 -3.81
CA SER A 145 13.86 -5.65 -2.63
C SER A 145 13.81 -7.17 -2.30
N LYS A 146 14.91 -7.90 -2.62
CA LYS A 146 15.02 -9.35 -2.38
C LYS A 146 15.06 -9.60 -0.85
N ASN A 147 16.18 -9.23 -0.20
CA ASN A 147 16.39 -9.44 1.27
C ASN A 147 15.47 -8.54 2.13
N ARG A 148 14.69 -7.65 1.48
CA ARG A 148 13.73 -6.77 2.16
C ARG A 148 12.51 -7.56 2.63
N GLU A 149 12.27 -8.71 1.97
CA GLU A 149 11.12 -9.60 2.26
C GLU A 149 11.05 -10.03 3.74
N SER A 150 12.22 -10.01 4.42
CA SER A 150 12.33 -10.38 5.84
C SER A 150 11.62 -9.36 6.76
N GLU A 151 11.87 -8.04 6.52
CA GLU A 151 11.24 -6.96 7.33
C GLU A 151 9.72 -6.95 7.08
N TRP A 152 9.33 -7.32 5.84
CA TRP A 152 7.91 -7.43 5.45
C TRP A 152 7.27 -8.60 6.20
N GLU A 153 7.98 -9.75 6.19
CA GLU A 153 7.48 -11.01 6.74
C GLU A 153 7.21 -10.88 8.25
N ALA A 154 8.09 -10.15 8.93
CA ALA A 154 8.04 -9.96 10.40
C ALA A 154 6.78 -9.14 10.78
N VAL A 155 6.45 -8.17 9.90
CA VAL A 155 5.29 -7.27 10.04
C VAL A 155 3.96 -8.04 9.92
N PHE A 156 3.89 -9.06 9.05
CA PHE A 156 2.61 -9.78 8.82
C PHE A 156 2.59 -11.17 9.52
N ARG A 157 3.69 -11.55 10.19
CA ARG A 157 3.73 -12.76 11.06
C ARG A 157 3.14 -12.45 12.44
N HIS A 158 3.38 -11.21 12.96
CA HIS A 158 2.88 -10.79 14.28
C HIS A 158 1.33 -10.68 14.26
N LEU A 159 0.75 -10.59 13.04
CA LEU A 159 -0.71 -10.49 12.83
C LEU A 159 -1.41 -11.77 13.33
N GLU A 160 -0.70 -12.91 13.24
CA GLU A 160 -1.17 -14.20 13.75
C GLU A 160 -1.40 -14.12 15.27
N HIS A 161 -0.43 -13.51 15.97
CA HIS A 161 -0.45 -13.33 17.44
C HIS A 161 -0.46 -14.72 18.15
N MET A 1 -3.48 14.40 -17.87
CA MET A 1 -2.26 14.40 -17.02
C MET A 1 -2.59 13.95 -15.59
N ILE A 2 -3.76 14.37 -15.07
CA ILE A 2 -4.17 14.06 -13.67
C ILE A 2 -4.61 12.59 -13.55
N LYS A 3 -4.13 11.93 -12.50
CA LYS A 3 -4.38 10.50 -12.23
C LYS A 3 -5.00 10.35 -10.84
N ARG A 4 -6.18 9.72 -10.77
CA ARG A 4 -6.94 9.58 -9.52
C ARG A 4 -6.54 8.32 -8.77
N GLY A 5 -6.43 8.44 -7.44
CA GLY A 5 -6.21 7.32 -6.54
C GLY A 5 -7.44 6.44 -6.39
N PHE A 6 -7.24 5.25 -5.81
CA PHE A 6 -8.30 4.21 -5.74
C PHE A 6 -9.04 4.28 -4.39
N PRO A 7 -10.42 4.09 -4.39
CA PRO A 7 -11.19 3.89 -3.14
C PRO A 7 -10.58 2.75 -2.31
N ALA A 8 -10.44 2.99 -1.00
CA ALA A 8 -9.68 2.12 -0.09
C ALA A 8 -10.28 0.70 -0.02
N VAL A 9 -9.38 -0.28 0.10
CA VAL A 9 -9.72 -1.69 0.34
C VAL A 9 -9.55 -1.92 1.85
N LEU A 10 -10.36 -1.17 2.60
CA LEU A 10 -10.27 -1.05 4.06
C LEU A 10 -11.39 -1.87 4.71
N ASP A 11 -11.10 -2.46 5.87
CA ASP A 11 -12.07 -3.27 6.64
C ASP A 11 -12.33 -2.58 7.98
N GLU A 12 -13.48 -2.90 8.62
CA GLU A 12 -13.78 -2.48 10.02
C GLU A 12 -12.78 -3.10 11.01
N ASN A 13 -12.16 -4.21 10.58
CA ASN A 13 -11.09 -4.92 11.27
C ASN A 13 -9.79 -4.70 10.47
N THR A 14 -9.11 -3.57 10.72
CA THR A 14 -7.80 -3.26 10.11
C THR A 14 -6.85 -2.69 11.18
N GLU A 15 -5.69 -3.36 11.32
CA GLU A 15 -4.66 -3.04 12.30
C GLU A 15 -3.45 -2.37 11.61
N ILE A 16 -3.21 -2.72 10.34
CA ILE A 16 -2.12 -2.15 9.51
C ILE A 16 -2.67 -1.73 8.15
N LEU A 17 -2.45 -0.45 7.80
CA LEU A 17 -2.93 0.16 6.54
C LEU A 17 -1.72 0.44 5.64
N ILE A 18 -1.74 -0.08 4.41
CA ILE A 18 -0.64 0.08 3.45
C ILE A 18 -1.01 1.16 2.41
N LEU A 19 -0.30 2.30 2.47
CA LEU A 19 -0.48 3.43 1.54
C LEU A 19 0.59 3.39 0.44
N GLY A 20 0.14 3.45 -0.81
CA GLY A 20 1.01 3.81 -1.93
C GLY A 20 1.17 5.32 -2.02
N SER A 21 1.86 5.81 -3.05
CA SER A 21 2.04 7.25 -3.27
C SER A 21 0.95 7.74 -4.21
N LEU A 22 1.10 7.36 -5.48
CA LEU A 22 0.11 7.57 -6.53
C LEU A 22 0.03 6.23 -7.27
N PRO A 23 -1.19 5.60 -7.41
CA PRO A 23 -1.35 4.33 -8.17
C PRO A 23 -0.76 4.41 -9.59
N SER A 24 -0.05 3.33 -10.00
CA SER A 24 0.58 3.24 -11.32
C SER A 24 -0.47 3.33 -12.44
N ASP A 25 -0.10 3.95 -13.58
CA ASP A 25 -1.01 4.11 -14.73
C ASP A 25 -1.55 2.75 -15.23
N GLU A 26 -0.64 1.76 -15.28
CA GLU A 26 -0.94 0.33 -15.56
C GLU A 26 -2.12 -0.18 -14.70
N SER A 27 -2.12 0.27 -13.44
CA SER A 27 -3.10 -0.13 -12.44
C SER A 27 -4.41 0.64 -12.64
N ILE A 28 -4.29 1.96 -12.99
CA ILE A 28 -5.43 2.89 -13.16
C ILE A 28 -6.30 2.52 -14.37
N ARG A 29 -5.70 1.85 -15.37
CA ARG A 29 -6.41 1.41 -16.58
C ARG A 29 -7.49 0.36 -16.24
N LYS A 30 -7.28 -0.41 -15.16
CA LYS A 30 -8.29 -1.36 -14.63
C LYS A 30 -8.78 -0.93 -13.22
N GLN A 31 -8.21 0.20 -12.71
CA GLN A 31 -8.57 0.80 -11.40
C GLN A 31 -8.25 -0.14 -10.19
N GLN A 32 -7.29 -1.05 -10.39
CA GLN A 32 -6.87 -2.04 -9.37
C GLN A 32 -5.33 -2.00 -9.24
N TYR A 33 -4.79 -1.98 -8.00
CA TYR A 33 -3.32 -1.97 -7.72
C TYR A 33 -2.63 -3.19 -8.40
N TYR A 34 -3.27 -4.35 -8.21
CA TYR A 34 -2.90 -5.65 -8.84
C TYR A 34 -3.03 -5.64 -10.40
N GLY A 35 -3.48 -4.50 -10.97
CA GLY A 35 -3.52 -4.28 -12.43
C GLY A 35 -2.19 -4.60 -13.14
N ASN A 36 -1.08 -4.50 -12.39
CA ASN A 36 0.20 -5.08 -12.78
C ASN A 36 0.40 -6.37 -11.94
N PRO A 37 0.31 -7.60 -12.55
CA PRO A 37 0.52 -8.88 -11.81
C PRO A 37 1.97 -9.05 -11.33
N GLY A 38 2.90 -8.41 -12.07
CA GLY A 38 4.34 -8.51 -11.82
C GLY A 38 4.81 -7.88 -10.50
N ASN A 39 3.90 -7.18 -9.79
CA ASN A 39 4.21 -6.59 -8.47
C ASN A 39 4.49 -7.72 -7.45
N ASP A 40 5.62 -7.62 -6.72
CA ASP A 40 6.09 -8.69 -5.82
C ASP A 40 5.38 -8.63 -4.44
N PHE A 41 4.58 -7.56 -4.23
CA PHE A 41 3.75 -7.32 -3.02
C PHE A 41 3.11 -8.61 -2.44
N TRP A 42 2.62 -9.46 -3.34
CA TRP A 42 1.83 -10.66 -2.99
C TRP A 42 2.72 -11.79 -2.45
N ARG A 43 3.98 -11.86 -2.91
CA ARG A 43 4.98 -12.81 -2.35
C ARG A 43 5.49 -12.31 -0.99
N LEU A 44 5.73 -10.99 -0.87
CA LEU A 44 6.31 -10.36 0.33
C LEU A 44 5.35 -10.47 1.52
N VAL A 45 4.11 -9.96 1.32
CA VAL A 45 3.04 -9.99 2.33
C VAL A 45 2.50 -11.42 2.50
N GLY A 46 2.47 -12.19 1.39
CA GLY A 46 1.96 -13.57 1.39
C GLY A 46 2.87 -14.54 2.16
N HIS A 47 4.19 -14.33 2.06
CA HIS A 47 5.21 -15.09 2.82
C HIS A 47 5.06 -14.80 4.32
N ALA A 48 4.75 -13.54 4.62
CA ALA A 48 4.55 -13.03 5.98
C ALA A 48 3.34 -13.68 6.67
N ILE A 49 2.20 -13.71 5.96
CA ILE A 49 0.92 -14.19 6.52
C ILE A 49 0.74 -15.71 6.31
N GLY A 50 1.57 -16.30 5.42
CA GLY A 50 1.54 -17.74 5.14
C GLY A 50 0.41 -18.16 4.19
N GLU A 51 0.15 -17.34 3.16
CA GLU A 51 -0.87 -17.59 2.12
C GLU A 51 -0.27 -17.33 0.73
N ASN A 52 -0.70 -18.10 -0.28
CA ASN A 52 -0.29 -17.89 -1.68
C ASN A 52 -1.23 -16.83 -2.28
N LEU A 53 -0.82 -15.56 -2.19
CA LEU A 53 -1.57 -14.42 -2.71
C LEU A 53 -1.33 -14.22 -4.23
N GLN A 54 -0.48 -15.07 -4.81
CA GLN A 54 -0.12 -14.98 -6.25
C GLN A 54 -1.21 -15.66 -7.08
N ASP A 55 -1.58 -16.88 -6.66
CA ASP A 55 -2.53 -17.77 -7.37
C ASP A 55 -4.00 -17.30 -7.21
N MET A 56 -4.31 -16.67 -6.05
CA MET A 56 -5.67 -16.14 -5.76
C MET A 56 -6.08 -15.07 -6.79
N ALA A 57 -7.39 -14.87 -6.95
CA ALA A 57 -7.94 -13.73 -7.71
C ALA A 57 -8.02 -12.50 -6.81
N TYR A 58 -8.15 -11.30 -7.42
CA TYR A 58 -8.09 -9.99 -6.72
C TYR A 58 -9.01 -9.94 -5.47
N GLU A 59 -10.32 -10.23 -5.65
CA GLU A 59 -11.34 -10.13 -4.57
C GLU A 59 -10.99 -11.04 -3.37
N LYS A 60 -10.49 -12.25 -3.70
CA LYS A 60 -10.14 -13.28 -2.73
C LYS A 60 -8.95 -12.84 -1.87
N LYS A 61 -7.84 -12.45 -2.52
CA LYS A 61 -6.59 -12.05 -1.84
C LYS A 61 -6.76 -10.76 -0.99
N LEU A 62 -7.69 -9.87 -1.42
CA LEU A 62 -8.09 -8.69 -0.63
C LEU A 62 -8.73 -9.12 0.71
N LYS A 63 -9.69 -10.06 0.62
CA LYS A 63 -10.37 -10.60 1.83
C LYS A 63 -9.38 -11.36 2.74
N THR A 64 -8.33 -11.95 2.13
CA THR A 64 -7.24 -12.61 2.87
C THR A 64 -6.39 -11.57 3.63
N LEU A 65 -6.16 -10.40 2.99
CA LEU A 65 -5.44 -9.27 3.61
C LEU A 65 -6.25 -8.72 4.80
N LYS A 66 -7.54 -8.45 4.57
CA LYS A 66 -8.46 -7.87 5.58
C LYS A 66 -8.76 -8.86 6.73
N HIS A 67 -8.69 -10.17 6.44
CA HIS A 67 -8.64 -11.25 7.47
C HIS A 67 -7.42 -11.04 8.39
N ASN A 68 -6.29 -10.66 7.78
CA ASN A 68 -5.02 -10.39 8.47
C ASN A 68 -4.90 -8.89 8.79
N ARG A 69 -6.06 -8.18 8.80
CA ARG A 69 -6.18 -6.80 9.31
C ARG A 69 -5.35 -5.80 8.47
N ILE A 70 -5.24 -6.07 7.17
CA ILE A 70 -4.48 -5.25 6.23
C ILE A 70 -5.46 -4.50 5.30
N GLY A 71 -5.32 -3.18 5.24
CA GLY A 71 -6.04 -2.35 4.28
C GLY A 71 -5.10 -1.86 3.18
N LEU A 72 -5.66 -1.53 2.00
CA LEU A 72 -4.89 -0.98 0.86
C LEU A 72 -5.47 0.39 0.50
N TRP A 73 -4.60 1.38 0.31
CA TRP A 73 -4.99 2.75 -0.06
C TRP A 73 -3.74 3.47 -0.62
N ASP A 74 -3.81 4.79 -0.81
CA ASP A 74 -2.72 5.62 -1.37
C ASP A 74 -2.72 7.02 -0.72
N VAL A 75 -1.60 7.75 -0.91
CA VAL A 75 -1.42 9.10 -0.36
C VAL A 75 -2.12 10.16 -1.24
N PHE A 76 -1.92 10.09 -2.56
CA PHE A 76 -2.43 11.10 -3.51
C PHE A 76 -3.73 10.64 -4.18
N LYS A 77 -4.83 11.34 -3.80
CA LYS A 77 -6.17 11.15 -4.39
C LYS A 77 -6.15 11.63 -5.86
N ALA A 78 -5.21 12.55 -6.18
CA ALA A 78 -4.90 12.96 -7.56
C ALA A 78 -3.43 13.40 -7.64
N GLY A 79 -2.75 12.92 -8.69
CA GLY A 79 -1.37 13.29 -8.99
C GLY A 79 -1.10 13.21 -10.47
N SER A 80 -0.23 14.08 -10.99
CA SER A 80 0.16 14.09 -12.41
C SER A 80 1.65 13.75 -12.56
N ARG A 81 2.07 13.49 -13.80
CA ARG A 81 3.47 13.31 -14.16
C ARG A 81 3.68 14.08 -15.47
N GLU A 82 4.18 15.33 -15.36
CA GLU A 82 4.25 16.26 -16.51
C GLU A 82 5.64 16.94 -16.56
N GLY A 83 5.88 17.88 -15.62
CA GLY A 83 7.11 18.67 -15.59
C GLY A 83 7.41 19.15 -14.18
N SER A 84 8.18 18.35 -13.44
CA SER A 84 8.57 18.65 -12.06
C SER A 84 9.90 17.95 -11.72
N GLN A 85 10.51 18.33 -10.59
CA GLN A 85 11.80 17.80 -10.09
C GLN A 85 11.60 17.17 -8.70
N ASP A 86 12.50 16.23 -8.34
CA ASP A 86 12.51 15.50 -7.05
C ASP A 86 11.28 14.58 -6.92
N SER A 87 10.10 15.19 -6.71
CA SER A 87 8.81 14.49 -6.83
C SER A 87 8.22 14.80 -8.21
N LYS A 88 8.02 13.75 -9.01
CA LYS A 88 7.44 13.84 -10.36
C LYS A 88 5.91 13.90 -10.31
N ILE A 89 5.34 13.76 -9.10
CA ILE A 89 3.92 14.04 -8.85
C ILE A 89 3.71 15.57 -8.88
N GLY A 90 3.41 16.09 -10.08
CA GLY A 90 3.22 17.53 -10.30
C GLY A 90 1.80 17.99 -9.95
N ASP A 91 1.39 17.69 -8.72
CA ASP A 91 0.01 17.87 -8.23
C ASP A 91 0.02 17.64 -6.71
N GLU A 92 -0.88 18.33 -6.00
CA GLU A 92 -0.83 18.45 -4.53
C GLU A 92 -2.12 17.90 -3.86
N GLU A 93 -2.91 17.08 -4.57
CA GLU A 93 -4.20 16.56 -4.06
C GLU A 93 -3.96 15.24 -3.32
N ILE A 94 -4.27 15.25 -2.03
CA ILE A 94 -3.97 14.15 -1.09
C ILE A 94 -5.28 13.66 -0.45
N ASN A 95 -5.34 12.35 -0.16
CA ASN A 95 -6.45 11.72 0.56
C ASN A 95 -6.52 12.26 2.00
N ASP A 96 -7.75 12.35 2.54
CA ASP A 96 -7.96 12.80 3.91
C ASP A 96 -7.71 11.65 4.89
N PHE A 97 -6.71 11.82 5.75
CA PHE A 97 -6.33 10.81 6.76
C PHE A 97 -6.77 11.23 8.17
N SER A 98 -7.44 12.40 8.29
CA SER A 98 -7.97 12.86 9.60
C SER A 98 -9.24 12.05 9.95
N GLY A 99 -9.83 11.38 8.93
CA GLY A 99 -10.99 10.52 9.11
C GLY A 99 -10.62 9.08 9.42
N LEU A 100 -9.29 8.78 9.36
CA LEU A 100 -8.73 7.46 9.74
C LEU A 100 -9.27 7.00 11.08
N LYS A 101 -9.11 7.83 12.11
CA LYS A 101 -9.33 7.45 13.51
C LYS A 101 -10.79 6.98 13.76
N GLU A 102 -11.71 7.50 12.92
CA GLU A 102 -13.13 7.16 12.96
C GLU A 102 -13.40 5.76 12.34
N MET A 103 -12.73 5.45 11.22
CA MET A 103 -12.96 4.20 10.44
C MET A 103 -12.06 3.02 10.87
N VAL A 104 -10.90 3.30 11.48
CA VAL A 104 -9.95 2.27 11.94
C VAL A 104 -9.71 2.40 13.46
N PRO A 105 -10.26 1.45 14.30
CA PRO A 105 -9.98 1.43 15.74
C PRO A 105 -8.65 0.71 16.07
N LYS A 106 -8.35 -0.36 15.30
CA LYS A 106 -7.24 -1.28 15.60
C LYS A 106 -5.90 -0.78 15.01
N LEU A 107 -5.96 0.28 14.15
CA LEU A 107 -4.79 0.73 13.39
C LEU A 107 -3.69 1.24 14.33
N ARG A 108 -2.57 0.54 14.29
CA ARG A 108 -1.37 0.89 15.04
C ARG A 108 -0.28 1.35 14.06
N LEU A 109 -0.11 0.61 12.94
CA LEU A 109 1.06 0.77 12.05
C LEU A 109 0.60 1.03 10.62
N ILE A 110 1.12 2.10 9.99
CA ILE A 110 0.80 2.48 8.61
C ILE A 110 2.05 2.26 7.75
N CYS A 111 1.96 1.31 6.81
CA CYS A 111 3.09 0.91 5.95
C CYS A 111 3.02 1.63 4.58
N PHE A 112 4.03 2.46 4.32
CA PHE A 112 4.15 3.24 3.07
C PHE A 112 5.07 2.48 2.09
N ASN A 113 4.52 2.06 0.94
CA ASN A 113 5.27 1.30 -0.07
C ASN A 113 5.83 2.31 -1.10
N GLY A 114 7.16 2.35 -1.21
CA GLY A 114 7.86 3.30 -2.07
C GLY A 114 8.23 4.59 -1.34
N ARG A 115 9.42 5.14 -1.68
CA ARG A 115 9.93 6.42 -1.13
C ARG A 115 8.91 7.56 -1.23
N LYS A 116 8.32 7.70 -2.43
CA LYS A 116 7.29 8.73 -2.75
C LYS A 116 6.13 8.77 -1.71
N ALA A 117 5.77 7.59 -1.19
CA ALA A 117 4.75 7.46 -0.12
C ALA A 117 5.37 7.77 1.24
N GLY A 118 6.59 7.26 1.46
CA GLY A 118 7.34 7.44 2.71
C GLY A 118 7.76 8.88 3.00
N GLU A 119 7.60 9.77 2.02
CA GLU A 119 7.81 11.23 2.20
C GLU A 119 6.72 11.82 3.14
N TYR A 120 5.50 11.28 3.03
CA TYR A 120 4.33 11.70 3.84
C TYR A 120 4.09 10.71 5.01
N GLU A 121 5.14 9.94 5.35
CA GLU A 121 5.19 9.09 6.54
C GLU A 121 5.12 9.91 7.87
N PRO A 122 5.95 11.02 8.08
CA PRO A 122 5.97 11.75 9.37
C PRO A 122 4.65 12.49 9.66
N LEU A 123 3.83 12.66 8.60
CA LEU A 123 2.51 13.30 8.67
C LEU A 123 1.58 12.55 9.66
N LEU A 124 1.46 11.24 9.47
CA LEU A 124 0.47 10.41 10.18
C LEU A 124 0.96 9.98 11.58
N ARG A 125 2.22 10.33 11.91
CA ARG A 125 2.76 10.19 13.29
C ARG A 125 2.03 11.16 14.24
N GLY A 126 1.64 12.33 13.70
CA GLY A 126 0.92 13.36 14.44
C GLY A 126 -0.51 12.93 14.85
N MET A 127 -1.00 11.83 14.27
CA MET A 127 -2.32 11.23 14.58
C MET A 127 -2.19 10.09 15.61
N GLY A 128 -1.01 9.97 16.24
CA GLY A 128 -0.72 8.92 17.21
C GLY A 128 -0.62 7.53 16.59
N TYR A 129 -0.25 7.47 15.30
CA TYR A 129 -0.04 6.21 14.57
C TYR A 129 1.47 5.94 14.39
N GLU A 130 1.86 4.68 14.62
CA GLU A 130 3.19 4.16 14.23
C GLU A 130 3.27 4.13 12.70
N THR A 131 4.41 4.50 12.14
CA THR A 131 4.61 4.53 10.67
C THR A 131 5.89 3.76 10.28
N LYS A 132 5.79 3.04 9.15
CA LYS A 132 6.87 2.20 8.59
C LYS A 132 6.98 2.45 7.09
N VAL A 133 8.18 2.77 6.60
CA VAL A 133 8.45 2.90 5.16
C VAL A 133 8.96 1.55 4.62
N LEU A 134 8.09 0.86 3.88
CA LEU A 134 8.44 -0.35 3.12
C LEU A 134 8.93 0.05 1.70
N PRO A 135 9.80 -0.80 1.05
CA PRO A 135 10.21 -0.59 -0.37
C PRO A 135 9.03 -0.59 -1.35
N SER A 136 9.30 -0.10 -2.57
CA SER A 136 8.41 -0.27 -3.71
C SER A 136 8.37 -1.76 -4.05
N SER A 137 7.20 -2.39 -3.80
CA SER A 137 6.98 -3.83 -4.05
C SER A 137 6.66 -4.11 -5.54
N SER A 138 7.13 -3.22 -6.43
CA SER A 138 7.16 -3.46 -7.89
C SER A 138 8.08 -4.65 -8.21
N GLY A 139 7.74 -5.40 -9.28
CA GLY A 139 8.59 -6.48 -9.79
C GLY A 139 9.88 -5.99 -10.42
N ALA A 140 9.88 -4.72 -10.83
CA ALA A 140 11.09 -4.04 -11.34
C ALA A 140 12.05 -3.69 -10.16
N ASN A 141 11.59 -3.88 -8.92
CA ASN A 141 12.38 -3.69 -7.69
C ASN A 141 12.41 -5.00 -6.87
N ARG A 142 11.98 -6.13 -7.50
CA ARG A 142 11.92 -7.48 -6.86
C ARG A 142 13.34 -7.99 -6.54
N ARG A 143 14.28 -7.58 -7.42
CA ARG A 143 15.72 -7.87 -7.28
C ARG A 143 16.27 -7.33 -5.94
N PHE A 144 15.69 -6.21 -5.48
CA PHE A 144 16.10 -5.47 -4.28
C PHE A 144 15.22 -5.87 -3.07
N SER A 145 14.00 -6.38 -3.34
CA SER A 145 13.09 -6.88 -2.28
C SER A 145 13.30 -8.40 -2.01
N LYS A 146 14.40 -8.97 -2.56
CA LYS A 146 14.72 -10.41 -2.48
C LYS A 146 14.85 -10.90 -1.02
N ASN A 147 15.92 -10.46 -0.31
CA ASN A 147 16.12 -10.79 1.13
C ASN A 147 15.49 -9.72 2.04
N ARG A 148 14.93 -8.69 1.41
CA ARG A 148 14.22 -7.58 2.10
C ARG A 148 12.87 -8.10 2.64
N GLU A 149 12.41 -9.24 2.07
CA GLU A 149 11.22 -9.98 2.52
C GLU A 149 11.18 -10.20 4.05
N SER A 150 12.36 -10.18 4.70
CA SER A 150 12.51 -10.38 6.14
C SER A 150 11.78 -9.30 6.95
N GLU A 151 11.93 -8.00 6.55
CA GLU A 151 11.26 -6.89 7.27
C GLU A 151 9.75 -6.89 6.99
N TRP A 152 9.36 -7.33 5.77
CA TRP A 152 7.94 -7.46 5.38
C TRP A 152 7.29 -8.57 6.23
N GLU A 153 8.06 -9.64 6.41
CA GLU A 153 7.65 -10.84 7.16
C GLU A 153 7.58 -10.50 8.66
N ALA A 154 8.48 -9.61 9.11
CA ALA A 154 8.52 -9.14 10.50
C ALA A 154 7.31 -8.26 10.85
N VAL A 155 6.74 -7.59 9.83
CA VAL A 155 5.56 -6.72 10.00
C VAL A 155 4.26 -7.56 10.01
N PHE A 156 4.00 -8.35 8.95
CA PHE A 156 2.66 -8.95 8.72
C PHE A 156 2.52 -10.39 9.31
N ARG A 157 3.58 -10.90 9.98
CA ARG A 157 3.55 -12.26 10.60
C ARG A 157 2.48 -12.38 11.70
N HIS A 158 2.35 -11.32 12.53
CA HIS A 158 1.49 -11.33 13.74
C HIS A 158 0.02 -11.14 13.39
N LEU A 159 -0.26 -10.80 12.13
CA LEU A 159 -1.57 -10.34 11.67
C LEU A 159 -2.55 -11.50 11.45
N GLU A 160 -2.04 -12.71 11.17
CA GLU A 160 -2.84 -13.95 11.23
C GLU A 160 -3.31 -14.18 12.68
N HIS A 161 -2.36 -14.03 13.62
CA HIS A 161 -2.59 -14.08 15.08
C HIS A 161 -3.05 -15.50 15.53
N MET A 1 -1.90 13.80 -18.43
CA MET A 1 -2.99 12.99 -17.87
C MET A 1 -2.73 12.77 -16.37
N ILE A 2 -3.65 13.26 -15.52
CA ILE A 2 -3.57 13.12 -14.06
C ILE A 2 -4.03 11.70 -13.65
N LYS A 3 -3.14 10.98 -12.95
CA LYS A 3 -3.38 9.60 -12.53
C LYS A 3 -4.15 9.58 -11.20
N ARG A 4 -5.29 8.86 -11.17
CA ARG A 4 -6.14 8.75 -9.98
C ARG A 4 -5.79 7.50 -9.16
N GLY A 5 -5.71 7.68 -7.83
CA GLY A 5 -5.70 6.59 -6.88
C GLY A 5 -7.08 5.99 -6.67
N PHE A 6 -7.19 5.02 -5.77
CA PHE A 6 -8.44 4.24 -5.58
C PHE A 6 -8.96 4.40 -4.15
N PRO A 7 -10.34 4.44 -3.94
CA PRO A 7 -10.94 4.45 -2.58
C PRO A 7 -10.46 3.26 -1.71
N ALA A 8 -10.44 3.45 -0.38
CA ALA A 8 -9.88 2.49 0.58
C ALA A 8 -10.61 1.14 0.57
N VAL A 9 -9.81 0.08 0.66
CA VAL A 9 -10.27 -1.30 0.80
C VAL A 9 -10.01 -1.67 2.27
N LEU A 10 -11.00 -1.40 3.13
CA LEU A 10 -10.79 -1.29 4.57
C LEU A 10 -11.93 -1.96 5.37
N ASP A 11 -11.60 -2.42 6.60
CA ASP A 11 -12.58 -2.99 7.56
C ASP A 11 -12.48 -2.25 8.91
N GLU A 12 -13.49 -2.45 9.77
CA GLU A 12 -13.51 -1.96 11.17
C GLU A 12 -12.42 -2.67 12.03
N ASN A 13 -11.91 -3.81 11.54
CA ASN A 13 -10.83 -4.55 12.19
C ASN A 13 -9.67 -4.62 11.19
N THR A 14 -8.77 -3.63 11.27
CA THR A 14 -7.58 -3.54 10.44
C THR A 14 -6.40 -3.02 11.31
N GLU A 15 -5.34 -3.85 11.43
CA GLU A 15 -4.15 -3.52 12.22
C GLU A 15 -3.15 -2.69 11.38
N ILE A 16 -3.04 -3.03 10.09
CA ILE A 16 -2.05 -2.43 9.17
C ILE A 16 -2.77 -1.86 7.94
N LEU A 17 -2.56 -0.57 7.67
CA LEU A 17 -3.07 0.11 6.46
C LEU A 17 -1.86 0.37 5.55
N ILE A 18 -1.88 -0.26 4.36
CA ILE A 18 -0.78 -0.19 3.39
C ILE A 18 -1.10 0.93 2.37
N LEU A 19 -0.44 2.11 2.52
CA LEU A 19 -0.63 3.27 1.65
C LEU A 19 0.42 3.29 0.54
N GLY A 20 -0.04 3.23 -0.71
CA GLY A 20 0.83 3.41 -1.88
C GLY A 20 1.23 4.87 -2.07
N SER A 21 2.00 5.14 -3.11
CA SER A 21 2.43 6.50 -3.44
C SER A 21 1.40 7.04 -4.45
N LEU A 22 1.55 6.63 -5.72
CA LEU A 22 0.58 6.85 -6.78
C LEU A 22 0.41 5.52 -7.52
N PRO A 23 -0.82 4.89 -7.50
CA PRO A 23 -1.08 3.59 -8.19
C PRO A 23 -0.71 3.60 -9.69
N SER A 24 -0.28 2.43 -10.19
CA SER A 24 0.17 2.23 -11.58
C SER A 24 -0.94 2.54 -12.61
N ASP A 25 -0.53 2.99 -13.81
CA ASP A 25 -1.45 3.23 -14.96
C ASP A 25 -2.27 1.98 -15.27
N GLU A 26 -1.59 0.82 -15.26
CA GLU A 26 -2.17 -0.50 -15.55
C GLU A 26 -3.19 -0.91 -14.45
N SER A 27 -3.00 -0.36 -13.23
CA SER A 27 -3.94 -0.56 -12.13
C SER A 27 -5.21 0.28 -12.37
N ILE A 28 -5.00 1.53 -12.87
CA ILE A 28 -6.08 2.52 -13.11
C ILE A 28 -6.97 2.12 -14.32
N ARG A 29 -6.43 1.26 -15.20
CA ARG A 29 -7.18 0.69 -16.35
C ARG A 29 -8.38 -0.13 -15.86
N LYS A 30 -8.20 -0.78 -14.69
CA LYS A 30 -9.21 -1.63 -14.04
C LYS A 30 -9.74 -0.95 -12.75
N GLN A 31 -9.15 0.22 -12.41
CA GLN A 31 -9.46 1.03 -11.20
C GLN A 31 -9.24 0.25 -9.89
N GLN A 32 -8.33 -0.72 -9.93
CA GLN A 32 -8.06 -1.65 -8.80
C GLN A 32 -6.54 -1.86 -8.65
N TYR A 33 -6.12 -2.26 -7.43
CA TYR A 33 -4.73 -2.69 -7.13
C TYR A 33 -4.45 -4.10 -7.78
N TYR A 34 -5.53 -4.67 -8.35
CA TYR A 34 -5.56 -5.97 -9.00
C TYR A 34 -4.94 -5.89 -10.42
N GLY A 35 -4.82 -4.64 -10.94
CA GLY A 35 -4.34 -4.39 -12.30
C GLY A 35 -2.92 -4.88 -12.57
N ASN A 36 -2.08 -4.88 -11.52
CA ASN A 36 -0.68 -5.36 -11.60
C ASN A 36 -0.43 -6.47 -10.56
N PRO A 37 -0.47 -7.78 -10.98
CA PRO A 37 0.07 -8.89 -10.17
C PRO A 37 1.61 -8.98 -10.29
N GLY A 38 2.19 -8.17 -11.20
CA GLY A 38 3.65 -8.10 -11.40
C GLY A 38 4.32 -7.14 -10.43
N ASN A 39 3.49 -6.27 -9.80
CA ASN A 39 3.91 -5.47 -8.65
C ASN A 39 3.99 -6.43 -7.46
N ASP A 40 5.14 -6.43 -6.81
CA ASP A 40 5.60 -7.55 -5.96
C ASP A 40 4.94 -7.53 -4.57
N PHE A 41 4.12 -6.47 -4.28
CA PHE A 41 3.36 -6.33 -3.00
C PHE A 41 2.59 -7.61 -2.66
N TRP A 42 2.08 -8.28 -3.69
CA TRP A 42 1.25 -9.49 -3.55
C TRP A 42 2.08 -10.71 -3.13
N ARG A 43 3.35 -10.77 -3.59
CA ARG A 43 4.28 -11.86 -3.25
C ARG A 43 5.06 -11.55 -1.95
N LEU A 44 5.18 -10.26 -1.60
CA LEU A 44 5.94 -9.83 -0.39
C LEU A 44 5.06 -9.86 0.86
N VAL A 45 3.83 -9.32 0.73
CA VAL A 45 2.82 -9.41 1.79
C VAL A 45 2.26 -10.85 1.82
N GLY A 46 2.20 -11.50 0.63
CA GLY A 46 1.73 -12.89 0.51
C GLY A 46 2.67 -13.89 1.19
N HIS A 47 3.98 -13.65 1.03
CA HIS A 47 5.04 -14.40 1.74
C HIS A 47 4.91 -14.17 3.25
N ALA A 48 4.66 -12.91 3.61
CA ALA A 48 4.67 -12.43 5.00
C ALA A 48 3.46 -12.92 5.84
N ILE A 49 2.30 -13.08 5.19
CA ILE A 49 1.08 -13.63 5.84
C ILE A 49 0.97 -15.15 5.62
N GLY A 50 1.80 -15.68 4.70
CA GLY A 50 1.81 -17.12 4.39
C GLY A 50 0.62 -17.55 3.52
N GLU A 51 0.09 -16.61 2.70
CA GLU A 51 -1.07 -16.83 1.82
C GLU A 51 -0.83 -16.02 0.53
N ASN A 52 -0.64 -16.73 -0.61
CA ASN A 52 -0.25 -16.10 -1.89
C ASN A 52 -1.39 -15.23 -2.45
N LEU A 53 -1.27 -13.92 -2.23
CA LEU A 53 -2.22 -12.91 -2.71
C LEU A 53 -2.18 -12.79 -4.25
N GLN A 54 -1.01 -13.11 -4.85
CA GLN A 54 -0.75 -12.93 -6.29
C GLN A 54 -1.66 -13.84 -7.14
N ASP A 55 -1.90 -15.07 -6.68
CA ASP A 55 -2.68 -16.09 -7.43
C ASP A 55 -4.19 -15.78 -7.41
N MET A 56 -4.67 -15.27 -6.25
CA MET A 56 -6.10 -15.07 -5.97
C MET A 56 -6.78 -14.07 -6.92
N ALA A 57 -8.08 -14.30 -7.15
CA ALA A 57 -8.98 -13.34 -7.83
C ALA A 57 -9.29 -12.18 -6.87
N TYR A 58 -9.61 -10.99 -7.42
CA TYR A 58 -9.77 -9.73 -6.66
C TYR A 58 -10.58 -9.90 -5.34
N GLU A 59 -11.76 -10.52 -5.44
CA GLU A 59 -12.69 -10.71 -4.30
C GLU A 59 -12.05 -11.56 -3.18
N LYS A 60 -11.56 -12.77 -3.56
CA LYS A 60 -10.85 -13.69 -2.63
C LYS A 60 -9.61 -13.02 -2.00
N LYS A 61 -8.94 -12.21 -2.82
CA LYS A 61 -7.73 -11.49 -2.43
C LYS A 61 -8.03 -10.51 -1.29
N LEU A 62 -9.14 -9.77 -1.45
CA LEU A 62 -9.65 -8.83 -0.43
C LEU A 62 -10.02 -9.59 0.86
N LYS A 63 -10.77 -10.70 0.72
CA LYS A 63 -11.21 -11.55 1.86
C LYS A 63 -10.00 -11.99 2.72
N THR A 64 -8.89 -12.30 2.02
CA THR A 64 -7.62 -12.69 2.64
C THR A 64 -7.02 -11.51 3.42
N LEU A 65 -6.90 -10.33 2.74
CA LEU A 65 -6.34 -9.10 3.34
C LEU A 65 -7.04 -8.73 4.66
N LYS A 66 -8.38 -8.58 4.62
CA LYS A 66 -9.19 -8.21 5.80
C LYS A 66 -9.17 -9.31 6.89
N HIS A 67 -9.03 -10.60 6.47
CA HIS A 67 -8.79 -11.73 7.41
C HIS A 67 -7.44 -11.57 8.15
N ASN A 68 -6.44 -11.04 7.44
CA ASN A 68 -5.09 -10.78 8.00
C ASN A 68 -5.00 -9.34 8.56
N ARG A 69 -6.15 -8.63 8.58
CA ARG A 69 -6.28 -7.28 9.20
C ARG A 69 -5.44 -6.24 8.44
N ILE A 70 -5.43 -6.40 7.13
CA ILE A 70 -4.76 -5.51 6.18
C ILE A 70 -5.81 -4.72 5.40
N GLY A 71 -5.61 -3.41 5.31
CA GLY A 71 -6.34 -2.54 4.40
C GLY A 71 -5.41 -1.98 3.35
N LEU A 72 -5.95 -1.63 2.18
CA LEU A 72 -5.17 -1.07 1.06
C LEU A 72 -5.72 0.31 0.71
N TRP A 73 -4.84 1.28 0.58
CA TRP A 73 -5.17 2.62 0.12
C TRP A 73 -3.89 3.23 -0.48
N ASP A 74 -3.92 4.54 -0.78
CA ASP A 74 -2.76 5.27 -1.31
C ASP A 74 -2.72 6.68 -0.72
N VAL A 75 -1.56 7.34 -0.90
CA VAL A 75 -1.33 8.71 -0.46
C VAL A 75 -1.89 9.68 -1.49
N PHE A 76 -1.36 9.65 -2.71
CA PHE A 76 -1.80 10.54 -3.79
C PHE A 76 -3.08 10.04 -4.43
N LYS A 77 -4.16 10.77 -4.13
CA LYS A 77 -5.48 10.62 -4.78
C LYS A 77 -5.38 10.97 -6.26
N ALA A 78 -4.49 11.90 -6.56
CA ALA A 78 -4.23 12.37 -7.92
C ALA A 78 -2.79 12.87 -8.02
N GLY A 79 -2.04 12.35 -9.01
CA GLY A 79 -0.64 12.68 -9.22
C GLY A 79 -0.37 12.95 -10.70
N SER A 80 0.38 14.00 -10.99
CA SER A 80 0.67 14.43 -12.36
C SER A 80 1.91 13.68 -12.89
N ARG A 81 1.65 12.71 -13.76
CA ARG A 81 2.68 12.00 -14.53
C ARG A 81 2.70 12.66 -15.92
N GLU A 82 3.71 13.49 -16.15
CA GLU A 82 3.82 14.33 -17.36
C GLU A 82 5.12 13.98 -18.10
N GLY A 83 5.16 14.22 -19.42
CA GLY A 83 6.39 14.05 -20.21
C GLY A 83 7.47 15.05 -19.82
N SER A 84 7.01 16.24 -19.39
CA SER A 84 7.88 17.32 -18.89
C SER A 84 8.43 16.99 -17.47
N GLN A 85 7.79 16.03 -16.79
CA GLN A 85 8.13 15.66 -15.39
C GLN A 85 8.40 14.14 -15.32
N ASP A 86 9.69 13.76 -15.34
CA ASP A 86 10.18 12.37 -15.61
C ASP A 86 9.59 11.28 -14.66
N SER A 87 8.33 10.90 -14.94
CA SER A 87 7.52 9.94 -14.13
C SER A 87 7.38 10.36 -12.64
N LYS A 88 7.67 11.65 -12.35
CA LYS A 88 7.68 12.19 -10.98
C LYS A 88 6.27 12.63 -10.61
N ILE A 89 5.88 12.41 -9.35
CA ILE A 89 4.56 12.81 -8.84
C ILE A 89 4.59 14.31 -8.46
N GLY A 90 4.42 15.17 -9.48
CA GLY A 90 4.49 16.62 -9.30
C GLY A 90 3.27 17.20 -8.58
N ASP A 91 2.13 16.48 -8.64
CA ASP A 91 0.86 16.98 -8.07
C ASP A 91 0.78 16.65 -6.57
N GLU A 92 -0.07 17.42 -5.87
CA GLU A 92 -0.15 17.42 -4.40
C GLU A 92 -1.58 17.09 -3.90
N GLU A 93 -2.37 16.39 -4.73
CA GLU A 93 -3.73 15.97 -4.35
C GLU A 93 -3.63 14.64 -3.59
N ILE A 94 -3.93 14.68 -2.28
CA ILE A 94 -3.67 13.59 -1.34
C ILE A 94 -5.00 13.19 -0.67
N ASN A 95 -5.05 11.94 -0.21
CA ASN A 95 -6.21 11.36 0.47
C ASN A 95 -6.30 11.88 1.93
N ASP A 96 -7.53 11.99 2.46
CA ASP A 96 -7.76 12.54 3.82
C ASP A 96 -7.45 11.48 4.88
N PHE A 97 -6.44 11.76 5.70
CA PHE A 97 -5.99 10.86 6.78
C PHE A 97 -6.47 11.36 8.16
N SER A 98 -7.27 12.44 8.18
CA SER A 98 -7.97 12.90 9.38
C SER A 98 -9.16 11.98 9.70
N GLY A 99 -9.75 11.40 8.64
CA GLY A 99 -10.91 10.52 8.77
C GLY A 99 -10.53 9.12 9.21
N LEU A 100 -9.20 8.82 9.19
CA LEU A 100 -8.63 7.55 9.68
C LEU A 100 -9.20 7.17 11.04
N LYS A 101 -9.10 8.07 12.01
CA LYS A 101 -9.35 7.77 13.44
C LYS A 101 -10.79 7.29 13.71
N GLU A 102 -11.71 7.57 12.77
CA GLU A 102 -13.09 7.10 12.84
C GLU A 102 -13.23 5.68 12.23
N MET A 103 -12.52 5.41 11.13
CA MET A 103 -12.67 4.15 10.34
C MET A 103 -11.64 3.05 10.69
N VAL A 104 -10.54 3.39 11.39
CA VAL A 104 -9.52 2.39 11.81
C VAL A 104 -9.26 2.48 13.35
N PRO A 105 -10.01 1.68 14.17
CA PRO A 105 -9.76 1.61 15.62
C PRO A 105 -8.56 0.70 16.00
N LYS A 106 -8.26 -0.32 15.17
CA LYS A 106 -7.18 -1.29 15.43
C LYS A 106 -5.84 -0.93 14.76
N LEU A 107 -5.81 0.20 14.01
CA LEU A 107 -4.60 0.63 13.28
C LEU A 107 -3.42 0.89 14.24
N ARG A 108 -2.50 -0.07 14.25
CA ARG A 108 -1.28 -0.02 15.03
C ARG A 108 -0.13 0.57 14.18
N LEU A 109 0.03 0.03 12.95
CA LEU A 109 1.16 0.39 12.06
C LEU A 109 0.63 0.71 10.66
N ILE A 110 1.12 1.82 10.07
CA ILE A 110 0.79 2.24 8.70
C ILE A 110 2.00 1.94 7.81
N CYS A 111 1.84 1.03 6.85
CA CYS A 111 2.93 0.64 5.94
C CYS A 111 2.85 1.44 4.63
N PHE A 112 3.85 2.31 4.40
CA PHE A 112 3.94 3.10 3.17
C PHE A 112 4.77 2.29 2.16
N ASN A 113 4.12 1.75 1.12
CA ASN A 113 4.79 0.88 0.16
C ASN A 113 5.42 1.79 -0.93
N GLY A 114 6.75 1.83 -0.91
CA GLY A 114 7.51 2.75 -1.74
C GLY A 114 7.86 4.03 -0.98
N ARG A 115 9.12 4.47 -1.10
CA ARG A 115 9.68 5.63 -0.37
C ARG A 115 9.14 7.01 -0.90
N LYS A 116 8.32 6.97 -1.96
CA LYS A 116 7.63 8.18 -2.47
C LYS A 116 6.39 8.49 -1.61
N ALA A 117 5.79 7.43 -1.03
CA ALA A 117 4.74 7.55 0.00
C ALA A 117 5.37 7.99 1.34
N GLY A 118 6.68 7.67 1.48
CA GLY A 118 7.45 7.98 2.69
C GLY A 118 7.64 9.46 2.98
N GLU A 119 7.37 10.31 1.98
CA GLU A 119 7.36 11.78 2.13
C GLU A 119 6.39 12.24 3.25
N TYR A 120 5.31 11.46 3.45
CA TYR A 120 4.21 11.79 4.40
C TYR A 120 4.13 10.76 5.54
N GLU A 121 5.24 10.00 5.78
CA GLU A 121 5.34 9.01 6.87
C GLU A 121 5.20 9.68 8.28
N PRO A 122 6.02 10.75 8.65
CA PRO A 122 5.96 11.36 10.01
C PRO A 122 4.66 12.16 10.24
N LEU A 123 3.95 12.47 9.13
CA LEU A 123 2.70 13.26 9.15
C LEU A 123 1.59 12.52 9.91
N LEU A 124 1.46 11.21 9.63
CA LEU A 124 0.34 10.38 10.14
C LEU A 124 0.59 9.88 11.57
N ARG A 125 1.80 10.16 12.08
CA ARG A 125 2.13 9.95 13.50
C ARG A 125 1.44 10.99 14.38
N GLY A 126 1.08 12.14 13.77
CA GLY A 126 0.24 13.16 14.42
C GLY A 126 -1.16 12.68 14.73
N MET A 127 -1.63 11.63 14.01
CA MET A 127 -2.94 10.98 14.25
C MET A 127 -2.83 9.88 15.35
N GLY A 128 -1.65 9.79 16.01
CA GLY A 128 -1.41 8.84 17.10
C GLY A 128 -1.12 7.42 16.63
N TYR A 129 -0.71 7.28 15.36
CA TYR A 129 -0.40 5.97 14.75
C TYR A 129 1.11 5.82 14.50
N GLU A 130 1.62 4.59 14.65
CA GLU A 130 2.99 4.23 14.23
C GLU A 130 3.01 4.08 12.71
N THR A 131 4.12 4.50 12.09
CA THR A 131 4.30 4.47 10.63
C THR A 131 5.65 3.81 10.28
N LYS A 132 5.69 3.18 9.09
CA LYS A 132 6.88 2.45 8.60
C LYS A 132 6.81 2.36 7.08
N VAL A 133 7.83 2.87 6.38
CA VAL A 133 7.94 2.74 4.92
C VAL A 133 8.64 1.42 4.57
N LEU A 134 8.02 0.68 3.65
CA LEU A 134 8.55 -0.54 3.07
C LEU A 134 9.12 -0.20 1.67
N PRO A 135 10.14 -0.96 1.14
CA PRO A 135 10.78 -0.64 -0.17
C PRO A 135 9.81 -0.83 -1.37
N SER A 136 10.07 -0.06 -2.44
CA SER A 136 9.29 -0.08 -3.70
C SER A 136 9.30 -1.49 -4.31
N SER A 137 8.14 -2.13 -4.38
CA SER A 137 8.04 -3.52 -4.85
C SER A 137 7.90 -3.60 -6.38
N SER A 138 8.77 -2.88 -7.09
CA SER A 138 9.13 -3.25 -8.45
C SER A 138 9.96 -4.56 -8.40
N GLY A 139 9.69 -5.47 -9.36
CA GLY A 139 10.40 -6.74 -9.44
C GLY A 139 11.92 -6.59 -9.56
N ALA A 140 12.35 -5.45 -10.15
CA ALA A 140 13.78 -5.10 -10.27
C ALA A 140 14.39 -4.85 -8.88
N ASN A 141 13.65 -4.10 -8.02
CA ASN A 141 14.16 -3.68 -6.70
C ASN A 141 14.23 -4.87 -5.72
N ARG A 142 13.19 -5.73 -5.74
CA ARG A 142 13.16 -6.96 -4.89
C ARG A 142 14.43 -7.84 -5.11
N ARG A 143 14.94 -7.85 -6.35
CA ARG A 143 16.18 -8.58 -6.71
C ARG A 143 17.42 -7.90 -6.06
N PHE A 144 17.30 -6.58 -5.87
CA PHE A 144 18.32 -5.73 -5.21
C PHE A 144 17.93 -5.46 -3.73
N SER A 145 17.10 -6.36 -3.15
CA SER A 145 16.48 -6.18 -1.82
C SER A 145 16.09 -7.55 -1.24
N LYS A 146 16.90 -8.58 -1.51
CA LYS A 146 16.61 -9.98 -1.12
C LYS A 146 16.60 -10.22 0.40
N ASN A 147 17.48 -9.54 1.14
CA ASN A 147 17.50 -9.61 2.62
C ASN A 147 16.67 -8.44 3.23
N ARG A 148 16.34 -7.44 2.38
CA ARG A 148 15.60 -6.24 2.80
C ARG A 148 14.10 -6.56 2.90
N GLU A 149 13.61 -7.38 1.94
CA GLU A 149 12.20 -7.84 1.87
C GLU A 149 11.81 -8.70 3.10
N SER A 150 12.83 -9.21 3.81
CA SER A 150 12.66 -9.93 5.08
C SER A 150 11.94 -9.06 6.14
N GLU A 151 12.02 -7.71 5.99
CA GLU A 151 11.31 -6.75 6.85
C GLU A 151 9.78 -6.89 6.68
N TRP A 152 9.34 -7.26 5.45
CA TRP A 152 7.91 -7.41 5.14
C TRP A 152 7.38 -8.59 5.95
N GLU A 153 8.18 -9.68 5.98
CA GLU A 153 7.84 -10.89 6.73
C GLU A 153 7.77 -10.57 8.23
N ALA A 154 8.68 -9.69 8.68
CA ALA A 154 8.77 -9.29 10.10
C ALA A 154 7.67 -8.25 10.48
N VAL A 155 6.99 -7.67 9.47
CA VAL A 155 5.85 -6.74 9.68
C VAL A 155 4.53 -7.54 9.77
N PHE A 156 4.24 -8.36 8.76
CA PHE A 156 2.90 -8.99 8.60
C PHE A 156 2.79 -10.38 9.28
N ARG A 157 3.85 -10.84 9.97
CA ARG A 157 3.83 -12.15 10.70
C ARG A 157 2.96 -12.08 11.97
N HIS A 158 2.82 -10.88 12.60
CA HIS A 158 2.02 -10.73 13.84
C HIS A 158 0.51 -10.77 13.55
N LEU A 159 0.13 -10.77 12.26
CA LEU A 159 -1.29 -10.72 11.83
C LEU A 159 -1.99 -12.07 12.04
N GLU A 160 -1.21 -13.17 12.10
CA GLU A 160 -1.71 -14.49 12.57
C GLU A 160 -1.97 -14.47 14.10
N HIS A 161 -1.42 -13.44 14.78
CA HIS A 161 -1.60 -13.15 16.22
C HIS A 161 -0.84 -14.19 17.07
N MET A 1 -2.60 15.16 -17.70
CA MET A 1 -3.93 14.74 -17.21
C MET A 1 -3.87 14.30 -15.75
N ILE A 2 -5.06 14.13 -15.13
CA ILE A 2 -5.19 13.75 -13.71
C ILE A 2 -5.31 12.22 -13.60
N LYS A 3 -4.45 11.61 -12.78
CA LYS A 3 -4.55 10.20 -12.39
C LYS A 3 -5.30 10.11 -11.06
N ARG A 4 -6.29 9.23 -10.99
CA ARG A 4 -6.97 8.91 -9.74
C ARG A 4 -6.29 7.73 -9.04
N GLY A 5 -6.00 7.90 -7.76
CA GLY A 5 -5.71 6.79 -6.86
C GLY A 5 -6.98 6.02 -6.57
N PHE A 6 -6.87 4.76 -6.15
CA PHE A 6 -8.05 3.89 -5.93
C PHE A 6 -8.66 4.18 -4.55
N PRO A 7 -10.04 4.13 -4.43
CA PRO A 7 -10.74 4.23 -3.12
C PRO A 7 -10.18 3.22 -2.08
N ALA A 8 -10.47 3.46 -0.80
CA ALA A 8 -9.95 2.65 0.29
C ALA A 8 -10.54 1.22 0.22
N VAL A 9 -9.63 0.25 0.21
CA VAL A 9 -9.92 -1.18 0.29
C VAL A 9 -9.87 -1.53 1.79
N LEU A 10 -10.73 -0.82 2.53
CA LEU A 10 -10.62 -0.70 3.99
C LEU A 10 -11.75 -1.45 4.68
N ASP A 11 -11.42 -2.04 5.82
CA ASP A 11 -12.39 -2.72 6.70
C ASP A 11 -12.25 -2.12 8.11
N GLU A 12 -13.26 -2.34 8.97
CA GLU A 12 -13.19 -1.93 10.40
C GLU A 12 -12.10 -2.72 11.16
N ASN A 13 -11.73 -3.88 10.60
CA ASN A 13 -10.69 -4.74 11.13
C ASN A 13 -9.46 -4.55 10.23
N THR A 14 -8.76 -3.43 10.45
CA THR A 14 -7.50 -3.10 9.75
C THR A 14 -6.48 -2.62 10.80
N GLU A 15 -5.51 -3.50 11.11
CA GLU A 15 -4.43 -3.26 12.07
C GLU A 15 -3.22 -2.63 11.35
N ILE A 16 -3.06 -2.98 10.06
CA ILE A 16 -2.05 -2.40 9.18
C ILE A 16 -2.73 -1.88 7.90
N LEU A 17 -2.62 -0.56 7.69
CA LEU A 17 -3.15 0.12 6.50
C LEU A 17 -1.97 0.42 5.58
N ILE A 18 -1.97 -0.17 4.38
CA ILE A 18 -0.87 -0.02 3.42
C ILE A 18 -1.24 1.03 2.38
N LEU A 19 -0.55 2.18 2.45
CA LEU A 19 -0.76 3.32 1.56
C LEU A 19 0.32 3.32 0.47
N GLY A 20 -0.10 3.20 -0.80
CA GLY A 20 0.76 3.49 -1.94
C GLY A 20 0.96 4.99 -2.10
N SER A 21 1.53 5.43 -3.22
CA SER A 21 1.71 6.85 -3.49
C SER A 21 0.65 7.28 -4.51
N LEU A 22 0.84 6.85 -5.76
CA LEU A 22 -0.11 7.03 -6.86
C LEU A 22 0.03 5.80 -7.77
N PRO A 23 -1.08 5.05 -8.05
CA PRO A 23 -1.03 3.83 -8.91
C PRO A 23 -0.48 4.11 -10.32
N SER A 24 0.16 3.10 -10.91
CA SER A 24 0.73 3.16 -12.25
C SER A 24 -0.38 3.24 -13.32
N ASP A 25 0.01 3.65 -14.55
CA ASP A 25 -0.91 3.71 -15.71
C ASP A 25 -1.60 2.35 -15.91
N GLU A 26 -0.77 1.28 -15.91
CA GLU A 26 -1.23 -0.11 -16.10
C GLU A 26 -2.28 -0.51 -15.03
N SER A 27 -2.03 -0.06 -13.80
CA SER A 27 -2.90 -0.35 -12.66
C SER A 27 -4.26 0.36 -12.83
N ILE A 28 -4.21 1.65 -13.24
CA ILE A 28 -5.40 2.52 -13.43
C ILE A 28 -6.22 2.11 -14.68
N ARG A 29 -5.59 1.37 -15.62
CA ARG A 29 -6.30 0.83 -16.80
C ARG A 29 -7.25 -0.29 -16.35
N LYS A 30 -6.72 -1.19 -15.51
CA LYS A 30 -7.46 -2.36 -15.00
C LYS A 30 -8.19 -2.06 -13.67
N GLN A 31 -7.95 -0.85 -13.11
CA GLN A 31 -8.57 -0.35 -11.85
C GLN A 31 -8.13 -1.16 -10.61
N GLN A 32 -6.99 -1.85 -10.70
CA GLN A 32 -6.47 -2.74 -9.63
C GLN A 32 -5.01 -2.39 -9.35
N TYR A 33 -4.60 -2.45 -8.07
CA TYR A 33 -3.16 -2.45 -7.70
C TYR A 33 -2.48 -3.69 -8.34
N TYR A 34 -3.20 -4.82 -8.21
CA TYR A 34 -2.91 -6.12 -8.87
C TYR A 34 -2.96 -6.03 -10.43
N GLY A 35 -3.43 -4.90 -10.98
CA GLY A 35 -3.50 -4.65 -12.43
C GLY A 35 -2.15 -4.82 -13.13
N ASN A 36 -1.06 -4.49 -12.41
CA ASN A 36 0.30 -4.84 -12.81
C ASN A 36 0.75 -6.10 -12.01
N PRO A 37 0.79 -7.32 -12.65
CA PRO A 37 1.27 -8.56 -12.01
C PRO A 37 2.79 -8.52 -11.68
N GLY A 38 3.49 -7.50 -12.22
CA GLY A 38 4.90 -7.26 -11.94
C GLY A 38 5.17 -6.76 -10.52
N ASN A 39 4.08 -6.45 -9.78
CA ASN A 39 4.17 -6.15 -8.34
C ASN A 39 4.27 -7.46 -7.55
N ASP A 40 5.41 -7.61 -6.86
CA ASP A 40 5.73 -8.79 -6.05
C ASP A 40 5.10 -8.66 -4.65
N PHE A 41 4.39 -7.53 -4.42
CA PHE A 41 3.63 -7.18 -3.20
C PHE A 41 2.83 -8.37 -2.64
N TRP A 42 2.19 -9.10 -3.54
CA TRP A 42 1.27 -10.20 -3.20
C TRP A 42 2.05 -11.45 -2.73
N ARG A 43 3.34 -11.53 -3.12
CA ARG A 43 4.27 -12.59 -2.67
C ARG A 43 4.96 -12.20 -1.35
N LEU A 44 5.30 -10.90 -1.20
CA LEU A 44 6.02 -10.38 -0.02
C LEU A 44 5.09 -10.34 1.22
N VAL A 45 3.92 -9.72 1.06
CA VAL A 45 2.89 -9.67 2.11
C VAL A 45 2.29 -11.08 2.30
N GLY A 46 2.09 -11.79 1.18
CA GLY A 46 1.47 -13.12 1.16
C GLY A 46 2.27 -14.19 1.92
N HIS A 47 3.60 -14.15 1.75
CA HIS A 47 4.54 -15.07 2.44
C HIS A 47 4.59 -14.74 3.94
N ALA A 48 4.47 -13.45 4.26
CA ALA A 48 4.54 -12.92 5.62
C ALA A 48 3.29 -13.28 6.47
N ILE A 49 2.10 -13.23 5.83
CA ILE A 49 0.82 -13.60 6.50
C ILE A 49 0.51 -15.10 6.35
N GLY A 50 1.28 -15.80 5.49
CA GLY A 50 1.11 -17.24 5.25
C GLY A 50 -0.14 -17.57 4.44
N GLU A 51 -0.55 -16.62 3.57
CA GLU A 51 -1.71 -16.76 2.68
C GLU A 51 -1.26 -16.30 1.27
N ASN A 52 -1.21 -17.22 0.29
CA ASN A 52 -0.79 -16.90 -1.09
C ASN A 52 -1.82 -15.96 -1.76
N LEU A 53 -1.54 -14.64 -1.65
CA LEU A 53 -2.38 -13.57 -2.21
C LEU A 53 -2.36 -13.63 -3.75
N GLN A 54 -1.16 -13.92 -4.31
CA GLN A 54 -0.84 -13.75 -5.75
C GLN A 54 -1.81 -14.54 -6.65
N ASP A 55 -2.06 -15.83 -6.28
CA ASP A 55 -2.89 -16.75 -7.09
C ASP A 55 -4.38 -16.36 -7.07
N MET A 56 -4.85 -15.87 -5.90
CA MET A 56 -6.28 -15.59 -5.65
C MET A 56 -6.84 -14.52 -6.61
N ALA A 57 -8.14 -14.68 -6.98
CA ALA A 57 -8.92 -13.65 -7.71
C ALA A 57 -8.95 -12.37 -6.89
N TYR A 58 -8.80 -11.19 -7.54
CA TYR A 58 -8.62 -9.89 -6.88
C TYR A 58 -9.58 -9.66 -5.68
N GLU A 59 -10.87 -9.96 -5.85
CA GLU A 59 -11.91 -9.82 -4.80
C GLU A 59 -11.62 -10.74 -3.59
N LYS A 60 -11.34 -12.03 -3.86
CA LYS A 60 -11.00 -13.06 -2.85
C LYS A 60 -9.69 -12.69 -2.11
N LYS A 61 -8.75 -12.16 -2.89
CA LYS A 61 -7.42 -11.70 -2.46
C LYS A 61 -7.56 -10.57 -1.41
N LEU A 62 -8.49 -9.64 -1.67
CA LEU A 62 -8.84 -8.53 -0.75
C LEU A 62 -9.48 -9.08 0.53
N LYS A 63 -10.39 -10.07 0.40
CA LYS A 63 -11.06 -10.70 1.58
C LYS A 63 -10.03 -11.38 2.49
N THR A 64 -8.96 -11.91 1.87
CA THR A 64 -7.83 -12.49 2.58
C THR A 64 -7.10 -11.41 3.40
N LEU A 65 -6.87 -10.23 2.77
CA LEU A 65 -6.23 -9.08 3.43
C LEU A 65 -7.03 -8.68 4.69
N LYS A 66 -8.37 -8.55 4.54
CA LYS A 66 -9.28 -8.11 5.64
C LYS A 66 -9.21 -9.11 6.82
N HIS A 67 -9.11 -10.41 6.47
CA HIS A 67 -8.89 -11.53 7.43
C HIS A 67 -7.60 -11.32 8.23
N ASN A 68 -6.54 -10.87 7.55
CA ASN A 68 -5.21 -10.61 8.18
C ASN A 68 -5.12 -9.16 8.71
N ARG A 69 -6.25 -8.42 8.58
CA ARG A 69 -6.41 -7.03 9.07
C ARG A 69 -5.50 -6.05 8.32
N ILE A 70 -5.49 -6.19 7.00
CA ILE A 70 -4.78 -5.33 6.07
C ILE A 70 -5.80 -4.58 5.20
N GLY A 71 -5.61 -3.26 5.10
CA GLY A 71 -6.34 -2.42 4.14
C GLY A 71 -5.38 -1.84 3.12
N LEU A 72 -5.90 -1.40 1.98
CA LEU A 72 -5.11 -0.75 0.91
C LEU A 72 -5.71 0.62 0.61
N TRP A 73 -4.85 1.59 0.29
CA TRP A 73 -5.24 2.93 -0.17
C TRP A 73 -3.97 3.57 -0.76
N ASP A 74 -4.00 4.88 -1.05
CA ASP A 74 -2.81 5.64 -1.49
C ASP A 74 -2.64 6.88 -0.62
N VAL A 75 -1.49 7.56 -0.78
CA VAL A 75 -1.22 8.86 -0.16
C VAL A 75 -1.84 9.95 -1.03
N PHE A 76 -1.63 9.86 -2.34
CA PHE A 76 -2.20 10.77 -3.33
C PHE A 76 -3.50 10.18 -3.91
N LYS A 77 -4.63 10.81 -3.57
CA LYS A 77 -5.96 10.51 -4.16
C LYS A 77 -5.98 10.90 -5.64
N ALA A 78 -5.11 11.85 -6.00
CA ALA A 78 -4.93 12.29 -7.38
C ALA A 78 -3.50 12.86 -7.56
N GLY A 79 -2.89 12.55 -8.71
CA GLY A 79 -1.59 13.09 -9.09
C GLY A 79 -1.51 13.20 -10.59
N SER A 80 -1.02 14.35 -11.09
CA SER A 80 -0.99 14.65 -12.52
C SER A 80 0.42 14.43 -13.06
N ARG A 81 0.58 13.42 -13.91
CA ARG A 81 1.84 13.12 -14.61
C ARG A 81 1.76 13.59 -16.06
N GLU A 82 2.89 14.12 -16.55
CA GLU A 82 3.06 14.67 -17.91
C GLU A 82 4.52 14.41 -18.33
N GLY A 83 5.01 15.14 -19.34
CA GLY A 83 6.41 15.04 -19.79
C GLY A 83 7.36 15.78 -18.85
N SER A 84 7.52 15.23 -17.63
CA SER A 84 8.30 15.84 -16.54
C SER A 84 9.38 14.86 -16.03
N GLN A 85 10.66 15.24 -16.23
CA GLN A 85 11.81 14.52 -15.66
C GLN A 85 11.97 14.99 -14.18
N ASP A 86 12.42 14.07 -13.30
CA ASP A 86 12.64 14.30 -11.84
C ASP A 86 11.32 14.25 -11.04
N SER A 87 10.23 14.80 -11.62
CA SER A 87 8.89 14.73 -11.02
C SER A 87 8.20 13.42 -11.46
N LYS A 88 7.92 12.54 -10.49
CA LYS A 88 7.18 11.28 -10.72
C LYS A 88 5.67 11.57 -10.66
N ILE A 89 5.30 12.47 -9.74
CA ILE A 89 3.93 12.94 -9.52
C ILE A 89 3.96 14.48 -9.47
N GLY A 90 3.53 15.12 -10.57
CA GLY A 90 3.51 16.59 -10.66
C GLY A 90 2.24 17.18 -10.06
N ASP A 91 2.02 16.90 -8.76
CA ASP A 91 0.79 17.27 -8.03
C ASP A 91 0.86 16.76 -6.57
N GLU A 92 0.11 17.45 -5.69
CA GLU A 92 0.11 17.22 -4.22
C GLU A 92 -1.31 16.93 -3.67
N GLU A 93 -2.21 16.34 -4.48
CA GLU A 93 -3.59 16.07 -4.01
C GLU A 93 -3.56 14.80 -3.12
N ILE A 94 -3.58 15.02 -1.80
CA ILE A 94 -3.42 13.96 -0.79
C ILE A 94 -4.78 13.59 -0.18
N ASN A 95 -4.93 12.31 0.20
CA ASN A 95 -6.15 11.78 0.85
C ASN A 95 -6.29 12.37 2.27
N ASP A 96 -7.54 12.49 2.74
CA ASP A 96 -7.83 12.97 4.09
C ASP A 96 -7.63 11.81 5.09
N PHE A 97 -6.50 11.85 5.80
CA PHE A 97 -6.16 10.86 6.84
C PHE A 97 -6.61 11.34 8.23
N SER A 98 -7.26 12.52 8.29
CA SER A 98 -7.81 13.06 9.56
C SER A 98 -9.09 12.33 9.98
N GLY A 99 -9.63 11.47 9.08
CA GLY A 99 -10.74 10.57 9.39
C GLY A 99 -10.30 9.21 9.91
N LEU A 100 -8.95 8.94 9.92
CA LEU A 100 -8.37 7.63 10.32
C LEU A 100 -8.95 7.07 11.61
N LYS A 101 -8.83 7.82 12.71
CA LYS A 101 -9.06 7.26 14.08
C LYS A 101 -10.51 6.76 14.29
N GLU A 102 -11.42 7.15 13.40
CA GLU A 102 -12.83 6.73 13.42
C GLU A 102 -13.03 5.45 12.58
N MET A 103 -12.46 5.42 11.35
CA MET A 103 -12.68 4.31 10.38
C MET A 103 -11.76 3.11 10.63
N VAL A 104 -10.62 3.34 11.30
CA VAL A 104 -9.70 2.26 11.69
C VAL A 104 -9.45 2.28 13.22
N PRO A 105 -10.29 1.52 14.01
CA PRO A 105 -10.07 1.35 15.46
C PRO A 105 -8.89 0.39 15.74
N LYS A 106 -8.73 -0.64 14.88
CA LYS A 106 -7.67 -1.66 14.99
C LYS A 106 -6.27 -1.15 14.63
N LEU A 107 -6.18 0.00 13.91
CA LEU A 107 -4.92 0.48 13.33
C LEU A 107 -3.87 0.78 14.40
N ARG A 108 -2.67 0.28 14.17
CA ARG A 108 -1.53 0.43 15.07
C ARG A 108 -0.22 0.63 14.28
N LEU A 109 -0.16 0.08 13.06
CA LEU A 109 0.99 0.28 12.13
C LEU A 109 0.47 0.60 10.73
N ILE A 110 1.12 1.54 10.04
CA ILE A 110 0.87 1.90 8.64
C ILE A 110 2.12 1.50 7.83
N CYS A 111 1.93 1.03 6.60
CA CYS A 111 3.03 0.62 5.72
C CYS A 111 2.90 1.34 4.37
N PHE A 112 3.98 1.95 3.89
CA PHE A 112 3.99 2.73 2.64
C PHE A 112 4.68 1.95 1.51
N ASN A 113 4.02 1.87 0.34
CA ASN A 113 4.61 1.26 -0.87
C ASN A 113 5.44 2.31 -1.63
N GLY A 114 6.72 2.41 -1.27
CA GLY A 114 7.71 3.24 -1.97
C GLY A 114 8.04 4.54 -1.25
N ARG A 115 9.08 5.21 -1.78
CA ARG A 115 9.55 6.52 -1.28
C ARG A 115 8.43 7.56 -1.20
N LYS A 116 7.83 7.93 -2.36
CA LYS A 116 6.84 9.04 -2.45
C LYS A 116 5.55 8.81 -1.60
N ALA A 117 5.36 7.58 -1.12
CA ALA A 117 4.34 7.26 -0.12
C ALA A 117 4.90 7.56 1.28
N GLY A 118 6.11 7.03 1.54
CA GLY A 118 6.78 7.11 2.83
C GLY A 118 7.31 8.49 3.19
N GLU A 119 7.32 9.43 2.21
CA GLU A 119 7.74 10.84 2.47
C GLU A 119 6.80 11.56 3.45
N TYR A 120 5.59 11.00 3.63
CA TYR A 120 4.56 11.52 4.55
C TYR A 120 4.40 10.61 5.78
N GLU A 121 5.49 9.85 6.11
CA GLU A 121 5.54 8.97 7.30
C GLU A 121 5.34 9.76 8.64
N PRO A 122 6.13 10.87 8.93
CA PRO A 122 6.04 11.58 10.24
C PRO A 122 4.68 12.30 10.44
N LEU A 123 3.98 12.53 9.33
CA LEU A 123 2.66 13.20 9.31
C LEU A 123 1.63 12.36 10.08
N LEU A 124 1.61 11.04 9.79
CA LEU A 124 0.62 10.10 10.35
C LEU A 124 1.05 9.56 11.74
N ARG A 125 2.32 9.84 12.11
CA ARG A 125 2.82 9.59 13.49
C ARG A 125 2.17 10.55 14.50
N GLY A 126 1.76 11.73 14.00
CA GLY A 126 1.02 12.73 14.80
C GLY A 126 -0.41 12.29 15.13
N MET A 127 -0.87 11.20 14.49
CA MET A 127 -2.19 10.59 14.74
C MET A 127 -2.07 9.42 15.75
N GLY A 128 -0.88 9.31 16.41
CA GLY A 128 -0.61 8.31 17.43
C GLY A 128 -0.22 6.94 16.87
N TYR A 129 -0.25 6.80 15.53
CA TYR A 129 0.03 5.53 14.86
C TYR A 129 1.51 5.39 14.53
N GLU A 130 2.02 4.15 14.61
CA GLU A 130 3.31 3.80 14.04
C GLU A 130 3.17 3.72 12.52
N THR A 131 4.23 4.11 11.84
CA THR A 131 4.31 4.14 10.38
C THR A 131 5.65 3.53 9.93
N LYS A 132 5.65 2.89 8.76
CA LYS A 132 6.79 2.12 8.25
C LYS A 132 6.89 2.33 6.74
N VAL A 133 8.07 2.72 6.24
CA VAL A 133 8.33 2.86 4.81
C VAL A 133 8.88 1.51 4.27
N LEU A 134 8.07 0.86 3.47
CA LEU A 134 8.45 -0.33 2.69
C LEU A 134 8.86 0.14 1.27
N PRO A 135 9.72 -0.62 0.54
CA PRO A 135 10.07 -0.28 -0.86
C PRO A 135 8.89 -0.54 -1.83
N SER A 136 8.86 0.19 -2.96
CA SER A 136 7.86 -0.01 -4.03
C SER A 136 8.11 -1.38 -4.65
N SER A 137 7.14 -2.29 -4.48
CA SER A 137 7.33 -3.72 -4.78
C SER A 137 7.20 -4.07 -6.29
N SER A 138 7.69 -3.18 -7.17
CA SER A 138 7.78 -3.45 -8.61
C SER A 138 8.96 -4.42 -8.92
N GLY A 139 8.91 -5.07 -10.09
CA GLY A 139 9.78 -6.20 -10.45
C GLY A 139 11.29 -5.92 -10.46
N ALA A 140 11.67 -4.63 -10.53
CA ALA A 140 13.09 -4.23 -10.48
C ALA A 140 13.56 -4.07 -9.02
N ASN A 141 12.69 -3.47 -8.18
CA ASN A 141 13.00 -3.18 -6.77
C ASN A 141 12.97 -4.48 -5.92
N ARG A 142 12.22 -5.50 -6.40
CA ARG A 142 12.13 -6.82 -5.69
C ARG A 142 13.50 -7.54 -5.71
N ARG A 143 14.32 -7.22 -6.73
CA ARG A 143 15.71 -7.69 -6.87
C ARG A 143 16.59 -7.18 -5.70
N PHE A 144 16.17 -6.03 -5.13
CA PHE A 144 16.83 -5.39 -3.97
C PHE A 144 16.07 -5.74 -2.68
N SER A 145 14.77 -6.08 -2.83
CA SER A 145 13.89 -6.47 -1.70
C SER A 145 14.03 -7.97 -1.33
N LYS A 146 15.18 -8.58 -1.69
CA LYS A 146 15.53 -9.95 -1.27
C LYS A 146 15.97 -9.92 0.21
N ASN A 147 17.06 -9.18 0.49
CA ASN A 147 17.46 -8.83 1.88
C ASN A 147 16.35 -8.06 2.64
N ARG A 148 15.54 -7.27 1.92
CA ARG A 148 14.47 -6.44 2.54
C ARG A 148 13.20 -7.26 2.76
N GLU A 149 13.13 -8.47 2.19
CA GLU A 149 12.02 -9.43 2.44
C GLU A 149 11.80 -9.64 3.95
N SER A 150 12.92 -9.59 4.71
CA SER A 150 12.91 -9.76 6.17
C SER A 150 12.06 -8.69 6.89
N GLU A 151 12.12 -7.41 6.41
CA GLU A 151 11.34 -6.31 7.04
C GLU A 151 9.85 -6.47 6.69
N TRP A 152 9.54 -6.94 5.47
CA TRP A 152 8.15 -7.20 5.03
C TRP A 152 7.57 -8.33 5.89
N GLU A 153 8.38 -9.38 6.02
CA GLU A 153 8.01 -10.63 6.66
C GLU A 153 7.73 -10.41 8.15
N ALA A 154 8.51 -9.53 8.77
CA ALA A 154 8.40 -9.20 10.21
C ALA A 154 7.16 -8.31 10.49
N VAL A 155 6.88 -7.39 9.55
CA VAL A 155 5.76 -6.42 9.67
C VAL A 155 4.39 -7.15 9.71
N PHE A 156 4.23 -8.22 8.92
CA PHE A 156 2.92 -8.89 8.76
C PHE A 156 2.91 -10.23 9.50
N ARG A 157 4.03 -10.55 10.18
CA ARG A 157 4.18 -11.76 10.99
C ARG A 157 3.35 -11.64 12.28
N HIS A 158 3.35 -10.43 12.87
CA HIS A 158 2.66 -10.15 14.15
C HIS A 158 1.12 -10.00 13.94
N LEU A 159 0.68 -10.04 12.68
CA LEU A 159 -0.75 -10.07 12.33
C LEU A 159 -1.34 -11.45 12.64
N GLU A 160 -0.51 -12.51 12.54
CA GLU A 160 -0.90 -13.89 12.86
C GLU A 160 -0.51 -14.19 14.31
N HIS A 161 0.79 -13.99 14.61
CA HIS A 161 1.38 -14.30 15.93
C HIS A 161 1.08 -13.17 16.93
N MET A 1 -2.96 15.15 -17.24
CA MET A 1 -3.53 13.80 -17.06
C MET A 1 -3.69 13.50 -15.56
N ILE A 2 -4.93 13.66 -15.06
CA ILE A 2 -5.29 13.31 -13.67
C ILE A 2 -5.27 11.78 -13.52
N LYS A 3 -4.26 11.28 -12.80
CA LYS A 3 -4.10 9.86 -12.49
C LYS A 3 -4.78 9.58 -11.16
N ARG A 4 -5.84 8.80 -11.18
CA ARG A 4 -6.65 8.52 -9.99
C ARG A 4 -6.09 7.33 -9.20
N GLY A 5 -5.78 7.60 -7.93
CA GLY A 5 -5.46 6.55 -6.95
C GLY A 5 -6.70 5.82 -6.52
N PHE A 6 -6.51 4.67 -5.85
CA PHE A 6 -7.60 3.70 -5.62
C PHE A 6 -8.29 3.92 -4.27
N PRO A 7 -9.64 3.67 -4.16
CA PRO A 7 -10.36 3.72 -2.87
C PRO A 7 -9.83 2.67 -1.87
N ALA A 8 -10.09 2.88 -0.58
CA ALA A 8 -9.55 2.05 0.50
C ALA A 8 -10.13 0.63 0.46
N VAL A 9 -9.21 -0.35 0.51
CA VAL A 9 -9.51 -1.79 0.58
C VAL A 9 -9.45 -2.12 2.07
N LEU A 10 -10.32 -1.46 2.81
CA LEU A 10 -10.20 -1.31 4.26
C LEU A 10 -11.23 -2.19 4.99
N ASP A 11 -10.88 -2.55 6.24
CA ASP A 11 -11.76 -3.21 7.19
C ASP A 11 -11.75 -2.38 8.50
N GLU A 12 -12.83 -2.48 9.30
CA GLU A 12 -12.91 -1.82 10.62
C GLU A 12 -11.94 -2.46 11.64
N ASN A 13 -11.36 -3.62 11.29
CA ASN A 13 -10.44 -4.36 12.16
C ASN A 13 -8.99 -4.27 11.62
N THR A 14 -8.72 -3.29 10.74
CA THR A 14 -7.42 -3.17 10.05
C THR A 14 -6.33 -2.66 11.01
N GLU A 15 -5.31 -3.51 11.21
CA GLU A 15 -4.16 -3.21 12.05
C GLU A 15 -3.07 -2.51 11.26
N ILE A 16 -2.90 -2.90 9.98
CA ILE A 16 -1.84 -2.37 9.11
C ILE A 16 -2.46 -1.83 7.83
N LEU A 17 -2.39 -0.50 7.66
CA LEU A 17 -2.90 0.20 6.47
C LEU A 17 -1.71 0.57 5.59
N ILE A 18 -1.68 0.04 4.38
CA ILE A 18 -0.56 0.17 3.46
C ILE A 18 -0.91 1.20 2.37
N LEU A 19 -0.25 2.36 2.43
CA LEU A 19 -0.47 3.49 1.52
C LEU A 19 0.60 3.51 0.43
N GLY A 20 0.19 3.50 -0.84
CA GLY A 20 1.07 3.85 -1.95
C GLY A 20 1.23 5.35 -2.07
N SER A 21 1.87 5.82 -3.14
CA SER A 21 2.00 7.25 -3.42
C SER A 21 0.95 7.63 -4.47
N LEU A 22 1.18 7.11 -5.69
CA LEU A 22 0.27 7.21 -6.81
C LEU A 22 0.49 5.94 -7.67
N PRO A 23 -0.55 5.06 -7.82
CA PRO A 23 -0.38 3.69 -8.38
C PRO A 23 0.02 3.69 -9.87
N SER A 24 0.47 2.51 -10.34
CA SER A 24 0.97 2.31 -11.72
C SER A 24 -0.16 2.51 -12.75
N ASP A 25 0.21 3.03 -13.94
CA ASP A 25 -0.74 3.32 -15.05
C ASP A 25 -1.52 2.07 -15.47
N GLU A 26 -0.80 0.93 -15.48
CA GLU A 26 -1.36 -0.38 -15.87
C GLU A 26 -2.46 -0.82 -14.87
N SER A 27 -2.34 -0.34 -13.62
CA SER A 27 -3.31 -0.62 -12.56
C SER A 27 -4.48 0.39 -12.62
N ILE A 28 -4.15 1.67 -12.94
CA ILE A 28 -5.14 2.77 -13.03
C ILE A 28 -6.13 2.55 -14.19
N ARG A 29 -5.66 1.85 -15.25
CA ARG A 29 -6.51 1.37 -16.36
C ARG A 29 -7.69 0.51 -15.83
N LYS A 30 -7.40 -0.27 -14.79
CA LYS A 30 -8.38 -1.16 -14.13
C LYS A 30 -9.02 -0.47 -12.91
N GLN A 31 -8.37 0.63 -12.45
CA GLN A 31 -8.70 1.34 -11.18
C GLN A 31 -8.64 0.39 -9.97
N GLN A 32 -7.83 -0.69 -10.09
CA GLN A 32 -7.78 -1.80 -9.13
C GLN A 32 -6.34 -2.34 -9.01
N TYR A 33 -6.02 -2.90 -7.83
CA TYR A 33 -4.66 -3.39 -7.44
C TYR A 33 -4.21 -4.68 -8.19
N TYR A 34 -5.07 -5.23 -9.08
CA TYR A 34 -4.75 -6.48 -9.82
C TYR A 34 -4.20 -6.13 -11.22
N GLY A 35 -4.34 -4.85 -11.61
CA GLY A 35 -3.96 -4.38 -12.95
C GLY A 35 -2.48 -4.57 -13.25
N ASN A 36 -1.63 -4.46 -12.21
CA ASN A 36 -0.20 -4.78 -12.30
C ASN A 36 0.07 -6.15 -11.65
N PRO A 37 0.21 -7.26 -12.45
CA PRO A 37 0.65 -8.59 -11.95
C PRO A 37 2.15 -8.60 -11.59
N GLY A 38 2.90 -7.63 -12.16
CA GLY A 38 4.33 -7.45 -11.89
C GLY A 38 4.60 -6.79 -10.52
N ASN A 39 3.52 -6.44 -9.80
CA ASN A 39 3.59 -5.99 -8.40
C ASN A 39 3.74 -7.24 -7.51
N ASP A 40 4.92 -7.36 -6.88
CA ASP A 40 5.32 -8.56 -6.12
C ASP A 40 4.84 -8.46 -4.66
N PHE A 41 4.18 -7.31 -4.33
CA PHE A 41 3.49 -7.04 -3.05
C PHE A 41 2.74 -8.26 -2.52
N TRP A 42 2.03 -8.90 -3.43
CA TRP A 42 1.12 -10.00 -3.11
C TRP A 42 1.87 -11.29 -2.70
N ARG A 43 3.10 -11.44 -3.20
CA ARG A 43 3.99 -12.55 -2.79
C ARG A 43 4.56 -12.27 -1.38
N LEU A 44 5.07 -11.03 -1.20
CA LEU A 44 5.77 -10.61 0.04
C LEU A 44 4.81 -10.64 1.25
N VAL A 45 3.60 -10.07 1.04
CA VAL A 45 2.53 -10.08 2.05
C VAL A 45 1.96 -11.51 2.19
N GLY A 46 1.80 -12.21 1.05
CA GLY A 46 1.26 -13.57 1.04
C GLY A 46 2.11 -14.58 1.82
N HIS A 47 3.42 -14.37 1.79
CA HIS A 47 4.40 -15.17 2.55
C HIS A 47 4.31 -14.84 4.04
N ALA A 48 4.24 -13.52 4.31
CA ALA A 48 4.23 -12.97 5.67
C ALA A 48 2.99 -13.39 6.48
N ILE A 49 1.84 -13.43 5.81
CA ILE A 49 0.55 -13.86 6.40
C ILE A 49 0.35 -15.40 6.29
N GLY A 50 1.16 -16.05 5.42
CA GLY A 50 1.07 -17.49 5.19
C GLY A 50 -0.14 -17.91 4.34
N GLU A 51 -0.60 -16.99 3.46
CA GLU A 51 -1.73 -17.21 2.51
C GLU A 51 -1.38 -16.47 1.20
N ASN A 52 -0.83 -17.20 0.21
CA ASN A 52 -0.22 -16.63 -1.02
C ASN A 52 -1.25 -15.83 -1.84
N LEU A 53 -1.12 -14.49 -1.79
CA LEU A 53 -2.03 -13.57 -2.47
C LEU A 53 -1.68 -13.45 -3.95
N GLN A 54 -0.41 -13.75 -4.30
CA GLN A 54 0.14 -13.55 -5.66
C GLN A 54 -0.62 -14.38 -6.70
N ASP A 55 -1.00 -15.62 -6.30
CA ASP A 55 -1.68 -16.58 -7.18
C ASP A 55 -3.23 -16.50 -7.03
N MET A 56 -3.71 -15.51 -6.24
CA MET A 56 -5.16 -15.28 -6.03
C MET A 56 -5.70 -14.22 -6.99
N ALA A 57 -6.97 -14.41 -7.42
CA ALA A 57 -7.73 -13.41 -8.19
C ALA A 57 -8.08 -12.20 -7.30
N TYR A 58 -8.35 -11.02 -7.92
CA TYR A 58 -8.54 -9.73 -7.22
C TYR A 58 -9.47 -9.84 -6.01
N GLU A 59 -10.75 -10.17 -6.26
CA GLU A 59 -11.82 -10.14 -5.22
C GLU A 59 -11.48 -11.09 -4.05
N LYS A 60 -10.79 -12.20 -4.38
CA LYS A 60 -10.38 -13.23 -3.40
C LYS A 60 -9.28 -12.70 -2.46
N LYS A 61 -8.18 -12.20 -3.05
CA LYS A 61 -7.00 -11.72 -2.29
C LYS A 61 -7.36 -10.56 -1.33
N LEU A 62 -8.40 -9.76 -1.71
CA LEU A 62 -8.98 -8.71 -0.86
C LEU A 62 -9.65 -9.31 0.39
N LYS A 63 -10.49 -10.35 0.19
CA LYS A 63 -11.19 -11.05 1.31
C LYS A 63 -10.16 -11.55 2.35
N THR A 64 -9.02 -12.02 1.83
CA THR A 64 -7.90 -12.52 2.62
C THR A 64 -7.22 -11.36 3.38
N LEU A 65 -7.07 -10.18 2.72
CA LEU A 65 -6.53 -8.94 3.37
C LEU A 65 -7.37 -8.57 4.60
N LYS A 66 -8.72 -8.51 4.41
CA LYS A 66 -9.68 -8.15 5.50
C LYS A 66 -9.59 -9.16 6.67
N HIS A 67 -9.39 -10.44 6.31
CA HIS A 67 -9.18 -11.54 7.28
C HIS A 67 -7.88 -11.34 8.07
N ASN A 68 -6.80 -10.92 7.38
CA ASN A 68 -5.48 -10.69 7.99
C ASN A 68 -5.35 -9.25 8.52
N ARG A 69 -6.45 -8.47 8.40
CA ARG A 69 -6.57 -7.11 9.00
C ARG A 69 -5.61 -6.11 8.33
N ILE A 70 -5.41 -6.29 7.03
CA ILE A 70 -4.63 -5.41 6.17
C ILE A 70 -5.60 -4.60 5.28
N GLY A 71 -5.36 -3.28 5.19
CA GLY A 71 -6.08 -2.41 4.27
C GLY A 71 -5.13 -1.79 3.27
N LEU A 72 -5.60 -1.47 2.05
CA LEU A 72 -4.77 -0.89 0.97
C LEU A 72 -5.38 0.42 0.49
N TRP A 73 -4.56 1.46 0.39
CA TRP A 73 -5.00 2.78 -0.06
C TRP A 73 -3.78 3.46 -0.70
N ASP A 74 -3.94 4.72 -1.11
CA ASP A 74 -2.83 5.54 -1.65
C ASP A 74 -2.84 6.90 -0.93
N VAL A 75 -1.68 7.59 -0.94
CA VAL A 75 -1.58 8.96 -0.43
C VAL A 75 -2.32 9.92 -1.37
N PHE A 76 -2.11 9.75 -2.68
CA PHE A 76 -2.74 10.60 -3.70
C PHE A 76 -3.92 9.88 -4.36
N LYS A 77 -5.12 10.37 -4.01
CA LYS A 77 -6.38 10.03 -4.69
C LYS A 77 -6.38 10.56 -6.13
N ALA A 78 -5.57 11.60 -6.37
CA ALA A 78 -5.30 12.13 -7.70
C ALA A 78 -3.91 12.79 -7.71
N GLY A 79 -3.16 12.52 -8.79
CA GLY A 79 -1.86 13.12 -9.04
C GLY A 79 -1.57 13.14 -10.52
N SER A 80 -0.79 14.10 -11.00
CA SER A 80 -0.44 14.23 -12.43
C SER A 80 1.08 14.23 -12.59
N ARG A 81 1.57 14.05 -13.81
CA ARG A 81 3.02 14.05 -14.11
C ARG A 81 3.30 14.83 -15.40
N GLU A 82 4.16 15.84 -15.29
CA GLU A 82 4.65 16.64 -16.41
C GLU A 82 5.90 15.95 -17.01
N GLY A 83 6.28 16.35 -18.24
CA GLY A 83 7.46 15.80 -18.91
C GLY A 83 8.77 16.06 -18.15
N SER A 84 8.87 17.24 -17.50
CA SER A 84 10.05 17.61 -16.70
C SER A 84 10.10 16.83 -15.36
N GLN A 85 8.91 16.53 -14.80
CA GLN A 85 8.79 15.87 -13.48
C GLN A 85 9.19 14.39 -13.58
N ASP A 86 10.05 13.96 -12.65
CA ASP A 86 10.54 12.58 -12.56
C ASP A 86 9.58 11.75 -11.70
N SER A 87 9.03 12.39 -10.65
CA SER A 87 7.99 11.81 -9.80
C SER A 87 6.68 11.68 -10.60
N LYS A 88 5.98 10.57 -10.38
CA LYS A 88 4.62 10.33 -10.92
C LYS A 88 3.64 11.36 -10.34
N ILE A 89 3.99 11.86 -9.15
CA ILE A 89 3.23 12.86 -8.42
C ILE A 89 3.76 14.27 -8.77
N GLY A 90 2.87 15.12 -9.28
CA GLY A 90 3.14 16.53 -9.56
C GLY A 90 1.83 17.28 -9.47
N ASP A 91 1.25 17.21 -8.27
CA ASP A 91 -0.15 17.56 -7.98
C ASP A 91 -0.36 17.38 -6.47
N GLU A 92 -1.39 18.05 -5.91
CA GLU A 92 -1.54 18.20 -4.45
C GLU A 92 -2.86 17.60 -3.91
N GLU A 93 -3.50 16.67 -4.66
CA GLU A 93 -4.78 16.08 -4.24
C GLU A 93 -4.50 14.82 -3.39
N ILE A 94 -4.55 14.99 -2.06
CA ILE A 94 -4.22 13.94 -1.08
C ILE A 94 -5.50 13.49 -0.37
N ASN A 95 -5.51 12.21 0.05
CA ASN A 95 -6.61 11.59 0.79
C ASN A 95 -6.67 12.14 2.23
N ASP A 96 -7.88 12.21 2.79
CA ASP A 96 -8.12 12.76 4.12
C ASP A 96 -7.75 11.72 5.19
N PHE A 97 -6.52 11.85 5.71
CA PHE A 97 -5.99 10.99 6.77
C PHE A 97 -6.51 11.44 8.15
N SER A 98 -7.18 12.61 8.21
CA SER A 98 -7.87 13.08 9.42
C SER A 98 -9.14 12.24 9.69
N GLY A 99 -9.61 11.53 8.66
CA GLY A 99 -10.76 10.65 8.75
C GLY A 99 -10.35 9.20 9.02
N LEU A 100 -9.02 8.92 9.02
CA LEU A 100 -8.47 7.60 9.38
C LEU A 100 -8.99 7.15 10.74
N LYS A 101 -8.86 8.02 11.75
CA LYS A 101 -9.14 7.67 13.16
C LYS A 101 -10.59 7.19 13.37
N GLU A 102 -11.49 7.64 12.48
CA GLU A 102 -12.92 7.26 12.52
C GLU A 102 -13.13 5.80 12.03
N MET A 103 -12.32 5.38 11.03
CA MET A 103 -12.49 4.07 10.34
C MET A 103 -11.44 3.00 10.69
N VAL A 104 -10.31 3.38 11.33
CA VAL A 104 -9.25 2.41 11.72
C VAL A 104 -8.93 2.49 13.25
N PRO A 105 -9.69 1.74 14.11
CA PRO A 105 -9.40 1.66 15.56
C PRO A 105 -8.20 0.74 15.87
N LYS A 106 -8.03 -0.32 15.05
CA LYS A 106 -6.98 -1.35 15.26
C LYS A 106 -5.64 -0.94 14.67
N LEU A 107 -5.61 0.18 13.90
CA LEU A 107 -4.40 0.64 13.19
C LEU A 107 -3.25 0.90 14.18
N ARG A 108 -2.29 -0.03 14.20
CA ARG A 108 -1.03 0.15 14.94
C ARG A 108 0.03 0.72 13.99
N LEU A 109 0.15 0.15 12.77
CA LEU A 109 1.28 0.42 11.86
C LEU A 109 0.78 0.80 10.46
N ILE A 110 1.36 1.87 9.90
CA ILE A 110 1.09 2.32 8.53
C ILE A 110 2.35 2.01 7.69
N CYS A 111 2.16 1.30 6.57
CA CYS A 111 3.25 0.88 5.69
C CYS A 111 3.20 1.66 4.36
N PHE A 112 4.24 2.47 4.09
CA PHE A 112 4.32 3.31 2.90
C PHE A 112 5.12 2.61 1.80
N ASN A 113 4.49 2.42 0.63
CA ASN A 113 5.09 1.79 -0.55
C ASN A 113 6.05 2.77 -1.26
N GLY A 114 7.31 2.75 -0.84
CA GLY A 114 8.38 3.54 -1.44
C GLY A 114 8.54 4.93 -0.83
N ARG A 115 9.61 5.62 -1.25
CA ARG A 115 9.98 6.97 -0.79
C ARG A 115 8.85 8.01 -0.96
N LYS A 116 8.28 8.09 -2.18
CA LYS A 116 7.21 9.08 -2.50
C LYS A 116 5.92 8.88 -1.68
N ALA A 117 5.76 7.71 -1.06
CA ALA A 117 4.70 7.48 -0.05
C ALA A 117 5.26 7.82 1.35
N GLY A 118 6.54 7.47 1.55
CA GLY A 118 7.21 7.59 2.84
C GLY A 118 7.55 9.02 3.26
N GLU A 119 7.39 9.98 2.35
CA GLU A 119 7.52 11.42 2.66
C GLU A 119 6.48 11.85 3.71
N TYR A 120 5.37 11.11 3.75
CA TYR A 120 4.19 11.40 4.59
C TYR A 120 4.19 10.53 5.88
N GLU A 121 5.32 9.84 6.14
CA GLU A 121 5.55 9.11 7.40
C GLU A 121 5.42 10.02 8.66
N PRO A 122 6.14 11.20 8.77
CA PRO A 122 6.02 12.08 9.97
C PRO A 122 4.62 12.76 10.04
N LEU A 123 3.96 12.90 8.87
CA LEU A 123 2.62 13.50 8.76
C LEU A 123 1.59 12.66 9.54
N LEU A 124 1.72 11.32 9.42
CA LEU A 124 0.78 10.37 10.05
C LEU A 124 1.31 9.84 11.38
N ARG A 125 2.61 10.05 11.64
CA ARG A 125 3.25 9.72 12.93
C ARG A 125 2.74 10.69 14.02
N GLY A 126 2.45 11.93 13.59
CA GLY A 126 1.86 12.96 14.45
C GLY A 126 0.39 12.71 14.79
N MET A 127 -0.20 11.66 14.17
CA MET A 127 -1.57 11.20 14.49
C MET A 127 -1.55 10.06 15.54
N GLY A 128 -0.37 9.86 16.19
CA GLY A 128 -0.20 8.85 17.24
C GLY A 128 -0.09 7.42 16.73
N TYR A 129 0.05 7.25 15.41
CA TYR A 129 0.19 5.93 14.77
C TYR A 129 1.66 5.63 14.47
N GLU A 130 2.05 4.35 14.58
CA GLU A 130 3.36 3.89 14.12
C GLU A 130 3.39 3.94 12.60
N THR A 131 4.49 4.45 12.06
CA THR A 131 4.68 4.62 10.62
C THR A 131 6.02 3.99 10.21
N LYS A 132 6.02 3.31 9.07
CA LYS A 132 7.19 2.62 8.52
C LYS A 132 7.12 2.71 7.00
N VAL A 133 8.23 3.11 6.39
CA VAL A 133 8.37 3.15 4.94
C VAL A 133 8.93 1.80 4.48
N LEU A 134 8.05 0.98 3.91
CA LEU A 134 8.44 -0.27 3.28
C LEU A 134 8.93 0.01 1.83
N PRO A 135 9.91 -0.77 1.32
CA PRO A 135 10.39 -0.63 -0.09
C PRO A 135 9.27 -0.93 -1.12
N SER A 136 9.37 -0.31 -2.31
CA SER A 136 8.46 -0.58 -3.43
C SER A 136 8.57 -2.06 -3.82
N SER A 137 7.43 -2.78 -3.81
CA SER A 137 7.38 -4.21 -4.13
C SER A 137 7.23 -4.45 -5.64
N SER A 138 7.43 -3.38 -6.44
CA SER A 138 7.44 -3.48 -7.90
C SER A 138 8.56 -4.42 -8.36
N GLY A 139 8.35 -5.11 -9.49
CA GLY A 139 9.36 -5.99 -10.08
C GLY A 139 10.67 -5.26 -10.40
N ALA A 140 10.54 -3.96 -10.68
CA ALA A 140 11.68 -3.06 -10.94
C ALA A 140 12.57 -2.85 -9.69
N ASN A 141 11.94 -2.81 -8.49
CA ASN A 141 12.67 -2.63 -7.21
C ASN A 141 12.88 -4.00 -6.48
N ARG A 142 12.52 -5.12 -7.14
CA ARG A 142 12.66 -6.48 -6.56
C ARG A 142 14.16 -6.92 -6.53
N ARG A 143 15.00 -6.14 -7.23
CA ARG A 143 16.48 -6.27 -7.17
C ARG A 143 17.04 -6.25 -5.71
N PHE A 144 16.30 -5.62 -4.76
CA PHE A 144 16.72 -5.47 -3.35
C PHE A 144 16.09 -6.57 -2.45
N SER A 145 15.32 -7.51 -3.03
CA SER A 145 14.37 -8.37 -2.26
C SER A 145 15.03 -9.45 -1.39
N LYS A 146 16.36 -9.38 -1.13
CA LYS A 146 17.00 -10.29 -0.17
C LYS A 146 16.58 -9.90 1.26
N ASN A 147 17.15 -8.79 1.77
CA ASN A 147 16.84 -8.22 3.09
C ASN A 147 15.41 -7.62 3.15
N ARG A 148 14.90 -7.20 1.98
CA ARG A 148 13.58 -6.55 1.85
C ARG A 148 12.45 -7.56 2.14
N GLU A 149 12.52 -8.74 1.50
CA GLU A 149 11.47 -9.79 1.62
C GLU A 149 11.34 -10.26 3.08
N SER A 150 12.50 -10.31 3.77
CA SER A 150 12.59 -10.71 5.19
C SER A 150 11.85 -9.72 6.12
N GLU A 151 11.98 -8.40 5.85
CA GLU A 151 11.40 -7.34 6.73
C GLU A 151 9.87 -7.34 6.65
N TRP A 152 9.33 -7.78 5.48
CA TRP A 152 7.87 -7.87 5.25
C TRP A 152 7.28 -9.02 6.07
N GLU A 153 8.05 -10.13 6.20
CA GLU A 153 7.60 -11.29 7.00
C GLU A 153 7.52 -10.90 8.48
N ALA A 154 8.48 -10.06 8.91
CA ALA A 154 8.61 -9.59 10.31
C ALA A 154 7.43 -8.68 10.74
N VAL A 155 6.69 -8.14 9.75
CA VAL A 155 5.55 -7.25 10.00
C VAL A 155 4.23 -8.04 10.15
N PHE A 156 3.85 -8.75 9.06
CA PHE A 156 2.48 -9.30 8.89
C PHE A 156 2.30 -10.69 9.55
N ARG A 157 3.35 -11.20 10.21
CA ARG A 157 3.29 -12.51 10.90
C ARG A 157 2.50 -12.44 12.23
N HIS A 158 2.36 -11.22 12.80
CA HIS A 158 1.68 -11.00 14.10
C HIS A 158 0.14 -11.05 13.95
N LEU A 159 -0.34 -11.05 12.69
CA LEU A 159 -1.77 -10.90 12.37
C LEU A 159 -2.61 -12.13 12.78
N GLU A 160 -1.94 -13.26 13.07
CA GLU A 160 -2.58 -14.44 13.70
C GLU A 160 -2.82 -14.20 15.21
N HIS A 161 -1.88 -13.45 15.83
CA HIS A 161 -1.81 -13.20 17.29
C HIS A 161 -1.53 -14.51 18.04
N MET A 1 -2.22 14.85 -17.06
CA MET A 1 -3.49 14.10 -16.92
C MET A 1 -3.45 13.32 -15.60
N ILE A 2 -4.58 13.35 -14.89
CA ILE A 2 -4.68 12.91 -13.49
C ILE A 2 -4.75 11.37 -13.37
N LYS A 3 -3.87 10.82 -12.52
CA LYS A 3 -3.91 9.45 -12.04
C LYS A 3 -4.66 9.46 -10.69
N ARG A 4 -5.86 8.88 -10.66
CA ARG A 4 -6.61 8.71 -9.41
C ARG A 4 -6.18 7.41 -8.74
N GLY A 5 -6.12 7.39 -7.40
CA GLY A 5 -5.71 6.19 -6.66
C GLY A 5 -6.71 5.03 -6.76
N PHE A 6 -7.06 4.44 -5.61
CA PHE A 6 -7.99 3.30 -5.55
C PHE A 6 -8.98 3.49 -4.40
N PRO A 7 -10.27 3.04 -4.56
CA PRO A 7 -11.20 2.90 -3.42
C PRO A 7 -10.62 1.90 -2.41
N ALA A 8 -10.69 2.25 -1.11
CA ALA A 8 -10.01 1.51 -0.03
C ALA A 8 -10.51 0.07 0.04
N VAL A 9 -9.56 -0.86 0.17
CA VAL A 9 -9.83 -2.28 0.41
C VAL A 9 -9.72 -2.45 1.93
N LEU A 10 -10.83 -2.25 2.64
CA LEU A 10 -10.76 -1.98 4.08
C LEU A 10 -11.88 -2.69 4.85
N ASP A 11 -11.57 -3.02 6.10
CA ASP A 11 -12.53 -3.55 7.09
C ASP A 11 -12.44 -2.68 8.37
N GLU A 12 -13.48 -2.71 9.22
CA GLU A 12 -13.49 -2.02 10.52
C GLU A 12 -12.46 -2.65 11.51
N ASN A 13 -12.01 -3.88 11.22
CA ASN A 13 -11.10 -4.66 12.09
C ASN A 13 -9.66 -4.61 11.56
N THR A 14 -9.37 -3.63 10.66
CA THR A 14 -8.06 -3.50 10.01
C THR A 14 -7.05 -2.84 10.96
N GLU A 15 -5.95 -3.57 11.19
CA GLU A 15 -4.94 -3.24 12.18
C GLU A 15 -3.76 -2.51 11.52
N ILE A 16 -3.48 -2.85 10.24
CA ILE A 16 -2.40 -2.23 9.46
C ILE A 16 -2.96 -1.80 8.10
N LEU A 17 -2.80 -0.51 7.79
CA LEU A 17 -3.28 0.08 6.54
C LEU A 17 -2.05 0.44 5.68
N ILE A 18 -1.99 -0.14 4.47
CA ILE A 18 -0.86 0.06 3.55
C ILE A 18 -1.23 1.17 2.56
N LEU A 19 -0.54 2.29 2.64
CA LEU A 19 -0.71 3.44 1.75
C LEU A 19 0.38 3.41 0.67
N GLY A 20 0.00 3.15 -0.58
CA GLY A 20 0.89 3.36 -1.73
C GLY A 20 1.18 4.84 -1.95
N SER A 21 2.02 5.17 -2.93
CA SER A 21 2.37 6.57 -3.20
C SER A 21 1.37 7.14 -4.24
N LEU A 22 1.72 7.00 -5.52
CA LEU A 22 0.86 7.36 -6.64
C LEU A 22 0.91 6.16 -7.58
N PRO A 23 -0.23 5.42 -7.74
CA PRO A 23 -0.25 4.20 -8.57
C PRO A 23 -0.03 4.50 -10.05
N SER A 24 0.59 3.55 -10.75
CA SER A 24 0.74 3.61 -12.21
C SER A 24 -0.64 3.39 -12.86
N ASP A 25 -0.96 4.21 -13.89
CA ASP A 25 -2.30 4.25 -14.48
C ASP A 25 -2.71 2.89 -15.11
N GLU A 26 -1.70 2.05 -15.40
CA GLU A 26 -1.89 0.67 -15.92
C GLU A 26 -2.86 -0.16 -15.03
N SER A 27 -2.78 0.06 -13.71
CA SER A 27 -3.66 -0.61 -12.73
C SER A 27 -4.94 0.21 -12.49
N ILE A 28 -4.79 1.54 -12.55
CA ILE A 28 -5.87 2.52 -12.32
C ILE A 28 -7.00 2.42 -13.37
N ARG A 29 -6.66 2.16 -14.64
CA ARG A 29 -7.66 2.05 -15.73
C ARG A 29 -8.61 0.87 -15.44
N LYS A 30 -8.07 -0.13 -14.72
CA LYS A 30 -8.79 -1.32 -14.29
C LYS A 30 -9.47 -1.11 -12.91
N GLN A 31 -8.92 -0.14 -12.14
CA GLN A 31 -9.31 0.16 -10.73
C GLN A 31 -9.17 -1.07 -9.82
N GLN A 32 -8.23 -1.95 -10.20
CA GLN A 32 -8.00 -3.23 -9.52
C GLN A 32 -6.52 -3.42 -9.22
N TYR A 33 -6.26 -3.92 -8.01
CA TYR A 33 -4.95 -4.44 -7.57
C TYR A 33 -4.68 -5.85 -8.17
N TYR A 34 -5.69 -6.38 -8.91
CA TYR A 34 -5.65 -7.72 -9.54
C TYR A 34 -5.25 -7.61 -11.01
N GLY A 35 -5.38 -6.41 -11.58
CA GLY A 35 -5.06 -6.19 -12.99
C GLY A 35 -3.56 -6.27 -13.25
N ASN A 36 -2.92 -5.13 -13.53
CA ASN A 36 -1.44 -5.04 -13.66
C ASN A 36 -0.94 -3.97 -12.68
N PRO A 37 -0.52 -4.36 -11.42
CA PRO A 37 0.08 -3.43 -10.44
C PRO A 37 1.54 -3.09 -10.81
N GLY A 38 2.33 -4.14 -11.02
CA GLY A 38 3.75 -4.02 -11.38
C GLY A 38 4.59 -4.16 -10.12
N ASN A 39 4.10 -5.01 -9.20
CA ASN A 39 4.59 -5.12 -7.82
C ASN A 39 4.84 -6.59 -7.43
N ASP A 40 6.00 -6.80 -6.77
CA ASP A 40 6.37 -8.06 -6.09
C ASP A 40 5.65 -8.14 -4.70
N PHE A 41 4.85 -7.08 -4.39
CA PHE A 41 3.99 -6.92 -3.18
C PHE A 41 3.28 -8.21 -2.76
N TRP A 42 2.63 -8.87 -3.73
CA TRP A 42 1.78 -10.04 -3.47
C TRP A 42 2.61 -11.27 -3.06
N ARG A 43 3.90 -11.25 -3.40
CA ARG A 43 4.89 -12.27 -3.00
C ARG A 43 5.48 -11.92 -1.62
N LEU A 44 5.76 -10.63 -1.38
CA LEU A 44 6.39 -10.15 -0.12
C LEU A 44 5.41 -10.28 1.07
N VAL A 45 4.19 -9.73 0.89
CA VAL A 45 3.10 -9.78 1.89
C VAL A 45 2.51 -11.20 1.94
N GLY A 46 2.47 -11.86 0.77
CA GLY A 46 1.94 -13.22 0.65
C GLY A 46 2.78 -14.25 1.39
N HIS A 47 4.10 -14.06 1.34
CA HIS A 47 5.08 -14.85 2.11
C HIS A 47 4.95 -14.53 3.61
N ALA A 48 4.77 -13.24 3.91
CA ALA A 48 4.71 -12.72 5.29
C ALA A 48 3.55 -13.32 6.11
N ILE A 49 2.36 -13.45 5.48
CA ILE A 49 1.15 -14.02 6.13
C ILE A 49 0.98 -15.53 5.82
N GLY A 50 1.79 -16.05 4.88
CA GLY A 50 1.72 -17.47 4.48
C GLY A 50 0.48 -17.81 3.65
N GLU A 51 0.07 -16.87 2.79
CA GLU A 51 -1.12 -16.97 1.92
C GLU A 51 -0.79 -16.32 0.56
N ASN A 52 -0.82 -17.11 -0.52
CA ASN A 52 -0.48 -16.62 -1.88
C ASN A 52 -1.53 -15.62 -2.40
N LEU A 53 -1.32 -14.33 -2.09
CA LEU A 53 -2.23 -13.24 -2.48
C LEU A 53 -2.28 -13.09 -4.00
N GLN A 54 -1.12 -13.34 -4.64
CA GLN A 54 -0.95 -13.21 -6.10
C GLN A 54 -1.96 -14.05 -6.90
N ASP A 55 -2.08 -15.35 -6.55
CA ASP A 55 -2.81 -16.35 -7.35
C ASP A 55 -4.31 -16.35 -7.02
N MET A 56 -4.70 -15.56 -6.00
CA MET A 56 -6.11 -15.42 -5.60
C MET A 56 -6.80 -14.43 -6.54
N ALA A 57 -8.07 -14.74 -6.88
CA ALA A 57 -8.95 -13.81 -7.64
C ALA A 57 -9.10 -12.48 -6.89
N TYR A 58 -9.40 -11.36 -7.61
CA TYR A 58 -9.62 -10.01 -7.02
C TYR A 58 -10.40 -10.08 -5.70
N GLU A 59 -11.53 -10.80 -5.73
CA GLU A 59 -12.39 -11.04 -4.55
C GLU A 59 -11.57 -11.68 -3.38
N LYS A 60 -10.92 -12.82 -3.68
CA LYS A 60 -10.30 -13.69 -2.65
C LYS A 60 -9.05 -13.07 -2.00
N LYS A 61 -8.19 -12.38 -2.80
CA LYS A 61 -6.97 -11.71 -2.24
C LYS A 61 -7.36 -10.64 -1.22
N LEU A 62 -8.43 -9.87 -1.53
CA LEU A 62 -8.97 -8.85 -0.62
C LEU A 62 -9.51 -9.52 0.67
N LYS A 63 -10.26 -10.65 0.52
CA LYS A 63 -10.84 -11.42 1.67
C LYS A 63 -9.73 -11.87 2.65
N THR A 64 -8.61 -12.32 2.07
CA THR A 64 -7.45 -12.79 2.82
C THR A 64 -6.76 -11.64 3.58
N LEU A 65 -6.66 -10.45 2.93
CA LEU A 65 -6.15 -9.23 3.56
C LEU A 65 -6.97 -8.90 4.82
N LYS A 66 -8.31 -8.88 4.67
CA LYS A 66 -9.27 -8.59 5.78
C LYS A 66 -9.06 -9.59 6.96
N HIS A 67 -8.85 -10.88 6.62
CA HIS A 67 -8.55 -11.95 7.61
C HIS A 67 -7.27 -11.63 8.41
N ASN A 68 -6.26 -11.09 7.71
CA ASN A 68 -4.95 -10.76 8.32
C ASN A 68 -4.88 -9.26 8.67
N ARG A 69 -6.07 -8.59 8.75
CA ARG A 69 -6.22 -7.21 9.28
C ARG A 69 -5.44 -6.18 8.43
N ILE A 70 -5.28 -6.46 7.14
CA ILE A 70 -4.53 -5.62 6.19
C ILE A 70 -5.55 -4.84 5.33
N GLY A 71 -5.29 -3.53 5.16
CA GLY A 71 -6.06 -2.70 4.24
C GLY A 71 -5.17 -2.11 3.16
N LEU A 72 -5.76 -1.72 2.02
CA LEU A 72 -5.04 -1.10 0.89
C LEU A 72 -5.67 0.26 0.57
N TRP A 73 -4.83 1.27 0.45
CA TRP A 73 -5.23 2.64 0.10
C TRP A 73 -3.97 3.39 -0.40
N ASP A 74 -4.02 4.73 -0.55
CA ASP A 74 -2.89 5.52 -1.11
C ASP A 74 -2.69 6.84 -0.35
N VAL A 75 -1.50 7.45 -0.55
CA VAL A 75 -1.12 8.75 0.03
C VAL A 75 -1.55 9.89 -0.91
N PHE A 76 -1.28 9.72 -2.21
CA PHE A 76 -1.62 10.72 -3.23
C PHE A 76 -2.90 10.27 -3.94
N LYS A 77 -3.97 11.01 -3.66
CA LYS A 77 -5.31 10.74 -4.22
C LYS A 77 -5.31 10.92 -5.74
N ALA A 78 -4.58 11.96 -6.18
CA ALA A 78 -4.50 12.35 -7.57
C ALA A 78 -3.13 12.99 -7.86
N GLY A 79 -2.51 12.56 -8.96
CA GLY A 79 -1.18 13.04 -9.35
C GLY A 79 -0.98 12.89 -10.85
N SER A 80 -0.27 13.83 -11.47
CA SER A 80 -0.07 13.85 -12.94
C SER A 80 1.42 13.68 -13.26
N ARG A 81 1.75 13.44 -14.54
CA ARG A 81 3.15 13.32 -14.99
C ARG A 81 3.37 14.20 -16.23
N GLU A 82 4.53 14.88 -16.31
CA GLU A 82 4.94 15.68 -17.48
C GLU A 82 5.07 14.82 -18.77
N GLY A 83 5.38 13.52 -18.63
CA GLY A 83 5.39 12.60 -19.78
C GLY A 83 6.50 11.56 -19.72
N SER A 84 7.27 11.54 -18.63
CA SER A 84 8.31 10.52 -18.41
C SER A 84 7.67 9.24 -17.80
N GLN A 85 8.48 8.39 -17.11
CA GLN A 85 8.00 7.13 -16.48
C GLN A 85 6.85 7.41 -15.49
N ASP A 86 5.94 6.42 -15.32
CA ASP A 86 4.65 6.62 -14.63
C ASP A 86 4.79 6.38 -13.10
N SER A 87 5.64 7.20 -12.48
CA SER A 87 5.79 7.29 -11.00
C SER A 87 6.05 8.77 -10.61
N LYS A 88 5.89 9.68 -11.60
CA LYS A 88 6.08 11.12 -11.44
C LYS A 88 4.84 11.73 -10.75
N ILE A 89 5.08 12.43 -9.63
CA ILE A 89 4.04 13.10 -8.85
C ILE A 89 4.13 14.62 -9.12
N GLY A 90 3.40 15.05 -10.15
CA GLY A 90 3.38 16.44 -10.61
C GLY A 90 2.03 17.07 -10.39
N ASP A 91 1.61 17.07 -9.11
CA ASP A 91 0.29 17.50 -8.65
C ASP A 91 0.25 17.38 -7.12
N GLU A 92 -0.49 18.29 -6.46
CA GLU A 92 -0.42 18.45 -4.99
C GLU A 92 -1.65 17.86 -4.27
N GLU A 93 -2.43 17.00 -4.94
CA GLU A 93 -3.66 16.42 -4.35
C GLU A 93 -3.28 15.21 -3.46
N ILE A 94 -3.26 15.47 -2.16
CA ILE A 94 -3.00 14.48 -1.13
C ILE A 94 -4.33 13.98 -0.56
N ASN A 95 -4.39 12.69 -0.20
CA ASN A 95 -5.62 12.05 0.28
C ASN A 95 -5.93 12.48 1.73
N ASP A 96 -7.22 12.39 2.11
CA ASP A 96 -7.72 12.86 3.42
C ASP A 96 -7.37 11.84 4.52
N PHE A 97 -6.46 12.21 5.44
CA PHE A 97 -5.96 11.32 6.50
C PHE A 97 -6.52 11.67 7.89
N SER A 98 -7.21 12.81 8.01
CA SER A 98 -7.77 13.28 9.30
C SER A 98 -8.93 12.36 9.78
N GLY A 99 -9.43 11.51 8.87
CA GLY A 99 -10.52 10.56 9.16
C GLY A 99 -10.02 9.14 9.44
N LEU A 100 -8.67 8.90 9.35
CA LEU A 100 -8.05 7.58 9.60
C LEU A 100 -8.51 6.94 10.92
N LYS A 101 -8.70 7.76 11.96
CA LYS A 101 -9.13 7.28 13.29
C LYS A 101 -10.52 6.61 13.24
N GLU A 102 -11.38 7.10 12.32
CA GLU A 102 -12.75 6.58 12.11
C GLU A 102 -12.75 5.31 11.23
N MET A 103 -12.08 5.38 10.06
CA MET A 103 -12.10 4.27 9.04
C MET A 103 -11.28 3.05 9.49
N VAL A 104 -10.20 3.30 10.23
CA VAL A 104 -9.33 2.25 10.81
C VAL A 104 -9.13 2.50 12.32
N PRO A 105 -10.07 1.99 13.19
CA PRO A 105 -9.97 2.13 14.67
C PRO A 105 -8.86 1.23 15.27
N LYS A 106 -8.58 0.08 14.61
CA LYS A 106 -7.57 -0.90 15.06
C LYS A 106 -6.17 -0.55 14.53
N LEU A 107 -6.07 0.55 13.76
CA LEU A 107 -4.80 0.99 13.15
C LEU A 107 -3.72 1.22 14.20
N ARG A 108 -2.72 0.35 14.21
CA ARG A 108 -1.50 0.53 15.01
C ARG A 108 -0.36 1.03 14.12
N LEU A 109 -0.23 0.44 12.92
CA LEU A 109 0.95 0.62 12.04
C LEU A 109 0.49 0.95 10.60
N ILE A 110 1.05 2.03 10.04
CA ILE A 110 0.76 2.50 8.67
C ILE A 110 1.97 2.16 7.78
N CYS A 111 1.80 1.26 6.81
CA CYS A 111 2.88 0.82 5.92
C CYS A 111 2.84 1.61 4.60
N PHE A 112 3.88 2.42 4.37
CA PHE A 112 4.03 3.23 3.15
C PHE A 112 4.75 2.43 2.07
N ASN A 113 4.02 2.05 1.02
CA ASN A 113 4.56 1.31 -0.13
C ASN A 113 5.23 2.34 -1.08
N GLY A 114 6.53 2.58 -0.86
CA GLY A 114 7.33 3.52 -1.66
C GLY A 114 7.86 4.67 -0.81
N ARG A 115 9.09 5.11 -1.14
CA ARG A 115 9.76 6.28 -0.50
C ARG A 115 8.90 7.56 -0.60
N LYS A 116 8.41 7.84 -1.82
CA LYS A 116 7.49 8.97 -2.12
C LYS A 116 6.28 9.05 -1.14
N ALA A 117 5.75 7.88 -0.77
CA ALA A 117 4.67 7.74 0.23
C ALA A 117 5.21 8.03 1.64
N GLY A 118 6.41 7.48 1.91
CA GLY A 118 7.08 7.58 3.21
C GLY A 118 7.64 8.97 3.52
N GLU A 119 7.63 9.87 2.53
CA GLU A 119 7.95 11.29 2.74
C GLU A 119 6.92 11.95 3.69
N TYR A 120 5.68 11.42 3.66
CA TYR A 120 4.55 11.89 4.47
C TYR A 120 4.30 10.97 5.68
N GLU A 121 5.36 10.23 6.06
CA GLU A 121 5.38 9.45 7.31
C GLU A 121 5.23 10.35 8.57
N PRO A 122 6.08 11.44 8.80
CA PRO A 122 6.04 12.23 10.07
C PRO A 122 4.69 12.97 10.24
N LEU A 123 3.97 13.12 9.12
CA LEU A 123 2.62 13.69 9.08
C LEU A 123 1.65 12.78 9.86
N LEU A 124 1.71 11.48 9.57
CA LEU A 124 0.77 10.47 10.12
C LEU A 124 1.25 9.92 11.48
N ARG A 125 2.54 10.13 11.79
CA ARG A 125 3.08 9.88 13.15
C ARG A 125 2.45 10.87 14.14
N GLY A 126 2.15 12.09 13.63
CA GLY A 126 1.49 13.13 14.41
C GLY A 126 0.04 12.80 14.78
N MET A 127 -0.51 11.74 14.17
CA MET A 127 -1.87 11.23 14.47
C MET A 127 -1.82 10.05 15.48
N GLY A 128 -0.67 9.91 16.17
CA GLY A 128 -0.48 8.90 17.22
C GLY A 128 -0.37 7.47 16.70
N TYR A 129 0.02 7.32 15.43
CA TYR A 129 0.14 6.00 14.78
C TYR A 129 1.60 5.67 14.49
N GLU A 130 1.98 4.39 14.74
CA GLU A 130 3.27 3.82 14.28
C GLU A 130 3.29 3.83 12.76
N THR A 131 4.46 4.11 12.16
CA THR A 131 4.61 4.14 10.71
C THR A 131 5.86 3.35 10.26
N LYS A 132 5.73 2.65 9.14
CA LYS A 132 6.81 1.87 8.52
C LYS A 132 6.89 2.24 7.04
N VAL A 133 8.01 2.86 6.63
CA VAL A 133 8.27 3.15 5.21
C VAL A 133 8.82 1.86 4.57
N LEU A 134 7.90 1.10 3.98
CA LEU A 134 8.26 -0.03 3.14
C LEU A 134 8.91 0.49 1.83
N PRO A 135 9.97 -0.19 1.32
CA PRO A 135 10.56 0.14 -0.02
C PRO A 135 9.50 0.02 -1.14
N SER A 136 9.76 0.70 -2.27
CA SER A 136 8.95 0.58 -3.48
C SER A 136 8.92 -0.89 -3.90
N SER A 137 7.73 -1.51 -3.83
CA SER A 137 7.57 -2.96 -4.11
C SER A 137 7.50 -3.23 -5.63
N SER A 138 7.97 -2.28 -6.45
CA SER A 138 8.07 -2.42 -7.90
C SER A 138 8.96 -3.63 -8.27
N GLY A 139 8.66 -4.25 -9.41
CA GLY A 139 9.38 -5.44 -9.89
C GLY A 139 10.87 -5.19 -10.15
N ALA A 140 11.22 -3.93 -10.43
CA ALA A 140 12.62 -3.49 -10.60
C ALA A 140 13.42 -3.67 -9.29
N ASN A 141 12.72 -3.57 -8.14
CA ASN A 141 13.33 -3.71 -6.81
C ASN A 141 13.37 -5.19 -6.34
N ARG A 142 12.98 -6.15 -7.21
CA ARG A 142 13.10 -7.60 -6.93
C ARG A 142 14.58 -8.04 -6.75
N ARG A 143 15.50 -7.28 -7.37
CA ARG A 143 16.96 -7.43 -7.13
C ARG A 143 17.31 -7.28 -5.61
N PHE A 144 16.44 -6.60 -4.85
CA PHE A 144 16.60 -6.39 -3.39
C PHE A 144 15.57 -7.23 -2.57
N SER A 145 14.80 -8.10 -3.25
CA SER A 145 13.57 -8.71 -2.68
C SER A 145 13.83 -9.63 -1.47
N LYS A 146 14.95 -10.37 -1.45
CA LYS A 146 15.21 -11.44 -0.43
C LYS A 146 15.29 -10.85 1.00
N ASN A 147 16.27 -9.96 1.24
CA ASN A 147 16.46 -9.27 2.54
C ASN A 147 15.20 -8.47 2.92
N ARG A 148 14.58 -7.82 1.92
CA ARG A 148 13.43 -6.94 2.13
C ARG A 148 12.16 -7.73 2.41
N GLU A 149 12.09 -8.96 1.91
CA GLU A 149 10.94 -9.86 2.14
C GLU A 149 10.81 -10.17 3.63
N SER A 150 11.98 -10.29 4.29
CA SER A 150 12.09 -10.53 5.73
C SER A 150 11.69 -9.28 6.57
N GLU A 151 11.90 -8.06 6.02
CA GLU A 151 11.48 -6.81 6.72
C GLU A 151 9.96 -6.63 6.59
N TRP A 152 9.41 -7.05 5.43
CA TRP A 152 7.96 -7.08 5.17
C TRP A 152 7.31 -8.18 6.03
N GLU A 153 8.07 -9.27 6.22
CA GLU A 153 7.64 -10.44 7.01
C GLU A 153 7.52 -10.02 8.50
N ALA A 154 8.44 -9.16 8.94
CA ALA A 154 8.50 -8.63 10.32
C ALA A 154 7.30 -7.70 10.64
N VAL A 155 6.57 -7.27 9.58
CA VAL A 155 5.37 -6.45 9.71
C VAL A 155 4.11 -7.34 9.85
N PHE A 156 3.92 -8.29 8.91
CA PHE A 156 2.61 -8.98 8.72
C PHE A 156 2.51 -10.34 9.45
N ARG A 157 3.58 -10.80 10.15
CA ARG A 157 3.55 -12.09 10.90
C ARG A 157 2.61 -12.03 12.13
N HIS A 158 2.60 -10.88 12.83
CA HIS A 158 1.80 -10.70 14.07
C HIS A 158 0.29 -10.54 13.77
N LEU A 159 -0.02 -10.38 12.47
CA LEU A 159 -1.39 -10.23 11.98
C LEU A 159 -2.06 -11.60 11.81
N GLU A 160 -1.25 -12.60 11.40
CA GLU A 160 -1.67 -14.00 11.34
C GLU A 160 -1.63 -14.61 12.76
N HIS A 161 -0.48 -14.40 13.45
CA HIS A 161 -0.29 -14.71 14.89
C HIS A 161 -0.43 -16.22 15.20
N MET A 1 -2.88 14.63 -17.81
CA MET A 1 -3.64 13.44 -17.36
C MET A 1 -3.45 13.27 -15.85
N ILE A 2 -4.53 13.52 -15.10
CA ILE A 2 -4.57 13.34 -13.63
C ILE A 2 -4.75 11.84 -13.33
N LYS A 3 -3.82 11.26 -12.56
CA LYS A 3 -3.87 9.86 -12.15
C LYS A 3 -4.53 9.78 -10.77
N ARG A 4 -5.66 9.09 -10.69
CA ARG A 4 -6.46 8.97 -9.47
C ARG A 4 -6.08 7.71 -8.70
N GLY A 5 -6.08 7.83 -7.36
CA GLY A 5 -5.99 6.68 -6.47
C GLY A 5 -7.26 5.85 -6.49
N PHE A 6 -7.22 4.68 -5.85
CA PHE A 6 -8.37 3.74 -5.84
C PHE A 6 -9.11 3.82 -4.50
N PRO A 7 -10.49 3.65 -4.51
CA PRO A 7 -11.27 3.50 -3.27
C PRO A 7 -10.75 2.30 -2.45
N ALA A 8 -10.54 2.54 -1.15
CA ALA A 8 -9.80 1.64 -0.26
C ALA A 8 -10.46 0.25 -0.13
N VAL A 9 -9.61 -0.77 0.04
CA VAL A 9 -10.02 -2.15 0.33
C VAL A 9 -10.04 -2.30 1.87
N LEU A 10 -10.68 -1.32 2.51
CA LEU A 10 -10.59 -1.14 3.94
C LEU A 10 -11.68 -1.93 4.65
N ASP A 11 -11.35 -2.40 5.86
CA ASP A 11 -12.28 -3.06 6.77
C ASP A 11 -12.27 -2.27 8.08
N GLU A 12 -13.37 -2.29 8.83
CA GLU A 12 -13.48 -1.54 10.11
C GLU A 12 -12.56 -2.13 11.20
N ASN A 13 -12.07 -3.35 10.97
CA ASN A 13 -11.21 -4.07 11.92
C ASN A 13 -9.76 -4.08 11.41
N THR A 14 -9.43 -3.14 10.51
CA THR A 14 -8.10 -3.07 9.88
C THR A 14 -7.04 -2.63 10.90
N GLU A 15 -6.19 -3.60 11.24
CA GLU A 15 -5.14 -3.44 12.23
C GLU A 15 -3.91 -2.74 11.61
N ILE A 16 -3.59 -3.08 10.34
CA ILE A 16 -2.49 -2.47 9.57
C ILE A 16 -3.06 -1.91 8.25
N LEU A 17 -2.91 -0.59 8.05
CA LEU A 17 -3.36 0.10 6.83
C LEU A 17 -2.13 0.38 5.95
N ILE A 18 -2.11 -0.22 4.76
CA ILE A 18 -1.02 -0.07 3.80
C ILE A 18 -1.37 1.04 2.80
N LEU A 19 -0.68 2.19 2.92
CA LEU A 19 -0.82 3.31 2.01
C LEU A 19 0.29 3.22 0.94
N GLY A 20 -0.10 2.89 -0.31
CA GLY A 20 0.80 3.05 -1.45
C GLY A 20 1.09 4.51 -1.75
N SER A 21 1.80 4.80 -2.84
CA SER A 21 2.13 6.17 -3.21
C SER A 21 0.98 6.74 -4.07
N LEU A 22 1.01 6.41 -5.36
CA LEU A 22 -0.08 6.73 -6.30
C LEU A 22 -0.11 5.62 -7.36
N PRO A 23 -1.29 4.94 -7.56
CA PRO A 23 -1.46 3.87 -8.59
C PRO A 23 -0.85 4.23 -9.97
N SER A 24 -0.16 3.24 -10.55
CA SER A 24 0.55 3.36 -11.84
C SER A 24 -0.46 3.42 -13.01
N ASP A 25 0.06 3.74 -14.21
CA ASP A 25 -0.74 3.84 -15.45
C ASP A 25 -1.54 2.55 -15.70
N GLU A 26 -0.83 1.42 -15.62
CA GLU A 26 -1.36 0.08 -15.94
C GLU A 26 -2.36 -0.41 -14.88
N SER A 27 -2.16 0.00 -13.62
CA SER A 27 -3.08 -0.38 -12.53
C SER A 27 -4.42 0.35 -12.70
N ILE A 28 -4.33 1.63 -13.13
CA ILE A 28 -5.50 2.51 -13.36
C ILE A 28 -6.34 2.04 -14.57
N ARG A 29 -5.69 1.32 -15.51
CA ARG A 29 -6.38 0.74 -16.68
C ARG A 29 -7.38 -0.33 -16.22
N LYS A 30 -6.93 -1.19 -15.29
CA LYS A 30 -7.74 -2.30 -14.73
C LYS A 30 -8.44 -1.90 -13.42
N GLN A 31 -8.19 -0.64 -12.95
CA GLN A 31 -8.85 -0.02 -11.77
C GLN A 31 -8.54 -0.77 -10.45
N GLN A 32 -7.39 -1.46 -10.42
CA GLN A 32 -6.93 -2.25 -9.27
C GLN A 32 -5.38 -2.19 -9.18
N TYR A 33 -4.85 -2.17 -7.93
CA TYR A 33 -3.38 -2.11 -7.67
C TYR A 33 -2.67 -3.33 -8.32
N TYR A 34 -3.26 -4.51 -8.09
CA TYR A 34 -2.83 -5.81 -8.67
C TYR A 34 -2.90 -5.81 -10.23
N GLY A 35 -3.64 -4.85 -10.80
CA GLY A 35 -3.77 -4.71 -12.25
C GLY A 35 -2.48 -4.29 -12.95
N ASN A 36 -1.50 -3.83 -12.16
CA ASN A 36 -0.13 -3.60 -12.61
C ASN A 36 0.74 -4.82 -12.21
N PRO A 37 1.06 -5.75 -13.16
CA PRO A 37 2.05 -6.82 -12.94
C PRO A 37 3.44 -6.23 -12.64
N GLY A 38 4.18 -6.97 -11.83
CA GLY A 38 5.47 -6.51 -11.29
C GLY A 38 5.38 -6.24 -9.79
N ASN A 39 4.15 -6.02 -9.28
CA ASN A 39 3.93 -5.79 -7.84
C ASN A 39 4.09 -7.13 -7.08
N ASP A 40 5.27 -7.24 -6.46
CA ASP A 40 5.72 -8.41 -5.70
C ASP A 40 5.07 -8.41 -4.28
N PHE A 41 4.33 -7.32 -4.00
CA PHE A 41 3.51 -7.09 -2.79
C PHE A 41 2.86 -8.37 -2.24
N TRP A 42 2.12 -9.08 -3.10
CA TRP A 42 1.30 -10.23 -2.71
C TRP A 42 2.17 -11.44 -2.31
N ARG A 43 3.37 -11.52 -2.90
CA ARG A 43 4.39 -12.54 -2.56
C ARG A 43 4.92 -12.32 -1.13
N LEU A 44 5.20 -11.05 -0.82
CA LEU A 44 5.83 -10.61 0.44
C LEU A 44 4.85 -10.71 1.62
N VAL A 45 3.65 -10.10 1.43
CA VAL A 45 2.56 -10.10 2.41
C VAL A 45 2.03 -11.54 2.59
N GLY A 46 1.87 -12.23 1.45
CA GLY A 46 1.38 -13.62 1.42
C GLY A 46 2.28 -14.60 2.17
N HIS A 47 3.60 -14.39 2.07
CA HIS A 47 4.60 -15.20 2.77
C HIS A 47 4.54 -14.91 4.29
N ALA A 48 4.35 -13.64 4.63
CA ALA A 48 4.35 -13.16 6.02
C ALA A 48 3.10 -13.62 6.81
N ILE A 49 1.93 -13.64 6.14
CA ILE A 49 0.66 -14.13 6.73
C ILE A 49 0.55 -15.67 6.62
N GLY A 50 1.45 -16.27 5.80
CA GLY A 50 1.49 -17.71 5.57
C GLY A 50 0.39 -18.23 4.64
N GLU A 51 -0.20 -17.32 3.85
CA GLU A 51 -1.37 -17.59 2.98
C GLU A 51 -1.08 -17.03 1.59
N ASN A 52 -0.88 -17.93 0.59
CA ASN A 52 -0.41 -17.54 -0.76
C ASN A 52 -1.49 -16.75 -1.54
N LEU A 53 -1.30 -15.42 -1.57
CA LEU A 53 -2.27 -14.46 -2.16
C LEU A 53 -2.19 -14.42 -3.68
N GLN A 54 -0.96 -14.61 -4.21
CA GLN A 54 -0.65 -14.35 -5.64
C GLN A 54 -1.46 -15.27 -6.59
N ASP A 55 -1.79 -16.51 -6.15
CA ASP A 55 -2.52 -17.51 -6.97
C ASP A 55 -4.05 -17.29 -6.94
N MET A 56 -4.51 -16.34 -6.09
CA MET A 56 -5.94 -16.05 -5.91
C MET A 56 -6.40 -15.04 -6.97
N ALA A 57 -7.70 -15.04 -7.30
CA ALA A 57 -8.30 -13.91 -8.04
C ALA A 57 -8.30 -12.66 -7.14
N TYR A 58 -8.27 -11.45 -7.74
CA TYR A 58 -8.13 -10.17 -7.01
C TYR A 58 -9.17 -10.04 -5.88
N GLU A 59 -10.42 -10.45 -6.16
CA GLU A 59 -11.54 -10.42 -5.18
C GLU A 59 -11.22 -11.30 -3.95
N LYS A 60 -10.70 -12.52 -4.19
CA LYS A 60 -10.33 -13.48 -3.13
C LYS A 60 -9.14 -12.96 -2.31
N LYS A 61 -8.18 -12.31 -3.01
CA LYS A 61 -7.02 -11.63 -2.38
C LYS A 61 -7.51 -10.63 -1.32
N LEU A 62 -8.49 -9.81 -1.74
CA LEU A 62 -9.08 -8.77 -0.89
C LEU A 62 -9.76 -9.38 0.33
N LYS A 63 -10.55 -10.45 0.12
CA LYS A 63 -11.26 -11.17 1.20
C LYS A 63 -10.27 -11.67 2.27
N THR A 64 -9.11 -12.18 1.81
CA THR A 64 -8.07 -12.69 2.71
C THR A 64 -7.47 -11.53 3.53
N LEU A 65 -7.34 -10.34 2.91
CA LEU A 65 -6.83 -9.13 3.60
C LEU A 65 -7.83 -8.66 4.68
N LYS A 66 -9.15 -8.77 4.40
CA LYS A 66 -10.19 -8.52 5.43
C LYS A 66 -9.98 -9.45 6.64
N HIS A 67 -9.69 -10.72 6.33
CA HIS A 67 -9.34 -11.76 7.32
C HIS A 67 -8.00 -11.44 8.03
N ASN A 68 -7.02 -10.85 7.30
CA ASN A 68 -5.67 -10.52 7.83
C ASN A 68 -5.66 -9.17 8.54
N ARG A 69 -6.81 -8.44 8.42
CA ARG A 69 -7.01 -7.10 9.01
C ARG A 69 -6.03 -6.09 8.40
N ILE A 70 -5.80 -6.27 7.09
CA ILE A 70 -5.03 -5.37 6.22
C ILE A 70 -6.01 -4.60 5.33
N GLY A 71 -5.80 -3.29 5.22
CA GLY A 71 -6.54 -2.43 4.29
C GLY A 71 -5.59 -1.86 3.26
N LEU A 72 -6.06 -1.75 2.01
CA LEU A 72 -5.27 -1.20 0.90
C LEU A 72 -5.78 0.18 0.55
N TRP A 73 -4.88 1.15 0.50
CA TRP A 73 -5.19 2.50 0.06
C TRP A 73 -3.87 3.09 -0.51
N ASP A 74 -3.86 4.39 -0.79
CA ASP A 74 -2.67 5.12 -1.23
C ASP A 74 -2.57 6.44 -0.48
N VAL A 75 -1.50 7.21 -0.73
CA VAL A 75 -1.27 8.52 -0.10
C VAL A 75 -1.86 9.64 -0.96
N PHE A 76 -1.58 9.59 -2.27
CA PHE A 76 -1.98 10.66 -3.20
C PHE A 76 -3.33 10.33 -3.86
N LYS A 77 -4.31 11.20 -3.61
CA LYS A 77 -5.65 11.11 -4.19
C LYS A 77 -5.60 11.30 -5.71
N ALA A 78 -4.77 12.27 -6.12
CA ALA A 78 -4.64 12.65 -7.51
C ALA A 78 -3.22 13.21 -7.75
N GLY A 79 -2.55 12.72 -8.79
CA GLY A 79 -1.18 13.12 -9.12
C GLY A 79 -0.91 13.01 -10.61
N SER A 80 -0.20 13.99 -11.17
CA SER A 80 -0.01 14.11 -12.63
C SER A 80 1.47 14.02 -12.99
N ARG A 81 1.80 13.15 -13.95
CA ARG A 81 3.09 13.19 -14.63
C ARG A 81 2.95 14.17 -15.82
N GLU A 82 3.31 15.44 -15.58
CA GLU A 82 3.23 16.51 -16.60
C GLU A 82 4.45 16.44 -17.54
N GLY A 83 5.52 15.77 -17.07
CA GLY A 83 6.71 15.54 -17.87
C GLY A 83 7.41 14.25 -17.49
N SER A 84 8.72 14.21 -17.71
CA SER A 84 9.58 13.08 -17.37
C SER A 84 10.85 13.60 -16.65
N GLN A 85 10.67 14.67 -15.86
CA GLN A 85 11.75 15.30 -15.08
C GLN A 85 11.50 15.04 -13.59
N ASP A 86 11.63 13.74 -13.21
CA ASP A 86 11.36 13.22 -11.82
C ASP A 86 9.88 13.34 -11.41
N SER A 87 9.02 13.71 -12.36
CA SER A 87 7.57 13.81 -12.16
C SER A 87 6.93 12.42 -12.32
N LYS A 88 6.97 11.65 -11.23
CA LYS A 88 6.29 10.36 -11.11
C LYS A 88 4.89 10.63 -10.50
N ILE A 89 4.89 11.55 -9.51
CA ILE A 89 3.69 12.12 -8.89
C ILE A 89 3.94 13.66 -8.79
N GLY A 90 3.71 14.35 -9.91
CA GLY A 90 3.91 15.80 -9.98
C GLY A 90 2.64 16.55 -9.60
N ASP A 91 2.33 16.51 -8.30
CA ASP A 91 1.08 17.05 -7.72
C ASP A 91 1.05 16.73 -6.22
N GLU A 92 0.25 17.50 -5.46
CA GLU A 92 0.17 17.43 -3.99
C GLU A 92 -1.27 17.16 -3.51
N GLU A 93 -2.12 16.56 -4.36
CA GLU A 93 -3.52 16.25 -3.97
C GLU A 93 -3.50 14.92 -3.20
N ILE A 94 -3.61 15.04 -1.87
CA ILE A 94 -3.45 13.95 -0.91
C ILE A 94 -4.83 13.47 -0.42
N ASN A 95 -4.87 12.23 0.03
CA ASN A 95 -6.04 11.62 0.66
C ASN A 95 -6.20 12.15 2.10
N ASP A 96 -7.46 12.32 2.54
CA ASP A 96 -7.78 12.91 3.86
C ASP A 96 -7.35 11.96 5.00
N PHE A 97 -6.20 12.28 5.61
CA PHE A 97 -5.64 11.49 6.73
C PHE A 97 -6.11 12.02 8.10
N SER A 98 -6.75 13.19 8.12
CA SER A 98 -7.35 13.73 9.35
C SER A 98 -8.56 12.87 9.79
N GLY A 99 -9.14 12.13 8.83
CA GLY A 99 -10.25 11.21 9.09
C GLY A 99 -9.84 9.80 9.48
N LEU A 100 -8.51 9.51 9.49
CA LEU A 100 -7.97 8.17 9.83
C LEU A 100 -8.53 7.59 11.13
N LYS A 101 -8.60 8.39 12.21
CA LYS A 101 -8.95 7.87 13.56
C LYS A 101 -10.41 7.32 13.60
N GLU A 102 -11.24 7.83 12.66
CA GLU A 102 -12.62 7.33 12.45
C GLU A 102 -12.62 5.99 11.67
N MET A 103 -12.03 6.02 10.47
CA MET A 103 -12.13 4.92 9.45
C MET A 103 -11.36 3.67 9.87
N VAL A 104 -10.23 3.87 10.55
CA VAL A 104 -9.35 2.78 11.03
C VAL A 104 -9.15 2.88 12.57
N PRO A 105 -10.10 2.33 13.38
CA PRO A 105 -10.03 2.36 14.86
C PRO A 105 -8.92 1.44 15.40
N LYS A 106 -8.69 0.32 14.68
CA LYS A 106 -7.72 -0.71 15.06
C LYS A 106 -6.30 -0.43 14.52
N LEU A 107 -6.13 0.69 13.78
CA LEU A 107 -4.84 1.07 13.20
C LEU A 107 -3.74 1.24 14.26
N ARG A 108 -2.80 0.28 14.28
CA ARG A 108 -1.61 0.32 15.14
C ARG A 108 -0.40 0.80 14.30
N LEU A 109 -0.29 0.29 13.06
CA LEU A 109 0.88 0.52 12.18
C LEU A 109 0.42 0.82 10.75
N ILE A 110 1.00 1.87 10.15
CA ILE A 110 0.74 2.26 8.76
C ILE A 110 1.94 1.85 7.91
N CYS A 111 1.73 1.04 6.86
CA CYS A 111 2.80 0.59 5.95
C CYS A 111 2.77 1.40 4.63
N PHE A 112 3.82 2.19 4.39
CA PHE A 112 3.94 3.04 3.20
C PHE A 112 4.71 2.31 2.10
N ASN A 113 3.98 1.92 1.03
CA ASN A 113 4.56 1.19 -0.10
C ASN A 113 5.22 2.21 -1.07
N GLY A 114 6.55 2.41 -0.89
CA GLY A 114 7.33 3.33 -1.72
C GLY A 114 7.76 4.57 -0.96
N ARG A 115 8.93 5.10 -1.35
CA ARG A 115 9.52 6.34 -0.78
C ARG A 115 8.57 7.56 -0.92
N LYS A 116 7.94 7.68 -2.10
CA LYS A 116 6.89 8.72 -2.37
C LYS A 116 5.79 8.73 -1.30
N ALA A 117 5.31 7.54 -0.92
CA ALA A 117 4.34 7.36 0.17
C ALA A 117 4.98 7.75 1.51
N GLY A 118 6.23 7.30 1.68
CA GLY A 118 7.00 7.51 2.91
C GLY A 118 7.38 8.96 3.17
N GLU A 119 7.20 9.86 2.18
CA GLU A 119 7.37 11.31 2.39
C GLU A 119 6.33 11.88 3.39
N TYR A 120 5.16 11.22 3.47
CA TYR A 120 4.09 11.61 4.42
C TYR A 120 3.95 10.59 5.56
N GLU A 121 4.99 9.75 5.72
CA GLU A 121 5.18 8.90 6.90
C GLU A 121 5.46 9.74 8.18
N PRO A 122 6.41 10.78 8.14
CA PRO A 122 6.63 11.69 9.30
C PRO A 122 5.34 12.37 9.79
N LEU A 123 4.44 12.67 8.83
CA LEU A 123 3.17 13.37 9.07
C LEU A 123 2.26 12.59 10.04
N LEU A 124 2.03 11.30 9.73
CA LEU A 124 1.00 10.48 10.41
C LEU A 124 1.47 9.96 11.79
N ARG A 125 2.76 10.19 12.12
CA ARG A 125 3.33 9.89 13.46
C ARG A 125 2.68 10.78 14.53
N GLY A 126 2.39 12.04 14.12
CA GLY A 126 1.79 13.04 15.01
C GLY A 126 0.36 12.72 15.39
N MET A 127 -0.29 11.83 14.62
CA MET A 127 -1.68 11.37 14.88
C MET A 127 -1.71 10.17 15.87
N GLY A 128 -0.54 9.89 16.46
CA GLY A 128 -0.39 8.84 17.48
C GLY A 128 -0.22 7.45 16.90
N TYR A 129 0.11 7.38 15.60
CA TYR A 129 0.30 6.11 14.90
C TYR A 129 1.79 5.76 14.80
N GLU A 130 2.10 4.47 14.93
CA GLU A 130 3.38 3.93 14.47
C GLU A 130 3.32 3.82 12.94
N THR A 131 4.37 4.29 12.28
CA THR A 131 4.45 4.36 10.82
C THR A 131 5.75 3.67 10.37
N LYS A 132 5.66 2.95 9.26
CA LYS A 132 6.75 2.14 8.71
C LYS A 132 6.69 2.24 7.18
N VAL A 133 7.81 2.62 6.55
CA VAL A 133 7.93 2.67 5.09
C VAL A 133 8.43 1.31 4.61
N LEU A 134 7.58 0.59 3.89
CA LEU A 134 7.95 -0.65 3.21
C LEU A 134 8.47 -0.31 1.80
N PRO A 135 9.65 -0.87 1.38
CA PRO A 135 10.23 -0.64 0.03
C PRO A 135 9.24 -0.95 -1.10
N SER A 136 9.36 -0.19 -2.21
CA SER A 136 8.49 -0.32 -3.39
C SER A 136 8.52 -1.77 -3.90
N SER A 137 7.35 -2.43 -3.86
CA SER A 137 7.19 -3.83 -4.27
C SER A 137 7.27 -4.01 -5.80
N SER A 138 7.47 -2.91 -6.55
CA SER A 138 7.56 -2.92 -8.02
C SER A 138 8.74 -3.81 -8.49
N GLY A 139 8.54 -4.52 -9.60
CA GLY A 139 9.48 -5.53 -10.10
C GLY A 139 10.84 -4.98 -10.49
N ALA A 140 10.87 -3.71 -10.86
CA ALA A 140 12.09 -2.97 -11.15
C ALA A 140 12.97 -2.87 -9.89
N ASN A 141 12.33 -2.57 -8.74
CA ASN A 141 13.01 -2.41 -7.45
C ASN A 141 13.29 -3.77 -6.78
N ARG A 142 12.39 -4.75 -7.01
CA ARG A 142 12.44 -6.07 -6.32
C ARG A 142 13.77 -6.81 -6.61
N ARG A 143 14.40 -6.45 -7.75
CA ARG A 143 15.75 -6.90 -8.12
C ARG A 143 16.81 -6.24 -7.22
N PHE A 144 16.69 -4.90 -7.10
CA PHE A 144 17.63 -4.04 -6.34
C PHE A 144 17.18 -3.88 -4.88
N SER A 145 16.39 -4.86 -4.41
CA SER A 145 15.70 -4.84 -3.12
C SER A 145 15.15 -6.26 -2.88
N LYS A 146 16.09 -7.18 -2.62
CA LYS A 146 15.82 -8.61 -2.39
C LYS A 146 15.62 -8.82 -0.88
N ASN A 147 16.59 -8.33 -0.09
CA ASN A 147 16.67 -8.52 1.37
C ASN A 147 15.51 -7.83 2.13
N ARG A 148 14.68 -7.04 1.40
CA ARG A 148 13.55 -6.30 1.97
C ARG A 148 12.41 -7.26 2.37
N GLU A 149 12.43 -8.47 1.80
CA GLU A 149 11.42 -9.50 2.06
C GLU A 149 11.37 -9.86 3.55
N SER A 150 12.53 -9.75 4.22
CA SER A 150 12.68 -9.99 5.66
C SER A 150 11.89 -8.97 6.53
N GLU A 151 11.95 -7.66 6.17
CA GLU A 151 11.26 -6.60 6.95
C GLU A 151 9.76 -6.62 6.66
N TRP A 152 9.38 -7.04 5.44
CA TRP A 152 7.98 -7.22 5.04
C TRP A 152 7.37 -8.37 5.86
N GLU A 153 8.18 -9.43 6.02
CA GLU A 153 7.82 -10.62 6.79
C GLU A 153 7.70 -10.23 8.29
N ALA A 154 8.63 -9.37 8.72
CA ALA A 154 8.72 -8.91 10.13
C ALA A 154 7.53 -8.01 10.54
N VAL A 155 6.82 -7.44 9.55
CA VAL A 155 5.62 -6.61 9.80
C VAL A 155 4.36 -7.50 9.94
N PHE A 156 4.10 -8.36 8.95
CA PHE A 156 2.80 -9.08 8.85
C PHE A 156 2.84 -10.51 9.45
N ARG A 157 3.99 -10.92 10.05
CA ARG A 157 4.12 -12.26 10.67
C ARG A 157 3.20 -12.39 11.91
N HIS A 158 2.99 -11.25 12.63
CA HIS A 158 2.15 -11.23 13.85
C HIS A 158 0.66 -11.33 13.49
N LEU A 159 0.33 -11.16 12.19
CA LEU A 159 -1.06 -11.23 11.71
C LEU A 159 -1.49 -12.70 11.60
N GLU A 160 -0.50 -13.59 11.41
CA GLU A 160 -0.67 -15.03 11.56
C GLU A 160 -0.55 -15.40 13.05
N HIS A 161 0.41 -14.73 13.75
CA HIS A 161 0.73 -14.92 15.18
C HIS A 161 1.46 -16.28 15.41
N MET A 1 -2.68 15.35 -16.97
CA MET A 1 -3.90 14.49 -16.93
C MET A 1 -4.00 13.83 -15.56
N ILE A 2 -5.16 14.02 -14.90
CA ILE A 2 -5.42 13.47 -13.56
C ILE A 2 -5.51 11.92 -13.61
N LYS A 3 -4.51 11.27 -13.01
CA LYS A 3 -4.48 9.82 -12.83
C LYS A 3 -5.08 9.52 -11.45
N ARG A 4 -6.27 8.90 -11.43
CA ARG A 4 -7.02 8.68 -10.19
C ARG A 4 -6.47 7.48 -9.42
N GLY A 5 -6.13 7.73 -8.14
CA GLY A 5 -5.75 6.67 -7.20
C GLY A 5 -6.96 5.85 -6.77
N PHE A 6 -6.69 4.75 -6.07
CA PHE A 6 -7.72 3.73 -5.78
C PHE A 6 -8.45 4.06 -4.46
N PRO A 7 -9.81 3.82 -4.38
CA PRO A 7 -10.57 3.94 -3.12
C PRO A 7 -10.13 2.86 -2.11
N ALA A 8 -10.50 3.07 -0.82
CA ALA A 8 -10.07 2.23 0.28
C ALA A 8 -10.71 0.83 0.23
N VAL A 9 -9.84 -0.18 0.32
CA VAL A 9 -10.22 -1.58 0.51
C VAL A 9 -10.03 -1.86 2.01
N LEU A 10 -10.95 -1.29 2.79
CA LEU A 10 -10.78 -1.09 4.23
C LEU A 10 -11.94 -1.73 5.02
N ASP A 11 -11.65 -2.18 6.24
CA ASP A 11 -12.64 -2.80 7.15
C ASP A 11 -12.67 -2.01 8.47
N GLU A 12 -13.77 -2.17 9.22
CA GLU A 12 -13.94 -1.59 10.57
C GLU A 12 -12.88 -2.14 11.57
N ASN A 13 -12.27 -3.28 11.22
CA ASN A 13 -11.19 -3.92 11.99
C ASN A 13 -9.99 -4.06 11.04
N THR A 14 -9.13 -3.04 11.04
CA THR A 14 -7.88 -3.02 10.28
C THR A 14 -6.75 -2.57 11.21
N GLU A 15 -5.81 -3.50 11.45
CA GLU A 15 -4.68 -3.30 12.36
C GLU A 15 -3.49 -2.67 11.62
N ILE A 16 -3.32 -3.02 10.33
CA ILE A 16 -2.28 -2.44 9.47
C ILE A 16 -2.92 -1.92 8.17
N LEU A 17 -2.68 -0.65 7.86
CA LEU A 17 -3.15 0.00 6.63
C LEU A 17 -1.94 0.27 5.73
N ILE A 18 -1.97 -0.25 4.50
CA ILE A 18 -0.90 -0.07 3.53
C ILE A 18 -1.29 1.04 2.54
N LEU A 19 -0.53 2.15 2.54
CA LEU A 19 -0.73 3.27 1.63
C LEU A 19 0.33 3.25 0.52
N GLY A 20 -0.12 3.24 -0.75
CA GLY A 20 0.77 3.42 -1.90
C GLY A 20 1.22 4.87 -2.06
N SER A 21 2.02 5.14 -3.10
CA SER A 21 2.53 6.48 -3.40
C SER A 21 1.68 7.11 -4.52
N LEU A 22 1.86 6.58 -5.72
CA LEU A 22 0.94 6.71 -6.85
C LEU A 22 1.20 5.47 -7.71
N PRO A 23 0.17 4.59 -7.94
CA PRO A 23 0.37 3.28 -8.64
C PRO A 23 0.88 3.46 -10.09
N SER A 24 1.31 2.35 -10.70
CA SER A 24 1.74 2.34 -12.11
C SER A 24 0.54 2.69 -13.02
N ASP A 25 0.83 3.22 -14.21
CA ASP A 25 -0.22 3.54 -15.20
C ASP A 25 -1.03 2.28 -15.57
N GLU A 26 -0.33 1.13 -15.64
CA GLU A 26 -0.92 -0.19 -15.91
C GLU A 26 -2.05 -0.53 -14.91
N SER A 27 -1.85 -0.10 -13.66
CA SER A 27 -2.74 -0.40 -12.54
C SER A 27 -3.88 0.64 -12.47
N ILE A 28 -3.54 1.92 -12.72
CA ILE A 28 -4.49 3.06 -12.67
C ILE A 28 -5.56 2.97 -13.78
N ARG A 29 -5.16 2.53 -14.98
CA ARG A 29 -6.11 2.38 -16.11
C ARG A 29 -7.14 1.26 -15.85
N LYS A 30 -6.87 0.39 -14.86
CA LYS A 30 -7.80 -0.67 -14.41
C LYS A 30 -8.42 -0.32 -13.03
N GLN A 31 -8.01 0.84 -12.45
CA GLN A 31 -8.57 1.43 -11.19
C GLN A 31 -8.53 0.49 -9.97
N GLN A 32 -7.69 -0.55 -10.02
CA GLN A 32 -7.69 -1.63 -8.99
C GLN A 32 -6.26 -2.15 -8.75
N TYR A 33 -6.08 -2.83 -7.60
CA TYR A 33 -4.79 -3.36 -7.11
C TYR A 33 -4.33 -4.64 -7.86
N TYR A 34 -5.16 -5.12 -8.81
CA TYR A 34 -4.84 -6.33 -9.62
C TYR A 34 -4.10 -5.91 -10.89
N GLY A 35 -4.15 -4.58 -11.19
CA GLY A 35 -3.85 -4.02 -12.50
C GLY A 35 -2.52 -4.43 -13.11
N ASN A 36 -1.48 -4.48 -12.28
CA ASN A 36 -0.14 -4.89 -12.70
C ASN A 36 0.33 -6.10 -11.85
N PRO A 37 0.19 -7.36 -12.39
CA PRO A 37 0.71 -8.60 -11.75
C PRO A 37 2.26 -8.71 -11.79
N GLY A 38 2.94 -7.69 -12.33
CA GLY A 38 4.40 -7.56 -12.25
C GLY A 38 4.87 -7.14 -10.86
N ASN A 39 3.96 -6.57 -10.05
CA ASN A 39 4.28 -6.07 -8.70
C ASN A 39 4.27 -7.23 -7.70
N ASP A 40 5.37 -7.35 -6.96
CA ASP A 40 5.61 -8.41 -6.00
C ASP A 40 4.92 -8.14 -4.66
N PHE A 41 4.20 -7.01 -4.55
CA PHE A 41 3.35 -6.66 -3.40
C PHE A 41 2.59 -7.86 -2.83
N TRP A 42 1.98 -8.62 -3.73
CA TRP A 42 1.15 -9.79 -3.37
C TRP A 42 2.00 -11.00 -2.94
N ARG A 43 3.24 -11.07 -3.44
CA ARG A 43 4.22 -12.10 -3.06
C ARG A 43 4.89 -11.78 -1.70
N LEU A 44 5.00 -10.47 -1.37
CA LEU A 44 5.69 -10.01 -0.14
C LEU A 44 4.73 -10.04 1.06
N VAL A 45 3.52 -9.46 0.86
CA VAL A 45 2.44 -9.45 1.88
C VAL A 45 1.85 -10.88 2.00
N GLY A 46 1.87 -11.61 0.86
CA GLY A 46 1.40 -13.00 0.81
C GLY A 46 2.30 -13.95 1.57
N HIS A 47 3.62 -13.78 1.37
CA HIS A 47 4.66 -14.53 2.12
C HIS A 47 4.54 -14.25 3.64
N ALA A 48 4.21 -12.99 3.95
CA ALA A 48 4.06 -12.50 5.33
C ALA A 48 2.92 -13.19 6.09
N ILE A 49 1.76 -13.31 5.43
CA ILE A 49 0.55 -13.88 6.03
C ILE A 49 0.45 -15.40 5.78
N GLY A 50 1.40 -15.94 4.98
CA GLY A 50 1.47 -17.37 4.68
C GLY A 50 0.34 -17.85 3.77
N GLU A 51 -0.06 -16.98 2.83
CA GLU A 51 -1.16 -17.19 1.89
C GLU A 51 -0.80 -16.44 0.59
N ASN A 52 -0.42 -17.17 -0.48
CA ASN A 52 0.06 -16.54 -1.74
C ASN A 52 -1.13 -15.80 -2.43
N LEU A 53 -1.05 -14.47 -2.42
CA LEU A 53 -2.16 -13.60 -2.86
C LEU A 53 -2.20 -13.44 -4.38
N GLN A 54 -1.03 -13.50 -5.04
CA GLN A 54 -0.90 -13.14 -6.47
C GLN A 54 -1.78 -14.02 -7.38
N ASP A 55 -1.88 -15.32 -7.07
CA ASP A 55 -2.62 -16.30 -7.90
C ASP A 55 -4.08 -16.42 -7.45
N MET A 56 -4.47 -15.59 -6.47
CA MET A 56 -5.88 -15.47 -6.03
C MET A 56 -6.59 -14.45 -6.94
N ALA A 57 -7.90 -14.65 -7.12
CA ALA A 57 -8.77 -13.68 -7.79
C ALA A 57 -8.94 -12.44 -6.89
N TYR A 58 -9.18 -11.25 -7.53
CA TYR A 58 -9.23 -9.94 -6.85
C TYR A 58 -10.01 -9.95 -5.52
N GLU A 59 -11.22 -10.53 -5.53
CA GLU A 59 -12.06 -10.63 -4.31
C GLU A 59 -11.35 -11.47 -3.21
N LYS A 60 -10.86 -12.68 -3.57
CA LYS A 60 -10.24 -13.65 -2.62
C LYS A 60 -9.00 -13.07 -1.91
N LYS A 61 -8.08 -12.47 -2.68
CA LYS A 61 -6.82 -11.91 -2.13
C LYS A 61 -7.09 -10.78 -1.13
N LEU A 62 -8.13 -9.96 -1.41
CA LEU A 62 -8.60 -8.91 -0.47
C LEU A 62 -9.26 -9.52 0.78
N LYS A 63 -10.06 -10.60 0.60
CA LYS A 63 -10.71 -11.33 1.73
C LYS A 63 -9.67 -11.81 2.75
N THR A 64 -8.57 -12.36 2.21
CA THR A 64 -7.47 -12.91 3.00
C THR A 64 -6.79 -11.79 3.81
N LEU A 65 -6.63 -10.60 3.18
CA LEU A 65 -6.01 -9.42 3.80
C LEU A 65 -6.81 -8.96 5.04
N LYS A 66 -8.12 -8.69 4.87
CA LYS A 66 -8.97 -8.19 5.98
C LYS A 66 -9.18 -9.26 7.07
N HIS A 67 -9.01 -10.56 6.72
CA HIS A 67 -8.93 -11.66 7.71
C HIS A 67 -7.69 -11.50 8.63
N ASN A 68 -6.59 -10.97 8.07
CA ASN A 68 -5.39 -10.60 8.84
C ASN A 68 -5.48 -9.15 9.37
N ARG A 69 -6.62 -8.47 9.08
CA ARG A 69 -6.88 -7.07 9.47
C ARG A 69 -5.90 -6.12 8.73
N ILE A 70 -5.76 -6.35 7.43
CA ILE A 70 -4.98 -5.51 6.52
C ILE A 70 -5.95 -4.76 5.59
N GLY A 71 -5.72 -3.45 5.45
CA GLY A 71 -6.46 -2.62 4.49
C GLY A 71 -5.53 -2.06 3.45
N LEU A 72 -6.06 -1.78 2.25
CA LEU A 72 -5.28 -1.25 1.11
C LEU A 72 -5.82 0.13 0.74
N TRP A 73 -4.93 1.10 0.58
CA TRP A 73 -5.30 2.44 0.13
C TRP A 73 -4.04 3.10 -0.46
N ASP A 74 -4.09 4.40 -0.74
CA ASP A 74 -2.99 5.15 -1.34
C ASP A 74 -2.80 6.47 -0.57
N VAL A 75 -1.63 7.11 -0.74
CA VAL A 75 -1.37 8.45 -0.16
C VAL A 75 -2.03 9.52 -1.04
N PHE A 76 -1.77 9.48 -2.34
CA PHE A 76 -2.36 10.42 -3.32
C PHE A 76 -3.77 9.94 -3.72
N LYS A 77 -4.76 10.84 -3.58
CA LYS A 77 -6.12 10.63 -4.10
C LYS A 77 -6.07 10.64 -5.64
N ALA A 78 -5.14 11.44 -6.16
CA ALA A 78 -4.84 11.54 -7.58
C ALA A 78 -3.44 12.17 -7.75
N GLY A 79 -2.78 11.78 -8.83
CA GLY A 79 -1.49 12.31 -9.21
C GLY A 79 -1.46 12.58 -10.69
N SER A 80 -0.93 13.74 -11.09
CA SER A 80 -0.89 14.16 -12.49
C SER A 80 0.57 14.34 -12.93
N ARG A 81 0.74 14.53 -14.23
CA ARG A 81 2.03 14.84 -14.84
C ARG A 81 1.77 15.92 -15.88
N GLU A 82 2.29 17.13 -15.61
CA GLU A 82 2.13 18.31 -16.46
C GLU A 82 2.62 18.03 -17.90
N GLY A 83 1.70 18.22 -18.87
CA GLY A 83 1.99 18.05 -20.29
C GLY A 83 2.88 19.16 -20.83
N SER A 84 4.18 19.01 -20.61
CA SER A 84 5.21 19.99 -20.98
C SER A 84 6.56 19.26 -21.07
N GLN A 85 6.82 18.40 -20.07
CA GLN A 85 8.01 17.54 -20.00
C GLN A 85 7.74 16.42 -18.97
N ASP A 86 8.38 15.26 -19.17
CA ASP A 86 8.32 14.14 -18.21
C ASP A 86 9.14 14.48 -16.95
N SER A 87 8.57 14.16 -15.78
CA SER A 87 9.14 14.45 -14.47
C SER A 87 8.35 13.68 -13.40
N LYS A 88 8.45 14.11 -12.13
CA LYS A 88 7.78 13.48 -10.97
C LYS A 88 6.26 13.79 -10.95
N ILE A 89 5.59 13.41 -9.83
CA ILE A 89 4.15 13.67 -9.64
C ILE A 89 3.88 15.19 -9.65
N GLY A 90 3.42 15.68 -10.81
CA GLY A 90 3.05 17.07 -11.01
C GLY A 90 1.64 17.37 -10.51
N ASP A 91 1.42 17.08 -9.21
CA ASP A 91 0.13 17.30 -8.53
C ASP A 91 0.33 17.00 -7.03
N GLU A 92 -0.53 17.62 -6.20
CA GLU A 92 -0.46 17.53 -4.72
C GLU A 92 -1.79 17.03 -4.12
N GLU A 93 -2.57 16.26 -4.91
CA GLU A 93 -3.91 15.75 -4.50
C GLU A 93 -3.73 14.48 -3.65
N ILE A 94 -4.12 14.57 -2.36
CA ILE A 94 -3.82 13.57 -1.33
C ILE A 94 -5.13 13.14 -0.63
N ASN A 95 -5.24 11.82 -0.33
CA ASN A 95 -6.38 11.24 0.41
C ASN A 95 -6.46 11.84 1.83
N ASP A 96 -7.68 11.89 2.40
CA ASP A 96 -7.91 12.38 3.77
C ASP A 96 -7.53 11.28 4.76
N PHE A 97 -6.71 11.63 5.77
CA PHE A 97 -6.25 10.69 6.81
C PHE A 97 -6.72 11.13 8.20
N SER A 98 -7.42 12.28 8.30
CA SER A 98 -7.90 12.79 9.60
C SER A 98 -8.93 11.83 10.22
N GLY A 99 -9.69 11.14 9.34
CA GLY A 99 -10.76 10.24 9.75
C GLY A 99 -10.28 8.86 10.17
N LEU A 100 -8.95 8.59 10.05
CA LEU A 100 -8.32 7.30 10.42
C LEU A 100 -8.75 6.85 11.82
N LYS A 101 -8.63 7.74 12.79
CA LYS A 101 -8.79 7.42 14.22
C LYS A 101 -10.20 6.88 14.57
N GLU A 102 -11.17 7.07 13.64
CA GLU A 102 -12.56 6.60 13.78
C GLU A 102 -12.84 5.33 12.92
N MET A 103 -12.32 5.29 11.67
CA MET A 103 -12.61 4.17 10.71
C MET A 103 -11.70 2.96 10.94
N VAL A 104 -10.53 3.20 11.53
CA VAL A 104 -9.58 2.15 11.92
C VAL A 104 -9.18 2.29 13.42
N PRO A 105 -10.00 1.73 14.35
CA PRO A 105 -9.69 1.72 15.80
C PRO A 105 -8.48 0.80 16.11
N LYS A 106 -8.36 -0.30 15.35
CA LYS A 106 -7.33 -1.34 15.55
C LYS A 106 -5.97 -0.93 14.96
N LEU A 107 -5.94 0.15 14.14
CA LEU A 107 -4.74 0.58 13.42
C LEU A 107 -3.64 0.98 14.41
N ARG A 108 -2.45 0.43 14.18
CA ARG A 108 -1.28 0.69 15.02
C ARG A 108 -0.05 0.92 14.16
N LEU A 109 0.02 0.20 13.01
CA LEU A 109 1.18 0.26 12.09
C LEU A 109 0.69 0.55 10.66
N ILE A 110 1.33 1.52 10.00
CA ILE A 110 1.04 1.93 8.62
C ILE A 110 2.27 1.63 7.74
N CYS A 111 2.03 1.10 6.54
CA CYS A 111 3.08 0.65 5.62
C CYS A 111 2.98 1.43 4.30
N PHE A 112 4.03 2.20 3.98
CA PHE A 112 4.10 2.98 2.73
C PHE A 112 4.85 2.15 1.68
N ASN A 113 4.16 1.75 0.59
CA ASN A 113 4.78 0.97 -0.50
C ASN A 113 5.17 1.93 -1.66
N GLY A 114 6.27 2.65 -1.44
CA GLY A 114 6.78 3.64 -2.40
C GLY A 114 7.45 4.80 -1.69
N ARG A 115 8.63 5.21 -2.22
CA ARG A 115 9.41 6.34 -1.70
C ARG A 115 8.56 7.63 -1.56
N LYS A 116 7.87 8.03 -2.66
CA LYS A 116 6.95 9.20 -2.69
C LYS A 116 5.94 9.19 -1.52
N ALA A 117 5.45 8.01 -1.14
CA ALA A 117 4.50 7.83 -0.02
C ALA A 117 5.18 8.16 1.33
N GLY A 118 6.47 7.83 1.40
CA GLY A 118 7.28 7.99 2.61
C GLY A 118 7.60 9.44 2.98
N GLU A 119 7.42 10.36 2.02
CA GLU A 119 7.54 11.81 2.28
C GLU A 119 6.43 12.27 3.25
N TYR A 120 5.30 11.56 3.22
CA TYR A 120 4.08 11.88 3.99
C TYR A 120 3.93 10.93 5.20
N GLU A 121 5.03 10.21 5.56
CA GLU A 121 5.11 9.46 6.82
C GLU A 121 4.94 10.40 8.07
N PRO A 122 5.67 11.59 8.20
CA PRO A 122 5.56 12.49 9.38
C PRO A 122 4.11 12.99 9.65
N LEU A 123 3.28 12.99 8.59
CA LEU A 123 1.87 13.40 8.65
C LEU A 123 1.07 12.44 9.56
N LEU A 124 1.38 11.14 9.45
CA LEU A 124 0.66 10.07 10.19
C LEU A 124 1.39 9.71 11.49
N ARG A 125 2.70 10.06 11.57
CA ARG A 125 3.48 9.99 12.82
C ARG A 125 2.88 10.94 13.87
N GLY A 126 2.47 12.13 13.39
CA GLY A 126 1.83 13.14 14.23
C GLY A 126 0.46 12.71 14.77
N MET A 127 -0.16 11.68 14.12
CA MET A 127 -1.47 11.12 14.53
C MET A 127 -1.29 9.96 15.53
N GLY A 128 -0.07 9.80 16.08
CA GLY A 128 0.22 8.75 17.07
C GLY A 128 0.17 7.33 16.52
N TYR A 129 0.44 7.16 15.22
CA TYR A 129 0.50 5.83 14.58
C TYR A 129 1.96 5.47 14.26
N GLU A 130 2.33 4.19 14.53
CA GLU A 130 3.60 3.62 14.05
C GLU A 130 3.52 3.56 12.53
N THR A 131 4.59 3.98 11.88
CA THR A 131 4.65 4.10 10.43
C THR A 131 6.00 3.58 9.95
N LYS A 132 6.05 3.08 8.72
CA LYS A 132 7.28 2.55 8.11
C LYS A 132 7.20 2.66 6.59
N VAL A 133 8.27 3.20 5.97
CA VAL A 133 8.38 3.31 4.52
C VAL A 133 9.04 2.04 3.98
N LEU A 134 8.20 1.09 3.59
CA LEU A 134 8.61 -0.10 2.87
C LEU A 134 9.03 0.30 1.43
N PRO A 135 9.99 -0.44 0.79
CA PRO A 135 10.39 -0.15 -0.61
C PRO A 135 9.22 -0.40 -1.59
N SER A 136 9.21 0.31 -2.73
CA SER A 136 8.24 0.08 -3.81
C SER A 136 8.39 -1.37 -4.29
N SER A 137 7.30 -2.13 -4.15
CA SER A 137 7.27 -3.60 -4.28
C SER A 137 7.31 -4.10 -5.75
N SER A 138 8.01 -3.38 -6.62
CA SER A 138 8.33 -3.81 -7.98
C SER A 138 9.61 -4.68 -7.95
N GLY A 139 9.72 -5.61 -8.91
CA GLY A 139 10.88 -6.53 -9.03
C GLY A 139 12.21 -5.83 -9.26
N ALA A 140 12.15 -4.57 -9.74
CA ALA A 140 13.31 -3.71 -9.92
C ALA A 140 13.99 -3.42 -8.57
N ASN A 141 13.19 -3.08 -7.55
CA ASN A 141 13.67 -2.87 -6.18
C ASN A 141 13.88 -4.20 -5.44
N ARG A 142 13.16 -5.25 -5.88
CA ARG A 142 13.22 -6.59 -5.21
C ARG A 142 14.54 -7.30 -5.56
N ARG A 143 15.13 -6.95 -6.72
CA ARG A 143 16.44 -7.51 -7.16
C ARG A 143 17.59 -7.04 -6.22
N PHE A 144 17.39 -5.88 -5.60
CA PHE A 144 18.36 -5.28 -4.66
C PHE A 144 17.95 -5.64 -3.21
N SER A 145 16.65 -5.53 -2.96
CA SER A 145 16.03 -5.64 -1.64
C SER A 145 15.35 -7.02 -1.48
N LYS A 146 16.08 -8.08 -1.88
CA LYS A 146 15.60 -9.48 -1.78
C LYS A 146 15.62 -9.95 -0.31
N ASN A 147 16.54 -9.36 0.49
CA ASN A 147 16.62 -9.60 1.95
C ASN A 147 15.68 -8.66 2.75
N ARG A 148 15.04 -7.71 2.05
CA ARG A 148 14.21 -6.65 2.67
C ARG A 148 12.78 -7.15 2.89
N GLU A 149 12.35 -8.11 2.04
CA GLU A 149 11.00 -8.73 2.12
C GLU A 149 10.81 -9.55 3.42
N SER A 150 11.93 -9.83 4.11
CA SER A 150 11.92 -10.41 5.45
C SER A 150 11.23 -9.45 6.46
N GLU A 151 11.42 -8.12 6.25
CA GLU A 151 10.75 -7.10 7.08
C GLU A 151 9.25 -7.04 6.73
N TRP A 152 8.90 -7.33 5.45
CA TRP A 152 7.48 -7.38 5.01
C TRP A 152 6.78 -8.53 5.73
N GLU A 153 7.53 -9.65 5.90
CA GLU A 153 7.07 -10.79 6.69
C GLU A 153 6.91 -10.37 8.16
N ALA A 154 7.89 -9.60 8.65
CA ALA A 154 7.95 -9.15 10.05
C ALA A 154 6.91 -8.04 10.36
N VAL A 155 6.25 -7.50 9.31
CA VAL A 155 5.14 -6.55 9.47
C VAL A 155 3.81 -7.32 9.69
N PHE A 156 3.50 -8.31 8.82
CA PHE A 156 2.15 -8.92 8.76
C PHE A 156 2.05 -10.32 9.43
N ARG A 157 3.15 -10.85 10.01
CA ARG A 157 3.13 -12.21 10.63
C ARG A 157 2.45 -12.21 12.02
N HIS A 158 2.47 -11.06 12.72
CA HIS A 158 1.91 -10.92 14.10
C HIS A 158 0.38 -10.88 14.08
N LEU A 159 -0.18 -10.73 12.86
CA LEU A 159 -1.62 -10.56 12.64
C LEU A 159 -2.38 -11.88 12.88
N GLU A 160 -1.61 -13.00 13.01
CA GLU A 160 -2.08 -14.28 13.56
C GLU A 160 -2.89 -14.08 14.87
N HIS A 161 -2.43 -13.14 15.72
CA HIS A 161 -3.17 -12.70 16.90
C HIS A 161 -4.39 -11.85 16.47
N MET A 1 -2.26 15.02 -17.87
CA MET A 1 -2.81 13.67 -17.58
C MET A 1 -2.62 13.30 -16.11
N ILE A 2 -3.68 13.49 -15.31
CA ILE A 2 -3.71 13.10 -13.89
C ILE A 2 -3.90 11.57 -13.78
N LYS A 3 -2.98 10.92 -13.07
CA LYS A 3 -3.11 9.51 -12.65
C LYS A 3 -3.94 9.47 -11.34
N ARG A 4 -5.09 8.79 -11.36
CA ARG A 4 -5.94 8.63 -10.15
C ARG A 4 -5.46 7.47 -9.29
N GLY A 5 -5.33 7.71 -7.97
CA GLY A 5 -5.14 6.62 -7.01
C GLY A 5 -6.39 5.77 -6.83
N PHE A 6 -6.31 4.77 -5.96
CA PHE A 6 -7.44 3.86 -5.70
C PHE A 6 -8.01 4.12 -4.31
N PRO A 7 -9.38 4.20 -4.14
CA PRO A 7 -10.03 4.29 -2.81
C PRO A 7 -9.68 3.04 -1.96
N ALA A 8 -9.79 3.17 -0.63
CA ALA A 8 -9.31 2.18 0.33
C ALA A 8 -10.00 0.83 0.17
N VAL A 9 -9.19 -0.23 0.03
CA VAL A 9 -9.66 -1.61 0.04
C VAL A 9 -9.55 -2.06 1.50
N LEU A 10 -10.61 -1.81 2.25
CA LEU A 10 -10.52 -1.73 3.70
C LEU A 10 -11.72 -2.39 4.37
N ASP A 11 -11.50 -2.81 5.61
CA ASP A 11 -12.55 -3.35 6.47
C ASP A 11 -12.57 -2.50 7.77
N GLU A 12 -13.68 -2.54 8.52
CA GLU A 12 -13.77 -1.88 9.85
C GLU A 12 -12.86 -2.57 10.88
N ASN A 13 -12.41 -3.77 10.52
CA ASN A 13 -11.45 -4.57 11.29
C ASN A 13 -10.15 -4.62 10.48
N THR A 14 -9.31 -3.59 10.65
CA THR A 14 -7.98 -3.52 10.02
C THR A 14 -6.96 -2.95 11.02
N GLU A 15 -5.92 -3.76 11.27
CA GLU A 15 -4.88 -3.54 12.27
C GLU A 15 -3.77 -2.64 11.68
N ILE A 16 -3.42 -2.92 10.40
CA ILE A 16 -2.38 -2.20 9.65
C ILE A 16 -2.95 -1.79 8.30
N LEU A 17 -2.80 -0.49 7.97
CA LEU A 17 -3.26 0.08 6.69
C LEU A 17 -2.01 0.43 5.87
N ILE A 18 -1.95 -0.11 4.64
CA ILE A 18 -0.83 0.11 3.73
C ILE A 18 -1.19 1.25 2.77
N LEU A 19 -0.40 2.34 2.81
CA LEU A 19 -0.54 3.47 1.88
C LEU A 19 0.56 3.39 0.81
N GLY A 20 0.17 3.27 -0.46
CA GLY A 20 1.08 3.49 -1.59
C GLY A 20 1.34 4.97 -1.80
N SER A 21 1.91 5.34 -2.94
CA SER A 21 2.11 6.76 -3.29
C SER A 21 1.14 7.12 -4.43
N LEU A 22 1.45 6.63 -5.63
CA LEU A 22 0.63 6.81 -6.83
C LEU A 22 0.79 5.57 -7.71
N PRO A 23 -0.32 4.82 -8.02
CA PRO A 23 -0.27 3.67 -8.96
C PRO A 23 -0.01 4.12 -10.41
N SER A 24 0.44 3.18 -11.26
CA SER A 24 0.73 3.44 -12.68
C SER A 24 -0.56 3.29 -13.52
N ASP A 25 -0.59 3.90 -14.70
CA ASP A 25 -1.76 3.90 -15.60
C ASP A 25 -2.20 2.46 -15.99
N GLU A 26 -1.24 1.52 -16.04
CA GLU A 26 -1.53 0.08 -16.33
C GLU A 26 -2.57 -0.50 -15.34
N SER A 27 -2.48 -0.07 -14.07
CA SER A 27 -3.40 -0.52 -13.02
C SER A 27 -4.66 0.36 -12.98
N ILE A 28 -4.47 1.68 -13.20
CA ILE A 28 -5.54 2.71 -13.09
C ILE A 28 -6.67 2.53 -14.12
N ARG A 29 -6.31 2.16 -15.35
CA ARG A 29 -7.31 1.88 -16.42
C ARG A 29 -8.22 0.71 -16.00
N LYS A 30 -7.66 -0.22 -15.21
CA LYS A 30 -8.35 -1.43 -14.71
C LYS A 30 -8.90 -1.22 -13.27
N GLN A 31 -8.55 -0.06 -12.65
CA GLN A 31 -9.07 0.37 -11.33
C GLN A 31 -8.69 -0.59 -10.16
N GLN A 32 -7.61 -1.38 -10.36
CA GLN A 32 -7.12 -2.32 -9.33
C GLN A 32 -5.60 -2.34 -9.31
N TYR A 33 -5.04 -2.49 -8.09
CA TYR A 33 -3.58 -2.64 -7.84
C TYR A 33 -3.03 -3.83 -8.67
N TYR A 34 -3.77 -4.94 -8.59
CA TYR A 34 -3.50 -6.19 -9.33
C TYR A 34 -3.49 -6.01 -10.89
N GLY A 35 -3.98 -4.84 -11.37
CA GLY A 35 -4.07 -4.56 -12.81
C GLY A 35 -2.71 -4.37 -13.51
N ASN A 36 -1.65 -4.08 -12.72
CA ASN A 36 -0.28 -3.95 -13.26
C ASN A 36 0.59 -5.13 -12.76
N PRO A 37 1.41 -5.78 -13.65
CA PRO A 37 2.30 -6.92 -13.26
C PRO A 37 3.45 -6.48 -12.31
N GLY A 38 3.64 -5.15 -12.16
CA GLY A 38 4.57 -4.59 -11.20
C GLY A 38 4.12 -4.76 -9.74
N ASN A 39 2.87 -5.21 -9.52
CA ASN A 39 2.38 -5.54 -8.17
C ASN A 39 2.56 -7.03 -7.90
N ASP A 40 3.80 -7.35 -7.49
CA ASP A 40 4.19 -8.69 -7.00
C ASP A 40 4.23 -8.71 -5.45
N PHE A 41 3.80 -7.57 -4.83
CA PHE A 41 3.57 -7.42 -3.36
C PHE A 41 2.84 -8.65 -2.75
N TRP A 42 2.00 -9.31 -3.57
CA TRP A 42 1.18 -10.48 -3.18
C TRP A 42 2.02 -11.68 -2.70
N ARG A 43 3.27 -11.78 -3.21
CA ARG A 43 4.22 -12.82 -2.79
C ARG A 43 4.85 -12.48 -1.43
N LEU A 44 5.04 -11.17 -1.16
CA LEU A 44 5.81 -10.66 0.00
C LEU A 44 4.91 -10.55 1.24
N VAL A 45 3.72 -9.94 1.03
CA VAL A 45 2.66 -9.86 2.05
C VAL A 45 2.07 -11.28 2.26
N GLY A 46 2.02 -12.06 1.17
CA GLY A 46 1.59 -13.46 1.21
C GLY A 46 2.55 -14.35 2.00
N HIS A 47 3.86 -14.09 1.84
CA HIS A 47 4.94 -14.77 2.58
C HIS A 47 4.85 -14.42 4.08
N ALA A 48 4.48 -13.17 4.34
CA ALA A 48 4.29 -12.63 5.69
C ALA A 48 3.17 -13.32 6.47
N ILE A 49 1.97 -13.36 5.86
CA ILE A 49 0.75 -13.90 6.50
C ILE A 49 0.67 -15.43 6.36
N GLY A 50 1.58 -16.01 5.56
CA GLY A 50 1.62 -17.47 5.34
C GLY A 50 0.49 -17.96 4.44
N GLU A 51 -0.03 -17.06 3.59
CA GLU A 51 -1.16 -17.31 2.68
C GLU A 51 -0.78 -16.77 1.30
N ASN A 52 -0.48 -17.68 0.36
CA ASN A 52 -0.03 -17.31 -1.00
C ASN A 52 -1.13 -16.53 -1.75
N LEU A 53 -1.01 -15.19 -1.73
CA LEU A 53 -1.98 -14.29 -2.38
C LEU A 53 -1.76 -14.28 -3.90
N GLN A 54 -0.58 -14.72 -4.34
CA GLN A 54 -0.13 -14.65 -5.73
C GLN A 54 -0.91 -15.63 -6.64
N ASP A 55 -1.42 -16.75 -6.10
CA ASP A 55 -2.20 -17.73 -6.88
C ASP A 55 -3.72 -17.46 -6.74
N MET A 56 -4.09 -16.47 -5.90
CA MET A 56 -5.51 -16.17 -5.58
C MET A 56 -6.11 -15.17 -6.60
N ALA A 57 -7.45 -15.15 -6.68
CA ALA A 57 -8.21 -14.10 -7.39
C ALA A 57 -8.08 -12.78 -6.61
N TYR A 58 -8.17 -11.61 -7.30
CA TYR A 58 -8.06 -10.29 -6.66
C TYR A 58 -9.02 -10.14 -5.47
N GLU A 59 -10.31 -10.46 -5.66
CA GLU A 59 -11.31 -10.32 -4.58
C GLU A 59 -10.99 -11.27 -3.39
N LYS A 60 -10.48 -12.48 -3.73
CA LYS A 60 -10.16 -13.52 -2.74
C LYS A 60 -8.98 -13.10 -1.83
N LYS A 61 -7.86 -12.71 -2.46
CA LYS A 61 -6.63 -12.27 -1.74
C LYS A 61 -6.91 -11.08 -0.81
N LEU A 62 -7.87 -10.21 -1.22
CA LEU A 62 -8.33 -9.08 -0.39
C LEU A 62 -9.06 -9.57 0.86
N LYS A 63 -9.94 -10.59 0.72
CA LYS A 63 -10.70 -11.16 1.87
C LYS A 63 -9.75 -11.82 2.87
N THR A 64 -8.64 -12.36 2.33
CA THR A 64 -7.54 -12.91 3.12
C THR A 64 -6.82 -11.79 3.90
N LEU A 65 -6.65 -10.61 3.24
CA LEU A 65 -6.06 -9.42 3.88
C LEU A 65 -6.96 -8.92 5.03
N LYS A 66 -8.29 -8.76 4.77
CA LYS A 66 -9.27 -8.25 5.77
C LYS A 66 -9.25 -9.14 7.04
N HIS A 67 -9.18 -10.47 6.80
CA HIS A 67 -9.04 -11.50 7.86
C HIS A 67 -7.75 -11.29 8.67
N ASN A 68 -6.65 -11.00 7.96
CA ASN A 68 -5.31 -10.80 8.56
C ASN A 68 -5.12 -9.32 8.98
N ARG A 69 -6.22 -8.55 8.85
CA ARG A 69 -6.36 -7.17 9.35
C ARG A 69 -5.37 -6.23 8.63
N ILE A 70 -5.23 -6.45 7.32
CA ILE A 70 -4.45 -5.61 6.42
C ILE A 70 -5.40 -4.88 5.46
N GLY A 71 -5.15 -3.59 5.25
CA GLY A 71 -5.89 -2.79 4.28
C GLY A 71 -4.95 -2.21 3.23
N LEU A 72 -5.51 -1.77 2.09
CA LEU A 72 -4.75 -1.14 0.99
C LEU A 72 -5.35 0.25 0.74
N TRP A 73 -4.49 1.22 0.44
CA TRP A 73 -4.89 2.58 0.04
C TRP A 73 -3.66 3.24 -0.63
N ASP A 74 -3.72 4.54 -0.90
CA ASP A 74 -2.57 5.35 -1.38
C ASP A 74 -2.47 6.64 -0.54
N VAL A 75 -1.33 7.34 -0.65
CA VAL A 75 -1.14 8.66 -0.04
C VAL A 75 -1.83 9.72 -0.89
N PHE A 76 -1.75 9.56 -2.22
CA PHE A 76 -2.37 10.50 -3.18
C PHE A 76 -3.64 9.89 -3.77
N LYS A 77 -4.76 10.62 -3.63
CA LYS A 77 -6.03 10.30 -4.29
C LYS A 77 -5.91 10.59 -5.81
N ALA A 78 -4.98 11.49 -6.14
CA ALA A 78 -4.63 11.85 -7.50
C ALA A 78 -3.23 12.47 -7.51
N GLY A 79 -2.48 12.11 -8.54
CA GLY A 79 -1.12 12.59 -8.76
C GLY A 79 -0.79 12.59 -10.23
N SER A 80 0.15 13.44 -10.65
CA SER A 80 0.57 13.52 -12.06
C SER A 80 2.10 13.57 -12.14
N ARG A 81 2.62 13.41 -13.36
CA ARG A 81 4.05 13.49 -13.66
C ARG A 81 4.21 14.25 -14.99
N GLU A 82 5.28 15.04 -15.16
CA GLU A 82 5.50 15.81 -16.40
C GLU A 82 6.95 16.25 -16.58
N GLY A 83 7.43 17.13 -15.68
CA GLY A 83 8.76 17.73 -15.81
C GLY A 83 9.89 16.82 -15.32
N SER A 84 10.56 17.23 -14.23
CA SER A 84 11.61 16.44 -13.55
C SER A 84 11.00 15.22 -12.83
N GLN A 85 9.69 15.32 -12.54
CA GLN A 85 8.88 14.23 -11.99
C GLN A 85 8.39 13.35 -13.15
N ASP A 86 9.04 12.18 -13.37
CA ASP A 86 8.63 11.21 -14.43
C ASP A 86 7.99 9.96 -13.80
N SER A 87 8.59 9.49 -12.70
CA SER A 87 8.06 8.38 -11.88
C SER A 87 7.59 8.90 -10.50
N LYS A 88 7.87 10.20 -10.26
CA LYS A 88 7.64 10.86 -8.98
C LYS A 88 6.35 11.72 -9.09
N ILE A 89 5.71 11.97 -7.95
CA ILE A 89 4.40 12.62 -7.88
C ILE A 89 4.59 14.14 -7.95
N GLY A 90 4.45 14.69 -9.17
CA GLY A 90 4.38 16.12 -9.40
C GLY A 90 2.97 16.64 -9.25
N ASP A 91 2.44 16.55 -8.02
CA ASP A 91 1.04 16.90 -7.72
C ASP A 91 0.83 16.93 -6.19
N GLU A 92 -0.24 17.62 -5.76
CA GLU A 92 -0.48 17.96 -4.35
C GLU A 92 -1.81 17.38 -3.82
N GLU A 93 -2.53 16.55 -4.61
CA GLU A 93 -3.89 16.08 -4.22
C GLU A 93 -3.76 14.80 -3.37
N ILE A 94 -3.87 14.98 -2.05
CA ILE A 94 -3.60 13.94 -1.06
C ILE A 94 -4.94 13.42 -0.49
N ASN A 95 -4.94 12.16 -0.02
CA ASN A 95 -6.07 11.56 0.68
C ASN A 95 -6.20 12.15 2.10
N ASP A 96 -7.44 12.24 2.61
CA ASP A 96 -7.72 12.77 3.96
C ASP A 96 -7.36 11.70 5.02
N PHE A 97 -6.34 12.00 5.83
CA PHE A 97 -5.83 11.08 6.87
C PHE A 97 -6.36 11.45 8.27
N SER A 98 -7.10 12.57 8.39
CA SER A 98 -7.73 12.95 9.67
C SER A 98 -8.99 12.08 9.93
N GLY A 99 -9.41 11.32 8.88
CA GLY A 99 -10.51 10.38 8.96
C GLY A 99 -10.05 8.96 9.27
N LEU A 100 -8.70 8.73 9.31
CA LEU A 100 -8.10 7.42 9.70
C LEU A 100 -8.67 6.89 11.01
N LYS A 101 -9.00 7.78 11.93
CA LYS A 101 -9.57 7.42 13.24
C LYS A 101 -10.93 6.70 13.11
N GLU A 102 -11.71 7.08 12.08
CA GLU A 102 -13.05 6.52 11.83
C GLU A 102 -13.01 5.24 10.96
N MET A 103 -12.24 5.29 9.85
CA MET A 103 -12.16 4.19 8.86
C MET A 103 -11.38 2.97 9.41
N VAL A 104 -10.38 3.23 10.26
CA VAL A 104 -9.58 2.18 10.91
C VAL A 104 -9.41 2.48 12.42
N PRO A 105 -10.29 1.89 13.31
CA PRO A 105 -10.17 2.05 14.79
C PRO A 105 -8.96 1.26 15.34
N LYS A 106 -8.63 0.15 14.68
CA LYS A 106 -7.61 -0.80 15.13
C LYS A 106 -6.21 -0.41 14.64
N LEU A 107 -6.13 0.69 13.85
CA LEU A 107 -4.89 1.15 13.21
C LEU A 107 -3.77 1.39 14.25
N ARG A 108 -2.82 0.44 14.28
CA ARG A 108 -1.64 0.54 15.12
C ARG A 108 -0.42 0.96 14.29
N LEU A 109 -0.27 0.40 13.07
CA LEU A 109 0.89 0.69 12.20
C LEU A 109 0.40 1.04 10.78
N ILE A 110 1.04 2.04 10.16
CA ILE A 110 0.76 2.46 8.77
C ILE A 110 2.00 2.14 7.91
N CYS A 111 1.85 1.22 6.93
CA CYS A 111 2.97 0.77 6.07
C CYS A 111 2.95 1.50 4.72
N PHE A 112 4.02 2.25 4.42
CA PHE A 112 4.14 3.03 3.19
C PHE A 112 4.93 2.23 2.12
N ASN A 113 4.30 1.97 0.96
CA ASN A 113 4.92 1.26 -0.17
C ASN A 113 5.90 2.20 -0.90
N GLY A 114 7.11 2.32 -0.33
CA GLY A 114 8.19 3.08 -0.93
C GLY A 114 8.50 4.39 -0.22
N ARG A 115 9.69 4.91 -0.51
CA ARG A 115 10.24 6.15 0.06
C ARG A 115 9.42 7.41 -0.33
N LYS A 116 8.67 7.35 -1.46
CA LYS A 116 7.88 8.49 -1.97
C LYS A 116 6.62 8.69 -1.09
N ALA A 117 5.98 7.57 -0.75
CA ALA A 117 4.87 7.54 0.23
C ALA A 117 5.42 7.86 1.64
N GLY A 118 6.66 7.41 1.88
CA GLY A 118 7.36 7.59 3.16
C GLY A 118 7.76 9.03 3.48
N GLU A 119 7.65 9.93 2.50
CA GLU A 119 7.84 11.39 2.71
C GLU A 119 6.69 11.98 3.57
N TYR A 120 5.55 11.27 3.62
CA TYR A 120 4.34 11.65 4.41
C TYR A 120 4.17 10.72 5.64
N GLU A 121 5.19 9.90 5.91
CA GLU A 121 5.27 9.03 7.09
C GLU A 121 5.41 9.86 8.40
N PRO A 122 6.37 10.87 8.51
CA PRO A 122 6.52 11.69 9.74
C PRO A 122 5.25 12.51 10.06
N LEU A 123 4.43 12.78 9.02
CA LEU A 123 3.17 13.52 9.13
C LEU A 123 2.17 12.80 10.05
N LEU A 124 1.96 11.50 9.81
CA LEU A 124 0.88 10.71 10.46
C LEU A 124 1.27 10.25 11.89
N ARG A 125 2.53 10.53 12.29
CA ARG A 125 3.00 10.32 13.67
C ARG A 125 2.28 11.28 14.64
N GLY A 126 1.94 12.49 14.12
CA GLY A 126 1.27 13.53 14.91
C GLY A 126 -0.16 13.17 15.29
N MET A 127 -0.75 12.18 14.59
CA MET A 127 -2.11 11.68 14.87
C MET A 127 -2.09 10.55 15.93
N GLY A 128 -0.88 10.25 16.46
CA GLY A 128 -0.71 9.21 17.47
C GLY A 128 -0.69 7.79 16.90
N TYR A 129 -0.35 7.67 15.61
CA TYR A 129 -0.22 6.36 14.94
C TYR A 129 1.25 6.03 14.68
N GLU A 130 1.64 4.77 14.93
CA GLU A 130 2.95 4.25 14.54
C GLU A 130 2.99 4.13 13.01
N THR A 131 4.10 4.55 12.42
CA THR A 131 4.28 4.64 10.97
C THR A 131 5.62 4.02 10.57
N LYS A 132 5.60 3.29 9.44
CA LYS A 132 6.74 2.51 8.95
C LYS A 132 6.79 2.60 7.43
N VAL A 133 7.98 2.87 6.89
CA VAL A 133 8.23 2.87 5.44
C VAL A 133 8.86 1.52 5.06
N LEU A 134 8.21 0.82 4.16
CA LEU A 134 8.75 -0.40 3.55
C LEU A 134 9.27 -0.04 2.13
N PRO A 135 10.38 -0.66 1.64
CA PRO A 135 10.96 -0.35 0.30
C PRO A 135 9.95 -0.63 -0.84
N SER A 136 10.09 0.14 -1.94
CA SER A 136 9.19 0.04 -3.12
C SER A 136 9.30 -1.36 -3.72
N SER A 137 8.38 -2.24 -3.32
CA SER A 137 8.36 -3.66 -3.72
C SER A 137 7.56 -3.85 -5.03
N SER A 138 7.42 -2.75 -5.77
CA SER A 138 6.99 -2.76 -7.16
C SER A 138 8.05 -3.47 -8.03
N GLY A 139 7.63 -4.00 -9.18
CA GLY A 139 8.49 -4.76 -10.09
C GLY A 139 9.65 -3.95 -10.66
N ALA A 140 9.49 -2.63 -10.67
CA ALA A 140 10.53 -1.67 -11.10
C ALA A 140 11.77 -1.72 -10.17
N ASN A 141 11.54 -2.07 -8.89
CA ASN A 141 12.58 -2.07 -7.83
C ASN A 141 12.65 -3.45 -7.12
N ARG A 142 12.11 -4.50 -7.75
CA ARG A 142 12.10 -5.89 -7.17
C ARG A 142 13.53 -6.47 -7.06
N ARG A 143 14.42 -5.99 -7.96
CA ARG A 143 15.87 -6.29 -7.94
C ARG A 143 16.50 -5.92 -6.58
N PHE A 144 15.94 -4.89 -5.94
CA PHE A 144 16.43 -4.34 -4.67
C PHE A 144 15.48 -4.71 -3.52
N SER A 145 14.24 -5.11 -3.87
CA SER A 145 13.20 -5.50 -2.89
C SER A 145 13.11 -7.03 -2.72
N LYS A 146 14.07 -7.77 -3.32
CA LYS A 146 14.11 -9.25 -3.27
C LYS A 146 14.28 -9.72 -1.81
N ASN A 147 15.44 -9.36 -1.21
CA ASN A 147 15.82 -9.75 0.17
C ASN A 147 14.92 -9.09 1.25
N ARG A 148 14.06 -8.16 0.81
CA ARG A 148 13.24 -7.34 1.71
C ARG A 148 11.98 -8.10 2.15
N GLU A 149 11.69 -9.24 1.48
CA GLU A 149 10.55 -10.11 1.81
C GLU A 149 10.55 -10.56 3.29
N SER A 150 11.76 -10.59 3.89
CA SER A 150 11.95 -10.95 5.31
C SER A 150 11.49 -9.83 6.28
N GLU A 151 11.78 -8.55 5.93
CA GLU A 151 11.31 -7.40 6.74
C GLU A 151 9.80 -7.22 6.54
N TRP A 152 9.34 -7.52 5.31
CA TRP A 152 7.92 -7.49 4.92
C TRP A 152 7.17 -8.60 5.68
N GLU A 153 7.89 -9.73 5.92
CA GLU A 153 7.36 -10.86 6.67
C GLU A 153 7.02 -10.44 8.10
N ALA A 154 7.92 -9.64 8.70
CA ALA A 154 7.86 -9.29 10.13
C ALA A 154 6.61 -8.45 10.44
N VAL A 155 6.29 -7.55 9.50
CA VAL A 155 5.22 -6.55 9.62
C VAL A 155 3.82 -7.20 9.65
N PHE A 156 3.62 -8.35 8.97
CA PHE A 156 2.27 -8.96 8.83
C PHE A 156 2.17 -10.36 9.46
N ARG A 157 3.32 -10.97 9.84
CA ARG A 157 3.33 -12.31 10.50
C ARG A 157 2.77 -12.23 11.93
N HIS A 158 2.95 -11.07 12.58
CA HIS A 158 2.53 -10.85 13.96
C HIS A 158 1.02 -10.51 14.04
N LEU A 159 0.40 -10.20 12.88
CA LEU A 159 -1.01 -9.78 12.80
C LEU A 159 -1.95 -10.97 13.05
N GLU A 160 -1.62 -12.13 12.49
CA GLU A 160 -2.38 -13.37 12.77
C GLU A 160 -1.75 -14.01 14.02
N HIS A 161 -0.43 -14.21 13.93
CA HIS A 161 0.41 -14.82 14.97
C HIS A 161 -0.13 -16.21 15.37
N MET A 1 -3.08 13.92 -17.91
CA MET A 1 -3.99 12.83 -17.51
C MET A 1 -3.94 12.68 -15.99
N ILE A 2 -4.95 13.24 -15.30
CA ILE A 2 -5.08 13.13 -13.83
C ILE A 2 -5.48 11.68 -13.48
N LYS A 3 -4.53 10.94 -12.90
CA LYS A 3 -4.68 9.52 -12.62
C LYS A 3 -5.21 9.33 -11.20
N ARG A 4 -6.40 8.74 -11.09
CA ARG A 4 -7.09 8.55 -9.81
C ARG A 4 -6.53 7.35 -9.06
N GLY A 5 -6.13 7.58 -7.81
CA GLY A 5 -5.75 6.53 -6.87
C GLY A 5 -6.97 5.72 -6.47
N PHE A 6 -6.76 4.48 -6.04
CA PHE A 6 -7.85 3.49 -5.93
C PHE A 6 -8.63 3.71 -4.60
N PRO A 7 -10.01 3.68 -4.65
CA PRO A 7 -10.85 3.71 -3.43
C PRO A 7 -10.43 2.63 -2.43
N ALA A 8 -10.46 2.97 -1.12
CA ALA A 8 -9.88 2.14 -0.06
C ALA A 8 -10.57 0.77 0.01
N VAL A 9 -9.76 -0.30 0.00
CA VAL A 9 -10.26 -1.67 0.17
C VAL A 9 -10.10 -1.99 1.66
N LEU A 10 -11.05 -1.49 2.44
CA LEU A 10 -10.92 -1.38 3.89
C LEU A 10 -11.96 -2.23 4.63
N ASP A 11 -11.58 -2.70 5.83
CA ASP A 11 -12.51 -3.35 6.78
C ASP A 11 -12.39 -2.67 8.15
N GLU A 12 -13.37 -2.92 9.02
CA GLU A 12 -13.40 -2.45 10.42
C GLU A 12 -12.21 -3.01 11.25
N ASN A 13 -11.68 -4.17 10.85
CA ASN A 13 -10.63 -4.91 11.62
C ASN A 13 -9.22 -4.58 11.11
N THR A 14 -9.08 -3.50 10.32
CA THR A 14 -7.80 -3.14 9.68
C THR A 14 -6.81 -2.60 10.74
N GLU A 15 -5.85 -3.48 11.08
CA GLU A 15 -4.80 -3.21 12.06
C GLU A 15 -3.59 -2.53 11.39
N ILE A 16 -3.38 -2.86 10.11
CA ILE A 16 -2.35 -2.25 9.25
C ILE A 16 -3.02 -1.74 7.97
N LEU A 17 -2.89 -0.44 7.74
CA LEU A 17 -3.44 0.24 6.55
C LEU A 17 -2.26 0.59 5.65
N ILE A 18 -2.24 0.01 4.45
CA ILE A 18 -1.16 0.20 3.48
C ILE A 18 -1.53 1.37 2.57
N LEU A 19 -0.85 2.53 2.74
CA LEU A 19 -1.06 3.74 1.95
C LEU A 19 0.04 3.82 0.87
N GLY A 20 -0.35 3.58 -0.40
CA GLY A 20 0.59 3.73 -1.53
C GLY A 20 1.07 5.17 -1.71
N SER A 21 1.96 5.41 -2.68
CA SER A 21 2.44 6.76 -2.98
C SER A 21 1.49 7.33 -4.06
N LEU A 22 1.65 6.79 -5.26
CA LEU A 22 0.68 6.81 -6.34
C LEU A 22 0.94 5.55 -7.14
N PRO A 23 -0.07 4.66 -7.36
CA PRO A 23 0.10 3.45 -8.20
C PRO A 23 0.51 3.82 -9.64
N SER A 24 1.12 2.85 -10.34
CA SER A 24 1.59 3.00 -11.72
C SER A 24 0.39 3.25 -12.66
N ASP A 25 0.60 3.99 -13.77
CA ASP A 25 -0.47 4.27 -14.75
C ASP A 25 -1.04 2.95 -15.32
N GLU A 26 -0.14 1.95 -15.46
CA GLU A 26 -0.49 0.59 -15.90
C GLU A 26 -1.53 -0.08 -14.96
N SER A 27 -1.39 0.16 -13.64
CA SER A 27 -2.31 -0.41 -12.63
C SER A 27 -3.61 0.43 -12.57
N ILE A 28 -3.47 1.75 -12.84
CA ILE A 28 -4.59 2.70 -12.89
C ILE A 28 -5.43 2.51 -14.19
N ARG A 29 -4.87 1.79 -15.19
CA ARG A 29 -5.63 1.35 -16.38
C ARG A 29 -6.74 0.37 -15.99
N LYS A 30 -6.43 -0.51 -15.02
CA LYS A 30 -7.39 -1.50 -14.47
C LYS A 30 -8.20 -0.86 -13.32
N GLN A 31 -7.69 0.28 -12.81
CA GLN A 31 -8.19 0.98 -11.60
C GLN A 31 -8.28 0.07 -10.36
N GLN A 32 -7.47 -1.01 -10.34
CA GLN A 32 -7.45 -1.99 -9.23
C GLN A 32 -6.01 -2.15 -8.72
N TYR A 33 -5.86 -2.67 -7.48
CA TYR A 33 -4.56 -3.12 -6.92
C TYR A 33 -4.09 -4.44 -7.58
N TYR A 34 -4.95 -4.96 -8.48
CA TYR A 34 -4.67 -6.13 -9.32
C TYR A 34 -3.61 -5.74 -10.36
N GLY A 35 -3.83 -4.53 -10.97
CA GLY A 35 -3.05 -4.01 -12.12
C GLY A 35 -2.51 -5.06 -13.05
N ASN A 36 -1.19 -5.20 -13.05
CA ASN A 36 -0.49 -6.34 -13.66
C ASN A 36 0.07 -7.20 -12.51
N PRO A 37 -0.19 -8.56 -12.51
CA PRO A 37 0.31 -9.47 -11.44
C PRO A 37 1.85 -9.65 -11.43
N GLY A 38 2.58 -8.84 -12.23
CA GLY A 38 4.05 -8.78 -12.21
C GLY A 38 4.58 -7.97 -11.04
N ASN A 39 3.68 -7.41 -10.20
CA ASN A 39 4.06 -6.80 -8.92
C ASN A 39 4.14 -7.91 -7.87
N ASP A 40 5.26 -7.94 -7.12
CA ASP A 40 5.52 -8.96 -6.10
C ASP A 40 4.84 -8.60 -4.77
N PHE A 41 4.05 -7.50 -4.72
CA PHE A 41 3.21 -7.14 -3.54
C PHE A 41 2.48 -8.35 -2.96
N TRP A 42 1.70 -9.02 -3.81
CA TRP A 42 0.87 -10.18 -3.43
C TRP A 42 1.74 -11.40 -3.03
N ARG A 43 2.98 -11.41 -3.52
CA ARG A 43 3.97 -12.47 -3.24
C ARG A 43 4.66 -12.26 -1.87
N LEU A 44 5.01 -10.98 -1.56
CA LEU A 44 5.76 -10.60 -0.34
C LEU A 44 4.82 -10.68 0.86
N VAL A 45 3.62 -10.08 0.69
CA VAL A 45 2.56 -10.06 1.72
C VAL A 45 2.00 -11.49 1.88
N GLY A 46 1.87 -12.22 0.76
CA GLY A 46 1.36 -13.60 0.76
C GLY A 46 2.26 -14.57 1.50
N HIS A 47 3.57 -14.38 1.35
CA HIS A 47 4.60 -15.16 2.06
C HIS A 47 4.56 -14.84 3.57
N ALA A 48 4.38 -13.54 3.87
CA ALA A 48 4.38 -13.00 5.24
C ALA A 48 3.17 -13.49 6.07
N ILE A 49 1.99 -13.54 5.43
CA ILE A 49 0.73 -13.97 6.08
C ILE A 49 0.53 -15.51 5.96
N GLY A 50 1.41 -16.18 5.19
CA GLY A 50 1.37 -17.64 5.01
C GLY A 50 0.20 -18.11 4.15
N GLU A 51 -0.33 -17.19 3.31
CA GLU A 51 -1.46 -17.44 2.41
C GLU A 51 -1.13 -16.75 1.08
N ASN A 52 -0.58 -17.52 0.12
CA ASN A 52 -0.09 -17.02 -1.17
C ASN A 52 -1.22 -16.32 -1.97
N LEU A 53 -1.12 -14.99 -2.05
CA LEU A 53 -2.16 -14.13 -2.67
C LEU A 53 -2.14 -14.23 -4.21
N GLN A 54 -1.01 -14.70 -4.79
CA GLN A 54 -0.78 -14.70 -6.27
C GLN A 54 -1.91 -15.41 -7.04
N ASP A 55 -2.21 -16.67 -6.67
CA ASP A 55 -3.18 -17.53 -7.39
C ASP A 55 -4.64 -17.26 -6.97
N MET A 56 -4.84 -16.24 -6.14
CA MET A 56 -6.17 -15.80 -5.74
C MET A 56 -6.67 -14.76 -6.75
N ALA A 57 -7.96 -14.83 -7.11
CA ALA A 57 -8.63 -13.77 -7.89
C ALA A 57 -8.72 -12.49 -7.03
N TYR A 58 -8.80 -11.32 -7.69
CA TYR A 58 -8.72 -9.99 -7.01
C TYR A 58 -9.63 -9.88 -5.78
N GLU A 59 -10.93 -10.23 -5.93
CA GLU A 59 -11.92 -10.15 -4.83
C GLU A 59 -11.50 -11.05 -3.64
N LYS A 60 -10.95 -12.24 -3.96
CA LYS A 60 -10.52 -13.25 -2.97
C LYS A 60 -9.29 -12.79 -2.15
N LYS A 61 -8.21 -12.38 -2.85
CA LYS A 61 -6.94 -11.98 -2.18
C LYS A 61 -7.14 -10.77 -1.24
N LEU A 62 -8.12 -9.91 -1.57
CA LEU A 62 -8.57 -8.82 -0.69
C LEU A 62 -9.21 -9.37 0.61
N LYS A 63 -10.04 -10.41 0.49
CA LYS A 63 -10.70 -11.06 1.67
C LYS A 63 -9.64 -11.59 2.64
N THR A 64 -8.58 -12.16 2.04
CA THR A 64 -7.45 -12.73 2.77
C THR A 64 -6.66 -11.62 3.50
N LEU A 65 -6.51 -10.44 2.85
CA LEU A 65 -5.85 -9.27 3.45
C LEU A 65 -6.55 -8.85 4.75
N LYS A 66 -7.85 -8.51 4.67
CA LYS A 66 -8.58 -7.96 5.83
C LYS A 66 -8.85 -9.04 6.91
N HIS A 67 -8.83 -10.33 6.51
CA HIS A 67 -8.73 -11.48 7.44
C HIS A 67 -7.44 -11.38 8.29
N ASN A 68 -6.33 -11.03 7.62
CA ASN A 68 -5.01 -10.82 8.25
C ASN A 68 -4.85 -9.34 8.68
N ARG A 69 -5.99 -8.62 8.81
CA ARG A 69 -6.05 -7.28 9.43
C ARG A 69 -5.37 -6.20 8.54
N ILE A 70 -5.35 -6.43 7.22
CA ILE A 70 -4.68 -5.54 6.23
C ILE A 70 -5.74 -4.84 5.38
N GLY A 71 -5.71 -3.50 5.37
CA GLY A 71 -6.53 -2.69 4.46
C GLY A 71 -5.65 -1.99 3.44
N LEU A 72 -6.24 -1.59 2.32
CA LEU A 72 -5.52 -0.91 1.22
C LEU A 72 -6.11 0.47 1.00
N TRP A 73 -5.24 1.44 0.73
CA TRP A 73 -5.59 2.82 0.33
C TRP A 73 -4.30 3.45 -0.24
N ASP A 74 -4.32 4.74 -0.62
CA ASP A 74 -3.13 5.46 -1.12
C ASP A 74 -3.01 6.82 -0.40
N VAL A 75 -1.79 7.41 -0.45
CA VAL A 75 -1.53 8.75 0.11
C VAL A 75 -2.12 9.80 -0.83
N PHE A 76 -1.83 9.67 -2.13
CA PHE A 76 -2.40 10.55 -3.16
C PHE A 76 -3.65 9.94 -3.77
N LYS A 77 -4.72 10.74 -3.79
CA LYS A 77 -6.00 10.39 -4.43
C LYS A 77 -5.96 10.70 -5.93
N ALA A 78 -5.00 11.55 -6.35
CA ALA A 78 -4.78 11.86 -7.76
C ALA A 78 -3.32 12.33 -7.98
N GLY A 79 -2.69 11.80 -9.03
CA GLY A 79 -1.34 12.15 -9.44
C GLY A 79 -1.20 12.04 -10.95
N SER A 80 -0.37 12.88 -11.57
CA SER A 80 -0.25 12.97 -13.05
C SER A 80 1.20 13.20 -13.50
N ARG A 81 1.41 13.29 -14.82
CA ARG A 81 2.67 13.78 -15.42
C ARG A 81 2.29 14.85 -16.46
N GLU A 82 2.56 16.12 -16.13
CA GLU A 82 2.25 17.26 -17.00
C GLU A 82 3.44 17.51 -17.96
N GLY A 83 3.40 18.60 -18.74
CA GLY A 83 4.55 18.99 -19.59
C GLY A 83 5.68 19.65 -18.80
N SER A 84 6.13 18.95 -17.74
CA SER A 84 7.11 19.43 -16.78
C SER A 84 7.53 18.20 -15.94
N GLN A 85 8.51 17.43 -16.51
CA GLN A 85 9.07 16.16 -15.94
C GLN A 85 8.09 14.97 -16.08
N ASP A 86 8.66 13.75 -16.14
CA ASP A 86 7.91 12.48 -16.03
C ASP A 86 8.00 11.99 -14.58
N SER A 87 7.46 12.80 -13.68
CA SER A 87 7.39 12.48 -12.26
C SER A 87 6.25 11.49 -12.01
N LYS A 88 6.50 10.48 -11.13
CA LYS A 88 5.49 9.47 -10.69
C LYS A 88 4.23 10.21 -10.22
N ILE A 89 4.45 11.07 -9.22
CA ILE A 89 3.43 11.93 -8.63
C ILE A 89 3.74 13.39 -9.03
N GLY A 90 3.22 13.81 -10.17
CA GLY A 90 3.32 15.20 -10.64
C GLY A 90 2.05 15.95 -10.40
N ASP A 91 1.68 16.02 -9.10
CA ASP A 91 0.39 16.58 -8.64
C ASP A 91 0.40 16.63 -7.09
N GLU A 92 -0.49 17.45 -6.51
CA GLU A 92 -0.53 17.73 -5.06
C GLU A 92 -1.89 17.29 -4.45
N GLU A 93 -2.65 16.42 -5.15
CA GLU A 93 -3.98 15.99 -4.69
C GLU A 93 -3.81 14.80 -3.72
N ILE A 94 -3.82 15.12 -2.41
CA ILE A 94 -3.58 14.16 -1.32
C ILE A 94 -4.90 13.83 -0.61
N ASN A 95 -4.97 12.62 -0.05
CA ASN A 95 -6.12 12.16 0.75
C ASN A 95 -6.07 12.82 2.15
N ASP A 96 -7.24 12.97 2.75
CA ASP A 96 -7.37 13.42 4.15
C ASP A 96 -7.13 12.23 5.08
N PHE A 97 -6.34 12.43 6.15
CA PHE A 97 -5.95 11.36 7.09
C PHE A 97 -6.39 11.70 8.53
N SER A 98 -7.09 12.83 8.73
CA SER A 98 -7.56 13.25 10.08
C SER A 98 -8.64 12.29 10.64
N GLY A 99 -9.25 11.51 9.75
CA GLY A 99 -10.31 10.57 10.10
C GLY A 99 -9.82 9.15 10.39
N LEU A 100 -8.48 8.90 10.22
CA LEU A 100 -7.87 7.56 10.44
C LEU A 100 -8.22 6.96 11.81
N LYS A 101 -8.32 7.79 12.85
CA LYS A 101 -8.61 7.31 14.22
C LYS A 101 -10.04 6.74 14.35
N GLU A 102 -10.92 7.07 13.38
CA GLU A 102 -12.29 6.59 13.31
C GLU A 102 -12.44 5.40 12.34
N MET A 103 -11.92 5.56 11.09
CA MET A 103 -12.09 4.57 10.00
C MET A 103 -11.27 3.29 10.26
N VAL A 104 -10.09 3.48 10.86
CA VAL A 104 -9.21 2.37 11.28
C VAL A 104 -8.85 2.52 12.78
N PRO A 105 -9.74 2.00 13.70
CA PRO A 105 -9.51 2.05 15.16
C PRO A 105 -8.49 0.96 15.61
N LYS A 106 -8.44 -0.16 14.87
CA LYS A 106 -7.51 -1.26 15.13
C LYS A 106 -6.08 -0.91 14.69
N LEU A 107 -5.95 0.20 13.91
CA LEU A 107 -4.66 0.64 13.33
C LEU A 107 -3.61 0.86 14.44
N ARG A 108 -2.46 0.21 14.25
CA ARG A 108 -1.28 0.37 15.12
C ARG A 108 0.00 0.52 14.29
N LEU A 109 -0.05 0.12 13.00
CA LEU A 109 1.09 0.27 12.07
C LEU A 109 0.58 0.60 10.66
N ILE A 110 1.19 1.62 10.04
CA ILE A 110 0.89 2.04 8.65
C ILE A 110 2.07 1.62 7.75
N CYS A 111 1.77 1.21 6.51
CA CYS A 111 2.80 0.77 5.54
C CYS A 111 2.66 1.56 4.23
N PHE A 112 3.69 2.35 3.89
CA PHE A 112 3.66 3.21 2.70
C PHE A 112 4.29 2.49 1.50
N ASN A 113 3.47 2.14 0.48
CA ASN A 113 3.95 1.44 -0.73
C ASN A 113 4.51 2.48 -1.72
N GLY A 114 5.82 2.70 -1.64
CA GLY A 114 6.52 3.69 -2.46
C GLY A 114 7.28 4.68 -1.59
N ARG A 115 8.58 4.85 -1.86
CA ARG A 115 9.50 5.76 -1.13
C ARG A 115 8.95 7.22 -0.99
N LYS A 116 8.40 7.75 -2.10
CA LYS A 116 7.79 9.11 -2.15
C LYS A 116 6.62 9.33 -1.16
N ALA A 117 5.95 8.23 -0.73
CA ALA A 117 4.90 8.29 0.32
C ALA A 117 5.53 8.51 1.72
N GLY A 118 6.84 8.23 1.81
CA GLY A 118 7.64 8.46 3.02
C GLY A 118 7.84 9.92 3.38
N GLU A 119 7.58 10.82 2.42
CA GLU A 119 7.56 12.27 2.66
C GLU A 119 6.37 12.62 3.61
N TYR A 120 5.32 11.78 3.58
CA TYR A 120 4.08 11.96 4.35
C TYR A 120 3.96 10.93 5.50
N GLU A 121 5.04 10.16 5.73
CA GLU A 121 5.17 9.29 6.92
C GLU A 121 5.13 10.11 8.26
N PRO A 122 5.97 11.22 8.43
CA PRO A 122 6.03 11.96 9.71
C PRO A 122 4.71 12.68 10.06
N LEU A 123 3.84 12.85 9.05
CA LEU A 123 2.52 13.48 9.17
C LEU A 123 1.61 12.65 10.11
N LEU A 124 1.68 11.32 9.96
CA LEU A 124 0.74 10.39 10.62
C LEU A 124 1.28 9.92 11.99
N ARG A 125 2.52 10.32 12.34
CA ARG A 125 3.11 10.09 13.67
C ARG A 125 2.34 10.89 14.74
N GLY A 126 1.81 12.06 14.32
CA GLY A 126 1.08 12.97 15.21
C GLY A 126 -0.34 12.49 15.52
N MET A 127 -0.73 11.34 14.94
CA MET A 127 -2.05 10.69 15.17
C MET A 127 -1.89 9.46 16.10
N GLY A 128 -0.69 9.36 16.72
CA GLY A 128 -0.38 8.30 17.70
C GLY A 128 -0.21 6.92 17.09
N TYR A 129 0.11 6.88 15.80
CA TYR A 129 0.30 5.62 15.05
C TYR A 129 1.76 5.38 14.68
N GLU A 130 2.20 4.10 14.77
CA GLU A 130 3.48 3.65 14.19
C GLU A 130 3.35 3.71 12.67
N THR A 131 4.36 4.27 12.03
CA THR A 131 4.39 4.48 10.57
C THR A 131 5.68 3.85 10.01
N LYS A 132 5.55 3.15 8.88
CA LYS A 132 6.65 2.42 8.21
C LYS A 132 6.53 2.56 6.70
N VAL A 133 7.63 2.94 6.03
CA VAL A 133 7.69 3.05 4.57
C VAL A 133 8.40 1.83 3.99
N LEU A 134 7.75 1.24 2.99
CA LEU A 134 8.24 0.11 2.22
C LEU A 134 8.44 0.58 0.75
N PRO A 135 9.35 -0.07 -0.05
CA PRO A 135 9.56 0.29 -1.47
C PRO A 135 8.33 -0.04 -2.35
N SER A 136 8.37 0.45 -3.60
CA SER A 136 7.43 0.03 -4.64
C SER A 136 7.60 -1.49 -4.86
N SER A 137 6.49 -2.22 -4.80
CA SER A 137 6.48 -3.69 -4.82
C SER A 137 6.68 -4.29 -6.25
N SER A 138 7.37 -3.56 -7.13
CA SER A 138 7.69 -3.99 -8.49
C SER A 138 9.01 -4.80 -8.51
N GLY A 139 9.19 -5.60 -9.58
CA GLY A 139 10.27 -6.58 -9.68
C GLY A 139 11.69 -5.99 -9.70
N ALA A 140 11.80 -4.70 -10.07
CA ALA A 140 13.10 -3.99 -10.15
C ALA A 140 13.65 -3.72 -8.73
N ASN A 141 12.78 -3.27 -7.81
CA ASN A 141 13.12 -3.13 -6.38
C ASN A 141 13.29 -4.50 -5.73
N ARG A 142 12.41 -5.46 -6.11
CA ARG A 142 12.38 -6.84 -5.57
C ARG A 142 13.72 -7.58 -5.83
N ARG A 143 14.33 -7.27 -6.99
CA ARG A 143 15.66 -7.80 -7.41
C ARG A 143 16.76 -7.51 -6.36
N PHE A 144 16.54 -6.47 -5.54
CA PHE A 144 17.49 -5.99 -4.52
C PHE A 144 16.90 -6.12 -3.10
N SER A 145 15.55 -6.15 -3.02
CA SER A 145 14.79 -6.25 -1.75
C SER A 145 14.62 -7.70 -1.25
N LYS A 146 15.67 -8.52 -1.39
CA LYS A 146 15.66 -9.91 -0.89
C LYS A 146 15.85 -9.95 0.62
N ASN A 147 16.92 -9.30 1.13
CA ASN A 147 17.11 -9.12 2.59
C ASN A 147 15.99 -8.24 3.20
N ARG A 148 15.35 -7.41 2.35
CA ARG A 148 14.31 -6.43 2.77
C ARG A 148 12.94 -7.12 2.85
N GLU A 149 12.80 -8.29 2.19
CA GLU A 149 11.60 -9.15 2.33
C GLU A 149 11.39 -9.56 3.80
N SER A 150 12.49 -9.60 4.56
CA SER A 150 12.50 -9.89 6.00
C SER A 150 11.67 -8.85 6.79
N GLU A 151 11.84 -7.54 6.47
CA GLU A 151 11.07 -6.45 7.15
C GLU A 151 9.63 -6.42 6.64
N TRP A 152 9.41 -6.85 5.37
CA TRP A 152 8.06 -6.98 4.80
C TRP A 152 7.29 -8.03 5.61
N GLU A 153 7.97 -9.16 5.90
CA GLU A 153 7.42 -10.24 6.69
C GLU A 153 7.25 -9.81 8.16
N ALA A 154 8.20 -8.99 8.66
CA ALA A 154 8.20 -8.53 10.07
C ALA A 154 6.95 -7.68 10.36
N VAL A 155 6.47 -6.97 9.32
CA VAL A 155 5.24 -6.20 9.36
C VAL A 155 3.99 -7.12 9.47
N PHE A 156 3.84 -8.08 8.53
CA PHE A 156 2.57 -8.83 8.37
C PHE A 156 2.52 -10.17 9.14
N ARG A 157 3.64 -10.59 9.77
CA ARG A 157 3.72 -11.88 10.51
C ARG A 157 2.90 -11.80 11.81
N HIS A 158 2.98 -10.63 12.50
CA HIS A 158 2.37 -10.44 13.83
C HIS A 158 0.83 -10.25 13.71
N LEU A 159 0.34 -10.16 12.46
CA LEU A 159 -1.08 -9.95 12.17
C LEU A 159 -1.90 -11.23 12.40
N GLU A 160 -1.25 -12.40 12.41
CA GLU A 160 -1.88 -13.65 12.84
C GLU A 160 -2.00 -13.67 14.39
N HIS A 161 -1.05 -12.98 15.05
CA HIS A 161 -1.07 -12.70 16.50
C HIS A 161 -1.11 -14.01 17.34
N MET A 1 -3.26 14.28 -18.33
CA MET A 1 -3.84 12.99 -17.87
C MET A 1 -3.60 12.84 -16.36
N ILE A 2 -4.52 13.40 -15.56
CA ILE A 2 -4.50 13.27 -14.10
C ILE A 2 -5.01 11.86 -13.72
N LYS A 3 -4.19 11.13 -12.96
CA LYS A 3 -4.44 9.72 -12.59
C LYS A 3 -4.81 9.63 -11.12
N ARG A 4 -5.87 8.86 -10.84
CA ARG A 4 -6.45 8.75 -9.49
C ARG A 4 -6.00 7.45 -8.81
N GLY A 5 -5.63 7.58 -7.53
CA GLY A 5 -5.41 6.43 -6.66
C GLY A 5 -6.72 5.78 -6.26
N PHE A 6 -6.65 4.66 -5.56
CA PHE A 6 -7.84 3.90 -5.16
C PHE A 6 -8.53 4.53 -3.94
N PRO A 7 -9.89 4.41 -3.82
CA PRO A 7 -10.61 4.56 -2.53
C PRO A 7 -10.08 3.54 -1.50
N ALA A 8 -10.37 3.75 -0.20
CA ALA A 8 -9.87 2.89 0.87
C ALA A 8 -10.43 1.46 0.73
N VAL A 9 -9.52 0.52 0.44
CA VAL A 9 -9.84 -0.91 0.31
C VAL A 9 -9.74 -1.49 1.73
N LEU A 10 -10.75 -1.19 2.55
CA LEU A 10 -10.60 -1.18 4.01
C LEU A 10 -11.67 -1.99 4.74
N ASP A 11 -11.32 -2.47 5.95
CA ASP A 11 -12.24 -3.11 6.90
C ASP A 11 -12.14 -2.43 8.29
N GLU A 12 -13.15 -2.65 9.14
CA GLU A 12 -13.20 -2.13 10.53
C GLU A 12 -12.11 -2.78 11.42
N ASN A 13 -11.65 -3.99 11.05
CA ASN A 13 -10.69 -4.77 11.86
C ASN A 13 -9.25 -4.55 11.37
N THR A 14 -9.03 -3.52 10.52
CA THR A 14 -7.73 -3.27 9.89
C THR A 14 -6.69 -2.78 10.93
N GLU A 15 -5.72 -3.66 11.19
CA GLU A 15 -4.61 -3.41 12.11
C GLU A 15 -3.44 -2.78 11.36
N ILE A 16 -3.24 -3.19 10.08
CA ILE A 16 -2.18 -2.66 9.22
C ILE A 16 -2.81 -2.05 7.96
N LEU A 17 -2.68 -0.73 7.81
CA LEU A 17 -3.18 0.01 6.63
C LEU A 17 -1.98 0.33 5.74
N ILE A 18 -1.93 -0.30 4.57
CA ILE A 18 -0.83 -0.16 3.62
C ILE A 18 -1.18 0.96 2.63
N LEU A 19 -0.39 2.03 2.64
CA LEU A 19 -0.53 3.14 1.70
C LEU A 19 0.55 3.06 0.62
N GLY A 20 0.14 3.06 -0.65
CA GLY A 20 1.07 3.34 -1.75
C GLY A 20 1.29 4.83 -1.89
N SER A 21 1.78 5.28 -3.04
CA SER A 21 1.88 6.71 -3.35
C SER A 21 0.80 7.04 -4.37
N LEU A 22 0.94 6.43 -5.55
CA LEU A 22 -0.07 6.42 -6.60
C LEU A 22 0.14 5.09 -7.37
N PRO A 23 -0.93 4.30 -7.68
CA PRO A 23 -0.80 3.04 -8.44
C PRO A 23 -0.37 3.32 -9.89
N SER A 24 0.27 2.33 -10.53
CA SER A 24 0.70 2.43 -11.94
C SER A 24 -0.53 2.64 -12.84
N ASP A 25 -0.36 3.33 -13.99
CA ASP A 25 -1.50 3.73 -14.86
C ASP A 25 -2.30 2.51 -15.35
N GLU A 26 -1.58 1.41 -15.64
CA GLU A 26 -2.18 0.16 -16.14
C GLU A 26 -3.01 -0.53 -15.04
N SER A 27 -2.58 -0.32 -13.78
CA SER A 27 -3.30 -0.80 -12.57
C SER A 27 -4.63 -0.04 -12.43
N ILE A 28 -4.56 1.29 -12.60
CA ILE A 28 -5.71 2.20 -12.49
C ILE A 28 -6.77 1.92 -13.59
N ARG A 29 -6.31 1.63 -14.83
CA ARG A 29 -7.21 1.45 -15.99
C ARG A 29 -8.18 0.27 -15.81
N LYS A 30 -7.70 -0.82 -15.18
CA LYS A 30 -8.51 -2.03 -14.93
C LYS A 30 -9.04 -2.09 -13.48
N GLN A 31 -8.56 -1.14 -12.64
CA GLN A 31 -8.94 -1.02 -11.21
C GLN A 31 -8.42 -2.20 -10.34
N GLN A 32 -7.42 -2.94 -10.85
CA GLN A 32 -6.73 -4.01 -10.09
C GLN A 32 -5.26 -3.59 -9.87
N TYR A 33 -4.79 -3.64 -8.59
CA TYR A 33 -3.35 -3.51 -8.26
C TYR A 33 -2.57 -4.64 -8.95
N TYR A 34 -2.95 -5.89 -8.60
CA TYR A 34 -2.36 -7.13 -9.16
C TYR A 34 -2.45 -7.18 -10.71
N GLY A 35 -3.44 -6.49 -11.29
CA GLY A 35 -3.70 -6.55 -12.73
C GLY A 35 -2.55 -5.96 -13.56
N ASN A 36 -1.74 -5.12 -12.91
CA ASN A 36 -0.49 -4.58 -13.45
C ASN A 36 0.66 -5.58 -13.14
N PRO A 37 1.20 -6.31 -14.17
CA PRO A 37 2.28 -7.31 -13.99
C PRO A 37 3.58 -6.67 -13.50
N GLY A 38 4.27 -7.39 -12.62
CA GLY A 38 5.52 -6.93 -12.01
C GLY A 38 5.33 -6.51 -10.56
N ASN A 39 4.08 -6.21 -10.17
CA ASN A 39 3.74 -5.82 -8.79
C ASN A 39 3.92 -7.01 -7.86
N ASP A 40 5.06 -7.02 -7.18
CA ASP A 40 5.60 -8.12 -6.36
C ASP A 40 5.04 -8.04 -4.91
N PHE A 41 4.31 -6.93 -4.60
CA PHE A 41 3.63 -6.68 -3.28
C PHE A 41 2.94 -7.95 -2.73
N TRP A 42 2.25 -8.65 -3.62
CA TRP A 42 1.40 -9.81 -3.29
C TRP A 42 2.24 -11.04 -2.88
N ARG A 43 3.49 -11.07 -3.36
CA ARG A 43 4.45 -12.14 -3.06
C ARG A 43 5.12 -11.92 -1.69
N LEU A 44 5.38 -10.64 -1.33
CA LEU A 44 6.05 -10.27 -0.06
C LEU A 44 5.07 -10.31 1.13
N VAL A 45 3.89 -9.70 0.93
CA VAL A 45 2.80 -9.74 1.92
C VAL A 45 2.25 -11.18 2.02
N GLY A 46 2.20 -11.87 0.86
CA GLY A 46 1.74 -13.25 0.78
C GLY A 46 2.70 -14.24 1.45
N HIS A 47 4.00 -13.93 1.39
CA HIS A 47 5.05 -14.67 2.13
C HIS A 47 4.89 -14.45 3.65
N ALA A 48 4.63 -13.19 4.00
CA ALA A 48 4.55 -12.73 5.39
C ALA A 48 3.34 -13.30 6.16
N ILE A 49 2.19 -13.42 5.47
CA ILE A 49 0.95 -13.99 6.07
C ILE A 49 0.81 -15.49 5.73
N GLY A 50 1.63 -15.97 4.77
CA GLY A 50 1.62 -17.37 4.36
C GLY A 50 0.40 -17.76 3.52
N GLU A 51 -0.11 -16.80 2.73
CA GLU A 51 -1.28 -16.97 1.85
C GLU A 51 -0.92 -16.39 0.48
N ASN A 52 -0.79 -17.25 -0.54
CA ASN A 52 -0.36 -16.82 -1.90
C ASN A 52 -1.42 -15.91 -2.57
N LEU A 53 -1.26 -14.59 -2.33
CA LEU A 53 -2.17 -13.54 -2.81
C LEU A 53 -2.05 -13.37 -4.33
N GLN A 54 -0.84 -13.63 -4.84
CA GLN A 54 -0.49 -13.39 -6.25
C GLN A 54 -1.14 -14.44 -7.19
N ASP A 55 -1.73 -15.51 -6.63
CA ASP A 55 -2.46 -16.53 -7.43
C ASP A 55 -3.98 -16.28 -7.39
N MET A 56 -4.43 -15.37 -6.52
CA MET A 56 -5.87 -15.13 -6.25
C MET A 56 -6.45 -14.12 -7.25
N ALA A 57 -7.78 -14.15 -7.40
CA ALA A 57 -8.55 -13.09 -8.10
C ALA A 57 -8.63 -11.86 -7.19
N TYR A 58 -8.90 -10.66 -7.77
CA TYR A 58 -8.91 -9.39 -7.01
C TYR A 58 -9.79 -9.43 -5.75
N GLU A 59 -11.06 -9.80 -5.92
CA GLU A 59 -12.04 -9.80 -4.82
C GLU A 59 -11.63 -10.78 -3.70
N LYS A 60 -11.05 -11.92 -4.11
CA LYS A 60 -10.58 -12.98 -3.19
C LYS A 60 -9.37 -12.51 -2.36
N LYS A 61 -8.33 -11.99 -3.04
CA LYS A 61 -7.11 -11.51 -2.35
C LYS A 61 -7.42 -10.36 -1.38
N LEU A 62 -8.41 -9.50 -1.73
CA LEU A 62 -8.90 -8.43 -0.84
C LEU A 62 -9.57 -9.01 0.42
N LYS A 63 -10.41 -10.05 0.23
CA LYS A 63 -11.04 -10.78 1.37
C LYS A 63 -9.97 -11.33 2.32
N THR A 64 -8.89 -11.89 1.72
CA THR A 64 -7.78 -12.50 2.45
C THR A 64 -6.97 -11.42 3.22
N LEU A 65 -6.73 -10.26 2.56
CA LEU A 65 -6.01 -9.12 3.15
C LEU A 65 -6.68 -8.67 4.44
N LYS A 66 -7.94 -8.23 4.32
CA LYS A 66 -8.68 -7.63 5.44
C LYS A 66 -9.03 -8.69 6.52
N HIS A 67 -9.08 -9.98 6.14
CA HIS A 67 -9.12 -11.10 7.11
C HIS A 67 -7.84 -11.16 7.95
N ASN A 68 -6.68 -10.89 7.31
CA ASN A 68 -5.37 -10.76 8.01
C ASN A 68 -5.19 -9.32 8.54
N ARG A 69 -6.29 -8.54 8.57
CA ARG A 69 -6.37 -7.19 9.17
C ARG A 69 -5.57 -6.16 8.33
N ILE A 70 -5.40 -6.46 7.04
CA ILE A 70 -4.61 -5.63 6.12
C ILE A 70 -5.55 -4.86 5.18
N GLY A 71 -5.49 -3.53 5.24
CA GLY A 71 -6.21 -2.67 4.29
C GLY A 71 -5.24 -2.08 3.28
N LEU A 72 -5.76 -1.60 2.14
CA LEU A 72 -4.97 -0.93 1.10
C LEU A 72 -5.55 0.45 0.84
N TRP A 73 -4.67 1.40 0.54
CA TRP A 73 -5.05 2.75 0.10
C TRP A 73 -3.77 3.39 -0.50
N ASP A 74 -3.80 4.69 -0.78
CA ASP A 74 -2.64 5.45 -1.29
C ASP A 74 -2.46 6.73 -0.47
N VAL A 75 -1.26 7.33 -0.59
CA VAL A 75 -0.96 8.65 0.00
C VAL A 75 -1.52 9.76 -0.89
N PHE A 76 -1.17 9.76 -2.18
CA PHE A 76 -1.65 10.76 -3.15
C PHE A 76 -2.96 10.28 -3.79
N LYS A 77 -3.98 11.15 -3.76
CA LYS A 77 -5.30 10.87 -4.36
C LYS A 77 -5.25 11.05 -5.87
N ALA A 78 -4.46 12.04 -6.33
CA ALA A 78 -4.27 12.32 -7.76
C ALA A 78 -2.84 12.78 -8.04
N GLY A 79 -2.31 12.31 -9.17
CA GLY A 79 -1.00 12.69 -9.67
C GLY A 79 -0.85 12.29 -11.12
N SER A 80 0.10 12.91 -11.82
CA SER A 80 0.36 12.63 -13.23
C SER A 80 1.87 12.47 -13.46
N ARG A 81 2.26 11.31 -14.03
CA ARG A 81 3.67 11.02 -14.32
C ARG A 81 4.10 11.85 -15.52
N GLU A 82 4.74 12.99 -15.23
CA GLU A 82 5.14 14.00 -16.21
C GLU A 82 6.64 13.85 -16.50
N GLY A 83 7.05 14.09 -17.75
CA GLY A 83 8.45 14.04 -18.17
C GLY A 83 9.21 15.31 -17.77
N SER A 84 9.40 15.47 -16.45
CA SER A 84 10.07 16.62 -15.84
C SER A 84 10.63 16.20 -14.48
N GLN A 85 11.49 17.03 -13.88
CA GLN A 85 12.03 16.77 -12.52
C GLN A 85 10.96 17.10 -11.47
N ASP A 86 10.02 16.16 -11.28
CA ASP A 86 8.90 16.30 -10.34
C ASP A 86 9.06 15.26 -9.21
N SER A 87 9.23 15.75 -7.97
CA SER A 87 9.45 14.92 -6.78
C SER A 87 8.22 15.00 -5.84
N LYS A 88 7.05 15.34 -6.41
CA LYS A 88 5.78 15.44 -5.68
C LYS A 88 4.89 14.24 -6.03
N ILE A 89 4.48 14.18 -7.32
CA ILE A 89 3.71 13.06 -7.94
C ILE A 89 3.23 13.49 -9.35
N GLY A 90 3.12 14.82 -9.55
CA GLY A 90 2.58 15.41 -10.78
C GLY A 90 1.31 16.22 -10.53
N ASP A 91 1.02 16.42 -9.24
CA ASP A 91 -0.19 17.11 -8.75
C ASP A 91 -0.05 17.32 -7.22
N GLU A 92 -1.02 17.98 -6.58
CA GLU A 92 -0.98 18.29 -5.13
C GLU A 92 -2.18 17.67 -4.38
N GLU A 93 -2.93 16.76 -5.04
CA GLU A 93 -4.12 16.13 -4.43
C GLU A 93 -3.68 14.89 -3.63
N ILE A 94 -3.95 14.92 -2.32
CA ILE A 94 -3.51 13.90 -1.36
C ILE A 94 -4.74 13.35 -0.62
N ASN A 95 -4.77 12.03 -0.39
CA ASN A 95 -5.83 11.35 0.38
C ASN A 95 -5.85 11.89 1.82
N ASP A 96 -7.04 12.14 2.38
CA ASP A 96 -7.20 12.74 3.71
C ASP A 96 -7.16 11.65 4.78
N PHE A 97 -6.29 11.85 5.77
CA PHE A 97 -6.07 10.87 6.84
C PHE A 97 -6.55 11.42 8.21
N SER A 98 -7.23 12.58 8.19
CA SER A 98 -7.81 13.18 9.42
C SER A 98 -8.92 12.27 10.01
N GLY A 99 -9.54 11.47 9.15
CA GLY A 99 -10.62 10.55 9.54
C GLY A 99 -10.15 9.20 10.09
N LEU A 100 -8.82 8.95 10.12
CA LEU A 100 -8.24 7.65 10.54
C LEU A 100 -8.80 7.10 11.88
N LYS A 101 -9.05 7.98 12.88
CA LYS A 101 -9.57 7.57 14.20
C LYS A 101 -10.89 6.77 14.07
N GLU A 102 -11.74 7.23 13.13
CA GLU A 102 -13.08 6.68 12.90
C GLU A 102 -13.07 5.45 11.96
N MET A 103 -12.40 5.58 10.79
CA MET A 103 -12.37 4.53 9.72
C MET A 103 -11.59 3.28 10.17
N VAL A 104 -10.52 3.51 10.95
CA VAL A 104 -9.68 2.42 11.49
C VAL A 104 -9.41 2.62 12.99
N PRO A 105 -10.23 1.99 13.88
CA PRO A 105 -10.01 2.01 15.34
C PRO A 105 -8.87 1.05 15.76
N LYS A 106 -8.70 -0.05 15.00
CA LYS A 106 -7.76 -1.13 15.32
C LYS A 106 -6.35 -0.87 14.72
N LEU A 107 -6.23 0.19 13.88
CA LEU A 107 -4.96 0.53 13.21
C LEU A 107 -3.83 0.78 14.21
N ARG A 108 -2.91 -0.18 14.26
CA ARG A 108 -1.71 -0.11 15.10
C ARG A 108 -0.54 0.39 14.24
N LEU A 109 -0.32 -0.25 13.07
CA LEU A 109 0.86 -0.02 12.23
C LEU A 109 0.44 0.33 10.79
N ILE A 110 1.04 1.40 10.23
CA ILE A 110 0.84 1.82 8.84
C ILE A 110 2.06 1.38 8.02
N CYS A 111 1.86 0.98 6.75
CA CYS A 111 2.95 0.53 5.88
C CYS A 111 2.97 1.34 4.57
N PHE A 112 4.02 2.14 4.37
CA PHE A 112 4.21 2.98 3.17
C PHE A 112 5.03 2.21 2.15
N ASN A 113 4.41 1.81 1.04
CA ASN A 113 5.10 1.07 -0.03
C ASN A 113 5.65 2.07 -1.04
N GLY A 114 6.80 2.67 -0.69
CA GLY A 114 7.51 3.59 -1.56
C GLY A 114 8.17 4.73 -0.83
N ARG A 115 9.24 5.26 -1.42
CA ARG A 115 9.90 6.49 -0.95
C ARG A 115 8.90 7.68 -1.06
N LYS A 116 8.20 7.79 -2.21
CA LYS A 116 7.10 8.77 -2.43
C LYS A 116 5.94 8.61 -1.42
N ALA A 117 5.69 7.38 -0.97
CA ALA A 117 4.67 7.11 0.06
C ALA A 117 5.19 7.57 1.45
N GLY A 118 6.49 7.31 1.68
CA GLY A 118 7.15 7.61 2.96
C GLY A 118 7.35 9.09 3.24
N GLU A 119 7.13 9.95 2.22
CA GLU A 119 7.18 11.44 2.35
C GLU A 119 6.26 11.96 3.49
N TYR A 120 5.08 11.34 3.61
CA TYR A 120 4.03 11.76 4.56
C TYR A 120 3.91 10.78 5.73
N GLU A 121 5.02 10.07 6.01
CA GLU A 121 5.18 9.32 7.26
C GLU A 121 5.01 10.25 8.51
N PRO A 122 5.75 11.43 8.63
CA PRO A 122 5.68 12.30 9.85
C PRO A 122 4.26 12.88 10.08
N LEU A 123 3.45 12.95 9.02
CA LEU A 123 2.05 13.40 9.08
C LEU A 123 1.24 12.45 9.98
N LEU A 124 1.41 11.14 9.74
CA LEU A 124 0.62 10.07 10.40
C LEU A 124 1.26 9.66 11.74
N ARG A 125 2.57 9.97 11.91
CA ARG A 125 3.27 9.85 13.21
C ARG A 125 2.68 10.87 14.20
N GLY A 126 2.45 12.09 13.68
CA GLY A 126 1.83 13.17 14.45
C GLY A 126 0.38 12.89 14.83
N MET A 127 -0.26 11.95 14.09
CA MET A 127 -1.64 11.50 14.40
C MET A 127 -1.63 10.48 15.55
N GLY A 128 -0.47 9.84 15.83
CA GLY A 128 -0.34 8.91 16.96
C GLY A 128 -0.18 7.46 16.54
N TYR A 129 -0.25 7.20 15.23
CA TYR A 129 -0.13 5.83 14.69
C TYR A 129 1.34 5.46 14.45
N GLU A 130 1.67 4.18 14.72
CA GLU A 130 2.97 3.60 14.36
C GLU A 130 3.08 3.57 12.84
N THR A 131 4.24 3.98 12.31
CA THR A 131 4.48 4.03 10.87
C THR A 131 5.72 3.20 10.52
N LYS A 132 5.61 2.49 9.40
CA LYS A 132 6.66 1.62 8.85
C LYS A 132 6.76 1.90 7.35
N VAL A 133 7.91 2.40 6.89
CA VAL A 133 8.14 2.63 5.45
C VAL A 133 8.81 1.38 4.85
N LEU A 134 8.04 0.69 4.01
CA LEU A 134 8.47 -0.49 3.25
C LEU A 134 8.91 -0.04 1.82
N PRO A 135 9.85 -0.76 1.15
CA PRO A 135 10.25 -0.41 -0.24
C PRO A 135 9.16 -0.84 -1.26
N SER A 136 8.78 0.10 -2.16
CA SER A 136 7.74 -0.13 -3.20
C SER A 136 8.08 -1.37 -4.04
N SER A 137 7.30 -2.45 -3.83
CA SER A 137 7.55 -3.78 -4.41
C SER A 137 7.08 -3.87 -5.87
N SER A 138 7.49 -2.90 -6.68
CA SER A 138 7.44 -2.98 -8.13
C SER A 138 8.53 -3.95 -8.65
N GLY A 139 8.35 -4.44 -9.88
CA GLY A 139 9.25 -5.43 -10.49
C GLY A 139 10.72 -5.01 -10.55
N ALA A 140 10.96 -3.71 -10.70
CA ALA A 140 12.33 -3.15 -10.73
C ALA A 140 12.99 -3.24 -9.33
N ASN A 141 12.19 -3.02 -8.28
CA ASN A 141 12.66 -3.05 -6.87
C ASN A 141 12.98 -4.50 -6.42
N ARG A 142 12.44 -5.51 -7.13
CA ARG A 142 12.71 -6.95 -6.80
C ARG A 142 14.24 -7.24 -6.84
N ARG A 143 14.96 -6.47 -7.68
CA ARG A 143 16.44 -6.49 -7.76
C ARG A 143 17.08 -6.28 -6.36
N PHE A 144 16.44 -5.42 -5.55
CA PHE A 144 16.91 -5.01 -4.20
C PHE A 144 16.04 -5.66 -3.09
N SER A 145 14.79 -6.05 -3.42
CA SER A 145 13.75 -6.38 -2.41
C SER A 145 13.78 -7.86 -1.95
N LYS A 146 14.86 -8.58 -2.28
CA LYS A 146 15.01 -10.01 -1.89
C LYS A 146 15.30 -10.12 -0.38
N ASN A 147 16.43 -9.53 0.08
CA ASN A 147 16.77 -9.44 1.52
C ASN A 147 15.70 -8.66 2.32
N ARG A 148 14.95 -7.79 1.62
CA ARG A 148 13.97 -6.89 2.24
C ARG A 148 12.69 -7.64 2.65
N GLU A 149 12.43 -8.81 2.04
CA GLU A 149 11.24 -9.65 2.40
C GLU A 149 11.23 -10.05 3.90
N SER A 150 12.43 -10.02 4.53
CA SER A 150 12.59 -10.31 5.97
C SER A 150 11.88 -9.25 6.83
N GLU A 151 11.99 -7.97 6.42
CA GLU A 151 11.34 -6.85 7.15
C GLU A 151 9.81 -6.92 6.93
N TRP A 152 9.38 -7.35 5.71
CA TRP A 152 7.96 -7.51 5.37
C TRP A 152 7.33 -8.63 6.21
N GLU A 153 8.08 -9.73 6.36
CA GLU A 153 7.67 -10.89 7.16
C GLU A 153 7.61 -10.49 8.65
N ALA A 154 8.52 -9.59 9.03
CA ALA A 154 8.62 -9.06 10.40
C ALA A 154 7.54 -7.98 10.69
N VAL A 155 6.83 -7.53 9.64
CA VAL A 155 5.70 -6.59 9.76
C VAL A 155 4.35 -7.33 9.95
N PHE A 156 4.12 -8.41 9.18
CA PHE A 156 2.79 -9.07 9.09
C PHE A 156 2.68 -10.37 9.92
N ARG A 157 3.72 -10.75 10.70
CA ARG A 157 3.67 -12.00 11.50
C ARG A 157 3.01 -11.80 12.88
N HIS A 158 2.84 -10.53 13.32
CA HIS A 158 2.25 -10.22 14.66
C HIS A 158 0.71 -10.21 14.62
N LEU A 159 0.14 -10.37 13.40
CA LEU A 159 -1.33 -10.36 13.17
C LEU A 159 -2.08 -11.50 13.93
N GLU A 160 -1.31 -12.45 14.52
CA GLU A 160 -1.82 -13.40 15.54
C GLU A 160 -2.56 -12.67 16.69
N HIS A 161 -1.97 -11.54 17.11
CA HIS A 161 -2.57 -10.63 18.10
C HIS A 161 -2.08 -9.19 17.81
N MET A 1 -1.94 14.41 -17.90
CA MET A 1 -3.22 13.83 -17.45
C MET A 1 -3.12 13.39 -16.00
N ILE A 2 -4.25 13.42 -15.29
CA ILE A 2 -4.36 13.04 -13.88
C ILE A 2 -4.50 11.50 -13.76
N LYS A 3 -3.58 10.90 -12.99
CA LYS A 3 -3.62 9.49 -12.60
C LYS A 3 -4.16 9.40 -11.17
N ARG A 4 -5.22 8.61 -10.96
CA ARG A 4 -5.88 8.49 -9.64
C ARG A 4 -5.38 7.26 -8.87
N GLY A 5 -5.21 7.45 -7.55
CA GLY A 5 -5.09 6.35 -6.60
C GLY A 5 -6.43 5.66 -6.37
N PHE A 6 -6.47 4.52 -5.68
CA PHE A 6 -7.70 3.71 -5.56
C PHE A 6 -8.27 3.83 -4.14
N PRO A 7 -9.60 4.23 -4.00
CA PRO A 7 -10.32 4.33 -2.69
C PRO A 7 -10.10 3.12 -1.76
N ALA A 8 -10.26 3.35 -0.44
CA ALA A 8 -9.84 2.41 0.61
C ALA A 8 -10.54 1.04 0.52
N VAL A 9 -9.71 0.00 0.40
CA VAL A 9 -10.12 -1.40 0.39
C VAL A 9 -9.98 -1.87 1.83
N LEU A 10 -11.00 -1.58 2.64
CA LEU A 10 -10.86 -1.55 4.10
C LEU A 10 -11.83 -2.48 4.81
N ASP A 11 -11.41 -2.92 6.01
CA ASP A 11 -12.27 -3.66 6.96
C ASP A 11 -12.24 -2.92 8.30
N GLU A 12 -13.26 -3.13 9.14
CA GLU A 12 -13.34 -2.53 10.50
C GLU A 12 -12.26 -3.10 11.45
N ASN A 13 -11.71 -4.27 11.08
CA ASN A 13 -10.73 -5.01 11.90
C ASN A 13 -9.27 -4.71 11.45
N THR A 14 -9.08 -3.67 10.63
CA THR A 14 -7.80 -3.39 9.97
C THR A 14 -6.80 -2.74 10.96
N GLU A 15 -5.69 -3.47 11.23
CA GLU A 15 -4.63 -3.04 12.14
C GLU A 15 -3.44 -2.45 11.36
N ILE A 16 -3.28 -2.88 10.09
CA ILE A 16 -2.26 -2.35 9.17
C ILE A 16 -2.95 -1.78 7.93
N LEU A 17 -2.86 -0.46 7.77
CA LEU A 17 -3.41 0.25 6.60
C LEU A 17 -2.23 0.60 5.70
N ILE A 18 -2.16 -0.05 4.53
CA ILE A 18 -1.04 0.07 3.60
C ILE A 18 -1.35 1.16 2.56
N LEU A 19 -0.60 2.27 2.61
CA LEU A 19 -0.77 3.41 1.71
C LEU A 19 0.33 3.39 0.65
N GLY A 20 -0.03 3.11 -0.61
CA GLY A 20 0.88 3.28 -1.75
C GLY A 20 1.20 4.76 -2.00
N SER A 21 2.10 5.04 -2.95
CA SER A 21 2.46 6.43 -3.28
C SER A 21 1.44 6.91 -4.33
N LEU A 22 1.66 6.47 -5.58
CA LEU A 22 0.71 6.59 -6.69
C LEU A 22 0.82 5.26 -7.46
N PRO A 23 -0.29 4.49 -7.65
CA PRO A 23 -0.27 3.21 -8.41
C PRO A 23 0.32 3.37 -9.83
N SER A 24 0.82 2.26 -10.37
CA SER A 24 1.40 2.21 -11.72
C SER A 24 0.35 2.62 -12.77
N ASP A 25 0.80 3.30 -13.83
CA ASP A 25 -0.09 3.77 -14.93
C ASP A 25 -0.87 2.58 -15.53
N GLU A 26 -0.16 1.44 -15.67
CA GLU A 26 -0.72 0.18 -16.19
C GLU A 26 -1.71 -0.47 -15.18
N SER A 27 -1.56 -0.14 -13.88
CA SER A 27 -2.48 -0.62 -12.82
C SER A 27 -3.79 0.20 -12.86
N ILE A 28 -3.65 1.52 -13.15
CA ILE A 28 -4.77 2.48 -13.20
C ILE A 28 -5.62 2.27 -14.47
N ARG A 29 -5.06 1.60 -15.49
CA ARG A 29 -5.84 1.21 -16.69
C ARG A 29 -6.92 0.19 -16.31
N LYS A 30 -6.60 -0.66 -15.31
CA LYS A 30 -7.50 -1.71 -14.79
C LYS A 30 -8.25 -1.22 -13.52
N GLN A 31 -7.86 -0.03 -12.98
CA GLN A 31 -8.39 0.55 -11.71
C GLN A 31 -8.13 -0.39 -10.51
N GLN A 32 -7.02 -1.14 -10.59
CA GLN A 32 -6.72 -2.26 -9.68
C GLN A 32 -5.19 -2.36 -9.46
N TYR A 33 -4.75 -2.50 -8.18
CA TYR A 33 -3.32 -2.75 -7.84
C TYR A 33 -2.88 -4.12 -8.40
N TYR A 34 -3.75 -5.12 -8.19
CA TYR A 34 -3.63 -6.47 -8.76
C TYR A 34 -3.78 -6.47 -10.32
N GLY A 35 -4.08 -5.28 -10.91
CA GLY A 35 -4.12 -5.09 -12.37
C GLY A 35 -2.83 -5.55 -13.04
N ASN A 36 -1.70 -5.30 -12.34
CA ASN A 36 -0.40 -5.90 -12.65
C ASN A 36 -0.11 -7.02 -11.61
N PRO A 37 -0.30 -8.32 -11.99
CA PRO A 37 0.13 -9.48 -11.15
C PRO A 37 1.66 -9.61 -11.03
N GLY A 38 2.39 -8.82 -11.86
CA GLY A 38 3.86 -8.74 -11.81
C GLY A 38 4.34 -7.89 -10.63
N ASN A 39 3.38 -7.19 -9.97
CA ASN A 39 3.63 -6.51 -8.70
C ASN A 39 3.79 -7.59 -7.62
N ASP A 40 4.98 -7.64 -6.99
CA ASP A 40 5.39 -8.77 -6.13
C ASP A 40 4.69 -8.73 -4.76
N PHE A 41 3.89 -7.67 -4.51
CA PHE A 41 3.13 -7.42 -3.26
C PHE A 41 2.42 -8.68 -2.73
N TRP A 42 1.77 -9.40 -3.64
CA TRP A 42 0.95 -10.59 -3.32
C TRP A 42 1.83 -11.78 -2.91
N ARG A 43 3.10 -11.75 -3.35
CA ARG A 43 4.14 -12.70 -2.93
C ARG A 43 4.85 -12.25 -1.63
N LEU A 44 4.98 -10.92 -1.43
CA LEU A 44 5.74 -10.34 -0.28
C LEU A 44 4.91 -10.46 1.01
N VAL A 45 3.68 -9.94 0.94
CA VAL A 45 2.69 -10.03 2.02
C VAL A 45 2.22 -11.48 2.17
N GLY A 46 2.11 -12.17 1.01
CA GLY A 46 1.65 -13.56 0.97
C GLY A 46 2.63 -14.52 1.61
N HIS A 47 3.94 -14.25 1.45
CA HIS A 47 5.03 -15.05 2.07
C HIS A 47 5.00 -14.84 3.60
N ALA A 48 4.80 -13.58 4.00
CA ALA A 48 4.80 -13.12 5.40
C ALA A 48 3.68 -13.78 6.23
N ILE A 49 2.50 -13.98 5.61
CA ILE A 49 1.33 -14.62 6.27
C ILE A 49 1.25 -16.12 5.94
N GLY A 50 2.04 -16.58 4.95
CA GLY A 50 2.00 -17.98 4.48
C GLY A 50 1.04 -18.15 3.31
N GLU A 51 -0.25 -17.81 3.54
CA GLU A 51 -1.29 -17.74 2.48
C GLU A 51 -0.85 -16.90 1.26
N ASN A 52 -0.65 -17.56 0.09
CA ASN A 52 -0.34 -16.86 -1.17
C ASN A 52 -1.60 -16.13 -1.66
N LEU A 53 -1.49 -14.80 -1.73
CA LEU A 53 -2.58 -13.93 -2.16
C LEU A 53 -2.76 -13.96 -3.69
N GLN A 54 -1.65 -14.18 -4.43
CA GLN A 54 -1.60 -13.91 -5.88
C GLN A 54 -2.62 -14.73 -6.70
N ASP A 55 -2.63 -16.06 -6.52
CA ASP A 55 -3.42 -16.98 -7.38
C ASP A 55 -4.94 -16.83 -7.15
N MET A 56 -5.31 -16.29 -5.96
CA MET A 56 -6.70 -15.97 -5.62
C MET A 56 -7.28 -14.93 -6.60
N ALA A 57 -8.61 -14.96 -6.80
CA ALA A 57 -9.34 -13.90 -7.52
C ALA A 57 -9.26 -12.60 -6.71
N TYR A 58 -9.33 -11.44 -7.38
CA TYR A 58 -9.25 -10.11 -6.73
C TYR A 58 -10.14 -10.00 -5.47
N GLU A 59 -11.43 -10.35 -5.60
CA GLU A 59 -12.39 -10.27 -4.49
C GLU A 59 -12.01 -11.21 -3.32
N LYS A 60 -11.43 -12.38 -3.64
CA LYS A 60 -11.02 -13.39 -2.63
C LYS A 60 -9.76 -12.95 -1.85
N LYS A 61 -8.72 -12.48 -2.57
CA LYS A 61 -7.46 -12.00 -1.94
C LYS A 61 -7.74 -10.78 -1.04
N LEU A 62 -8.74 -9.94 -1.42
CA LEU A 62 -9.21 -8.83 -0.57
C LEU A 62 -9.81 -9.37 0.74
N LYS A 63 -10.71 -10.37 0.63
CA LYS A 63 -11.33 -11.06 1.80
C LYS A 63 -10.25 -11.64 2.74
N THR A 64 -9.17 -12.18 2.13
CA THR A 64 -8.03 -12.74 2.87
C THR A 64 -7.34 -11.62 3.65
N LEU A 65 -7.09 -10.47 2.98
CA LEU A 65 -6.46 -9.28 3.58
C LEU A 65 -7.28 -8.76 4.76
N LYS A 66 -8.62 -8.71 4.61
CA LYS A 66 -9.53 -8.24 5.67
C LYS A 66 -9.42 -9.14 6.94
N HIS A 67 -9.27 -10.45 6.67
CA HIS A 67 -9.04 -11.48 7.73
C HIS A 67 -7.59 -11.42 8.27
N ASN A 68 -6.66 -10.85 7.46
CA ASN A 68 -5.26 -10.59 7.88
C ASN A 68 -5.14 -9.20 8.53
N ARG A 69 -6.29 -8.48 8.61
CA ARG A 69 -6.42 -7.15 9.24
C ARG A 69 -5.60 -6.09 8.46
N ILE A 70 -5.53 -6.29 7.15
CA ILE A 70 -4.82 -5.41 6.20
C ILE A 70 -5.84 -4.69 5.32
N GLY A 71 -5.62 -3.39 5.11
CA GLY A 71 -6.37 -2.57 4.15
C GLY A 71 -5.44 -1.96 3.12
N LEU A 72 -5.96 -1.64 1.93
CA LEU A 72 -5.16 -1.09 0.80
C LEU A 72 -5.70 0.29 0.41
N TRP A 73 -4.83 1.27 0.34
CA TRP A 73 -5.19 2.64 0.00
C TRP A 73 -3.94 3.35 -0.59
N ASP A 74 -4.00 4.66 -0.75
CA ASP A 74 -2.91 5.47 -1.32
C ASP A 74 -2.67 6.71 -0.43
N VAL A 75 -1.59 7.45 -0.71
CA VAL A 75 -1.35 8.79 -0.15
C VAL A 75 -1.76 9.83 -1.20
N PHE A 76 -1.08 9.79 -2.37
CA PHE A 76 -1.40 10.67 -3.51
C PHE A 76 -2.69 10.18 -4.17
N LYS A 77 -3.79 10.89 -3.87
CA LYS A 77 -5.12 10.61 -4.44
C LYS A 77 -5.13 10.86 -5.96
N ALA A 78 -4.27 11.79 -6.37
CA ALA A 78 -4.00 12.08 -7.78
C ALA A 78 -2.55 12.54 -7.95
N GLY A 79 -1.96 12.09 -9.06
CA GLY A 79 -0.65 12.49 -9.49
C GLY A 79 -0.60 12.62 -10.99
N SER A 80 -0.01 13.70 -11.50
CA SER A 80 0.12 13.96 -12.95
C SER A 80 1.60 13.89 -13.34
N ARG A 81 1.88 13.89 -14.64
CA ARG A 81 3.25 14.03 -15.14
C ARG A 81 3.25 15.06 -16.30
N GLU A 82 4.02 16.15 -16.12
CA GLU A 82 4.01 17.29 -17.04
C GLU A 82 4.97 17.09 -18.23
N GLY A 83 6.03 16.28 -18.02
CA GLY A 83 7.03 16.05 -19.05
C GLY A 83 7.82 14.77 -18.82
N SER A 84 8.98 14.67 -19.46
CA SER A 84 9.88 13.50 -19.37
C SER A 84 10.73 13.58 -18.09
N GLN A 85 11.11 14.81 -17.69
CA GLN A 85 11.77 15.06 -16.39
C GLN A 85 10.70 15.03 -15.27
N ASP A 86 9.54 15.66 -15.54
CA ASP A 86 8.39 15.66 -14.63
C ASP A 86 7.54 14.40 -14.87
N SER A 87 8.09 13.25 -14.45
CA SER A 87 7.43 11.93 -14.57
C SER A 87 7.03 11.37 -13.20
N LYS A 88 7.22 12.19 -12.14
CA LYS A 88 6.85 11.85 -10.75
C LYS A 88 5.37 12.26 -10.53
N ILE A 89 4.98 12.42 -9.26
CA ILE A 89 3.67 12.98 -8.89
C ILE A 89 3.76 14.52 -8.98
N GLY A 90 3.59 15.03 -10.21
CA GLY A 90 3.47 16.46 -10.49
C GLY A 90 2.07 16.96 -10.18
N ASP A 91 1.69 16.83 -8.89
CA ASP A 91 0.34 17.09 -8.40
C ASP A 91 0.34 16.93 -6.87
N GLU A 92 -0.58 17.62 -6.17
CA GLU A 92 -0.64 17.60 -4.69
C GLU A 92 -2.02 17.20 -4.16
N GLU A 93 -2.79 16.42 -4.94
CA GLU A 93 -4.09 15.92 -4.49
C GLU A 93 -3.82 14.71 -3.59
N ILE A 94 -3.91 14.92 -2.29
CA ILE A 94 -3.56 13.93 -1.25
C ILE A 94 -4.81 13.61 -0.43
N ASN A 95 -4.88 12.37 0.08
CA ASN A 95 -5.96 11.94 0.98
C ASN A 95 -5.88 12.70 2.30
N ASP A 96 -7.05 13.05 2.84
CA ASP A 96 -7.18 13.67 4.15
C ASP A 96 -7.29 12.53 5.19
N PHE A 97 -6.31 12.44 6.09
CA PHE A 97 -6.18 11.31 7.02
C PHE A 97 -6.70 11.67 8.44
N SER A 98 -7.51 12.74 8.57
CA SER A 98 -8.08 13.15 9.87
C SER A 98 -9.13 12.15 10.40
N GLY A 99 -9.67 11.30 9.50
CA GLY A 99 -10.73 10.35 9.82
C GLY A 99 -10.24 8.95 10.19
N LEU A 100 -8.90 8.70 10.12
CA LEU A 100 -8.28 7.38 10.46
C LEU A 100 -8.76 6.81 11.82
N LYS A 101 -8.93 7.68 12.82
CA LYS A 101 -9.33 7.26 14.19
C LYS A 101 -10.75 6.64 14.19
N GLU A 102 -11.56 7.00 13.19
CA GLU A 102 -12.94 6.52 13.03
C GLU A 102 -13.01 5.27 12.11
N MET A 103 -12.38 5.36 10.90
CA MET A 103 -12.46 4.30 9.85
C MET A 103 -11.67 3.04 10.26
N VAL A 104 -10.49 3.25 10.88
CA VAL A 104 -9.63 2.16 11.36
C VAL A 104 -9.39 2.29 12.88
N PRO A 105 -10.28 1.67 13.73
CA PRO A 105 -10.13 1.69 15.21
C PRO A 105 -8.95 0.79 15.67
N LYS A 106 -8.66 -0.27 14.89
CA LYS A 106 -7.60 -1.24 15.19
C LYS A 106 -6.21 -0.76 14.73
N LEU A 107 -6.16 0.37 13.98
CA LEU A 107 -4.91 0.85 13.33
C LEU A 107 -3.80 1.08 14.36
N ARG A 108 -2.64 0.46 14.08
CA ARG A 108 -1.46 0.53 14.91
C ARG A 108 -0.21 0.79 14.04
N LEU A 109 -0.18 0.19 12.83
CA LEU A 109 0.96 0.30 11.91
C LEU A 109 0.47 0.70 10.50
N ILE A 110 1.03 1.80 9.96
CA ILE A 110 0.71 2.29 8.61
C ILE A 110 1.90 2.00 7.68
N CYS A 111 1.72 1.07 6.73
CA CYS A 111 2.80 0.63 5.84
C CYS A 111 2.75 1.38 4.50
N PHE A 112 3.77 2.19 4.22
CA PHE A 112 3.87 2.96 2.99
C PHE A 112 4.57 2.13 1.91
N ASN A 113 3.93 1.92 0.75
CA ASN A 113 4.57 1.29 -0.42
C ASN A 113 5.18 2.39 -1.29
N GLY A 114 6.49 2.59 -1.14
CA GLY A 114 7.24 3.60 -1.87
C GLY A 114 7.68 4.73 -0.96
N ARG A 115 8.93 5.19 -1.19
CA ARG A 115 9.54 6.34 -0.48
C ARG A 115 8.66 7.61 -0.56
N LYS A 116 8.08 7.85 -1.76
CA LYS A 116 7.20 9.00 -2.02
C LYS A 116 5.95 9.03 -1.12
N ALA A 117 5.47 7.85 -0.73
CA ALA A 117 4.39 7.71 0.27
C ALA A 117 4.94 8.01 1.68
N GLY A 118 6.18 7.54 1.92
CA GLY A 118 6.87 7.68 3.19
C GLY A 118 7.31 9.11 3.53
N GLU A 119 7.19 10.04 2.56
CA GLU A 119 7.40 11.49 2.79
C GLU A 119 6.37 12.03 3.83
N TYR A 120 5.22 11.34 3.89
CA TYR A 120 4.08 11.68 4.75
C TYR A 120 4.02 10.79 5.99
N GLU A 121 5.12 10.07 6.27
CA GLU A 121 5.28 9.29 7.50
C GLU A 121 5.16 10.17 8.79
N PRO A 122 5.94 11.31 8.94
CA PRO A 122 5.87 12.15 10.17
C PRO A 122 4.51 12.87 10.34
N LEU A 123 3.73 12.97 9.24
CA LEU A 123 2.36 13.52 9.25
C LEU A 123 1.43 12.58 10.05
N LEU A 124 1.55 11.27 9.77
CA LEU A 124 0.68 10.23 10.37
C LEU A 124 1.24 9.76 11.74
N ARG A 125 2.54 10.02 11.96
CA ARG A 125 3.17 9.89 13.30
C ARG A 125 2.64 10.97 14.24
N GLY A 126 2.34 12.15 13.65
CA GLY A 126 1.69 13.24 14.39
C GLY A 126 0.28 12.86 14.88
N MET A 127 -0.33 11.86 14.21
CA MET A 127 -1.68 11.34 14.55
C MET A 127 -1.60 10.18 15.57
N GLY A 128 -0.40 9.98 16.15
CA GLY A 128 -0.16 8.95 17.16
C GLY A 128 -0.18 7.52 16.61
N TYR A 129 0.12 7.37 15.32
CA TYR A 129 0.20 6.05 14.65
C TYR A 129 1.65 5.70 14.31
N GLU A 130 2.05 4.45 14.64
CA GLU A 130 3.33 3.90 14.19
C GLU A 130 3.25 3.63 12.69
N THR A 131 4.35 3.88 12.01
CA THR A 131 4.47 3.84 10.55
C THR A 131 5.74 3.07 10.13
N LYS A 132 5.68 2.42 8.96
CA LYS A 132 6.78 1.65 8.38
C LYS A 132 6.79 1.87 6.85
N VAL A 133 7.89 2.41 6.31
CA VAL A 133 8.01 2.70 4.87
C VAL A 133 8.65 1.47 4.16
N LEU A 134 7.77 0.61 3.66
CA LEU A 134 8.12 -0.51 2.77
C LEU A 134 8.50 0.03 1.36
N PRO A 135 9.32 -0.72 0.56
CA PRO A 135 9.62 -0.34 -0.85
C PRO A 135 8.37 -0.48 -1.76
N SER A 136 8.46 0.10 -2.96
CA SER A 136 7.45 -0.06 -4.01
C SER A 136 7.46 -1.51 -4.50
N SER A 137 6.27 -2.04 -4.81
CA SER A 137 6.07 -3.42 -5.30
C SER A 137 6.53 -3.65 -6.77
N SER A 138 7.15 -2.62 -7.37
CA SER A 138 7.72 -2.71 -8.71
C SER A 138 8.89 -3.74 -8.73
N GLY A 139 8.96 -4.52 -9.82
CA GLY A 139 9.98 -5.57 -9.97
C GLY A 139 11.40 -5.03 -10.02
N ALA A 140 11.53 -3.78 -10.52
CA ALA A 140 12.81 -3.05 -10.57
C ALA A 140 13.32 -2.79 -9.13
N ASN A 141 12.39 -2.38 -8.26
CA ASN A 141 12.66 -2.17 -6.80
C ASN A 141 13.02 -3.47 -6.09
N ARG A 142 12.58 -4.62 -6.65
CA ARG A 142 12.79 -5.96 -6.05
C ARG A 142 14.20 -6.51 -6.35
N ARG A 143 14.87 -5.92 -7.35
CA ARG A 143 16.30 -6.16 -7.61
C ARG A 143 17.15 -5.61 -6.45
N PHE A 144 16.73 -4.47 -5.90
CA PHE A 144 17.42 -3.77 -4.81
C PHE A 144 16.89 -4.24 -3.44
N SER A 145 15.59 -4.55 -3.41
CA SER A 145 14.85 -4.97 -2.19
C SER A 145 14.64 -6.48 -2.14
N LYS A 146 15.57 -7.27 -2.74
CA LYS A 146 15.49 -8.75 -2.71
C LYS A 146 15.47 -9.21 -1.24
N ASN A 147 16.55 -8.89 -0.50
CA ASN A 147 16.73 -9.28 0.92
C ASN A 147 15.83 -8.47 1.88
N ARG A 148 15.08 -7.49 1.32
CA ARG A 148 14.20 -6.59 2.09
C ARG A 148 12.79 -7.17 2.25
N GLU A 149 12.47 -8.29 1.54
CA GLU A 149 11.16 -9.00 1.77
C GLU A 149 11.04 -9.46 3.25
N SER A 150 12.20 -9.64 3.90
CA SER A 150 12.31 -9.99 5.33
C SER A 150 11.68 -8.91 6.23
N GLU A 151 11.74 -7.63 5.80
CA GLU A 151 11.15 -6.52 6.57
C GLU A 151 9.62 -6.55 6.42
N TRP A 152 9.11 -7.11 5.29
CA TRP A 152 7.67 -7.33 5.06
C TRP A 152 7.18 -8.45 6.00
N GLU A 153 8.04 -9.47 6.18
CA GLU A 153 7.78 -10.61 7.08
C GLU A 153 7.75 -10.11 8.54
N ALA A 154 8.62 -9.15 8.85
CA ALA A 154 8.73 -8.52 10.18
C ALA A 154 7.53 -7.59 10.49
N VAL A 155 6.73 -7.26 9.46
CA VAL A 155 5.53 -6.41 9.56
C VAL A 155 4.24 -7.26 9.74
N PHE A 156 4.11 -8.33 8.94
CA PHE A 156 2.84 -9.13 8.87
C PHE A 156 2.89 -10.42 9.71
N ARG A 157 3.99 -10.64 10.45
CA ARG A 157 4.13 -11.81 11.34
C ARG A 157 3.20 -11.72 12.57
N HIS A 158 2.98 -10.49 13.10
CA HIS A 158 2.29 -10.29 14.40
C HIS A 158 0.75 -10.33 14.26
N LEU A 159 0.24 -10.34 13.01
CA LEU A 159 -1.20 -10.15 12.69
C LEU A 159 -2.09 -11.09 13.52
N GLU A 160 -1.93 -12.40 13.35
CA GLU A 160 -2.63 -13.37 14.22
C GLU A 160 -2.03 -13.26 15.65
N HIS A 161 -0.71 -13.54 15.76
CA HIS A 161 0.06 -13.34 17.01
C HIS A 161 1.58 -13.56 16.73
N MET A 1 -1.62 14.74 -16.96
CA MET A 1 -1.70 13.26 -17.02
C MET A 1 -2.17 12.74 -15.65
N ILE A 2 -3.37 13.20 -15.24
CA ILE A 2 -3.95 12.86 -13.92
C ILE A 2 -4.27 11.36 -13.85
N LYS A 3 -3.37 10.63 -13.17
CA LYS A 3 -3.54 9.21 -12.89
C LYS A 3 -4.14 9.07 -11.49
N ARG A 4 -5.33 8.47 -11.42
CA ARG A 4 -6.11 8.38 -10.18
C ARG A 4 -5.73 7.14 -9.38
N GLY A 5 -5.56 7.35 -8.07
CA GLY A 5 -5.40 6.26 -7.11
C GLY A 5 -6.70 5.52 -6.88
N PHE A 6 -6.65 4.40 -6.15
CA PHE A 6 -7.83 3.53 -5.94
C PHE A 6 -8.48 3.83 -4.60
N PRO A 7 -9.86 3.78 -4.51
CA PRO A 7 -10.56 3.83 -3.20
C PRO A 7 -10.12 2.65 -2.30
N ALA A 8 -10.15 2.88 -0.99
CA ALA A 8 -9.66 1.92 0.00
C ALA A 8 -10.43 0.59 -0.02
N VAL A 9 -9.70 -0.52 0.20
CA VAL A 9 -10.29 -1.85 0.44
C VAL A 9 -10.21 -2.05 1.96
N LEU A 10 -10.91 -1.17 2.66
CA LEU A 10 -10.74 -0.96 4.09
C LEU A 10 -11.82 -1.70 4.88
N ASP A 11 -11.45 -2.18 6.07
CA ASP A 11 -12.36 -2.87 6.99
C ASP A 11 -12.33 -2.13 8.34
N GLU A 12 -13.36 -2.32 9.16
CA GLU A 12 -13.41 -1.73 10.52
C GLU A 12 -12.40 -2.39 11.48
N ASN A 13 -11.91 -3.60 11.12
CA ASN A 13 -10.95 -4.36 11.95
C ASN A 13 -9.49 -4.13 11.51
N THR A 14 -9.27 -3.19 10.57
CA THR A 14 -7.96 -2.98 9.93
C THR A 14 -6.93 -2.44 10.94
N GLU A 15 -5.92 -3.28 11.18
CA GLU A 15 -4.82 -3.02 12.13
C GLU A 15 -3.62 -2.43 11.38
N ILE A 16 -3.41 -2.88 10.13
CA ILE A 16 -2.36 -2.36 9.25
C ILE A 16 -3.01 -1.82 7.98
N LEU A 17 -2.84 -0.53 7.74
CA LEU A 17 -3.30 0.13 6.52
C LEU A 17 -2.07 0.38 5.65
N ILE A 18 -2.03 -0.25 4.47
CA ILE A 18 -0.93 -0.10 3.53
C ILE A 18 -1.25 1.03 2.55
N LEU A 19 -0.56 2.18 2.70
CA LEU A 19 -0.71 3.35 1.86
C LEU A 19 0.40 3.37 0.81
N GLY A 20 0.05 3.10 -0.46
CA GLY A 20 0.96 3.28 -1.58
C GLY A 20 1.30 4.74 -1.83
N SER A 21 2.13 5.02 -2.83
CA SER A 21 2.47 6.40 -3.20
C SER A 21 1.38 6.86 -4.19
N LEU A 22 1.42 6.25 -5.37
CA LEU A 22 0.34 6.23 -6.34
C LEU A 22 0.44 4.86 -7.02
N PRO A 23 -0.68 4.07 -7.17
CA PRO A 23 -0.63 2.76 -7.86
C PRO A 23 -0.08 2.88 -9.30
N SER A 24 0.39 1.75 -9.84
CA SER A 24 1.00 1.68 -11.17
C SER A 24 -0.03 2.12 -12.24
N ASP A 25 0.39 2.93 -13.22
CA ASP A 25 -0.50 3.40 -14.31
C ASP A 25 -1.14 2.22 -15.04
N GLU A 26 -0.42 1.09 -15.05
CA GLU A 26 -0.89 -0.22 -15.53
C GLU A 26 -2.17 -0.63 -14.80
N SER A 27 -2.06 -0.81 -13.47
CA SER A 27 -3.20 -1.16 -12.60
C SER A 27 -4.34 -0.12 -12.68
N ILE A 28 -4.00 1.16 -12.99
CA ILE A 28 -4.99 2.26 -13.09
C ILE A 28 -5.84 2.13 -14.39
N ARG A 29 -5.27 1.51 -15.45
CA ARG A 29 -6.01 1.24 -16.73
C ARG A 29 -7.25 0.35 -16.46
N LYS A 30 -7.15 -0.50 -15.43
CA LYS A 30 -8.21 -1.44 -15.04
C LYS A 30 -8.84 -1.05 -13.67
N GLN A 31 -8.31 0.06 -13.07
CA GLN A 31 -8.76 0.62 -11.76
C GLN A 31 -8.80 -0.43 -10.62
N GLN A 32 -7.87 -1.38 -10.67
CA GLN A 32 -7.77 -2.48 -9.69
C GLN A 32 -6.31 -2.72 -9.32
N TYR A 33 -6.06 -3.23 -8.09
CA TYR A 33 -4.70 -3.64 -7.61
C TYR A 33 -4.21 -4.93 -8.33
N TYR A 34 -5.08 -5.48 -9.20
CA TYR A 34 -4.84 -6.73 -9.93
C TYR A 34 -4.45 -6.42 -11.40
N GLY A 35 -4.49 -5.12 -11.77
CA GLY A 35 -4.24 -4.69 -13.15
C GLY A 35 -2.78 -4.77 -13.57
N ASN A 36 -1.88 -4.69 -12.58
CA ASN A 36 -0.43 -4.80 -12.80
C ASN A 36 0.08 -6.17 -12.30
N PRO A 37 0.35 -7.16 -13.22
CA PRO A 37 0.95 -8.46 -12.83
C PRO A 37 2.42 -8.33 -12.41
N GLY A 38 3.05 -7.22 -12.83
CA GLY A 38 4.45 -6.92 -12.49
C GLY A 38 4.58 -6.12 -11.20
N ASN A 39 3.65 -6.34 -10.26
CA ASN A 39 3.69 -5.76 -8.91
C ASN A 39 3.84 -6.91 -7.91
N ASP A 40 4.97 -6.93 -7.18
CA ASP A 40 5.32 -8.02 -6.25
C ASP A 40 4.70 -7.82 -4.86
N PHE A 41 3.88 -6.76 -4.70
CA PHE A 41 3.08 -6.52 -3.48
C PHE A 41 2.44 -7.81 -2.91
N TRP A 42 1.77 -8.53 -3.80
CA TRP A 42 1.02 -9.74 -3.44
C TRP A 42 1.94 -10.92 -3.09
N ARG A 43 3.17 -10.87 -3.61
CA ARG A 43 4.23 -11.87 -3.32
C ARG A 43 4.85 -11.60 -1.94
N LEU A 44 5.12 -10.30 -1.64
CA LEU A 44 5.85 -9.86 -0.44
C LEU A 44 4.95 -9.95 0.81
N VAL A 45 3.72 -9.37 0.70
CA VAL A 45 2.72 -9.39 1.79
C VAL A 45 2.14 -10.80 1.93
N GLY A 46 2.06 -11.53 0.80
CA GLY A 46 1.57 -12.91 0.77
C GLY A 46 2.50 -13.87 1.49
N HIS A 47 3.80 -13.68 1.28
CA HIS A 47 4.86 -14.40 2.00
C HIS A 47 4.78 -14.08 3.50
N ALA A 48 4.50 -12.82 3.80
CA ALA A 48 4.48 -12.27 5.15
C ALA A 48 3.27 -12.73 5.99
N ILE A 49 2.13 -13.00 5.32
CA ILE A 49 0.92 -13.54 6.02
C ILE A 49 0.74 -15.05 5.78
N GLY A 50 1.62 -15.64 4.94
CA GLY A 50 1.60 -17.09 4.67
C GLY A 50 0.38 -17.57 3.89
N GLU A 51 -0.05 -16.74 2.93
CA GLU A 51 -1.19 -17.00 2.03
C GLU A 51 -0.78 -16.59 0.60
N ASN A 52 -1.10 -17.41 -0.40
CA ASN A 52 -0.86 -17.07 -1.81
C ASN A 52 -1.88 -16.02 -2.28
N LEU A 53 -1.56 -14.74 -2.06
CA LEU A 53 -2.40 -13.61 -2.48
C LEU A 53 -2.41 -13.53 -4.01
N GLN A 54 -1.19 -13.51 -4.56
CA GLN A 54 -0.90 -13.37 -6.01
C GLN A 54 -1.77 -14.28 -6.90
N ASP A 55 -2.00 -15.52 -6.42
CA ASP A 55 -2.70 -16.59 -7.16
C ASP A 55 -4.21 -16.39 -7.13
N MET A 56 -4.71 -15.84 -6.01
CA MET A 56 -6.16 -15.58 -5.82
C MET A 56 -6.68 -14.51 -6.78
N ALA A 57 -7.99 -14.62 -7.12
CA ALA A 57 -8.72 -13.60 -7.86
C ALA A 57 -8.92 -12.35 -6.98
N TYR A 58 -9.14 -11.19 -7.61
CA TYR A 58 -9.17 -9.86 -6.97
C TYR A 58 -9.95 -9.84 -5.64
N GLU A 59 -11.24 -10.24 -5.67
CA GLU A 59 -12.13 -10.18 -4.48
C GLU A 59 -11.64 -11.12 -3.35
N LYS A 60 -11.01 -12.24 -3.73
CA LYS A 60 -10.57 -13.29 -2.80
C LYS A 60 -9.35 -12.84 -1.97
N LYS A 61 -8.31 -12.36 -2.67
CA LYS A 61 -7.05 -11.87 -2.04
C LYS A 61 -7.28 -10.67 -1.10
N LEU A 62 -8.28 -9.82 -1.44
CA LEU A 62 -8.71 -8.69 -0.57
C LEU A 62 -9.32 -9.20 0.76
N LYS A 63 -10.17 -10.26 0.67
CA LYS A 63 -10.75 -10.93 1.87
C LYS A 63 -9.64 -11.51 2.75
N THR A 64 -8.63 -12.11 2.09
CA THR A 64 -7.48 -12.74 2.75
C THR A 64 -6.70 -11.72 3.59
N LEU A 65 -6.52 -10.51 3.02
CA LEU A 65 -5.87 -9.39 3.69
C LEU A 65 -6.65 -8.99 4.97
N LYS A 66 -7.98 -8.87 4.83
CA LYS A 66 -8.89 -8.42 5.89
C LYS A 66 -8.96 -9.40 7.08
N HIS A 67 -8.71 -10.71 6.82
CA HIS A 67 -8.50 -11.73 7.88
C HIS A 67 -7.31 -11.34 8.78
N ASN A 68 -6.23 -10.87 8.13
CA ASN A 68 -4.97 -10.48 8.79
C ASN A 68 -4.99 -8.98 9.15
N ARG A 69 -6.21 -8.37 9.03
CA ARG A 69 -6.48 -6.98 9.44
C ARG A 69 -5.74 -5.96 8.55
N ILE A 70 -5.65 -6.25 7.25
CA ILE A 70 -4.95 -5.40 6.28
C ILE A 70 -5.98 -4.71 5.36
N GLY A 71 -5.82 -3.39 5.21
CA GLY A 71 -6.58 -2.59 4.25
C GLY A 71 -5.63 -1.96 3.25
N LEU A 72 -6.10 -1.67 2.03
CA LEU A 72 -5.26 -1.15 0.94
C LEU A 72 -5.75 0.23 0.55
N TRP A 73 -4.82 1.16 0.32
CA TRP A 73 -5.13 2.52 -0.11
C TRP A 73 -3.82 3.17 -0.61
N ASP A 74 -3.82 4.50 -0.86
CA ASP A 74 -2.63 5.25 -1.30
C ASP A 74 -2.57 6.62 -0.61
N VAL A 75 -1.43 7.32 -0.81
CA VAL A 75 -1.21 8.68 -0.32
C VAL A 75 -1.72 9.69 -1.34
N PHE A 76 -1.20 9.61 -2.58
CA PHE A 76 -1.61 10.51 -3.67
C PHE A 76 -2.81 9.92 -4.42
N LYS A 77 -3.99 10.49 -4.17
CA LYS A 77 -5.23 10.11 -4.87
C LYS A 77 -5.23 10.58 -6.33
N ALA A 78 -4.31 11.50 -6.68
CA ALA A 78 -4.01 11.87 -8.06
C ALA A 78 -2.53 12.28 -8.16
N GLY A 79 -1.80 11.61 -9.06
CA GLY A 79 -0.39 11.87 -9.32
C GLY A 79 -0.15 12.05 -10.81
N SER A 80 0.46 13.17 -11.18
CA SER A 80 0.67 13.56 -12.58
C SER A 80 1.96 14.38 -12.71
N ARG A 81 2.36 14.59 -13.96
CA ARG A 81 3.58 15.33 -14.31
C ARG A 81 3.28 16.18 -15.57
N GLU A 82 4.13 17.17 -15.84
CA GLU A 82 3.93 18.12 -16.95
C GLU A 82 5.26 18.76 -17.38
N GLY A 83 5.34 19.09 -18.68
CA GLY A 83 6.51 19.71 -19.27
C GLY A 83 7.57 18.69 -19.64
N SER A 84 8.49 18.44 -18.70
CA SER A 84 9.63 17.51 -18.87
C SER A 84 10.10 17.05 -17.48
N GLN A 85 9.12 16.59 -16.69
CA GLN A 85 9.34 16.20 -15.29
C GLN A 85 9.73 14.71 -15.18
N ASP A 86 10.80 14.44 -14.43
CA ASP A 86 11.30 13.07 -14.15
C ASP A 86 10.41 12.42 -13.08
N SER A 87 10.00 13.23 -12.07
CA SER A 87 9.10 12.78 -11.00
C SER A 87 7.70 12.50 -11.58
N LYS A 88 7.33 11.22 -11.60
CA LYS A 88 6.07 10.73 -12.20
C LYS A 88 4.87 11.27 -11.40
N ILE A 89 5.04 11.31 -10.07
CA ILE A 89 4.11 11.97 -9.14
C ILE A 89 4.66 13.38 -8.82
N GLY A 90 4.35 14.34 -9.67
CA GLY A 90 4.61 15.76 -9.40
C GLY A 90 3.46 16.39 -8.62
N ASP A 91 2.26 16.32 -9.24
CA ASP A 91 0.95 16.71 -8.63
C ASP A 91 0.77 16.20 -7.18
N GLU A 92 0.13 17.09 -6.39
CA GLU A 92 0.16 17.05 -4.91
C GLU A 92 -1.21 16.68 -4.32
N GLU A 93 -2.05 15.96 -5.08
CA GLU A 93 -3.41 15.64 -4.62
C GLU A 93 -3.37 14.42 -3.68
N ILE A 94 -3.47 14.69 -2.36
CA ILE A 94 -3.28 13.69 -1.29
C ILE A 94 -4.63 13.38 -0.60
N ASN A 95 -4.73 12.16 -0.05
CA ASN A 95 -5.90 11.68 0.71
C ASN A 95 -5.85 12.22 2.15
N ASP A 96 -7.03 12.40 2.77
CA ASP A 96 -7.12 12.93 4.15
C ASP A 96 -6.90 11.81 5.18
N PHE A 97 -5.86 11.98 6.00
CA PHE A 97 -5.44 10.98 7.00
C PHE A 97 -5.86 11.37 8.42
N SER A 98 -6.17 12.66 8.64
CA SER A 98 -6.80 13.12 9.89
C SER A 98 -8.21 12.51 10.10
N GLY A 99 -8.83 12.01 8.99
CA GLY A 99 -10.16 11.40 9.03
C GLY A 99 -10.10 9.90 9.33
N LEU A 100 -8.90 9.30 9.10
CA LEU A 100 -8.60 7.86 9.38
C LEU A 100 -9.24 7.34 10.68
N LYS A 101 -9.12 8.11 11.76
CA LYS A 101 -9.34 7.60 13.13
C LYS A 101 -10.81 7.19 13.37
N GLU A 102 -11.72 7.73 12.53
CA GLU A 102 -13.14 7.35 12.53
C GLU A 102 -13.35 5.96 11.91
N MET A 103 -12.69 5.71 10.75
CA MET A 103 -12.87 4.46 9.97
C MET A 103 -11.89 3.34 10.36
N VAL A 104 -10.79 3.68 11.04
CA VAL A 104 -9.81 2.70 11.54
C VAL A 104 -9.50 2.95 13.04
N PRO A 105 -10.28 2.29 13.96
CA PRO A 105 -9.95 2.29 15.41
C PRO A 105 -8.76 1.35 15.72
N LYS A 106 -8.72 0.22 14.98
CA LYS A 106 -7.78 -0.88 15.24
C LYS A 106 -6.40 -0.63 14.65
N LEU A 107 -6.27 0.44 13.83
CA LEU A 107 -5.01 0.80 13.16
C LEU A 107 -3.89 1.04 14.18
N ARG A 108 -2.98 0.06 14.30
CA ARG A 108 -1.82 0.13 15.19
C ARG A 108 -0.57 0.55 14.39
N LEU A 109 -0.40 -0.03 13.17
CA LEU A 109 0.76 0.27 12.30
C LEU A 109 0.28 0.64 10.88
N ILE A 110 0.92 1.64 10.26
CA ILE A 110 0.70 2.01 8.85
C ILE A 110 1.94 1.61 8.05
N CYS A 111 1.75 0.85 6.96
CA CYS A 111 2.84 0.43 6.07
C CYS A 111 2.79 1.22 4.76
N PHE A 112 3.80 2.03 4.48
CA PHE A 112 3.88 2.85 3.28
C PHE A 112 4.56 2.07 2.16
N ASN A 113 3.81 1.77 1.10
CA ASN A 113 4.30 1.04 -0.06
C ASN A 113 5.01 2.05 -1.00
N GLY A 114 6.32 2.22 -0.77
CA GLY A 114 7.14 3.16 -1.53
C GLY A 114 7.63 4.30 -0.65
N ARG A 115 8.86 4.76 -0.92
CA ARG A 115 9.49 5.90 -0.22
C ARG A 115 8.69 7.21 -0.39
N LYS A 116 8.12 7.42 -1.60
CA LYS A 116 7.25 8.58 -1.88
C LYS A 116 5.99 8.63 -0.97
N ALA A 117 5.50 7.45 -0.58
CA ALA A 117 4.46 7.33 0.44
C ALA A 117 5.05 7.60 1.83
N GLY A 118 6.24 7.02 2.05
CA GLY A 118 6.98 7.12 3.32
C GLY A 118 7.49 8.53 3.62
N GLU A 119 7.39 9.44 2.64
CA GLU A 119 7.66 10.88 2.85
C GLU A 119 6.79 11.46 3.98
N TYR A 120 5.56 10.94 4.06
CA TYR A 120 4.51 11.39 5.01
C TYR A 120 4.36 10.39 6.16
N GLU A 121 5.43 9.60 6.42
CA GLU A 121 5.45 8.61 7.50
C GLU A 121 5.37 9.28 8.90
N PRO A 122 6.29 10.25 9.28
CA PRO A 122 6.25 10.88 10.63
C PRO A 122 5.04 11.83 10.81
N LEU A 123 4.42 12.21 9.67
CA LEU A 123 3.21 13.05 9.63
C LEU A 123 2.03 12.31 10.27
N LEU A 124 1.89 11.01 9.92
CA LEU A 124 0.75 10.17 10.39
C LEU A 124 1.00 9.63 11.81
N ARG A 125 2.23 9.78 12.31
CA ARG A 125 2.53 9.59 13.74
C ARG A 125 1.85 10.69 14.59
N GLY A 126 1.53 11.82 13.94
CA GLY A 126 0.77 12.91 14.55
C GLY A 126 -0.66 12.53 14.92
N MET A 127 -1.22 11.49 14.25
CA MET A 127 -2.55 10.93 14.56
C MET A 127 -2.48 9.90 15.71
N GLY A 128 -1.29 9.78 16.33
CA GLY A 128 -1.06 8.79 17.39
C GLY A 128 -0.99 7.37 16.86
N TYR A 129 -0.55 7.23 15.59
CA TYR A 129 -0.34 5.92 14.94
C TYR A 129 1.17 5.64 14.77
N GLU A 130 1.55 4.35 14.89
CA GLU A 130 2.89 3.90 14.53
C GLU A 130 2.94 3.73 13.02
N THR A 131 4.05 4.13 12.41
CA THR A 131 4.19 4.14 10.94
C THR A 131 5.57 3.55 10.53
N LYS A 132 5.57 2.92 9.36
CA LYS A 132 6.72 2.17 8.79
C LYS A 132 6.81 2.43 7.29
N VAL A 133 8.02 2.79 6.79
CA VAL A 133 8.30 2.89 5.35
C VAL A 133 8.76 1.51 4.83
N LEU A 134 7.95 0.90 3.98
CA LEU A 134 8.35 -0.27 3.18
C LEU A 134 8.78 0.24 1.78
N PRO A 135 9.72 -0.46 1.07
CA PRO A 135 10.13 -0.05 -0.29
C PRO A 135 8.99 -0.28 -1.31
N SER A 136 9.16 0.29 -2.51
CA SER A 136 8.21 0.11 -3.62
C SER A 136 8.16 -1.37 -4.01
N SER A 137 7.00 -2.00 -3.81
CA SER A 137 6.80 -3.44 -4.09
C SER A 137 6.68 -3.73 -5.60
N SER A 138 6.88 -2.70 -6.44
CA SER A 138 6.87 -2.82 -7.90
C SER A 138 7.97 -3.78 -8.39
N GLY A 139 7.71 -4.40 -9.54
CA GLY A 139 8.68 -5.29 -10.20
C GLY A 139 9.91 -4.58 -10.73
N ALA A 140 9.82 -3.24 -10.82
CA ALA A 140 10.94 -2.36 -11.22
C ALA A 140 11.95 -2.17 -10.06
N ASN A 141 11.50 -2.35 -8.81
CA ASN A 141 12.33 -2.20 -7.59
C ASN A 141 12.59 -3.58 -6.93
N ARG A 142 12.12 -4.68 -7.58
CA ARG A 142 12.25 -6.06 -7.08
C ARG A 142 13.74 -6.44 -6.89
N ARG A 143 14.58 -5.92 -7.80
CA ARG A 143 16.05 -6.15 -7.79
C ARG A 143 16.67 -5.78 -6.43
N PHE A 144 16.14 -4.71 -5.82
CA PHE A 144 16.71 -4.10 -4.60
C PHE A 144 15.99 -4.62 -3.34
N SER A 145 14.72 -5.06 -3.49
CA SER A 145 13.88 -5.56 -2.36
C SER A 145 14.21 -7.02 -1.97
N LYS A 146 15.43 -7.50 -2.31
CA LYS A 146 15.91 -8.85 -1.97
C LYS A 146 15.97 -9.06 -0.45
N ASN A 147 16.91 -8.32 0.20
CA ASN A 147 17.08 -8.30 1.67
C ASN A 147 15.86 -7.72 2.42
N ARG A 148 14.92 -7.11 1.67
CA ARG A 148 13.73 -6.45 2.24
C ARG A 148 12.60 -7.47 2.44
N GLU A 149 12.69 -8.62 1.73
CA GLU A 149 11.71 -9.74 1.85
C GLU A 149 11.55 -10.18 3.33
N SER A 150 12.70 -10.14 4.04
CA SER A 150 12.78 -10.42 5.48
C SER A 150 11.95 -9.41 6.31
N GLU A 151 12.09 -8.10 6.01
CA GLU A 151 11.41 -7.04 6.79
C GLU A 151 9.90 -7.03 6.48
N TRP A 152 9.51 -7.42 5.24
CA TRP A 152 8.10 -7.52 4.85
C TRP A 152 7.45 -8.66 5.65
N GLU A 153 8.19 -9.79 5.75
CA GLU A 153 7.78 -10.97 6.54
C GLU A 153 7.58 -10.56 8.01
N ALA A 154 8.52 -9.75 8.51
CA ALA A 154 8.58 -9.34 9.92
C ALA A 154 7.41 -8.40 10.29
N VAL A 155 7.09 -7.46 9.38
CA VAL A 155 6.02 -6.45 9.58
C VAL A 155 4.62 -7.09 9.74
N PHE A 156 4.37 -8.20 9.03
CA PHE A 156 3.03 -8.84 8.99
C PHE A 156 3.05 -10.17 9.75
N ARG A 157 4.22 -10.49 10.34
CA ARG A 157 4.44 -11.66 11.19
C ARG A 157 3.60 -11.56 12.47
N HIS A 158 3.56 -10.36 13.06
CA HIS A 158 2.86 -10.10 14.35
C HIS A 158 1.31 -10.19 14.21
N LEU A 159 0.80 -10.34 12.98
CA LEU A 159 -0.65 -10.42 12.71
C LEU A 159 -1.21 -11.80 13.11
N GLU A 160 -0.32 -12.81 13.27
CA GLU A 160 -0.68 -14.10 13.87
C GLU A 160 -0.46 -14.06 15.41
N HIS A 161 0.07 -12.90 15.89
CA HIS A 161 0.33 -12.58 17.31
C HIS A 161 1.48 -13.45 17.88
N MET A 1 -0.58 13.81 -16.74
CA MET A 1 -1.99 13.41 -16.78
C MET A 1 -2.44 12.98 -15.38
N ILE A 2 -3.60 13.49 -14.92
CA ILE A 2 -4.15 13.23 -13.57
C ILE A 2 -4.48 11.74 -13.38
N LYS A 3 -3.82 11.13 -12.39
CA LYS A 3 -4.02 9.73 -12.00
C LYS A 3 -4.71 9.67 -10.64
N ARG A 4 -5.93 9.13 -10.59
CA ARG A 4 -6.72 9.07 -9.36
C ARG A 4 -6.31 7.86 -8.52
N GLY A 5 -6.16 8.09 -7.20
CA GLY A 5 -5.90 7.03 -6.24
C GLY A 5 -7.02 6.00 -6.18
N PHE A 6 -6.67 4.75 -5.85
CA PHE A 6 -7.64 3.65 -5.79
C PHE A 6 -8.43 3.73 -4.47
N PRO A 7 -9.80 3.61 -4.52
CA PRO A 7 -10.67 3.56 -3.31
C PRO A 7 -10.19 2.50 -2.30
N ALA A 8 -10.40 2.77 -1.00
CA ALA A 8 -9.86 1.94 0.08
C ALA A 8 -10.48 0.53 0.09
N VAL A 9 -9.61 -0.48 0.21
CA VAL A 9 -10.00 -1.86 0.46
C VAL A 9 -9.88 -2.06 1.97
N LEU A 10 -10.96 -1.77 2.71
CA LEU A 10 -10.86 -1.57 4.15
C LEU A 10 -11.99 -2.26 4.93
N ASP A 11 -11.65 -2.67 6.16
CA ASP A 11 -12.61 -3.20 7.13
C ASP A 11 -12.44 -2.46 8.48
N GLU A 12 -13.44 -2.58 9.36
CA GLU A 12 -13.41 -2.00 10.73
C GLU A 12 -12.44 -2.75 11.67
N ASN A 13 -11.97 -3.93 11.25
CA ASN A 13 -11.03 -4.76 12.05
C ASN A 13 -9.58 -4.59 11.55
N THR A 14 -9.32 -3.59 10.69
CA THR A 14 -8.01 -3.41 10.04
C THR A 14 -6.97 -2.84 11.02
N GLU A 15 -5.91 -3.64 11.26
CA GLU A 15 -4.84 -3.33 12.20
C GLU A 15 -3.66 -2.62 11.50
N ILE A 16 -3.41 -2.99 10.24
CA ILE A 16 -2.35 -2.37 9.40
C ILE A 16 -2.98 -1.89 8.09
N LEU A 17 -2.88 -0.58 7.84
CA LEU A 17 -3.38 0.06 6.62
C LEU A 17 -2.19 0.36 5.72
N ILE A 18 -2.21 -0.18 4.51
CA ILE A 18 -1.13 -0.04 3.54
C ILE A 18 -1.49 1.05 2.53
N LEU A 19 -0.79 2.18 2.61
CA LEU A 19 -0.93 3.29 1.67
C LEU A 19 0.12 3.13 0.56
N GLY A 20 -0.34 2.98 -0.68
CA GLY A 20 0.53 2.81 -1.85
C GLY A 20 1.56 3.93 -1.99
N SER A 21 1.10 5.12 -2.43
CA SER A 21 1.92 6.25 -2.94
C SER A 21 1.01 6.99 -3.94
N LEU A 22 1.12 6.62 -5.22
CA LEU A 22 0.16 6.94 -6.27
C LEU A 22 0.09 5.70 -7.17
N PRO A 23 -1.13 5.26 -7.60
CA PRO A 23 -1.26 4.12 -8.53
C PRO A 23 -0.47 4.34 -9.83
N SER A 24 0.35 3.34 -10.21
CA SER A 24 1.06 3.33 -11.48
C SER A 24 0.03 3.15 -12.62
N ASP A 25 0.25 3.88 -13.73
CA ASP A 25 -0.69 3.94 -14.87
C ASP A 25 -1.14 2.54 -15.35
N GLU A 26 -0.19 1.60 -15.43
CA GLU A 26 -0.45 0.22 -15.87
C GLU A 26 -1.42 -0.53 -14.89
N SER A 27 -1.39 -0.16 -13.60
CA SER A 27 -2.36 -0.70 -12.61
C SER A 27 -3.74 -0.05 -12.81
N ILE A 28 -3.71 1.24 -13.24
CA ILE A 28 -4.93 2.04 -13.51
C ILE A 28 -5.61 1.60 -14.82
N ARG A 29 -4.89 0.81 -15.64
CA ARG A 29 -5.47 0.22 -16.87
C ARG A 29 -6.56 -0.78 -16.49
N LYS A 30 -6.33 -1.49 -15.36
CA LYS A 30 -7.30 -2.44 -14.76
C LYS A 30 -8.01 -1.83 -13.53
N GLN A 31 -7.61 -0.59 -13.16
CA GLN A 31 -8.19 0.18 -12.01
C GLN A 31 -8.01 -0.51 -10.63
N GLN A 32 -7.07 -1.47 -10.53
CA GLN A 32 -6.92 -2.28 -9.30
C GLN A 32 -5.45 -2.66 -9.01
N TYR A 33 -5.20 -3.05 -7.74
CA TYR A 33 -3.89 -3.52 -7.24
C TYR A 33 -3.56 -4.94 -7.80
N TYR A 34 -4.60 -5.57 -8.38
CA TYR A 34 -4.53 -6.93 -8.98
C TYR A 34 -4.11 -6.82 -10.45
N GLY A 35 -4.07 -5.55 -10.94
CA GLY A 35 -3.88 -5.22 -12.35
C GLY A 35 -2.75 -5.96 -13.05
N ASN A 36 -1.58 -6.05 -12.40
CA ASN A 36 -0.39 -6.68 -13.01
C ASN A 36 0.20 -7.80 -12.14
N PRO A 37 0.18 -9.07 -12.66
CA PRO A 37 1.14 -10.12 -12.24
C PRO A 37 2.55 -9.66 -12.65
N GLY A 38 3.28 -9.11 -11.67
CA GLY A 38 4.48 -8.32 -11.90
C GLY A 38 4.74 -7.39 -10.73
N ASN A 39 3.64 -6.84 -10.19
CA ASN A 39 3.65 -6.14 -8.90
C ASN A 39 3.80 -7.21 -7.79
N ASP A 40 5.01 -7.28 -7.21
CA ASP A 40 5.42 -8.38 -6.31
C ASP A 40 4.90 -8.17 -4.88
N PHE A 41 4.06 -7.14 -4.67
CA PHE A 41 3.27 -6.97 -3.43
C PHE A 41 2.61 -8.30 -2.98
N TRP A 42 2.06 -9.04 -3.94
CA TRP A 42 1.33 -10.29 -3.69
C TRP A 42 2.27 -11.46 -3.36
N ARG A 43 3.55 -11.33 -3.76
CA ARG A 43 4.63 -12.23 -3.38
C ARG A 43 5.08 -11.96 -1.93
N LEU A 44 5.41 -10.67 -1.65
CA LEU A 44 6.05 -10.24 -0.38
C LEU A 44 5.09 -10.35 0.81
N VAL A 45 3.86 -9.82 0.63
CA VAL A 45 2.79 -9.85 1.65
C VAL A 45 2.18 -11.27 1.70
N GLY A 46 2.13 -11.96 0.55
CA GLY A 46 1.60 -13.33 0.45
C GLY A 46 2.45 -14.35 1.21
N HIS A 47 3.77 -14.15 1.13
CA HIS A 47 4.77 -14.94 1.87
C HIS A 47 4.73 -14.57 3.38
N ALA A 48 4.50 -13.28 3.65
CA ALA A 48 4.43 -12.74 5.03
C ALA A 48 3.27 -13.33 5.84
N ILE A 49 2.10 -13.46 5.18
CA ILE A 49 0.86 -13.96 5.82
C ILE A 49 0.70 -15.48 5.61
N GLY A 50 1.46 -16.04 4.66
CA GLY A 50 1.38 -17.47 4.34
C GLY A 50 0.10 -17.87 3.59
N GLU A 51 -0.39 -16.97 2.73
CA GLU A 51 -1.55 -17.22 1.84
C GLU A 51 -1.19 -16.68 0.45
N ASN A 52 -1.35 -17.52 -0.59
CA ASN A 52 -0.91 -17.19 -1.95
C ASN A 52 -1.79 -16.09 -2.56
N LEU A 53 -1.37 -14.83 -2.34
CA LEU A 53 -2.07 -13.63 -2.85
C LEU A 53 -1.83 -13.44 -4.36
N GLN A 54 -1.07 -14.32 -4.99
CA GLN A 54 -0.83 -14.28 -6.44
C GLN A 54 -1.96 -14.97 -7.22
N ASP A 55 -2.45 -16.11 -6.67
CA ASP A 55 -3.32 -17.05 -7.41
C ASP A 55 -4.82 -16.86 -7.08
N MET A 56 -5.12 -15.88 -6.20
CA MET A 56 -6.50 -15.55 -5.81
C MET A 56 -7.08 -14.49 -6.75
N ALA A 57 -8.37 -14.64 -7.08
CA ALA A 57 -9.14 -13.60 -7.81
C ALA A 57 -9.30 -12.36 -6.90
N TYR A 58 -9.33 -11.15 -7.53
CA TYR A 58 -9.25 -9.85 -6.82
C TYR A 58 -10.15 -9.75 -5.56
N GLU A 59 -11.44 -10.08 -5.71
CA GLU A 59 -12.46 -9.94 -4.63
C GLU A 59 -12.12 -10.81 -3.40
N LYS A 60 -11.75 -12.09 -3.68
CA LYS A 60 -11.34 -13.06 -2.64
C LYS A 60 -10.03 -12.63 -1.99
N LYS A 61 -9.13 -12.10 -2.81
CA LYS A 61 -7.80 -11.62 -2.39
C LYS A 61 -7.93 -10.49 -1.35
N LEU A 62 -8.90 -9.60 -1.57
CA LEU A 62 -9.25 -8.53 -0.62
C LEU A 62 -9.70 -9.12 0.71
N LYS A 63 -10.63 -10.08 0.64
CA LYS A 63 -11.20 -10.76 1.82
C LYS A 63 -10.13 -11.59 2.59
N THR A 64 -9.12 -12.07 1.84
CA THR A 64 -7.91 -12.69 2.40
C THR A 64 -7.15 -11.68 3.25
N LEU A 65 -6.92 -10.48 2.68
CA LEU A 65 -6.24 -9.36 3.38
C LEU A 65 -7.01 -8.99 4.67
N LYS A 66 -8.36 -9.00 4.58
CA LYS A 66 -9.27 -8.73 5.72
C LYS A 66 -9.06 -9.74 6.88
N HIS A 67 -8.82 -11.04 6.54
CA HIS A 67 -8.47 -12.09 7.55
C HIS A 67 -7.23 -11.69 8.36
N ASN A 68 -6.25 -11.11 7.67
CA ASN A 68 -4.94 -10.74 8.23
C ASN A 68 -4.97 -9.31 8.78
N ARG A 69 -6.15 -8.66 8.70
CA ARG A 69 -6.41 -7.30 9.20
C ARG A 69 -5.56 -6.25 8.45
N ILE A 70 -5.41 -6.50 7.15
CA ILE A 70 -4.68 -5.64 6.21
C ILE A 70 -5.71 -4.88 5.35
N GLY A 71 -5.50 -3.57 5.23
CA GLY A 71 -6.27 -2.72 4.32
C GLY A 71 -5.37 -2.13 3.26
N LEU A 72 -5.97 -1.68 2.15
CA LEU A 72 -5.25 -1.03 1.04
C LEU A 72 -5.86 0.36 0.81
N TRP A 73 -5.01 1.31 0.46
CA TRP A 73 -5.38 2.65 0.02
C TRP A 73 -4.12 3.24 -0.66
N ASP A 74 -4.12 4.55 -0.94
CA ASP A 74 -2.92 5.27 -1.44
C ASP A 74 -2.62 6.49 -0.55
N VAL A 75 -1.55 7.23 -0.89
CA VAL A 75 -1.20 8.47 -0.21
C VAL A 75 -1.87 9.67 -0.91
N PHE A 76 -1.81 9.66 -2.24
CA PHE A 76 -2.41 10.71 -3.08
C PHE A 76 -3.77 10.25 -3.63
N LYS A 77 -4.76 11.16 -3.52
CA LYS A 77 -6.10 10.98 -4.12
C LYS A 77 -6.03 11.31 -5.63
N ALA A 78 -5.05 12.15 -6.02
CA ALA A 78 -4.73 12.44 -7.41
C ALA A 78 -3.28 12.94 -7.54
N GLY A 79 -2.58 12.42 -8.55
CA GLY A 79 -1.19 12.79 -8.85
C GLY A 79 -0.98 12.76 -10.35
N SER A 80 -0.40 13.84 -10.92
CA SER A 80 -0.26 13.94 -12.38
C SER A 80 1.06 13.29 -12.82
N ARG A 81 0.95 12.10 -13.43
CA ARG A 81 2.10 11.42 -14.05
C ARG A 81 2.26 11.96 -15.47
N GLU A 82 3.32 12.75 -15.67
CA GLU A 82 3.54 13.50 -16.93
C GLU A 82 4.10 12.57 -18.03
N GLY A 83 3.83 12.90 -19.31
CA GLY A 83 4.34 12.12 -20.44
C GLY A 83 5.87 12.22 -20.62
N SER A 84 6.47 13.27 -20.02
CA SER A 84 7.91 13.55 -20.09
C SER A 84 8.69 12.76 -18.99
N GLN A 85 10.01 13.04 -18.88
CA GLN A 85 10.91 12.40 -17.88
C GLN A 85 10.56 12.80 -16.44
N ASP A 86 9.77 13.88 -16.29
CA ASP A 86 9.17 14.27 -14.98
C ASP A 86 7.80 13.60 -14.81
N SER A 87 7.80 12.27 -14.99
CA SER A 87 6.60 11.41 -14.97
C SER A 87 6.22 11.02 -13.51
N LYS A 88 6.53 11.90 -12.57
CA LYS A 88 6.41 11.64 -11.14
C LYS A 88 5.00 12.06 -10.65
N ILE A 89 4.83 12.21 -9.34
CA ILE A 89 3.57 12.70 -8.76
C ILE A 89 3.55 14.24 -8.79
N GLY A 90 3.23 14.78 -9.99
CA GLY A 90 3.18 16.22 -10.21
C GLY A 90 1.82 16.82 -9.85
N ASP A 91 1.48 16.70 -8.57
CA ASP A 91 0.18 17.13 -8.02
C ASP A 91 0.22 16.95 -6.50
N GLU A 92 -0.63 17.70 -5.80
CA GLU A 92 -0.64 17.81 -4.33
C GLU A 92 -1.98 17.38 -3.74
N GLU A 93 -2.76 16.57 -4.49
CA GLU A 93 -4.07 16.08 -4.02
C GLU A 93 -3.86 14.82 -3.20
N ILE A 94 -4.08 14.94 -1.88
CA ILE A 94 -3.71 13.92 -0.89
C ILE A 94 -4.98 13.32 -0.28
N ASN A 95 -4.98 11.99 -0.11
CA ASN A 95 -6.06 11.22 0.53
C ASN A 95 -6.27 11.68 2.00
N ASP A 96 -7.55 11.73 2.43
CA ASP A 96 -7.96 12.32 3.73
C ASP A 96 -7.48 11.45 4.91
N PHE A 97 -6.28 11.76 5.42
CA PHE A 97 -5.67 11.07 6.57
C PHE A 97 -6.26 11.57 7.89
N SER A 98 -6.97 12.71 7.83
CA SER A 98 -7.71 13.27 8.97
C SER A 98 -8.73 12.24 9.53
N GLY A 99 -9.26 11.39 8.62
CA GLY A 99 -10.29 10.41 8.95
C GLY A 99 -9.73 9.04 9.36
N LEU A 100 -8.38 8.85 9.30
CA LEU A 100 -7.73 7.55 9.65
C LEU A 100 -8.16 7.02 11.01
N LYS A 101 -8.30 7.91 11.98
CA LYS A 101 -8.67 7.57 13.35
C LYS A 101 -10.02 6.81 13.41
N GLU A 102 -10.94 7.18 12.49
CA GLU A 102 -12.31 6.64 12.43
C GLU A 102 -12.39 5.37 11.54
N MET A 103 -11.79 5.45 10.33
CA MET A 103 -11.87 4.37 9.30
C MET A 103 -11.04 3.14 9.69
N VAL A 104 -9.88 3.38 10.32
CA VAL A 104 -9.01 2.31 10.85
C VAL A 104 -8.83 2.50 12.37
N PRO A 105 -9.79 1.95 13.20
CA PRO A 105 -9.74 2.09 14.66
C PRO A 105 -8.64 1.20 15.30
N LYS A 106 -8.37 0.02 14.68
CA LYS A 106 -7.39 -0.97 15.18
C LYS A 106 -5.98 -0.66 14.68
N LEU A 107 -5.83 0.45 13.92
CA LEU A 107 -4.56 0.85 13.33
C LEU A 107 -3.46 1.07 14.38
N ARG A 108 -2.42 0.23 14.32
CA ARG A 108 -1.17 0.43 15.08
C ARG A 108 -0.05 0.86 14.14
N LEU A 109 0.00 0.26 12.93
CA LEU A 109 1.13 0.45 11.99
C LEU A 109 0.60 0.68 10.55
N ILE A 110 1.13 1.72 9.88
CA ILE A 110 0.83 2.04 8.46
C ILE A 110 2.02 1.56 7.61
N CYS A 111 1.77 1.08 6.39
CA CYS A 111 2.84 0.58 5.49
C CYS A 111 2.78 1.32 4.13
N PHE A 112 3.84 2.06 3.83
CA PHE A 112 3.97 2.87 2.62
C PHE A 112 4.76 2.10 1.54
N ASN A 113 4.22 1.99 0.32
CA ASN A 113 4.92 1.33 -0.82
C ASN A 113 5.61 2.39 -1.70
N GLY A 114 6.77 2.86 -1.24
CA GLY A 114 7.56 3.85 -1.96
C GLY A 114 8.18 4.87 -1.03
N ARG A 115 9.32 5.43 -1.45
CA ARG A 115 10.01 6.52 -0.72
C ARG A 115 9.15 7.80 -0.74
N LYS A 116 8.51 8.05 -1.89
CA LYS A 116 7.57 9.18 -2.08
C LYS A 116 6.37 9.06 -1.12
N ALA A 117 5.92 7.83 -0.89
CA ALA A 117 4.89 7.53 0.11
C ALA A 117 5.44 7.77 1.53
N GLY A 118 6.70 7.35 1.72
CA GLY A 118 7.43 7.50 2.98
C GLY A 118 7.79 8.95 3.34
N GLU A 119 7.60 9.88 2.38
CA GLU A 119 7.71 11.34 2.63
C GLU A 119 6.64 11.80 3.63
N TYR A 120 5.47 11.14 3.59
CA TYR A 120 4.31 11.45 4.45
C TYR A 120 4.23 10.47 5.65
N GLU A 121 5.32 9.72 5.89
CA GLU A 121 5.42 8.79 7.03
C GLU A 121 5.45 9.55 8.39
N PRO A 122 6.40 10.55 8.64
CA PRO A 122 6.45 11.29 9.93
C PRO A 122 5.22 12.20 10.16
N LEU A 123 4.46 12.48 9.08
CA LEU A 123 3.21 13.26 9.14
C LEU A 123 2.15 12.53 9.98
N LEU A 124 1.97 11.23 9.69
CA LEU A 124 0.90 10.40 10.29
C LEU A 124 1.31 9.88 11.69
N ARG A 125 2.59 10.07 12.06
CA ARG A 125 3.07 9.92 13.45
C ARG A 125 2.48 11.01 14.34
N GLY A 126 2.19 12.19 13.72
CA GLY A 126 1.50 13.29 14.39
C GLY A 126 0.07 12.95 14.80
N MET A 127 -0.51 11.90 14.17
CA MET A 127 -1.87 11.39 14.48
C MET A 127 -1.81 10.23 15.51
N GLY A 128 -0.62 10.04 16.13
CA GLY A 128 -0.41 9.02 17.14
C GLY A 128 -0.35 7.60 16.58
N TYR A 129 -0.11 7.48 15.27
CA TYR A 129 -0.03 6.19 14.59
C TYR A 129 1.40 5.90 14.13
N GLU A 130 1.89 4.69 14.44
CA GLU A 130 3.19 4.21 13.97
C GLU A 130 3.09 3.96 12.46
N THR A 131 4.15 4.31 11.75
CA THR A 131 4.20 4.29 10.30
C THR A 131 5.50 3.60 9.82
N LYS A 132 5.46 2.99 8.63
CA LYS A 132 6.57 2.21 8.11
C LYS A 132 6.81 2.56 6.64
N VAL A 133 8.04 2.98 6.31
CA VAL A 133 8.49 3.13 4.92
C VAL A 133 8.96 1.76 4.43
N LEU A 134 8.07 1.07 3.70
CA LEU A 134 8.38 -0.12 2.92
C LEU A 134 8.78 0.34 1.49
N PRO A 135 9.55 -0.48 0.73
CA PRO A 135 9.91 -0.14 -0.66
C PRO A 135 8.68 -0.26 -1.58
N SER A 136 8.78 0.30 -2.80
CA SER A 136 7.77 0.10 -3.84
C SER A 136 7.78 -1.38 -4.22
N SER A 137 6.65 -2.06 -3.99
CA SER A 137 6.52 -3.52 -4.19
C SER A 137 6.36 -3.89 -5.69
N SER A 138 6.74 -2.97 -6.58
CA SER A 138 6.85 -3.22 -8.02
C SER A 138 8.13 -4.02 -8.29
N GLY A 139 8.13 -4.79 -9.38
CA GLY A 139 9.29 -5.57 -9.80
C GLY A 139 10.49 -4.73 -10.25
N ALA A 140 10.29 -3.41 -10.42
CA ALA A 140 11.34 -2.46 -10.82
C ALA A 140 12.10 -1.89 -9.59
N ASN A 141 11.62 -2.21 -8.36
CA ASN A 141 12.23 -1.74 -7.10
C ASN A 141 12.62 -2.95 -6.20
N ARG A 142 12.31 -4.18 -6.68
CA ARG A 142 12.41 -5.40 -5.83
C ARG A 142 13.89 -5.85 -5.65
N ARG A 143 14.79 -5.23 -6.43
CA ARG A 143 16.26 -5.43 -6.37
C ARG A 143 16.84 -5.28 -4.93
N PHE A 144 16.17 -4.47 -4.08
CA PHE A 144 16.61 -4.25 -2.69
C PHE A 144 15.75 -5.07 -1.70
N SER A 145 14.68 -5.74 -2.20
CA SER A 145 13.70 -6.47 -1.37
C SER A 145 14.13 -7.92 -1.11
N LYS A 146 15.32 -8.33 -1.64
CA LYS A 146 15.84 -9.71 -1.52
C LYS A 146 15.91 -10.13 -0.04
N ASN A 147 16.85 -9.54 0.72
CA ASN A 147 16.99 -9.79 2.18
C ASN A 147 15.93 -9.00 2.99
N ARG A 148 15.25 -8.05 2.31
CA ARG A 148 14.32 -7.11 2.97
C ARG A 148 12.91 -7.71 3.07
N GLU A 149 12.68 -8.84 2.36
CA GLU A 149 11.43 -9.62 2.45
C GLU A 149 11.20 -10.15 3.89
N SER A 150 12.31 -10.26 4.65
CA SER A 150 12.30 -10.67 6.06
C SER A 150 11.61 -9.58 6.92
N GLU A 151 11.83 -8.31 6.54
CA GLU A 151 11.17 -7.16 7.17
C GLU A 151 9.66 -7.17 6.87
N TRP A 152 9.33 -7.43 5.59
CA TRP A 152 7.92 -7.52 5.12
C TRP A 152 7.21 -8.63 5.89
N GLU A 153 7.91 -9.75 6.01
CA GLU A 153 7.43 -10.97 6.67
C GLU A 153 7.10 -10.68 8.14
N ALA A 154 8.00 -9.91 8.79
CA ALA A 154 7.92 -9.65 10.23
C ALA A 154 6.74 -8.70 10.53
N VAL A 155 6.53 -7.72 9.64
CA VAL A 155 5.44 -6.72 9.72
C VAL A 155 4.05 -7.41 9.74
N PHE A 156 3.90 -8.52 9.01
CA PHE A 156 2.59 -9.21 8.90
C PHE A 156 2.55 -10.54 9.68
N ARG A 157 3.70 -11.02 10.21
CA ARG A 157 3.75 -12.20 11.11
C ARG A 157 3.24 -11.82 12.51
N HIS A 158 3.77 -10.70 13.05
CA HIS A 158 3.56 -10.31 14.48
C HIS A 158 2.07 -10.06 14.81
N LEU A 159 1.22 -9.91 13.76
CA LEU A 159 -0.23 -9.66 13.88
C LEU A 159 -0.98 -10.82 14.59
N GLU A 160 -0.29 -11.96 14.75
CA GLU A 160 -0.79 -13.13 15.53
C GLU A 160 -0.86 -12.85 17.05
N HIS A 161 -0.32 -11.66 17.47
CA HIS A 161 -0.17 -11.23 18.87
C HIS A 161 0.99 -12.00 19.54
N MET A 1 -2.37 14.29 -18.15
CA MET A 1 -3.69 14.59 -17.53
C MET A 1 -3.86 13.82 -16.21
N ILE A 2 -5.03 14.01 -15.56
CA ILE A 2 -5.31 13.51 -14.19
C ILE A 2 -5.33 11.98 -14.15
N LYS A 3 -4.40 11.41 -13.35
CA LYS A 3 -4.37 9.98 -13.01
C LYS A 3 -4.89 9.80 -11.57
N ARG A 4 -6.00 9.10 -11.44
CA ARG A 4 -6.67 8.86 -10.15
C ARG A 4 -6.04 7.65 -9.46
N GLY A 5 -5.75 7.83 -8.16
CA GLY A 5 -5.35 6.73 -7.30
C GLY A 5 -6.52 5.82 -6.96
N PHE A 6 -6.27 4.78 -6.17
CA PHE A 6 -7.30 3.80 -5.81
C PHE A 6 -7.99 4.18 -4.49
N PRO A 7 -9.35 4.03 -4.38
CA PRO A 7 -10.04 4.03 -3.07
C PRO A 7 -9.57 2.83 -2.20
N ALA A 8 -9.83 2.91 -0.90
CA ALA A 8 -9.33 1.95 0.09
C ALA A 8 -9.98 0.56 -0.06
N VAL A 9 -9.13 -0.47 -0.03
CA VAL A 9 -9.53 -1.87 0.14
C VAL A 9 -9.43 -2.12 1.64
N LEU A 10 -10.47 -1.70 2.36
CA LEU A 10 -10.38 -1.51 3.80
C LEU A 10 -11.52 -2.23 4.53
N ASP A 11 -11.23 -2.66 5.75
CA ASP A 11 -12.22 -3.22 6.68
C ASP A 11 -12.38 -2.23 7.84
N GLU A 12 -13.56 -2.25 8.47
CA GLU A 12 -13.87 -1.40 9.62
C GLU A 12 -12.82 -1.54 10.76
N ASN A 13 -12.49 -2.79 11.13
CA ASN A 13 -11.47 -3.09 12.17
C ASN A 13 -10.16 -3.61 11.55
N THR A 14 -9.54 -2.77 10.69
CA THR A 14 -8.23 -3.05 10.06
C THR A 14 -7.09 -2.60 10.99
N GLU A 15 -6.05 -3.46 11.14
CA GLU A 15 -4.91 -3.23 12.03
C GLU A 15 -3.74 -2.52 11.30
N ILE A 16 -3.48 -2.90 10.03
CA ILE A 16 -2.40 -2.31 9.22
C ILE A 16 -3.00 -1.72 7.94
N LEU A 17 -2.76 -0.43 7.70
CA LEU A 17 -3.16 0.27 6.48
C LEU A 17 -1.90 0.57 5.67
N ILE A 18 -1.82 -0.03 4.47
CA ILE A 18 -0.67 0.10 3.58
C ILE A 18 -0.96 1.18 2.53
N LEU A 19 -0.23 2.30 2.58
CA LEU A 19 -0.42 3.45 1.69
C LEU A 19 0.71 3.51 0.65
N GLY A 20 0.35 3.48 -0.63
CA GLY A 20 1.27 3.86 -1.70
C GLY A 20 1.31 5.38 -1.84
N SER A 21 1.65 5.90 -3.02
CA SER A 21 1.61 7.34 -3.29
C SER A 21 0.61 7.61 -4.42
N LEU A 22 0.96 7.13 -5.62
CA LEU A 22 0.11 7.17 -6.81
C LEU A 22 0.44 5.91 -7.61
N PRO A 23 -0.56 4.99 -7.85
CA PRO A 23 -0.32 3.75 -8.61
C PRO A 23 0.04 4.04 -10.08
N SER A 24 0.70 3.09 -10.72
CA SER A 24 1.03 3.16 -12.14
C SER A 24 -0.24 3.08 -12.99
N ASP A 25 -0.29 3.78 -14.14
CA ASP A 25 -1.49 3.79 -15.01
C ASP A 25 -1.81 2.38 -15.53
N GLU A 26 -0.76 1.53 -15.64
CA GLU A 26 -0.91 0.10 -15.98
C GLU A 26 -1.88 -0.62 -15.01
N SER A 27 -1.90 -0.15 -13.75
CA SER A 27 -2.85 -0.62 -12.73
C SER A 27 -4.17 0.20 -12.80
N ILE A 28 -4.04 1.53 -13.01
CA ILE A 28 -5.17 2.50 -12.96
C ILE A 28 -6.23 2.24 -14.06
N ARG A 29 -5.81 1.73 -15.23
CA ARG A 29 -6.74 1.40 -16.34
C ARG A 29 -7.74 0.28 -15.93
N LYS A 30 -7.30 -0.58 -14.98
CA LYS A 30 -8.14 -1.63 -14.38
C LYS A 30 -8.85 -1.10 -13.12
N GLN A 31 -8.22 -0.08 -12.48
CA GLN A 31 -8.51 0.39 -11.12
C GLN A 31 -8.28 -0.73 -10.08
N GLN A 32 -7.26 -1.57 -10.35
CA GLN A 32 -6.94 -2.77 -9.54
C GLN A 32 -5.41 -2.84 -9.33
N TYR A 33 -4.98 -3.09 -8.06
CA TYR A 33 -3.55 -3.25 -7.69
C TYR A 33 -2.92 -4.45 -8.44
N TYR A 34 -3.58 -5.62 -8.28
CA TYR A 34 -3.23 -6.87 -9.01
C TYR A 34 -3.47 -6.73 -10.55
N GLY A 35 -4.24 -5.68 -10.95
CA GLY A 35 -4.56 -5.43 -12.37
C GLY A 35 -3.31 -5.35 -13.25
N ASN A 36 -2.22 -4.88 -12.64
CA ASN A 36 -0.86 -5.02 -13.20
C ASN A 36 -0.18 -6.23 -12.50
N PRO A 37 0.00 -7.39 -13.20
CA PRO A 37 0.76 -8.54 -12.65
C PRO A 37 2.27 -8.30 -12.81
N GLY A 38 3.07 -9.27 -12.35
CA GLY A 38 4.53 -9.07 -12.24
C GLY A 38 4.93 -8.44 -10.90
N ASN A 39 3.92 -7.94 -10.17
CA ASN A 39 4.07 -7.28 -8.86
C ASN A 39 4.21 -8.34 -7.75
N ASP A 40 5.32 -8.29 -6.99
CA ASP A 40 5.70 -9.35 -6.02
C ASP A 40 5.19 -9.05 -4.60
N PHE A 41 4.57 -7.86 -4.40
CA PHE A 41 3.92 -7.45 -3.12
C PHE A 41 2.99 -8.55 -2.55
N TRP A 42 2.17 -9.15 -3.43
CA TRP A 42 1.22 -10.22 -3.07
C TRP A 42 1.95 -11.44 -2.51
N ARG A 43 3.12 -11.73 -3.09
CA ARG A 43 3.99 -12.83 -2.68
C ARG A 43 4.65 -12.53 -1.31
N LEU A 44 5.09 -11.27 -1.11
CA LEU A 44 5.79 -10.82 0.13
C LEU A 44 4.87 -10.93 1.36
N VAL A 45 3.70 -10.27 1.23
CA VAL A 45 2.70 -10.19 2.29
C VAL A 45 2.10 -11.59 2.54
N GLY A 46 1.78 -12.29 1.44
CA GLY A 46 1.20 -13.64 1.49
C GLY A 46 2.09 -14.69 2.16
N HIS A 47 3.42 -14.54 1.97
CA HIS A 47 4.44 -15.40 2.60
C HIS A 47 4.47 -15.16 4.13
N ALA A 48 4.42 -13.87 4.50
CA ALA A 48 4.54 -13.42 5.90
C ALA A 48 3.33 -13.80 6.76
N ILE A 49 2.12 -13.63 6.19
CA ILE A 49 0.84 -13.98 6.85
C ILE A 49 0.53 -15.48 6.68
N GLY A 50 1.24 -16.12 5.72
CA GLY A 50 1.08 -17.55 5.42
C GLY A 50 -0.23 -17.88 4.71
N GLU A 51 -0.80 -16.88 4.02
CA GLU A 51 -2.09 -17.01 3.32
C GLU A 51 -1.87 -16.83 1.81
N ASN A 52 -2.60 -17.60 1.01
CA ASN A 52 -2.47 -17.53 -0.45
C ASN A 52 -3.29 -16.34 -0.98
N LEU A 53 -2.68 -15.15 -1.06
CA LEU A 53 -3.30 -13.98 -1.70
C LEU A 53 -3.29 -14.16 -3.22
N GLN A 54 -2.10 -14.54 -3.72
CA GLN A 54 -1.74 -14.50 -5.15
C GLN A 54 -2.68 -15.36 -6.02
N ASP A 55 -2.92 -16.63 -5.60
CA ASP A 55 -3.72 -17.59 -6.39
C ASP A 55 -5.21 -17.26 -6.37
N MET A 56 -5.69 -16.70 -5.25
CA MET A 56 -7.12 -16.32 -5.10
C MET A 56 -7.49 -15.21 -6.10
N ALA A 57 -8.68 -15.35 -6.73
CA ALA A 57 -9.25 -14.32 -7.64
C ALA A 57 -9.31 -12.98 -6.90
N TYR A 58 -9.02 -11.86 -7.59
CA TYR A 58 -8.79 -10.53 -6.99
C TYR A 58 -9.78 -10.15 -5.89
N GLU A 59 -11.06 -10.41 -6.13
CA GLU A 59 -12.15 -10.14 -5.17
C GLU A 59 -11.93 -10.90 -3.84
N LYS A 60 -11.64 -12.21 -3.97
CA LYS A 60 -11.33 -13.12 -2.86
C LYS A 60 -9.97 -12.78 -2.20
N LYS A 61 -9.02 -12.32 -3.02
CA LYS A 61 -7.67 -11.88 -2.59
C LYS A 61 -7.77 -10.70 -1.61
N LEU A 62 -8.63 -9.72 -1.98
CA LEU A 62 -8.94 -8.54 -1.16
C LEU A 62 -9.61 -8.95 0.16
N LYS A 63 -10.56 -9.91 0.07
CA LYS A 63 -11.29 -10.43 1.25
C LYS A 63 -10.33 -11.12 2.25
N THR A 64 -9.26 -11.73 1.70
CA THR A 64 -8.21 -12.38 2.51
C THR A 64 -7.30 -11.33 3.18
N LEU A 65 -7.15 -10.13 2.57
CA LEU A 65 -6.49 -8.98 3.23
C LEU A 65 -7.28 -8.59 4.47
N LYS A 66 -8.63 -8.44 4.31
CA LYS A 66 -9.57 -8.14 5.42
C LYS A 66 -9.46 -9.20 6.55
N HIS A 67 -9.30 -10.48 6.15
CA HIS A 67 -9.07 -11.62 7.05
C HIS A 67 -7.81 -11.42 7.93
N ASN A 68 -6.73 -10.88 7.34
CA ASN A 68 -5.46 -10.61 8.07
C ASN A 68 -5.43 -9.18 8.63
N ARG A 69 -6.56 -8.44 8.46
CA ARG A 69 -6.77 -7.05 8.96
C ARG A 69 -5.79 -6.07 8.30
N ILE A 70 -5.59 -6.28 7.00
CA ILE A 70 -4.79 -5.43 6.11
C ILE A 70 -5.72 -4.61 5.21
N GLY A 71 -5.37 -3.34 5.03
CA GLY A 71 -6.01 -2.46 4.06
C GLY A 71 -5.00 -1.93 3.07
N LEU A 72 -5.47 -1.57 1.86
CA LEU A 72 -4.62 -1.02 0.79
C LEU A 72 -5.22 0.30 0.33
N TRP A 73 -4.37 1.32 0.18
CA TRP A 73 -4.79 2.66 -0.25
C TRP A 73 -3.53 3.39 -0.77
N ASP A 74 -3.64 4.69 -1.03
CA ASP A 74 -2.52 5.55 -1.49
C ASP A 74 -2.53 6.86 -0.70
N VAL A 75 -1.41 7.60 -0.73
CA VAL A 75 -1.30 8.94 -0.13
C VAL A 75 -2.06 9.95 -1.01
N PHE A 76 -1.81 9.92 -2.32
CA PHE A 76 -2.45 10.84 -3.28
C PHE A 76 -3.78 10.26 -3.77
N LYS A 77 -4.82 11.12 -3.79
CA LYS A 77 -6.15 10.83 -4.36
C LYS A 77 -6.01 10.90 -5.90
N ALA A 78 -5.12 11.79 -6.37
CA ALA A 78 -4.83 11.99 -7.79
C ALA A 78 -3.47 12.69 -7.98
N GLY A 79 -2.85 12.42 -9.13
CA GLY A 79 -1.63 13.04 -9.58
C GLY A 79 -1.64 13.17 -11.10
N SER A 80 -1.39 14.38 -11.61
CA SER A 80 -1.53 14.68 -13.04
C SER A 80 -0.19 14.40 -13.73
N ARG A 81 -0.21 13.47 -14.70
CA ARG A 81 0.98 13.09 -15.48
C ARG A 81 1.08 13.96 -16.73
N GLU A 82 1.98 14.97 -16.68
CA GLU A 82 2.35 15.82 -17.82
C GLU A 82 2.87 14.97 -19.00
N GLY A 83 3.70 13.98 -18.65
CA GLY A 83 4.24 13.03 -19.61
C GLY A 83 5.40 12.25 -19.04
N SER A 84 6.54 12.93 -18.88
CA SER A 84 7.79 12.34 -18.36
C SER A 84 8.15 13.03 -17.03
N GLN A 85 7.62 12.48 -15.92
CA GLN A 85 7.83 13.02 -14.56
C GLN A 85 8.61 12.02 -13.67
N ASP A 86 8.88 10.80 -14.21
CA ASP A 86 9.69 9.72 -13.58
C ASP A 86 8.97 9.04 -12.40
N SER A 87 8.71 9.81 -11.33
CA SER A 87 8.01 9.34 -10.12
C SER A 87 6.46 9.37 -10.29
N LYS A 88 5.99 9.66 -11.55
CA LYS A 88 4.56 9.60 -11.98
C LYS A 88 3.73 10.82 -11.51
N ILE A 89 3.92 11.22 -10.24
CA ILE A 89 3.16 12.31 -9.61
C ILE A 89 3.62 13.67 -10.15
N GLY A 90 2.65 14.56 -10.37
CA GLY A 90 2.92 15.94 -10.78
C GLY A 90 1.77 16.85 -10.39
N ASP A 91 1.45 16.81 -9.09
CA ASP A 91 0.20 17.38 -8.51
C ASP A 91 0.14 17.03 -7.01
N GLU A 92 -0.65 17.80 -6.25
CA GLU A 92 -0.69 17.73 -4.77
C GLU A 92 -2.07 17.31 -4.26
N GLU A 93 -2.86 16.58 -5.08
CA GLU A 93 -4.19 16.09 -4.66
C GLU A 93 -4.00 14.84 -3.79
N ILE A 94 -4.14 15.02 -2.47
CA ILE A 94 -3.87 13.99 -1.45
C ILE A 94 -5.17 13.61 -0.73
N ASN A 95 -5.26 12.33 -0.33
CA ASN A 95 -6.38 11.80 0.48
C ASN A 95 -6.33 12.42 1.88
N ASP A 96 -7.49 12.73 2.46
CA ASP A 96 -7.59 13.33 3.79
C ASP A 96 -7.47 12.21 4.83
N PHE A 97 -6.39 12.24 5.64
CA PHE A 97 -6.09 11.16 6.62
C PHE A 97 -6.50 11.56 8.04
N SER A 98 -7.15 12.72 8.20
CA SER A 98 -7.61 13.21 9.53
C SER A 98 -8.65 12.26 10.16
N GLY A 99 -9.38 11.53 9.29
CA GLY A 99 -10.46 10.62 9.69
C GLY A 99 -9.98 9.20 10.03
N LEU A 100 -8.65 8.92 9.90
CA LEU A 100 -8.06 7.58 10.18
C LEU A 100 -8.48 7.01 11.55
N LYS A 101 -8.64 7.88 12.55
CA LYS A 101 -8.98 7.48 13.93
C LYS A 101 -10.38 6.82 14.05
N GLU A 102 -11.27 7.11 13.08
CA GLU A 102 -12.67 6.63 13.05
C GLU A 102 -12.83 5.40 12.12
N MET A 103 -12.24 5.50 10.91
CA MET A 103 -12.33 4.45 9.85
C MET A 103 -11.53 3.20 10.25
N VAL A 104 -10.40 3.41 10.92
CA VAL A 104 -9.54 2.33 11.40
C VAL A 104 -9.15 2.60 12.87
N PRO A 105 -10.00 2.11 13.84
CA PRO A 105 -9.73 2.26 15.30
C PRO A 105 -8.59 1.33 15.76
N LYS A 106 -8.40 0.23 15.02
CA LYS A 106 -7.43 -0.84 15.34
C LYS A 106 -6.06 -0.58 14.68
N LEU A 107 -6.00 0.46 13.82
CA LEU A 107 -4.78 0.84 13.11
C LEU A 107 -3.67 1.17 14.11
N ARG A 108 -2.67 0.29 14.16
CA ARG A 108 -1.49 0.48 14.99
C ARG A 108 -0.29 0.79 14.10
N LEU A 109 -0.16 0.11 12.94
CA LEU A 109 1.02 0.24 12.05
C LEU A 109 0.59 0.61 10.63
N ILE A 110 1.22 1.65 10.07
CA ILE A 110 0.99 2.10 8.67
C ILE A 110 2.23 1.77 7.84
N CYS A 111 2.08 0.90 6.84
CA CYS A 111 3.17 0.47 5.95
C CYS A 111 3.12 1.28 4.64
N PHE A 112 4.16 2.07 4.37
CA PHE A 112 4.23 2.91 3.16
C PHE A 112 4.95 2.17 2.03
N ASN A 113 4.28 2.03 0.87
CA ASN A 113 4.90 1.48 -0.36
C ASN A 113 5.71 2.60 -1.05
N GLY A 114 6.93 2.83 -0.53
CA GLY A 114 7.93 3.67 -1.19
C GLY A 114 8.23 4.97 -0.49
N ARG A 115 9.22 5.67 -1.06
CA ARG A 115 9.65 7.01 -0.62
C ARG A 115 8.50 8.02 -0.65
N LYS A 116 7.92 8.25 -1.84
CA LYS A 116 6.82 9.24 -2.06
C LYS A 116 5.61 9.01 -1.13
N ALA A 117 5.42 7.76 -0.71
CA ALA A 117 4.43 7.39 0.31
C ALA A 117 4.93 7.81 1.70
N GLY A 118 6.17 7.39 2.00
CA GLY A 118 6.79 7.54 3.31
C GLY A 118 7.24 8.96 3.65
N GLU A 119 7.24 9.87 2.66
CA GLU A 119 7.54 11.31 2.88
C GLU A 119 6.42 11.95 3.74
N TYR A 120 5.25 11.32 3.71
CA TYR A 120 4.06 11.76 4.48
C TYR A 120 3.86 10.87 5.73
N GLU A 121 4.95 10.18 6.14
CA GLU A 121 4.99 9.45 7.41
C GLU A 121 4.79 10.39 8.64
N PRO A 122 5.57 11.56 8.78
CA PRO A 122 5.45 12.47 9.97
C PRO A 122 4.01 12.97 10.22
N LEU A 123 3.21 13.05 9.14
CA LEU A 123 1.81 13.48 9.17
C LEU A 123 0.97 12.52 10.04
N LEU A 124 1.23 11.22 9.86
CA LEU A 124 0.43 10.13 10.46
C LEU A 124 1.04 9.67 11.81
N ARG A 125 2.31 10.06 12.07
CA ARG A 125 2.96 9.85 13.39
C ARG A 125 2.27 10.72 14.46
N GLY A 126 1.81 11.92 14.03
CA GLY A 126 1.09 12.85 14.90
C GLY A 126 -0.31 12.36 15.27
N MET A 127 -0.79 11.32 14.55
CA MET A 127 -2.11 10.68 14.78
C MET A 127 -1.99 9.48 15.74
N GLY A 128 -0.81 9.35 16.39
CA GLY A 128 -0.57 8.31 17.39
C GLY A 128 -0.42 6.91 16.80
N TYR A 129 0.04 6.83 15.54
CA TYR A 129 0.25 5.55 14.84
C TYR A 129 1.73 5.24 14.69
N GLU A 130 2.10 3.96 14.92
CA GLU A 130 3.39 3.40 14.51
C GLU A 130 3.42 3.42 12.99
N THR A 131 4.48 3.94 12.41
CA THR A 131 4.60 4.11 10.97
C THR A 131 5.95 3.55 10.47
N LYS A 132 5.93 2.96 9.28
CA LYS A 132 7.08 2.31 8.66
C LYS A 132 7.13 2.63 7.16
N VAL A 133 8.27 3.16 6.69
CA VAL A 133 8.52 3.38 5.27
C VAL A 133 9.14 2.09 4.71
N LEU A 134 8.33 1.33 3.98
CA LEU A 134 8.78 0.14 3.24
C LEU A 134 9.21 0.59 1.82
N PRO A 135 10.13 -0.15 1.14
CA PRO A 135 10.52 0.18 -0.25
C PRO A 135 9.34 -0.06 -1.23
N SER A 136 9.24 0.80 -2.28
CA SER A 136 8.14 0.76 -3.26
C SER A 136 8.12 -0.59 -3.95
N SER A 137 7.12 -1.44 -3.62
CA SER A 137 7.01 -2.82 -4.14
C SER A 137 6.94 -2.82 -5.69
N SER A 138 8.14 -2.80 -6.30
CA SER A 138 8.35 -2.67 -7.74
C SER A 138 9.33 -3.79 -8.18
N GLY A 139 9.34 -4.08 -9.49
CA GLY A 139 10.38 -4.91 -10.09
C GLY A 139 11.78 -4.35 -9.90
N ALA A 140 11.92 -3.00 -10.08
CA ALA A 140 13.19 -2.28 -9.89
C ALA A 140 13.65 -2.32 -8.43
N ASN A 141 12.67 -2.27 -7.52
CA ASN A 141 12.91 -2.47 -6.08
C ASN A 141 13.39 -3.90 -5.79
N ARG A 142 12.71 -4.87 -6.42
CA ARG A 142 12.91 -6.32 -6.16
C ARG A 142 14.32 -6.77 -6.63
N ARG A 143 14.87 -5.99 -7.58
CA ARG A 143 16.26 -6.11 -8.05
C ARG A 143 17.28 -5.95 -6.88
N PHE A 144 16.87 -5.19 -5.84
CA PHE A 144 17.71 -4.92 -4.64
C PHE A 144 17.05 -5.47 -3.35
N SER A 145 15.73 -5.71 -3.41
CA SER A 145 14.91 -6.11 -2.24
C SER A 145 14.70 -7.64 -2.20
N LYS A 146 15.70 -8.38 -2.70
CA LYS A 146 15.68 -9.85 -2.71
C LYS A 146 15.71 -10.34 -1.24
N ASN A 147 16.83 -10.07 -0.56
CA ASN A 147 17.04 -10.46 0.87
C ASN A 147 16.35 -9.48 1.84
N ARG A 148 15.82 -8.37 1.29
CA ARG A 148 15.20 -7.29 2.07
C ARG A 148 13.71 -7.63 2.34
N GLU A 149 13.18 -8.63 1.60
CA GLU A 149 11.86 -9.25 1.86
C GLU A 149 11.70 -9.72 3.33
N SER A 150 12.85 -9.97 4.01
CA SER A 150 12.89 -10.44 5.39
C SER A 150 12.29 -9.42 6.36
N GLU A 151 12.38 -8.11 6.01
CA GLU A 151 11.76 -7.03 6.81
C GLU A 151 10.23 -7.06 6.60
N TRP A 152 9.78 -7.39 5.37
CA TRP A 152 8.34 -7.47 5.01
C TRP A 152 7.71 -8.65 5.76
N GLU A 153 8.51 -9.72 5.90
CA GLU A 153 8.13 -10.91 6.64
C GLU A 153 8.10 -10.58 8.15
N ALA A 154 8.99 -9.67 8.57
CA ALA A 154 9.07 -9.17 9.96
C ALA A 154 7.99 -8.12 10.27
N VAL A 155 7.31 -7.60 9.23
CA VAL A 155 6.18 -6.66 9.39
C VAL A 155 4.85 -7.41 9.52
N PHE A 156 4.59 -8.38 8.61
CA PHE A 156 3.24 -9.01 8.49
C PHE A 156 3.11 -10.38 9.19
N ARG A 157 4.18 -10.85 9.87
CA ARG A 157 4.13 -12.16 10.59
C ARG A 157 3.23 -12.08 11.84
N HIS A 158 3.24 -10.91 12.53
CA HIS A 158 2.50 -10.72 13.80
C HIS A 158 0.97 -10.71 13.57
N LEU A 159 0.55 -10.62 12.28
CA LEU A 159 -0.87 -10.64 11.89
C LEU A 159 -1.43 -12.04 12.09
N GLU A 160 -0.59 -13.05 11.82
CA GLU A 160 -0.90 -14.47 12.09
C GLU A 160 -0.75 -14.75 13.59
N HIS A 161 0.39 -14.25 14.14
CA HIS A 161 0.84 -14.42 15.55
C HIS A 161 0.70 -15.89 16.04
N MET A 1 -2.38 14.18 -17.93
CA MET A 1 -2.89 12.82 -17.66
C MET A 1 -2.87 12.54 -16.13
N ILE A 2 -4.03 12.73 -15.49
CA ILE A 2 -4.24 12.48 -14.06
C ILE A 2 -4.43 10.96 -13.82
N LYS A 3 -3.65 10.42 -12.86
CA LYS A 3 -3.82 9.05 -12.33
C LYS A 3 -4.59 9.16 -11.00
N ARG A 4 -5.79 8.57 -10.92
CA ARG A 4 -6.64 8.62 -9.71
C ARG A 4 -6.41 7.39 -8.82
N GLY A 5 -6.20 7.67 -7.51
CA GLY A 5 -6.13 6.65 -6.48
C GLY A 5 -7.47 5.96 -6.25
N PHE A 6 -7.44 4.83 -5.56
CA PHE A 6 -8.58 3.88 -5.51
C PHE A 6 -9.27 3.90 -4.14
N PRO A 7 -10.64 3.63 -4.09
CA PRO A 7 -11.36 3.45 -2.81
C PRO A 7 -10.71 2.32 -1.98
N ALA A 8 -10.58 2.56 -0.67
CA ALA A 8 -9.82 1.69 0.24
C ALA A 8 -10.41 0.26 0.32
N VAL A 9 -9.50 -0.72 0.42
CA VAL A 9 -9.82 -2.12 0.69
C VAL A 9 -9.77 -2.27 2.21
N LEU A 10 -10.88 -1.99 2.86
CA LEU A 10 -10.90 -1.71 4.29
C LEU A 10 -11.99 -2.50 5.00
N ASP A 11 -11.65 -3.00 6.20
CA ASP A 11 -12.57 -3.65 7.14
C ASP A 11 -12.50 -2.92 8.50
N GLU A 12 -13.51 -3.11 9.35
CA GLU A 12 -13.52 -2.54 10.71
C GLU A 12 -12.37 -3.07 11.59
N ASN A 13 -11.84 -4.27 11.27
CA ASN A 13 -10.79 -4.93 12.07
C ASN A 13 -9.40 -4.82 11.39
N THR A 14 -9.15 -3.65 10.76
CA THR A 14 -7.90 -3.42 10.01
C THR A 14 -6.82 -2.83 10.93
N GLU A 15 -5.85 -3.69 11.24
CA GLU A 15 -4.78 -3.41 12.21
C GLU A 15 -3.55 -2.77 11.51
N ILE A 16 -3.36 -3.13 10.24
CA ILE A 16 -2.31 -2.54 9.38
C ILE A 16 -3.00 -1.98 8.14
N LEU A 17 -2.84 -0.68 7.89
CA LEU A 17 -3.36 0.00 6.69
C LEU A 17 -2.16 0.31 5.78
N ILE A 18 -2.12 -0.31 4.61
CA ILE A 18 -0.99 -0.21 3.69
C ILE A 18 -1.31 0.85 2.63
N LEU A 19 -0.47 1.90 2.54
CA LEU A 19 -0.64 3.01 1.60
C LEU A 19 0.46 2.99 0.54
N GLY A 20 0.08 2.77 -0.73
CA GLY A 20 0.98 2.99 -1.87
C GLY A 20 1.23 4.48 -2.10
N SER A 21 2.07 4.81 -3.09
CA SER A 21 2.36 6.23 -3.40
C SER A 21 1.28 6.73 -4.38
N LEU A 22 1.42 6.39 -5.66
CA LEU A 22 0.42 6.62 -6.70
C LEU A 22 0.30 5.28 -7.46
N PRO A 23 -0.92 4.66 -7.53
CA PRO A 23 -1.12 3.35 -8.22
C PRO A 23 -0.62 3.33 -9.69
N SER A 24 -0.17 2.14 -10.13
CA SER A 24 0.41 1.92 -11.48
C SER A 24 -0.60 2.26 -12.59
N ASP A 25 -0.11 2.66 -13.78
CA ASP A 25 -0.96 3.08 -14.93
C ASP A 25 -1.91 1.95 -15.35
N GLU A 26 -1.37 0.72 -15.35
CA GLU A 26 -2.08 -0.52 -15.71
C GLU A 26 -3.21 -0.82 -14.69
N SER A 27 -3.03 -0.29 -13.46
CA SER A 27 -4.01 -0.41 -12.37
C SER A 27 -5.08 0.68 -12.51
N ILE A 28 -4.65 1.91 -12.92
CA ILE A 28 -5.53 3.10 -13.10
C ILE A 28 -6.61 2.83 -14.16
N ARG A 29 -6.20 2.16 -15.24
CA ARG A 29 -7.09 1.80 -16.37
C ARG A 29 -8.27 0.93 -15.89
N LYS A 30 -8.01 0.11 -14.85
CA LYS A 30 -8.99 -0.84 -14.30
C LYS A 30 -9.57 -0.38 -12.94
N GLN A 31 -9.00 0.71 -12.38
CA GLN A 31 -9.38 1.30 -11.07
C GLN A 31 -9.25 0.30 -9.88
N GLN A 32 -8.27 -0.63 -9.98
CA GLN A 32 -7.95 -1.60 -8.91
C GLN A 32 -6.43 -1.88 -8.92
N TYR A 33 -5.81 -2.05 -7.71
CA TYR A 33 -4.34 -2.31 -7.56
C TYR A 33 -3.93 -3.62 -8.27
N TYR A 34 -4.80 -4.64 -8.09
CA TYR A 34 -4.67 -5.96 -8.75
C TYR A 34 -4.77 -5.86 -10.30
N GLY A 35 -5.20 -4.68 -10.80
CA GLY A 35 -5.25 -4.38 -12.24
C GLY A 35 -3.90 -4.47 -12.93
N ASN A 36 -2.81 -4.35 -12.15
CA ASN A 36 -1.44 -4.64 -12.61
C ASN A 36 -0.89 -5.84 -11.81
N PRO A 37 -0.97 -7.10 -12.38
CA PRO A 37 -0.32 -8.28 -11.80
C PRO A 37 1.14 -8.38 -12.31
N GLY A 38 2.06 -8.60 -11.38
CA GLY A 38 3.50 -8.55 -11.66
C GLY A 38 4.24 -7.69 -10.63
N ASN A 39 3.45 -6.92 -9.85
CA ASN A 39 3.93 -6.17 -8.67
C ASN A 39 4.16 -7.19 -7.56
N ASP A 40 5.37 -7.21 -6.96
CA ASP A 40 5.75 -8.29 -6.03
C ASP A 40 5.20 -8.04 -4.64
N PHE A 41 4.43 -6.93 -4.46
CA PHE A 41 3.67 -6.64 -3.24
C PHE A 41 2.86 -7.87 -2.75
N TRP A 42 2.21 -8.55 -3.70
CA TRP A 42 1.37 -9.72 -3.42
C TRP A 42 2.23 -10.95 -3.01
N ARG A 43 3.48 -10.96 -3.50
CA ARG A 43 4.50 -11.98 -3.14
C ARG A 43 5.09 -11.73 -1.74
N LEU A 44 5.33 -10.45 -1.40
CA LEU A 44 6.04 -10.05 -0.17
C LEU A 44 5.11 -10.10 1.05
N VAL A 45 3.90 -9.54 0.88
CA VAL A 45 2.83 -9.58 1.91
C VAL A 45 2.27 -11.01 1.96
N GLY A 46 2.23 -11.68 0.79
CA GLY A 46 1.73 -13.04 0.66
C GLY A 46 2.60 -14.05 1.39
N HIS A 47 3.93 -13.88 1.29
CA HIS A 47 4.91 -14.70 2.01
C HIS A 47 4.82 -14.43 3.53
N ALA A 48 4.54 -13.17 3.88
CA ALA A 48 4.47 -12.71 5.27
C ALA A 48 3.22 -13.23 6.02
N ILE A 49 2.11 -13.42 5.28
CA ILE A 49 0.83 -13.94 5.85
C ILE A 49 0.60 -15.41 5.49
N GLY A 50 1.43 -15.94 4.56
CA GLY A 50 1.38 -17.34 4.16
C GLY A 50 0.18 -17.68 3.27
N GLU A 51 -0.15 -16.78 2.32
CA GLU A 51 -1.29 -16.91 1.39
C GLU A 51 -0.81 -16.57 -0.03
N ASN A 52 -1.33 -17.29 -1.05
CA ASN A 52 -1.01 -17.02 -2.47
C ASN A 52 -1.95 -15.94 -3.03
N LEU A 53 -1.56 -14.66 -2.86
CA LEU A 53 -2.40 -13.51 -3.21
C LEU A 53 -2.54 -13.33 -4.73
N GLN A 54 -1.48 -13.70 -5.48
CA GLN A 54 -1.41 -13.52 -6.95
C GLN A 54 -2.51 -14.29 -7.70
N ASP A 55 -2.81 -15.53 -7.24
CA ASP A 55 -3.82 -16.40 -7.88
C ASP A 55 -5.24 -15.87 -7.58
N MET A 56 -5.42 -15.36 -6.35
CA MET A 56 -6.73 -14.94 -5.82
C MET A 56 -7.39 -13.87 -6.71
N ALA A 57 -8.67 -14.12 -7.05
CA ALA A 57 -9.56 -13.11 -7.64
C ALA A 57 -9.68 -11.91 -6.68
N TYR A 58 -9.93 -10.71 -7.23
CA TYR A 58 -9.92 -9.44 -6.47
C TYR A 58 -10.75 -9.54 -5.16
N GLU A 59 -12.00 -10.05 -5.24
CA GLU A 59 -12.93 -10.16 -4.08
C GLU A 59 -12.41 -11.14 -3.00
N LYS A 60 -11.86 -12.28 -3.46
CA LYS A 60 -11.28 -13.32 -2.57
C LYS A 60 -10.05 -12.78 -1.82
N LYS A 61 -9.27 -12.00 -2.56
CA LYS A 61 -8.07 -11.32 -2.06
C LYS A 61 -8.43 -10.31 -0.95
N LEU A 62 -9.56 -9.59 -1.15
CA LEU A 62 -10.12 -8.66 -0.14
C LEU A 62 -10.41 -9.42 1.15
N LYS A 63 -11.16 -10.54 1.01
CA LYS A 63 -11.53 -11.45 2.13
C LYS A 63 -10.28 -11.91 2.92
N THR A 64 -9.23 -12.32 2.18
CA THR A 64 -7.97 -12.82 2.76
C THR A 64 -7.23 -11.74 3.58
N LEU A 65 -6.97 -10.57 2.93
CA LEU A 65 -6.19 -9.47 3.54
C LEU A 65 -6.89 -8.91 4.78
N LYS A 66 -8.19 -8.60 4.62
CA LYS A 66 -9.03 -8.00 5.68
C LYS A 66 -9.24 -8.98 6.86
N HIS A 67 -9.29 -10.30 6.57
CA HIS A 67 -9.24 -11.38 7.60
C HIS A 67 -7.93 -11.31 8.40
N ASN A 68 -6.82 -11.07 7.68
CA ASN A 68 -5.46 -10.99 8.26
C ASN A 68 -5.21 -9.59 8.88
N ARG A 69 -6.28 -8.77 8.95
CA ARG A 69 -6.29 -7.42 9.57
C ARG A 69 -5.43 -6.43 8.77
N ILE A 70 -5.39 -6.65 7.45
CA ILE A 70 -4.70 -5.80 6.49
C ILE A 70 -5.73 -5.07 5.62
N GLY A 71 -5.49 -3.77 5.39
CA GLY A 71 -6.25 -2.96 4.45
C GLY A 71 -5.32 -2.32 3.44
N LEU A 72 -5.88 -1.89 2.30
CA LEU A 72 -5.10 -1.26 1.20
C LEU A 72 -5.70 0.11 0.91
N TRP A 73 -4.83 1.06 0.58
CA TRP A 73 -5.18 2.39 0.10
C TRP A 73 -3.87 3.01 -0.48
N ASP A 74 -3.87 4.32 -0.77
CA ASP A 74 -2.69 5.03 -1.28
C ASP A 74 -2.57 6.40 -0.59
N VAL A 75 -1.55 7.18 -1.00
CA VAL A 75 -1.34 8.56 -0.52
C VAL A 75 -1.90 9.56 -1.55
N PHE A 76 -1.41 9.46 -2.80
CA PHE A 76 -1.79 10.38 -3.89
C PHE A 76 -3.16 10.01 -4.50
N LYS A 77 -4.16 10.85 -4.19
CA LYS A 77 -5.51 10.77 -4.79
C LYS A 77 -5.46 11.05 -6.29
N ALA A 78 -4.57 11.98 -6.66
CA ALA A 78 -4.36 12.39 -8.04
C ALA A 78 -2.89 12.76 -8.22
N GLY A 79 -2.25 12.09 -9.18
CA GLY A 79 -0.86 12.32 -9.54
C GLY A 79 -0.76 12.46 -11.04
N SER A 80 -0.35 13.64 -11.50
CA SER A 80 -0.40 13.99 -12.92
C SER A 80 0.89 13.57 -13.63
N ARG A 81 0.76 13.35 -14.95
CA ARG A 81 1.90 13.15 -15.83
C ARG A 81 1.65 13.90 -17.14
N GLU A 82 2.20 15.11 -17.17
CA GLU A 82 2.29 15.94 -18.38
C GLU A 82 3.48 15.44 -19.21
N GLY A 83 3.30 15.34 -20.53
CA GLY A 83 4.37 14.93 -21.45
C GLY A 83 5.53 15.93 -21.50
N SER A 84 5.22 17.19 -21.17
CA SER A 84 6.20 18.29 -21.08
C SER A 84 6.89 18.33 -19.68
N GLN A 85 6.49 17.42 -18.77
CA GLN A 85 7.10 17.26 -17.44
C GLN A 85 7.78 15.87 -17.36
N ASP A 86 9.02 15.86 -16.85
CA ASP A 86 9.81 14.61 -16.66
C ASP A 86 9.42 13.89 -15.34
N SER A 87 8.43 14.44 -14.62
CA SER A 87 7.86 13.81 -13.42
C SER A 87 6.80 12.77 -13.81
N LYS A 88 6.91 11.57 -13.24
CA LYS A 88 5.91 10.49 -13.38
C LYS A 88 4.71 10.80 -12.49
N ILE A 89 5.03 11.21 -11.25
CA ILE A 89 4.05 11.62 -10.23
C ILE A 89 4.30 13.12 -9.91
N GLY A 90 3.63 14.01 -10.67
CA GLY A 90 3.77 15.45 -10.51
C GLY A 90 2.88 15.98 -9.38
N ASP A 91 1.58 16.09 -9.70
CA ASP A 91 0.50 16.51 -8.76
C ASP A 91 0.67 15.97 -7.30
N GLU A 92 0.40 16.89 -6.36
CA GLU A 92 0.59 16.69 -4.90
C GLU A 92 -0.76 16.49 -4.19
N GLU A 93 -1.76 15.95 -4.91
CA GLU A 93 -3.12 15.76 -4.36
C GLU A 93 -3.13 14.56 -3.40
N ILE A 94 -3.20 14.85 -2.10
CA ILE A 94 -3.12 13.82 -1.04
C ILE A 94 -4.55 13.44 -0.57
N ASN A 95 -4.68 12.22 -0.03
CA ASN A 95 -5.91 11.74 0.62
C ASN A 95 -6.00 12.32 2.05
N ASP A 96 -7.22 12.37 2.61
CA ASP A 96 -7.44 12.82 4.00
C ASP A 96 -7.07 11.66 4.94
N PHE A 97 -6.13 11.92 5.85
CA PHE A 97 -5.64 10.92 6.82
C PHE A 97 -5.92 11.37 8.26
N SER A 98 -6.54 12.53 8.44
CA SER A 98 -6.96 13.01 9.78
C SER A 98 -8.22 12.24 10.23
N GLY A 99 -8.92 11.63 9.24
CA GLY A 99 -10.14 10.87 9.47
C GLY A 99 -9.86 9.41 9.78
N LEU A 100 -8.56 9.01 9.72
CA LEU A 100 -8.12 7.64 10.10
C LEU A 100 -8.59 7.21 11.49
N LYS A 101 -8.77 8.17 12.41
CA LYS A 101 -9.24 7.87 13.77
C LYS A 101 -10.67 7.31 13.78
N GLU A 102 -11.46 7.69 12.75
CA GLU A 102 -12.84 7.21 12.53
C GLU A 102 -12.84 5.88 11.73
N MET A 103 -12.20 5.88 10.55
CA MET A 103 -12.31 4.76 9.56
C MET A 103 -11.51 3.51 9.99
N VAL A 104 -10.37 3.72 10.67
CA VAL A 104 -9.50 2.62 11.16
C VAL A 104 -9.22 2.79 12.68
N PRO A 105 -10.06 2.20 13.56
CA PRO A 105 -9.83 2.21 15.03
C PRO A 105 -8.76 1.17 15.46
N LYS A 106 -8.69 0.03 14.73
CA LYS A 106 -7.73 -1.06 15.00
C LYS A 106 -6.32 -0.72 14.50
N LEU A 107 -6.18 0.39 13.74
CA LEU A 107 -4.91 0.78 13.12
C LEU A 107 -3.83 1.02 14.18
N ARG A 108 -2.84 0.13 14.17
CA ARG A 108 -1.64 0.25 14.98
C ARG A 108 -0.49 0.77 14.13
N LEU A 109 -0.34 0.20 12.92
CA LEU A 109 0.83 0.45 12.05
C LEU A 109 0.41 0.70 10.59
N ILE A 110 0.98 1.76 9.98
CA ILE A 110 0.72 2.15 8.58
C ILE A 110 1.94 1.76 7.73
N CYS A 111 1.77 0.83 6.79
CA CYS A 111 2.87 0.34 5.93
C CYS A 111 2.83 1.05 4.57
N PHE A 112 3.89 1.82 4.25
CA PHE A 112 3.99 2.60 3.01
C PHE A 112 4.74 1.78 1.95
N ASN A 113 4.15 1.64 0.75
CA ASN A 113 4.79 0.98 -0.40
C ASN A 113 5.56 2.01 -1.20
N GLY A 114 6.89 2.02 -1.03
CA GLY A 114 7.79 2.90 -1.75
C GLY A 114 8.16 4.15 -0.97
N ARG A 115 9.32 4.71 -1.32
CA ARG A 115 9.86 5.94 -0.72
C ARG A 115 8.88 7.13 -0.84
N LYS A 116 8.32 7.36 -2.05
CA LYS A 116 7.35 8.45 -2.34
C LYS A 116 6.10 8.42 -1.41
N ALA A 117 5.71 7.22 -0.96
CA ALA A 117 4.63 7.04 0.03
C ALA A 117 5.17 7.37 1.43
N GLY A 118 6.39 6.85 1.70
CA GLY A 118 7.05 6.99 3.00
C GLY A 118 7.52 8.40 3.32
N GLU A 119 7.46 9.31 2.32
CA GLU A 119 7.74 10.75 2.50
C GLU A 119 6.75 11.41 3.48
N TYR A 120 5.60 10.75 3.69
CA TYR A 120 4.50 11.24 4.55
C TYR A 120 4.38 10.38 5.82
N GLU A 121 5.48 9.69 6.20
CA GLU A 121 5.53 8.86 7.43
C GLU A 121 5.25 9.70 8.72
N PRO A 122 6.02 10.82 9.02
CA PRO A 122 5.80 11.59 10.26
C PRO A 122 4.50 12.44 10.20
N LEU A 123 3.98 12.65 8.97
CA LEU A 123 2.73 13.38 8.74
C LEU A 123 1.55 12.62 9.37
N LEU A 124 1.49 11.30 9.11
CA LEU A 124 0.38 10.45 9.60
C LEU A 124 0.62 9.97 11.03
N ARG A 125 1.88 10.08 11.48
CA ARG A 125 2.28 9.74 12.85
C ARG A 125 1.77 10.83 13.82
N GLY A 126 1.43 12.01 13.26
CA GLY A 126 0.76 13.09 14.00
C GLY A 126 -0.70 12.79 14.31
N MET A 127 -1.29 11.79 13.60
CA MET A 127 -2.67 11.30 13.84
C MET A 127 -2.69 10.26 14.99
N GLY A 128 -1.52 10.04 15.64
CA GLY A 128 -1.41 9.10 16.75
C GLY A 128 -1.20 7.66 16.30
N TYR A 129 -0.85 7.46 15.02
CA TYR A 129 -0.66 6.13 14.43
C TYR A 129 0.81 5.88 14.10
N GLU A 130 1.36 4.71 14.54
CA GLU A 130 2.72 4.29 14.18
C GLU A 130 2.79 4.08 12.68
N THR A 131 3.89 4.51 12.08
CA THR A 131 4.09 4.51 10.64
C THR A 131 5.41 3.81 10.29
N LYS A 132 5.41 3.15 9.12
CA LYS A 132 6.49 2.29 8.65
C LYS A 132 6.67 2.50 7.15
N VAL A 133 7.90 2.84 6.72
CA VAL A 133 8.25 2.88 5.30
C VAL A 133 8.79 1.50 4.89
N LEU A 134 8.09 0.85 3.95
CA LEU A 134 8.55 -0.37 3.29
C LEU A 134 9.04 0.02 1.87
N PRO A 135 10.08 -0.69 1.31
CA PRO A 135 10.60 -0.38 -0.04
C PRO A 135 9.57 -0.63 -1.17
N SER A 136 9.89 -0.12 -2.38
CA SER A 136 9.06 -0.32 -3.58
C SER A 136 9.06 -1.82 -3.95
N SER A 137 7.86 -2.38 -4.10
CA SER A 137 7.65 -3.81 -4.40
C SER A 137 7.91 -4.16 -5.88
N SER A 138 8.52 -3.22 -6.61
CA SER A 138 8.93 -3.41 -8.01
C SER A 138 10.14 -4.35 -8.09
N GLY A 139 10.21 -5.17 -9.15
CA GLY A 139 11.37 -6.01 -9.43
C GLY A 139 12.62 -5.19 -9.72
N ALA A 140 12.39 -3.97 -10.24
CA ALA A 140 13.43 -2.95 -10.49
C ALA A 140 14.07 -2.41 -9.19
N ASN A 141 13.48 -2.74 -8.03
CA ASN A 141 14.02 -2.37 -6.71
C ASN A 141 14.33 -3.65 -5.89
N ARG A 142 13.78 -4.80 -6.36
CA ARG A 142 13.82 -6.10 -5.61
C ARG A 142 15.14 -6.83 -5.87
N ARG A 143 15.83 -6.42 -6.95
CA ARG A 143 17.22 -6.84 -7.24
C ARG A 143 18.17 -6.40 -6.11
N PHE A 144 17.79 -5.31 -5.42
CA PHE A 144 18.53 -4.73 -4.30
C PHE A 144 17.80 -5.04 -2.96
N SER A 145 16.46 -5.19 -3.03
CA SER A 145 15.59 -5.40 -1.85
C SER A 145 15.58 -6.89 -1.42
N LYS A 146 16.75 -7.55 -1.52
CA LYS A 146 16.92 -8.96 -1.18
C LYS A 146 16.80 -9.17 0.35
N ASN A 147 17.61 -8.41 1.12
CA ASN A 147 17.52 -8.40 2.59
C ASN A 147 16.37 -7.49 3.07
N ARG A 148 15.86 -6.63 2.15
CA ARG A 148 14.83 -5.62 2.48
C ARG A 148 13.40 -6.18 2.34
N GLU A 149 13.27 -7.35 1.69
CA GLU A 149 11.98 -8.07 1.63
C GLU A 149 11.73 -8.86 2.93
N SER A 150 12.83 -9.16 3.65
CA SER A 150 12.77 -9.90 4.93
C SER A 150 12.08 -9.07 6.02
N GLU A 151 12.16 -7.73 5.91
CA GLU A 151 11.55 -6.79 6.89
C GLU A 151 10.02 -6.80 6.77
N TRP A 152 9.51 -7.24 5.59
CA TRP A 152 8.05 -7.31 5.32
C TRP A 152 7.42 -8.39 6.20
N GLU A 153 8.11 -9.53 6.33
CA GLU A 153 7.62 -10.66 7.14
C GLU A 153 7.65 -10.27 8.62
N ALA A 154 8.69 -9.50 8.99
CA ALA A 154 8.87 -9.00 10.37
C ALA A 154 7.81 -7.94 10.74
N VAL A 155 7.12 -7.37 9.73
CA VAL A 155 6.01 -6.41 9.93
C VAL A 155 4.66 -7.15 10.04
N PHE A 156 4.39 -8.12 9.15
CA PHE A 156 3.02 -8.69 8.98
C PHE A 156 2.77 -9.98 9.77
N ARG A 157 3.81 -10.73 10.19
CA ARG A 157 3.58 -12.08 10.79
C ARG A 157 3.08 -12.02 12.27
N HIS A 158 3.01 -10.80 12.86
CA HIS A 158 2.42 -10.61 14.22
C HIS A 158 0.88 -10.73 14.17
N LEU A 159 0.34 -10.85 12.94
CA LEU A 159 -1.09 -11.02 12.68
C LEU A 159 -1.44 -12.54 12.74
N GLU A 160 -0.39 -13.38 12.62
CA GLU A 160 -0.45 -14.84 12.85
C GLU A 160 -0.22 -15.16 14.33
N HIS A 161 0.81 -14.48 14.91
CA HIS A 161 1.30 -14.69 16.30
C HIS A 161 2.13 -15.99 16.42
N MET A 1 -1.98 13.55 -17.92
CA MET A 1 -2.45 12.15 -17.76
C MET A 1 -2.66 11.85 -16.27
N ILE A 2 -3.88 12.08 -15.78
CA ILE A 2 -4.23 11.87 -14.36
C ILE A 2 -4.36 10.37 -14.07
N LYS A 3 -3.60 9.91 -13.06
CA LYS A 3 -3.74 8.58 -12.47
C LYS A 3 -4.36 8.75 -11.09
N ARG A 4 -5.58 8.23 -10.93
CA ARG A 4 -6.30 8.24 -9.65
C ARG A 4 -5.77 7.12 -8.75
N GLY A 5 -5.43 7.46 -7.50
CA GLY A 5 -5.18 6.46 -6.47
C GLY A 5 -6.46 5.72 -6.14
N PHE A 6 -6.33 4.47 -5.72
CA PHE A 6 -7.49 3.55 -5.62
C PHE A 6 -8.28 3.79 -4.33
N PRO A 7 -9.64 3.64 -4.37
CA PRO A 7 -10.47 3.58 -3.14
C PRO A 7 -9.98 2.43 -2.23
N ALA A 8 -10.15 2.62 -0.92
CA ALA A 8 -9.55 1.74 0.10
C ALA A 8 -10.08 0.29 0.01
N VAL A 9 -9.14 -0.67 0.02
CA VAL A 9 -9.42 -2.09 0.17
C VAL A 9 -9.39 -2.37 1.68
N LEU A 10 -10.53 -2.15 2.34
CA LEU A 10 -10.55 -1.96 3.79
C LEU A 10 -11.78 -2.57 4.45
N ASP A 11 -11.61 -2.93 5.73
CA ASP A 11 -12.71 -3.31 6.63
C ASP A 11 -12.60 -2.46 7.92
N GLU A 12 -13.64 -2.50 8.76
CA GLU A 12 -13.66 -1.78 10.06
C GLU A 12 -12.76 -2.48 11.12
N ASN A 13 -12.33 -3.72 10.85
CA ASN A 13 -11.52 -4.53 11.79
C ASN A 13 -10.04 -4.61 11.36
N THR A 14 -9.53 -3.50 10.82
CA THR A 14 -8.17 -3.47 10.23
C THR A 14 -7.16 -2.82 11.21
N GLU A 15 -6.02 -3.51 11.41
CA GLU A 15 -4.99 -3.15 12.38
C GLU A 15 -3.83 -2.38 11.70
N ILE A 16 -3.47 -2.83 10.50
CA ILE A 16 -2.35 -2.27 9.72
C ILE A 16 -2.90 -1.76 8.39
N LEU A 17 -2.74 -0.45 8.14
CA LEU A 17 -3.19 0.18 6.90
C LEU A 17 -1.97 0.50 6.05
N ILE A 18 -1.90 -0.10 4.86
CA ILE A 18 -0.79 0.09 3.93
C ILE A 18 -1.16 1.19 2.95
N LEU A 19 -0.49 2.34 3.07
CA LEU A 19 -0.67 3.47 2.17
C LEU A 19 0.44 3.46 1.12
N GLY A 20 0.07 3.15 -0.13
CA GLY A 20 0.97 3.31 -1.28
C GLY A 20 1.27 4.77 -1.56
N SER A 21 1.88 5.06 -2.69
CA SER A 21 2.16 6.44 -3.10
C SER A 21 1.14 6.83 -4.19
N LEU A 22 1.37 6.33 -5.41
CA LEU A 22 0.46 6.50 -6.53
C LEU A 22 0.69 5.34 -7.51
N PRO A 23 -0.36 4.52 -7.83
CA PRO A 23 -0.21 3.31 -8.68
C PRO A 23 0.03 3.65 -10.17
N SER A 24 0.75 2.74 -10.87
CA SER A 24 1.11 2.89 -12.28
C SER A 24 -0.14 2.83 -13.18
N ASP A 25 -0.03 3.40 -14.41
CA ASP A 25 -1.17 3.54 -15.35
C ASP A 25 -1.73 2.17 -15.82
N GLU A 26 -0.88 1.13 -15.76
CA GLU A 26 -1.30 -0.28 -15.97
C GLU A 26 -2.34 -0.70 -14.91
N SER A 27 -2.05 -0.35 -13.64
CA SER A 27 -2.88 -0.71 -12.49
C SER A 27 -4.22 0.04 -12.55
N ILE A 28 -4.15 1.33 -12.94
CA ILE A 28 -5.32 2.24 -13.00
C ILE A 28 -6.44 1.68 -13.92
N ARG A 29 -6.02 1.00 -15.02
CA ARG A 29 -6.97 0.37 -15.98
C ARG A 29 -7.89 -0.66 -15.30
N LYS A 30 -7.33 -1.41 -14.33
CA LYS A 30 -8.07 -2.44 -13.58
C LYS A 30 -8.63 -1.87 -12.25
N GLN A 31 -8.09 -0.70 -11.81
CA GLN A 31 -8.40 -0.07 -10.51
C GLN A 31 -7.95 -0.96 -9.31
N GLN A 32 -6.87 -1.74 -9.55
CA GLN A 32 -6.26 -2.61 -8.53
C GLN A 32 -4.73 -2.66 -8.75
N TYR A 33 -3.99 -2.71 -7.62
CA TYR A 33 -2.51 -2.77 -7.61
C TYR A 33 -2.00 -4.03 -8.32
N TYR A 34 -2.72 -5.15 -8.04
CA TYR A 34 -2.47 -6.48 -8.65
C TYR A 34 -2.61 -6.47 -10.19
N GLY A 35 -3.37 -5.50 -10.73
CA GLY A 35 -3.62 -5.39 -12.18
C GLY A 35 -2.36 -5.17 -13.01
N ASN A 36 -1.25 -4.81 -12.34
CA ASN A 36 0.07 -4.71 -12.95
C ASN A 36 0.89 -5.98 -12.62
N PRO A 37 1.08 -6.93 -13.61
CA PRO A 37 1.94 -8.12 -13.43
C PRO A 37 3.42 -7.70 -13.42
N GLY A 38 3.96 -7.55 -12.21
CA GLY A 38 5.27 -6.96 -11.97
C GLY A 38 5.31 -6.38 -10.57
N ASN A 39 4.13 -5.93 -10.10
CA ASN A 39 3.93 -5.40 -8.74
C ASN A 39 4.10 -6.55 -7.73
N ASP A 40 5.27 -6.59 -7.05
CA ASP A 40 5.72 -7.76 -6.26
C ASP A 40 5.12 -7.77 -4.83
N PHE A 41 4.33 -6.73 -4.53
CA PHE A 41 3.57 -6.58 -3.27
C PHE A 41 2.90 -7.88 -2.80
N TRP A 42 2.24 -8.56 -3.73
CA TRP A 42 1.36 -9.72 -3.46
C TRP A 42 2.18 -11.01 -3.23
N ARG A 43 3.45 -10.99 -3.70
CA ARG A 43 4.46 -12.01 -3.34
C ARG A 43 4.92 -11.82 -1.88
N LEU A 44 5.24 -10.57 -1.53
CA LEU A 44 5.81 -10.20 -0.21
C LEU A 44 4.79 -10.41 0.93
N VAL A 45 3.56 -9.91 0.70
CA VAL A 45 2.46 -10.00 1.66
C VAL A 45 1.92 -11.44 1.71
N GLY A 46 1.82 -12.08 0.53
CA GLY A 46 1.30 -13.45 0.42
C GLY A 46 2.22 -14.47 1.10
N HIS A 47 3.53 -14.20 1.03
CA HIS A 47 4.58 -14.98 1.71
C HIS A 47 4.45 -14.81 3.23
N ALA A 48 4.25 -13.56 3.66
CA ALA A 48 4.23 -13.17 5.07
C ALA A 48 3.02 -13.75 5.83
N ILE A 49 1.87 -13.83 5.14
CA ILE A 49 0.62 -14.35 5.72
C ILE A 49 0.46 -15.85 5.41
N GLY A 50 1.33 -16.37 4.50
CA GLY A 50 1.33 -17.78 4.11
C GLY A 50 0.09 -18.19 3.32
N GLU A 51 -0.44 -17.25 2.52
CA GLU A 51 -1.63 -17.45 1.68
C GLU A 51 -1.32 -16.93 0.27
N ASN A 52 -1.35 -17.84 -0.72
CA ASN A 52 -0.99 -17.53 -2.10
C ASN A 52 -2.11 -16.72 -2.79
N LEU A 53 -1.93 -15.37 -2.79
CA LEU A 53 -2.95 -14.40 -3.25
C LEU A 53 -3.12 -14.40 -4.78
N GLN A 54 -2.10 -14.88 -5.52
CA GLN A 54 -2.02 -14.69 -6.99
C GLN A 54 -2.98 -15.62 -7.77
N ASP A 55 -3.45 -16.73 -7.15
CA ASP A 55 -4.54 -17.56 -7.73
C ASP A 55 -5.91 -16.97 -7.35
N MET A 56 -5.98 -16.45 -6.10
CA MET A 56 -7.22 -15.92 -5.53
C MET A 56 -7.71 -14.72 -6.36
N ALA A 57 -8.93 -14.81 -6.92
CA ALA A 57 -9.54 -13.71 -7.70
C ALA A 57 -9.61 -12.41 -6.86
N TYR A 58 -9.75 -11.24 -7.53
CA TYR A 58 -9.77 -9.90 -6.87
C TYR A 58 -10.61 -9.90 -5.57
N GLU A 59 -11.86 -10.33 -5.67
CA GLU A 59 -12.81 -10.37 -4.53
C GLU A 59 -12.31 -11.26 -3.38
N LYS A 60 -11.62 -12.37 -3.72
CA LYS A 60 -11.15 -13.40 -2.76
C LYS A 60 -9.86 -12.96 -2.02
N LYS A 61 -8.86 -12.49 -2.79
CA LYS A 61 -7.55 -12.06 -2.22
C LYS A 61 -7.71 -10.91 -1.19
N LEU A 62 -8.68 -10.00 -1.44
CA LEU A 62 -8.99 -8.90 -0.49
C LEU A 62 -9.53 -9.46 0.83
N LYS A 63 -10.41 -10.50 0.74
CA LYS A 63 -10.98 -11.19 1.93
C LYS A 63 -9.87 -11.74 2.83
N THR A 64 -8.79 -12.25 2.19
CA THR A 64 -7.61 -12.78 2.90
C THR A 64 -6.91 -11.66 3.70
N LEU A 65 -6.75 -10.47 3.06
CA LEU A 65 -6.02 -9.32 3.63
C LEU A 65 -6.68 -8.83 4.93
N LYS A 66 -7.98 -8.46 4.87
CA LYS A 66 -8.69 -7.86 6.04
C LYS A 66 -9.00 -8.92 7.13
N HIS A 67 -9.02 -10.21 6.75
CA HIS A 67 -8.99 -11.33 7.71
C HIS A 67 -7.67 -11.29 8.54
N ASN A 68 -6.57 -10.96 7.86
CA ASN A 68 -5.22 -10.81 8.48
C ASN A 68 -5.03 -9.38 9.05
N ARG A 69 -6.13 -8.59 9.03
CA ARG A 69 -6.21 -7.21 9.59
C ARG A 69 -5.35 -6.24 8.78
N ILE A 70 -5.21 -6.53 7.48
CA ILE A 70 -4.47 -5.69 6.51
C ILE A 70 -5.47 -4.89 5.67
N GLY A 71 -5.20 -3.59 5.50
CA GLY A 71 -5.97 -2.73 4.60
C GLY A 71 -5.06 -2.08 3.59
N LEU A 72 -5.62 -1.64 2.47
CA LEU A 72 -4.87 -1.00 1.37
C LEU A 72 -5.52 0.35 1.05
N TRP A 73 -4.69 1.33 0.74
CA TRP A 73 -5.09 2.64 0.22
C TRP A 73 -3.80 3.30 -0.34
N ASP A 74 -3.87 4.57 -0.72
CA ASP A 74 -2.68 5.34 -1.16
C ASP A 74 -2.50 6.56 -0.27
N VAL A 75 -1.34 7.23 -0.41
CA VAL A 75 -1.09 8.53 0.20
C VAL A 75 -1.66 9.65 -0.69
N PHE A 76 -1.61 9.45 -2.02
CA PHE A 76 -2.09 10.45 -3.00
C PHE A 76 -3.47 10.06 -3.55
N LYS A 77 -4.31 11.09 -3.73
CA LYS A 77 -5.67 10.95 -4.28
C LYS A 77 -5.59 10.85 -5.82
N ALA A 78 -4.72 11.70 -6.40
CA ALA A 78 -4.49 11.76 -7.85
C ALA A 78 -3.10 12.35 -8.14
N GLY A 79 -2.51 11.94 -9.26
CA GLY A 79 -1.21 12.45 -9.70
C GLY A 79 -1.01 12.21 -11.17
N SER A 80 -0.43 13.19 -11.88
CA SER A 80 -0.39 13.20 -13.34
C SER A 80 0.95 12.66 -13.88
N ARG A 81 0.95 12.38 -15.20
CA ARG A 81 2.16 12.11 -15.97
C ARG A 81 2.28 13.25 -16.99
N GLU A 82 3.05 14.30 -16.65
CA GLU A 82 3.20 15.51 -17.46
C GLU A 82 4.15 16.47 -16.68
N GLY A 83 4.92 17.30 -17.40
CA GLY A 83 5.97 18.12 -16.79
C GLY A 83 7.30 17.36 -16.64
N SER A 84 7.26 16.06 -17.00
CA SER A 84 8.39 15.13 -16.99
C SER A 84 7.84 13.78 -17.50
N GLN A 85 8.59 13.10 -18.38
CA GLN A 85 8.15 11.83 -18.98
C GLN A 85 8.03 10.73 -17.90
N ASP A 86 8.94 10.77 -16.92
CA ASP A 86 9.03 9.78 -15.83
C ASP A 86 8.51 10.37 -14.50
N SER A 87 7.66 11.42 -14.59
CA SER A 87 7.03 12.04 -13.40
C SER A 87 6.15 11.01 -12.68
N LYS A 88 6.69 10.42 -11.59
CA LYS A 88 5.99 9.40 -10.78
C LYS A 88 4.63 9.93 -10.32
N ILE A 89 4.68 11.13 -9.72
CA ILE A 89 3.50 11.86 -9.23
C ILE A 89 3.65 13.34 -9.64
N GLY A 90 3.35 13.62 -10.93
CA GLY A 90 3.43 14.98 -11.49
C GLY A 90 2.24 15.85 -11.11
N ASP A 91 2.02 15.99 -9.79
CA ASP A 91 0.84 16.63 -9.18
C ASP A 91 0.91 16.46 -7.65
N GLU A 92 0.19 17.32 -6.91
CA GLU A 92 0.23 17.40 -5.43
C GLU A 92 -1.14 17.11 -4.78
N GLU A 93 -2.02 16.39 -5.49
CA GLU A 93 -3.36 16.02 -4.97
C GLU A 93 -3.21 14.79 -4.03
N ILE A 94 -3.23 15.07 -2.71
CA ILE A 94 -3.00 14.09 -1.65
C ILE A 94 -4.32 13.72 -0.95
N ASN A 95 -4.40 12.47 -0.46
CA ASN A 95 -5.52 11.97 0.35
C ASN A 95 -5.50 12.64 1.73
N ASP A 96 -6.69 12.86 2.31
CA ASP A 96 -6.83 13.38 3.68
C ASP A 96 -6.78 12.21 4.67
N PHE A 97 -5.96 12.36 5.71
CA PHE A 97 -5.73 11.30 6.72
C PHE A 97 -6.35 11.65 8.07
N SER A 98 -7.17 12.72 8.12
CA SER A 98 -7.89 13.13 9.33
C SER A 98 -8.99 12.10 9.70
N GLY A 99 -9.42 11.30 8.70
CA GLY A 99 -10.48 10.31 8.87
C GLY A 99 -9.96 8.91 9.22
N LEU A 100 -8.61 8.72 9.25
CA LEU A 100 -7.98 7.42 9.56
C LEU A 100 -8.52 6.77 10.85
N LYS A 101 -8.79 7.60 11.86
CA LYS A 101 -9.25 7.11 13.18
C LYS A 101 -10.61 6.40 13.07
N GLU A 102 -11.44 6.85 12.12
CA GLU A 102 -12.79 6.29 11.87
C GLU A 102 -12.73 5.01 11.01
N MET A 103 -12.05 5.11 9.84
CA MET A 103 -12.01 4.03 8.82
C MET A 103 -11.24 2.80 9.32
N VAL A 104 -10.20 3.06 10.12
CA VAL A 104 -9.39 2.02 10.77
C VAL A 104 -9.28 2.35 12.28
N PRO A 105 -10.29 1.91 13.10
CA PRO A 105 -10.29 2.15 14.56
C PRO A 105 -9.25 1.28 15.32
N LYS A 106 -8.86 0.14 14.72
CA LYS A 106 -7.82 -0.76 15.28
C LYS A 106 -6.41 -0.40 14.77
N LEU A 107 -6.29 0.73 14.04
CA LEU A 107 -5.01 1.17 13.47
C LEU A 107 -3.97 1.45 14.57
N ARG A 108 -2.81 0.79 14.44
CA ARG A 108 -1.66 1.02 15.32
C ARG A 108 -0.39 1.20 14.48
N LEU A 109 -0.33 0.53 13.30
CA LEU A 109 0.84 0.60 12.40
C LEU A 109 0.38 0.92 10.97
N ILE A 110 1.02 1.92 10.35
CA ILE A 110 0.79 2.31 8.96
C ILE A 110 2.03 1.97 8.14
N CYS A 111 1.87 1.14 7.09
CA CYS A 111 2.98 0.75 6.21
C CYS A 111 2.94 1.58 4.91
N PHE A 112 3.97 2.42 4.71
CA PHE A 112 4.09 3.26 3.52
C PHE A 112 4.87 2.52 2.43
N ASN A 113 4.19 2.25 1.32
CA ASN A 113 4.78 1.56 0.17
C ASN A 113 5.41 2.60 -0.79
N GLY A 114 6.74 2.74 -0.69
CA GLY A 114 7.52 3.63 -1.56
C GLY A 114 8.01 4.88 -0.83
N ARG A 115 9.08 5.47 -1.38
CA ARG A 115 9.69 6.72 -0.89
C ARG A 115 8.67 7.88 -0.86
N LYS A 116 7.97 8.07 -2.01
CA LYS A 116 6.91 9.10 -2.15
C LYS A 116 5.79 9.00 -1.09
N ALA A 117 5.51 7.77 -0.64
CA ALA A 117 4.58 7.51 0.47
C ALA A 117 5.24 7.90 1.80
N GLY A 118 6.52 7.50 1.95
CA GLY A 118 7.30 7.71 3.16
C GLY A 118 7.67 9.18 3.42
N GLU A 119 7.46 10.05 2.41
CA GLU A 119 7.58 11.51 2.58
C GLU A 119 6.59 12.04 3.63
N TYR A 120 5.41 11.39 3.69
CA TYR A 120 4.30 11.77 4.58
C TYR A 120 4.15 10.76 5.72
N GLU A 121 5.22 9.98 5.96
CA GLU A 121 5.34 9.11 7.13
C GLU A 121 5.54 9.93 8.44
N PRO A 122 6.49 10.95 8.50
CA PRO A 122 6.61 11.87 9.66
C PRO A 122 5.28 12.61 9.98
N LEU A 123 4.45 12.85 8.95
CA LEU A 123 3.14 13.51 9.09
C LEU A 123 2.20 12.71 10.03
N LEU A 124 2.10 11.39 9.78
CA LEU A 124 1.11 10.51 10.45
C LEU A 124 1.63 9.98 11.81
N ARG A 125 2.90 10.27 12.14
CA ARG A 125 3.46 10.02 13.50
C ARG A 125 2.73 10.92 14.52
N GLY A 126 2.38 12.14 14.06
CA GLY A 126 1.70 13.14 14.89
C GLY A 126 0.27 12.75 15.25
N MET A 127 -0.27 11.74 14.56
CA MET A 127 -1.61 11.17 14.82
C MET A 127 -1.53 10.00 15.83
N GLY A 128 -0.34 9.79 16.44
CA GLY A 128 -0.14 8.76 17.46
C GLY A 128 0.07 7.36 16.91
N TYR A 129 0.08 7.21 15.59
CA TYR A 129 0.23 5.91 14.93
C TYR A 129 1.69 5.65 14.62
N GLU A 130 2.13 4.40 14.87
CA GLU A 130 3.46 3.92 14.45
C GLU A 130 3.49 3.88 12.93
N THR A 131 4.53 4.43 12.34
CA THR A 131 4.66 4.53 10.89
C THR A 131 5.94 3.80 10.44
N LYS A 132 5.83 3.04 9.35
CA LYS A 132 6.89 2.15 8.84
C LYS A 132 7.02 2.35 7.32
N VAL A 133 8.18 2.85 6.86
CA VAL A 133 8.43 3.04 5.41
C VAL A 133 8.94 1.73 4.80
N LEU A 134 8.02 0.95 4.23
CA LEU A 134 8.37 -0.21 3.42
C LEU A 134 8.82 0.27 2.03
N PRO A 135 9.89 -0.35 1.43
CA PRO A 135 10.34 -0.02 0.06
C PRO A 135 9.26 -0.29 -1.00
N SER A 136 9.43 0.36 -2.16
CA SER A 136 8.48 0.28 -3.27
C SER A 136 8.43 -1.14 -3.84
N SER A 137 7.35 -1.87 -3.50
CA SER A 137 7.06 -3.19 -4.07
C SER A 137 6.57 -3.02 -5.52
N SER A 138 7.55 -2.77 -6.40
CA SER A 138 7.34 -2.40 -7.81
C SER A 138 8.20 -3.33 -8.66
N GLY A 139 7.89 -3.48 -9.96
CA GLY A 139 8.64 -4.36 -10.87
C GLY A 139 10.15 -4.13 -10.86
N ALA A 140 10.58 -2.87 -10.66
CA ALA A 140 12.00 -2.47 -10.70
C ALA A 140 12.66 -2.53 -9.30
N ASN A 141 11.97 -1.98 -8.28
CA ASN A 141 12.55 -1.76 -6.92
C ASN A 141 12.42 -3.00 -6.02
N ARG A 142 11.63 -4.00 -6.46
CA ARG A 142 11.49 -5.29 -5.74
C ARG A 142 12.84 -6.06 -5.74
N ARG A 143 13.58 -5.87 -6.85
CA ARG A 143 14.93 -6.42 -7.04
C ARG A 143 15.92 -5.75 -6.05
N PHE A 144 15.63 -4.49 -5.72
CA PHE A 144 16.42 -3.67 -4.80
C PHE A 144 15.84 -3.71 -3.36
N SER A 145 15.07 -4.78 -3.07
CA SER A 145 14.27 -4.92 -1.84
C SER A 145 14.39 -6.36 -1.31
N LYS A 146 15.51 -7.02 -1.68
CA LYS A 146 15.75 -8.45 -1.36
C LYS A 146 15.94 -8.64 0.16
N ASN A 147 16.90 -7.91 0.76
CA ASN A 147 17.08 -7.86 2.24
C ASN A 147 15.81 -7.40 2.98
N ARG A 148 14.96 -6.63 2.27
CA ARG A 148 13.82 -5.92 2.85
C ARG A 148 12.56 -6.80 2.89
N GLU A 149 12.53 -7.89 2.10
CA GLU A 149 11.37 -8.81 2.10
C GLU A 149 11.26 -9.53 3.47
N SER A 150 12.37 -9.53 4.21
CA SER A 150 12.44 -10.06 5.58
C SER A 150 11.63 -9.17 6.55
N GLU A 151 11.78 -7.82 6.45
CA GLU A 151 11.05 -6.87 7.32
C GLU A 151 9.57 -6.79 6.89
N TRP A 152 9.32 -7.03 5.58
CA TRP A 152 7.94 -7.14 5.03
C TRP A 152 7.24 -8.33 5.69
N GLU A 153 7.96 -9.46 5.69
CA GLU A 153 7.51 -10.74 6.25
C GLU A 153 7.22 -10.58 7.76
N ALA A 154 8.08 -9.78 8.43
CA ALA A 154 8.05 -9.58 9.89
C ALA A 154 6.96 -8.57 10.31
N VAL A 155 6.49 -7.73 9.37
CA VAL A 155 5.35 -6.81 9.63
C VAL A 155 4.04 -7.62 9.79
N PHE A 156 3.82 -8.57 8.86
CA PHE A 156 2.57 -9.35 8.79
C PHE A 156 2.68 -10.65 9.60
N ARG A 157 3.83 -10.86 10.26
CA ARG A 157 4.09 -12.05 11.11
C ARG A 157 3.10 -12.13 12.29
N HIS A 158 3.01 -11.06 13.11
CA HIS A 158 2.20 -11.05 14.35
C HIS A 158 0.68 -11.05 14.05
N LEU A 159 0.31 -10.86 12.78
CA LEU A 159 -1.10 -10.79 12.35
C LEU A 159 -1.72 -12.20 12.38
N GLU A 160 -0.88 -13.22 12.12
CA GLU A 160 -1.23 -14.63 12.32
C GLU A 160 -0.63 -15.12 13.66
N HIS A 161 0.68 -14.87 13.81
CA HIS A 161 1.48 -15.19 15.01
C HIS A 161 1.61 -16.71 15.23
N MET A 1 -3.55 13.47 -18.61
CA MET A 1 -4.29 12.36 -17.99
C MET A 1 -3.80 12.16 -16.53
N ILE A 2 -4.75 12.24 -15.58
CA ILE A 2 -4.47 12.13 -14.14
C ILE A 2 -4.47 10.66 -13.70
N LYS A 3 -3.48 10.25 -12.89
CA LYS A 3 -3.41 8.91 -12.29
C LYS A 3 -4.10 8.98 -10.92
N ARG A 4 -5.26 8.31 -10.80
CA ARG A 4 -6.07 8.34 -9.56
C ARG A 4 -5.78 7.12 -8.67
N GLY A 5 -5.69 7.36 -7.35
CA GLY A 5 -5.56 6.30 -6.36
C GLY A 5 -6.85 5.51 -6.18
N PHE A 6 -6.72 4.24 -5.78
CA PHE A 6 -7.85 3.31 -5.70
C PHE A 6 -8.59 3.47 -4.35
N PRO A 7 -9.97 3.44 -4.33
CA PRO A 7 -10.77 3.47 -3.07
C PRO A 7 -10.32 2.39 -2.07
N ALA A 8 -10.57 2.62 -0.78
CA ALA A 8 -9.99 1.81 0.31
C ALA A 8 -10.48 0.35 0.29
N VAL A 9 -9.50 -0.56 0.36
CA VAL A 9 -9.71 -1.99 0.57
C VAL A 9 -9.65 -2.19 2.09
N LEU A 10 -10.72 -1.84 2.78
CA LEU A 10 -10.68 -1.54 4.22
C LEU A 10 -11.83 -2.16 4.99
N ASP A 11 -11.59 -2.44 6.28
CA ASP A 11 -12.64 -2.85 7.23
C ASP A 11 -12.61 -1.92 8.46
N GLU A 12 -13.66 -2.00 9.29
CA GLU A 12 -13.70 -1.34 10.61
C GLU A 12 -12.75 -2.03 11.62
N ASN A 13 -12.27 -3.22 11.24
CA ASN A 13 -11.30 -4.01 12.00
C ASN A 13 -10.06 -4.18 11.13
N THR A 14 -9.29 -3.09 11.01
CA THR A 14 -8.00 -3.06 10.31
C THR A 14 -6.92 -2.51 11.25
N GLU A 15 -5.88 -3.32 11.47
CA GLU A 15 -4.76 -3.03 12.37
C GLU A 15 -3.60 -2.37 11.59
N ILE A 16 -3.38 -2.86 10.35
CA ILE A 16 -2.32 -2.35 9.47
C ILE A 16 -2.97 -1.82 8.18
N LEU A 17 -2.88 -0.50 7.96
CA LEU A 17 -3.38 0.13 6.73
C LEU A 17 -2.17 0.46 5.85
N ILE A 18 -2.10 -0.17 4.69
CA ILE A 18 -0.98 -0.03 3.76
C ILE A 18 -1.32 1.06 2.72
N LEU A 19 -0.57 2.18 2.75
CA LEU A 19 -0.77 3.31 1.82
C LEU A 19 0.32 3.31 0.74
N GLY A 20 -0.07 3.06 -0.51
CA GLY A 20 0.82 3.28 -1.67
C GLY A 20 1.14 4.76 -1.88
N SER A 21 2.04 5.06 -2.83
CA SER A 21 2.42 6.46 -3.12
C SER A 21 1.42 7.02 -4.14
N LEU A 22 1.65 6.66 -5.41
CA LEU A 22 0.74 6.88 -6.51
C LEU A 22 0.72 5.59 -7.32
N PRO A 23 -0.46 4.93 -7.53
CA PRO A 23 -0.55 3.73 -8.39
C PRO A 23 -0.06 4.04 -9.82
N SER A 24 0.74 3.13 -10.38
CA SER A 24 1.20 3.20 -11.78
C SER A 24 -0.01 3.14 -12.71
N ASP A 25 0.06 3.84 -13.86
CA ASP A 25 -1.05 3.89 -14.83
C ASP A 25 -1.40 2.47 -15.34
N GLU A 26 -0.37 1.59 -15.44
CA GLU A 26 -0.54 0.15 -15.75
C GLU A 26 -1.51 -0.54 -14.76
N SER A 27 -1.36 -0.20 -13.48
CA SER A 27 -2.18 -0.73 -12.38
C SER A 27 -3.62 -0.17 -12.52
N ILE A 28 -3.70 1.12 -12.90
CA ILE A 28 -4.96 1.87 -13.02
C ILE A 28 -5.73 1.50 -14.32
N ARG A 29 -5.07 0.84 -15.30
CA ARG A 29 -5.74 0.37 -16.54
C ARG A 29 -6.86 -0.62 -16.18
N LYS A 30 -6.59 -1.44 -15.13
CA LYS A 30 -7.52 -2.46 -14.60
C LYS A 30 -8.25 -1.94 -13.34
N GLN A 31 -7.94 -0.69 -12.91
CA GLN A 31 -8.55 -0.02 -11.73
C GLN A 31 -8.27 -0.77 -10.41
N GLN A 32 -7.21 -1.59 -10.38
CA GLN A 32 -6.90 -2.46 -9.23
C GLN A 32 -5.38 -2.64 -9.03
N TYR A 33 -4.99 -3.03 -7.80
CA TYR A 33 -3.57 -3.27 -7.39
C TYR A 33 -2.97 -4.54 -8.07
N TYR A 34 -3.79 -5.21 -8.89
CA TYR A 34 -3.44 -6.47 -9.59
C TYR A 34 -3.19 -6.19 -11.09
N GLY A 35 -3.28 -4.89 -11.49
CA GLY A 35 -3.19 -4.44 -12.88
C GLY A 35 -2.17 -5.16 -13.76
N ASN A 36 -0.98 -5.42 -13.23
CA ASN A 36 -0.02 -6.37 -13.83
C ASN A 36 0.39 -7.41 -12.78
N PRO A 37 0.66 -8.70 -13.17
CA PRO A 37 1.06 -9.77 -12.19
C PRO A 37 2.54 -9.63 -11.73
N GLY A 38 3.23 -8.61 -12.26
CA GLY A 38 4.57 -8.23 -11.81
C GLY A 38 4.54 -7.31 -10.59
N ASN A 39 3.31 -6.87 -10.20
CA ASN A 39 3.09 -6.18 -8.92
C ASN A 39 3.32 -7.20 -7.78
N ASP A 40 4.46 -7.08 -7.08
CA ASP A 40 4.87 -8.05 -6.05
C ASP A 40 4.34 -7.67 -4.67
N PHE A 41 3.49 -6.62 -4.62
CA PHE A 41 2.61 -6.31 -3.47
C PHE A 41 1.96 -7.61 -2.91
N TRP A 42 1.49 -8.45 -3.83
CA TRP A 42 0.78 -9.70 -3.51
C TRP A 42 1.76 -10.85 -3.19
N ARG A 43 2.96 -10.77 -3.79
CA ARG A 43 4.06 -11.73 -3.54
C ARG A 43 4.62 -11.56 -2.11
N LEU A 44 4.86 -10.30 -1.69
CA LEU A 44 5.59 -9.98 -0.44
C LEU A 44 4.65 -9.95 0.78
N VAL A 45 3.41 -9.39 0.61
CA VAL A 45 2.38 -9.44 1.69
C VAL A 45 1.88 -10.89 1.83
N GLY A 46 1.77 -11.57 0.66
CA GLY A 46 1.31 -12.95 0.60
C GLY A 46 2.27 -13.92 1.28
N HIS A 47 3.57 -13.68 1.08
CA HIS A 47 4.65 -14.46 1.73
C HIS A 47 4.67 -14.18 3.24
N ALA A 48 4.44 -12.91 3.60
CA ALA A 48 4.49 -12.42 5.00
C ALA A 48 3.34 -12.97 5.86
N ILE A 49 2.16 -13.18 5.26
CA ILE A 49 1.00 -13.79 5.95
C ILE A 49 0.95 -15.31 5.71
N GLY A 50 1.78 -15.81 4.76
CA GLY A 50 1.83 -17.23 4.39
C GLY A 50 0.58 -17.72 3.66
N GLU A 51 -0.01 -16.83 2.86
CA GLU A 51 -1.21 -17.06 2.04
C GLU A 51 -1.02 -16.30 0.72
N ASN A 52 -0.70 -17.03 -0.37
CA ASN A 52 -0.41 -16.43 -1.69
C ASN A 52 -1.65 -15.70 -2.23
N LEU A 53 -1.64 -14.38 -2.06
CA LEU A 53 -2.68 -13.48 -2.53
C LEU A 53 -2.71 -13.45 -4.08
N GLN A 54 -1.52 -13.56 -4.67
CA GLN A 54 -1.27 -13.37 -6.10
C GLN A 54 -1.97 -14.44 -6.98
N ASP A 55 -2.30 -15.61 -6.39
CA ASP A 55 -3.04 -16.68 -7.10
C ASP A 55 -4.56 -16.60 -6.83
N MET A 56 -4.94 -16.12 -5.63
CA MET A 56 -6.36 -15.93 -5.24
C MET A 56 -7.07 -14.98 -6.21
N ALA A 57 -8.34 -15.27 -6.55
CA ALA A 57 -9.20 -14.33 -7.31
C ALA A 57 -9.33 -13.00 -6.55
N TYR A 58 -9.25 -11.85 -7.26
CA TYR A 58 -9.08 -10.50 -6.64
C TYR A 58 -10.00 -10.25 -5.42
N GLU A 59 -11.26 -10.73 -5.50
CA GLU A 59 -12.22 -10.66 -4.39
C GLU A 59 -11.67 -11.40 -3.13
N LYS A 60 -11.40 -12.72 -3.28
CA LYS A 60 -10.84 -13.58 -2.19
C LYS A 60 -9.47 -13.07 -1.70
N LYS A 61 -8.71 -12.51 -2.63
CA LYS A 61 -7.37 -11.94 -2.39
C LYS A 61 -7.47 -10.79 -1.37
N LEU A 62 -8.45 -9.89 -1.60
CA LEU A 62 -8.74 -8.78 -0.68
C LEU A 62 -9.32 -9.32 0.65
N LYS A 63 -10.19 -10.34 0.59
CA LYS A 63 -10.85 -10.90 1.78
C LYS A 63 -9.83 -11.46 2.78
N THR A 64 -8.69 -11.97 2.27
CA THR A 64 -7.57 -12.47 3.09
C THR A 64 -6.90 -11.31 3.85
N LEU A 65 -6.85 -10.12 3.21
CA LEU A 65 -6.31 -8.89 3.82
C LEU A 65 -7.18 -8.51 5.03
N LYS A 66 -8.50 -8.32 4.80
CA LYS A 66 -9.46 -7.93 5.87
C LYS A 66 -9.49 -8.96 7.01
N HIS A 67 -9.36 -10.25 6.65
CA HIS A 67 -9.14 -11.38 7.60
C HIS A 67 -7.94 -11.12 8.52
N ASN A 68 -6.81 -10.68 7.93
CA ASN A 68 -5.54 -10.41 8.65
C ASN A 68 -5.49 -8.96 9.21
N ARG A 69 -6.65 -8.25 9.12
CA ARG A 69 -6.80 -6.85 9.57
C ARG A 69 -5.83 -5.92 8.77
N ILE A 70 -5.66 -6.22 7.49
CA ILE A 70 -4.88 -5.41 6.54
C ILE A 70 -5.84 -4.62 5.65
N GLY A 71 -5.48 -3.36 5.37
CA GLY A 71 -6.16 -2.54 4.39
C GLY A 71 -5.19 -2.05 3.32
N LEU A 72 -5.73 -1.58 2.18
CA LEU A 72 -4.94 -0.95 1.10
C LEU A 72 -5.59 0.38 0.74
N TRP A 73 -4.77 1.39 0.51
CA TRP A 73 -5.22 2.73 0.11
C TRP A 73 -3.99 3.50 -0.43
N ASP A 74 -4.10 4.83 -0.65
CA ASP A 74 -3.02 5.64 -1.25
C ASP A 74 -2.75 6.93 -0.43
N VAL A 75 -1.56 7.52 -0.64
CA VAL A 75 -1.15 8.80 -0.04
C VAL A 75 -1.46 9.97 -0.97
N PHE A 76 -1.07 9.85 -2.25
CA PHE A 76 -1.36 10.88 -3.26
C PHE A 76 -2.66 10.52 -3.97
N LYS A 77 -3.69 11.35 -3.77
CA LYS A 77 -5.05 11.13 -4.30
C LYS A 77 -5.04 11.16 -5.83
N ALA A 78 -4.22 12.06 -6.38
CA ALA A 78 -4.07 12.25 -7.82
C ALA A 78 -2.64 12.72 -8.14
N GLY A 79 -2.04 12.11 -9.17
CA GLY A 79 -0.69 12.45 -9.63
C GLY A 79 -0.61 12.34 -11.14
N SER A 80 0.03 13.31 -11.80
CA SER A 80 0.14 13.36 -13.26
C SER A 80 1.60 13.19 -13.70
N ARG A 81 1.78 12.86 -14.98
CA ARG A 81 3.09 12.74 -15.62
C ARG A 81 2.95 13.32 -17.05
N GLU A 82 3.92 14.13 -17.46
CA GLU A 82 3.89 14.84 -18.76
C GLU A 82 5.30 15.29 -19.14
N GLY A 83 5.41 16.23 -20.10
CA GLY A 83 6.70 16.77 -20.55
C GLY A 83 7.32 17.72 -19.54
N SER A 84 7.76 17.16 -18.40
CA SER A 84 8.25 17.90 -17.24
C SER A 84 9.64 17.36 -16.85
N GLN A 85 10.28 17.99 -15.84
CA GLN A 85 11.52 17.47 -15.23
C GLN A 85 11.17 16.22 -14.37
N ASP A 86 12.21 15.48 -13.91
CA ASP A 86 12.07 14.16 -13.22
C ASP A 86 11.00 14.15 -12.10
N SER A 87 9.76 13.83 -12.53
CA SER A 87 8.58 13.79 -11.67
C SER A 87 7.56 12.79 -12.25
N LYS A 88 7.44 11.62 -11.61
CA LYS A 88 6.45 10.60 -12.00
C LYS A 88 5.12 10.90 -11.28
N ILE A 89 5.25 11.45 -10.06
CA ILE A 89 4.15 12.08 -9.32
C ILE A 89 4.32 13.62 -9.46
N GLY A 90 4.14 14.09 -10.71
CA GLY A 90 4.24 15.52 -11.04
C GLY A 90 2.95 16.26 -10.71
N ASP A 91 2.65 16.30 -9.41
CA ASP A 91 1.35 16.77 -8.87
C ASP A 91 1.41 16.72 -7.34
N GLU A 92 0.61 17.57 -6.68
CA GLU A 92 0.60 17.73 -5.22
C GLU A 92 -0.79 17.44 -4.61
N GLU A 93 -1.63 16.67 -5.33
CA GLU A 93 -2.97 16.29 -4.84
C GLU A 93 -2.85 15.13 -3.85
N ILE A 94 -2.92 15.45 -2.56
CA ILE A 94 -2.80 14.48 -1.45
C ILE A 94 -4.20 14.01 -1.01
N ASN A 95 -4.25 12.80 -0.45
CA ASN A 95 -5.48 12.20 0.08
C ASN A 95 -5.67 12.63 1.56
N ASP A 96 -6.92 12.60 2.03
CA ASP A 96 -7.28 13.10 3.38
C ASP A 96 -7.22 11.95 4.41
N PHE A 97 -6.40 12.12 5.47
CA PHE A 97 -6.16 11.07 6.49
C PHE A 97 -6.81 11.44 7.84
N SER A 98 -7.60 12.53 7.89
CA SER A 98 -8.25 12.99 9.13
C SER A 98 -9.38 12.03 9.56
N GLY A 99 -9.83 11.17 8.61
CA GLY A 99 -10.88 10.18 8.86
C GLY A 99 -10.35 8.85 9.40
N LEU A 100 -8.99 8.71 9.47
CA LEU A 100 -8.33 7.48 9.99
C LEU A 100 -8.93 6.99 11.31
N LYS A 101 -9.07 7.91 12.27
CA LYS A 101 -9.51 7.55 13.64
C LYS A 101 -10.92 6.93 13.65
N GLU A 102 -11.74 7.31 12.66
CA GLU A 102 -13.11 6.83 12.50
C GLU A 102 -13.14 5.45 11.79
N MET A 103 -12.52 5.39 10.59
CA MET A 103 -12.61 4.20 9.70
C MET A 103 -11.75 3.04 10.20
N VAL A 104 -10.65 3.35 10.92
CA VAL A 104 -9.74 2.34 11.50
C VAL A 104 -9.44 2.66 12.99
N PRO A 105 -10.24 2.08 13.95
CA PRO A 105 -9.95 2.18 15.40
C PRO A 105 -8.77 1.27 15.81
N LYS A 106 -8.70 0.09 15.17
CA LYS A 106 -7.74 -0.98 15.52
C LYS A 106 -6.34 -0.70 14.94
N LEU A 107 -6.25 0.38 14.13
CA LEU A 107 -5.01 0.83 13.49
C LEU A 107 -3.93 1.14 14.55
N ARG A 108 -2.75 0.55 14.34
CA ARG A 108 -1.54 0.84 15.12
C ARG A 108 -0.32 0.95 14.20
N LEU A 109 -0.38 0.33 13.00
CA LEU A 109 0.73 0.36 12.03
C LEU A 109 0.22 0.78 10.64
N ILE A 110 0.84 1.82 10.05
CA ILE A 110 0.54 2.27 8.68
C ILE A 110 1.77 2.01 7.79
N CYS A 111 1.65 1.07 6.85
CA CYS A 111 2.78 0.65 5.98
C CYS A 111 2.73 1.40 4.63
N PHE A 112 3.72 2.25 4.38
CA PHE A 112 3.80 3.08 3.17
C PHE A 112 4.60 2.35 2.07
N ASN A 113 3.95 2.03 0.94
CA ASN A 113 4.60 1.39 -0.21
C ASN A 113 5.26 2.47 -1.06
N GLY A 114 6.59 2.58 -0.92
CA GLY A 114 7.39 3.60 -1.60
C GLY A 114 7.79 4.70 -0.64
N ARG A 115 9.06 5.15 -0.76
CA ARG A 115 9.57 6.32 0.01
C ARG A 115 8.76 7.59 -0.28
N LYS A 116 8.23 7.71 -1.52
CA LYS A 116 7.30 8.77 -1.91
C LYS A 116 6.07 8.87 -0.98
N ALA A 117 5.51 7.71 -0.61
CA ALA A 117 4.44 7.61 0.39
C ALA A 117 4.99 7.91 1.80
N GLY A 118 6.21 7.40 2.04
CA GLY A 118 6.93 7.56 3.31
C GLY A 118 7.36 9.00 3.62
N GLU A 119 7.23 9.91 2.63
CA GLU A 119 7.45 11.35 2.85
C GLU A 119 6.37 11.93 3.81
N TYR A 120 5.20 11.26 3.86
CA TYR A 120 4.07 11.62 4.76
C TYR A 120 3.90 10.58 5.88
N GLU A 121 4.97 9.81 6.15
CA GLU A 121 5.02 8.82 7.24
C GLU A 121 4.95 9.48 8.65
N PRO A 122 5.81 10.51 9.01
CA PRO A 122 5.80 11.10 10.38
C PRO A 122 4.54 11.95 10.65
N LEU A 123 3.81 12.29 9.56
CA LEU A 123 2.56 13.05 9.62
C LEU A 123 1.48 12.21 10.33
N LEU A 124 1.41 10.92 9.93
CA LEU A 124 0.42 9.97 10.47
C LEU A 124 0.95 9.33 11.77
N ARG A 125 2.27 9.37 11.97
CA ARG A 125 2.91 8.94 13.23
C ARG A 125 2.61 9.97 14.34
N GLY A 126 2.44 11.23 13.90
CA GLY A 126 2.03 12.32 14.78
C GLY A 126 0.58 12.18 15.26
N MET A 127 -0.24 11.42 14.50
CA MET A 127 -1.64 11.14 14.86
C MET A 127 -1.75 10.08 15.99
N GLY A 128 -0.62 9.43 16.33
CA GLY A 128 -0.57 8.46 17.43
C GLY A 128 -0.45 7.02 16.98
N TYR A 129 -0.10 6.82 15.70
CA TYR A 129 0.09 5.48 15.11
C TYR A 129 1.59 5.24 14.85
N GLU A 130 2.06 4.00 14.99
CA GLU A 130 3.35 3.59 14.44
C GLU A 130 3.22 3.53 12.92
N THR A 131 4.23 4.05 12.22
CA THR A 131 4.25 4.08 10.77
C THR A 131 5.57 3.48 10.26
N LYS A 132 5.46 2.68 9.20
CA LYS A 132 6.56 1.90 8.63
C LYS A 132 6.64 2.16 7.13
N VAL A 133 7.76 2.71 6.65
CA VAL A 133 8.00 2.90 5.22
C VAL A 133 8.53 1.58 4.65
N LEU A 134 7.66 0.85 3.95
CA LEU A 134 8.04 -0.36 3.20
C LEU A 134 8.47 0.05 1.78
N PRO A 135 9.64 -0.45 1.27
CA PRO A 135 10.09 -0.16 -0.11
C PRO A 135 9.07 -0.65 -1.14
N SER A 136 8.81 0.19 -2.16
CA SER A 136 7.82 -0.10 -3.22
C SER A 136 8.06 -1.50 -3.82
N SER A 137 7.04 -2.37 -3.69
CA SER A 137 7.10 -3.77 -4.13
C SER A 137 6.78 -3.92 -5.64
N SER A 138 7.12 -2.88 -6.42
CA SER A 138 7.17 -2.93 -7.87
C SER A 138 8.21 -3.98 -8.35
N GLY A 139 7.95 -4.59 -9.51
CA GLY A 139 8.79 -5.66 -10.06
C GLY A 139 10.27 -5.32 -10.17
N ALA A 140 10.54 -4.10 -10.62
CA ALA A 140 11.91 -3.60 -10.81
C ALA A 140 12.68 -3.52 -9.48
N ASN A 141 11.98 -3.10 -8.41
CA ASN A 141 12.59 -2.91 -7.07
C ASN A 141 12.76 -4.29 -6.37
N ARG A 142 11.87 -5.24 -6.72
CA ARG A 142 11.89 -6.63 -6.17
C ARG A 142 13.23 -7.32 -6.50
N ARG A 143 13.77 -7.04 -7.70
CA ARG A 143 15.08 -7.57 -8.18
C ARG A 143 16.25 -7.22 -7.23
N PHE A 144 16.06 -6.19 -6.40
CA PHE A 144 17.12 -5.67 -5.51
C PHE A 144 16.76 -5.93 -4.03
N SER A 145 15.45 -5.90 -3.72
CA SER A 145 14.93 -6.02 -2.35
C SER A 145 15.10 -7.45 -1.75
N LYS A 146 16.29 -7.73 -1.22
CA LYS A 146 16.59 -8.96 -0.42
C LYS A 146 16.46 -8.68 1.08
N ASN A 147 17.23 -7.68 1.56
CA ASN A 147 17.10 -7.15 2.95
C ASN A 147 15.69 -6.61 3.18
N ARG A 148 15.10 -6.07 2.10
CA ARG A 148 13.82 -5.35 2.15
C ARG A 148 12.62 -6.31 2.02
N GLU A 149 12.75 -7.42 1.28
CA GLU A 149 11.67 -8.45 1.23
C GLU A 149 11.59 -9.15 2.61
N SER A 150 12.75 -9.20 3.30
CA SER A 150 12.87 -9.71 4.66
C SER A 150 12.12 -8.80 5.66
N GLU A 151 12.26 -7.45 5.49
CA GLU A 151 11.56 -6.49 6.37
C GLU A 151 10.05 -6.46 6.07
N TRP A 152 9.67 -6.81 4.81
CA TRP A 152 8.25 -6.91 4.40
C TRP A 152 7.60 -8.11 5.13
N GLU A 153 8.36 -9.22 5.18
CA GLU A 153 7.95 -10.47 5.83
C GLU A 153 7.87 -10.25 7.36
N ALA A 154 8.83 -9.47 7.88
CA ALA A 154 9.00 -9.22 9.31
C ALA A 154 7.91 -8.29 9.88
N VAL A 155 7.16 -7.61 9.00
CA VAL A 155 6.01 -6.77 9.38
C VAL A 155 4.76 -7.64 9.63
N PHE A 156 4.27 -8.34 8.59
CA PHE A 156 2.92 -8.96 8.62
C PHE A 156 2.91 -10.35 9.28
N ARG A 157 4.09 -10.80 9.78
CA ARG A 157 4.23 -12.11 10.44
C ARG A 157 3.54 -12.14 11.82
N HIS A 158 3.40 -10.96 12.48
CA HIS A 158 2.80 -10.87 13.84
C HIS A 158 1.26 -10.96 13.80
N LEU A 159 0.68 -10.95 12.58
CA LEU A 159 -0.77 -10.89 12.39
C LEU A 159 -1.45 -12.19 12.82
N GLU A 160 -0.81 -13.35 12.52
CA GLU A 160 -1.34 -14.65 12.96
C GLU A 160 -1.04 -14.86 14.46
N HIS A 161 0.20 -14.47 14.85
CA HIS A 161 0.71 -14.47 16.22
C HIS A 161 2.16 -13.93 16.17
N MET A 1 -3.36 11.53 -19.25
CA MET A 1 -4.42 11.35 -18.24
C MET A 1 -3.81 11.38 -16.83
N ILE A 2 -4.55 11.97 -15.87
CA ILE A 2 -4.13 12.02 -14.46
C ILE A 2 -4.58 10.74 -13.77
N LYS A 3 -3.72 10.19 -12.89
CA LYS A 3 -3.98 8.93 -12.20
C LYS A 3 -4.73 9.24 -10.92
N ARG A 4 -6.01 8.85 -10.89
CA ARG A 4 -6.85 8.94 -9.72
C ARG A 4 -6.62 7.72 -8.82
N GLY A 5 -6.50 7.97 -7.51
CA GLY A 5 -6.41 6.93 -6.52
C GLY A 5 -7.71 6.15 -6.39
N PHE A 6 -7.63 4.97 -5.80
CA PHE A 6 -8.76 4.03 -5.75
C PHE A 6 -9.43 4.11 -4.36
N PRO A 7 -10.80 3.92 -4.29
CA PRO A 7 -11.50 3.70 -3.01
C PRO A 7 -10.79 2.63 -2.13
N ALA A 8 -10.69 2.92 -0.82
CA ALA A 8 -9.93 2.10 0.13
C ALA A 8 -10.48 0.67 0.24
N VAL A 9 -9.57 -0.30 0.31
CA VAL A 9 -9.89 -1.71 0.53
C VAL A 9 -9.81 -1.92 2.03
N LEU A 10 -10.88 -1.56 2.73
CA LEU A 10 -10.84 -1.38 4.19
C LEU A 10 -11.95 -2.18 4.88
N ASP A 11 -11.62 -2.67 6.09
CA ASP A 11 -12.54 -3.43 6.95
C ASP A 11 -12.61 -2.70 8.32
N GLU A 12 -13.67 -2.96 9.11
CA GLU A 12 -13.79 -2.43 10.51
C GLU A 12 -12.61 -2.92 11.39
N ASN A 13 -12.06 -4.08 11.01
CA ASN A 13 -10.96 -4.74 11.71
C ASN A 13 -9.75 -4.66 10.79
N THR A 14 -8.98 -3.58 10.93
CA THR A 14 -7.75 -3.36 10.17
C THR A 14 -6.64 -2.86 11.10
N GLU A 15 -5.67 -3.76 11.39
CA GLU A 15 -4.52 -3.48 12.24
C GLU A 15 -3.46 -2.71 11.45
N ILE A 16 -3.34 -3.05 10.15
CA ILE A 16 -2.37 -2.41 9.23
C ILE A 16 -3.08 -1.95 7.97
N LEU A 17 -2.94 -0.66 7.66
CA LEU A 17 -3.45 -0.05 6.43
C LEU A 17 -2.23 0.25 5.55
N ILE A 18 -2.16 -0.39 4.37
CA ILE A 18 -1.02 -0.24 3.46
C ILE A 18 -1.33 0.86 2.44
N LEU A 19 -0.59 1.96 2.52
CA LEU A 19 -0.76 3.11 1.64
C LEU A 19 0.34 3.10 0.55
N GLY A 20 -0.08 3.03 -0.71
CA GLY A 20 0.79 3.33 -1.85
C GLY A 20 1.01 4.82 -1.98
N SER A 21 1.84 5.24 -2.93
CA SER A 21 2.08 6.67 -3.16
C SER A 21 1.05 7.13 -4.18
N LEU A 22 1.28 6.78 -5.43
CA LEU A 22 0.35 7.04 -6.54
C LEU A 22 0.13 5.72 -7.30
N PRO A 23 -1.14 5.27 -7.48
CA PRO A 23 -1.46 4.16 -8.41
C PRO A 23 -1.02 4.51 -9.84
N SER A 24 -0.18 3.63 -10.45
CA SER A 24 0.38 3.87 -11.80
C SER A 24 -0.66 3.55 -12.89
N ASP A 25 -0.33 3.85 -14.17
CA ASP A 25 -1.28 3.70 -15.30
C ASP A 25 -1.76 2.23 -15.46
N GLU A 26 -0.83 1.28 -15.22
CA GLU A 26 -1.11 -0.17 -15.23
C GLU A 26 -2.20 -0.54 -14.22
N SER A 27 -2.10 0.05 -13.01
CA SER A 27 -3.08 -0.13 -11.94
C SER A 27 -4.45 0.46 -12.36
N ILE A 28 -4.39 1.65 -12.99
CA ILE A 28 -5.57 2.41 -13.48
C ILE A 28 -6.37 1.63 -14.55
N ARG A 29 -5.71 0.72 -15.30
CA ARG A 29 -6.35 -0.01 -16.42
C ARG A 29 -7.50 -0.89 -15.90
N LYS A 30 -7.29 -1.53 -14.74
CA LYS A 30 -8.32 -2.33 -14.05
C LYS A 30 -8.90 -1.58 -12.83
N GLN A 31 -8.31 -0.39 -12.54
CA GLN A 31 -8.68 0.47 -11.38
C GLN A 31 -8.41 -0.26 -10.04
N GLN A 32 -7.38 -1.12 -10.05
CA GLN A 32 -6.98 -1.99 -8.93
C GLN A 32 -5.49 -1.79 -8.65
N TYR A 33 -5.10 -1.73 -7.37
CA TYR A 33 -3.67 -1.65 -6.95
C TYR A 33 -2.89 -2.86 -7.53
N TYR A 34 -3.57 -4.03 -7.47
CA TYR A 34 -3.17 -5.28 -8.15
C TYR A 34 -2.78 -5.04 -9.65
N GLY A 35 -3.61 -4.25 -10.38
CA GLY A 35 -3.52 -4.08 -11.84
C GLY A 35 -3.26 -5.39 -12.59
N ASN A 36 -2.02 -5.55 -13.09
CA ASN A 36 -1.54 -6.79 -13.73
C ASN A 36 -0.27 -7.30 -13.00
N PRO A 37 -0.07 -8.66 -12.92
CA PRO A 37 1.18 -9.30 -12.39
C PRO A 37 2.49 -8.60 -12.83
N GLY A 38 3.23 -8.11 -11.83
CA GLY A 38 4.46 -7.32 -12.05
C GLY A 38 5.04 -6.81 -10.75
N ASN A 39 4.13 -6.52 -9.80
CA ASN A 39 4.48 -6.12 -8.43
C ASN A 39 4.50 -7.37 -7.53
N ASP A 40 5.63 -7.55 -6.83
CA ASP A 40 5.86 -8.70 -5.94
C ASP A 40 5.21 -8.48 -4.55
N PHE A 41 4.51 -7.32 -4.40
CA PHE A 41 3.68 -6.95 -3.23
C PHE A 41 2.92 -8.14 -2.63
N TRP A 42 2.24 -8.86 -3.51
CA TRP A 42 1.34 -9.96 -3.12
C TRP A 42 2.10 -11.21 -2.64
N ARG A 43 3.35 -11.34 -3.09
CA ARG A 43 4.24 -12.45 -2.68
C ARG A 43 5.02 -12.09 -1.39
N LEU A 44 5.27 -10.78 -1.16
CA LEU A 44 6.00 -10.29 0.04
C LEU A 44 5.06 -10.26 1.26
N VAL A 45 3.88 -9.62 1.09
CA VAL A 45 2.82 -9.57 2.12
C VAL A 45 2.22 -10.99 2.30
N GLY A 46 2.18 -11.74 1.18
CA GLY A 46 1.71 -13.12 1.18
C GLY A 46 2.63 -14.07 1.93
N HIS A 47 3.95 -13.82 1.81
CA HIS A 47 5.00 -14.57 2.54
C HIS A 47 4.84 -14.32 4.05
N ALA A 48 4.55 -13.06 4.38
CA ALA A 48 4.40 -12.60 5.75
C ALA A 48 3.22 -13.27 6.47
N ILE A 49 2.04 -13.27 5.83
CA ILE A 49 0.80 -13.77 6.45
C ILE A 49 0.63 -15.29 6.20
N GLY A 50 1.55 -15.88 5.40
CA GLY A 50 1.55 -17.32 5.13
C GLY A 50 0.42 -17.74 4.17
N GLU A 51 0.01 -16.81 3.28
CA GLU A 51 -1.05 -16.99 2.27
C GLU A 51 -0.62 -16.16 1.05
N ASN A 52 0.10 -16.80 0.10
CA ASN A 52 0.66 -16.12 -1.10
C ASN A 52 -0.48 -15.51 -1.93
N LEU A 53 -0.66 -14.18 -1.77
CA LEU A 53 -1.82 -13.42 -2.26
C LEU A 53 -1.87 -13.34 -3.79
N GLN A 54 -0.72 -13.61 -4.44
CA GLN A 54 -0.53 -13.37 -5.88
C GLN A 54 -1.53 -14.16 -6.75
N ASP A 55 -1.77 -15.43 -6.37
CA ASP A 55 -2.60 -16.37 -7.17
C ASP A 55 -4.09 -15.98 -7.16
N MET A 56 -4.55 -15.40 -6.03
CA MET A 56 -5.98 -15.06 -5.81
C MET A 56 -6.51 -14.06 -6.86
N ALA A 57 -7.82 -14.20 -7.16
CA ALA A 57 -8.58 -13.20 -7.92
C ALA A 57 -8.93 -12.03 -6.98
N TYR A 58 -9.13 -10.81 -7.53
CA TYR A 58 -9.14 -9.56 -6.76
C TYR A 58 -10.13 -9.56 -5.57
N GLU A 59 -11.38 -10.03 -5.80
CA GLU A 59 -12.45 -10.01 -4.75
C GLU A 59 -12.08 -10.93 -3.56
N LYS A 60 -11.58 -12.14 -3.89
CA LYS A 60 -11.08 -13.12 -2.91
C LYS A 60 -9.85 -12.58 -2.18
N LYS A 61 -9.05 -11.82 -2.93
CA LYS A 61 -7.82 -11.19 -2.44
C LYS A 61 -8.14 -10.12 -1.36
N LEU A 62 -9.21 -9.33 -1.61
CA LEU A 62 -9.75 -8.36 -0.62
C LEU A 62 -10.13 -9.09 0.67
N LYS A 63 -10.88 -10.21 0.51
CA LYS A 63 -11.33 -11.06 1.62
C LYS A 63 -10.15 -11.55 2.49
N THR A 64 -9.07 -12.02 1.81
CA THR A 64 -7.89 -12.58 2.49
C THR A 64 -7.13 -11.47 3.27
N LEU A 65 -6.94 -10.30 2.62
CA LEU A 65 -6.28 -9.11 3.24
C LEU A 65 -7.02 -8.71 4.52
N LYS A 66 -8.32 -8.45 4.37
CA LYS A 66 -9.19 -7.93 5.44
C LYS A 66 -9.39 -8.95 6.57
N HIS A 67 -9.36 -10.26 6.22
CA HIS A 67 -9.33 -11.38 7.19
C HIS A 67 -8.04 -11.34 8.04
N ASN A 68 -6.92 -10.94 7.40
CA ASN A 68 -5.61 -10.74 8.08
C ASN A 68 -5.52 -9.34 8.71
N ARG A 69 -6.64 -8.58 8.64
CA ARG A 69 -6.77 -7.22 9.24
C ARG A 69 -5.81 -6.24 8.52
N ILE A 70 -5.64 -6.46 7.22
CA ILE A 70 -4.85 -5.61 6.34
C ILE A 70 -5.81 -4.91 5.37
N GLY A 71 -5.58 -3.60 5.18
CA GLY A 71 -6.30 -2.81 4.21
C GLY A 71 -5.35 -2.21 3.18
N LEU A 72 -5.91 -1.65 2.10
CA LEU A 72 -5.15 -0.92 1.07
C LEU A 72 -5.76 0.46 0.88
N TRP A 73 -4.91 1.43 0.55
CA TRP A 73 -5.30 2.75 0.05
C TRP A 73 -4.03 3.42 -0.53
N ASP A 74 -4.08 4.71 -0.85
CA ASP A 74 -2.93 5.47 -1.41
C ASP A 74 -2.85 6.87 -0.77
N VAL A 75 -1.67 7.51 -0.95
CA VAL A 75 -1.39 8.85 -0.42
C VAL A 75 -1.86 9.95 -1.39
N PHE A 76 -1.65 9.78 -2.69
CA PHE A 76 -2.00 10.79 -3.71
C PHE A 76 -3.31 10.42 -4.41
N LYS A 77 -4.35 11.29 -4.23
CA LYS A 77 -5.64 11.16 -4.90
C LYS A 77 -5.44 11.40 -6.42
N ALA A 78 -4.52 12.30 -6.79
CA ALA A 78 -4.22 12.57 -8.19
C ALA A 78 -2.74 12.87 -8.39
N GLY A 79 -2.16 12.26 -9.44
CA GLY A 79 -0.79 12.49 -9.84
C GLY A 79 -0.57 12.15 -11.30
N SER A 80 0.36 12.86 -11.95
CA SER A 80 0.75 12.65 -13.35
C SER A 80 2.22 12.22 -13.39
N ARG A 81 2.72 11.84 -14.58
CA ARG A 81 4.17 11.69 -14.82
C ARG A 81 4.51 12.48 -16.10
N GLU A 82 5.24 13.60 -15.91
CA GLU A 82 5.43 14.63 -16.95
C GLU A 82 6.68 14.30 -17.80
N GLY A 83 7.86 14.27 -17.14
CA GLY A 83 9.13 13.94 -17.80
C GLY A 83 10.27 14.84 -17.33
N SER A 84 10.10 16.16 -17.54
CA SER A 84 11.13 17.18 -17.21
C SER A 84 10.97 17.67 -15.75
N GLN A 85 10.64 16.75 -14.84
CA GLN A 85 10.45 17.02 -13.39
C GLN A 85 11.35 16.03 -12.60
N ASP A 86 11.77 16.43 -11.37
CA ASP A 86 12.58 15.56 -10.49
C ASP A 86 11.76 14.35 -10.05
N SER A 87 10.72 14.61 -9.25
CA SER A 87 9.72 13.61 -8.88
C SER A 87 8.69 13.51 -10.03
N LYS A 88 8.31 12.28 -10.40
CA LYS A 88 7.40 12.04 -11.54
C LYS A 88 5.99 12.59 -11.26
N ILE A 89 5.52 12.43 -10.01
CA ILE A 89 4.17 12.85 -9.57
C ILE A 89 4.00 14.38 -9.69
N GLY A 90 3.55 14.82 -10.88
CA GLY A 90 3.35 16.24 -11.19
C GLY A 90 1.97 16.74 -10.80
N ASP A 91 1.65 16.59 -9.51
CA ASP A 91 0.34 16.97 -8.94
C ASP A 91 0.43 16.87 -7.41
N GLU A 92 -0.27 17.79 -6.73
CA GLU A 92 -0.21 17.95 -5.26
C GLU A 92 -1.52 17.52 -4.58
N GLU A 93 -2.36 16.75 -5.31
CA GLU A 93 -3.68 16.33 -4.80
C GLU A 93 -3.53 15.06 -3.95
N ILE A 94 -3.58 15.26 -2.63
CA ILE A 94 -3.36 14.22 -1.61
C ILE A 94 -4.70 13.85 -0.95
N ASN A 95 -4.78 12.62 -0.42
CA ASN A 95 -5.95 12.12 0.32
C ASN A 95 -5.90 12.65 1.76
N ASP A 96 -7.07 12.69 2.41
CA ASP A 96 -7.20 13.10 3.81
C ASP A 96 -7.04 11.88 4.72
N PHE A 97 -6.33 12.07 5.83
CA PHE A 97 -6.01 11.00 6.80
C PHE A 97 -6.35 11.43 8.24
N SER A 98 -7.07 12.57 8.40
CA SER A 98 -7.59 12.99 9.73
C SER A 98 -8.84 12.15 10.11
N GLY A 99 -9.39 11.42 9.11
CA GLY A 99 -10.53 10.52 9.32
C GLY A 99 -10.09 9.10 9.67
N LEU A 100 -8.74 8.85 9.64
CA LEU A 100 -8.14 7.54 10.00
C LEU A 100 -8.64 7.07 11.37
N LYS A 101 -8.58 7.95 12.36
CA LYS A 101 -8.84 7.57 13.76
C LYS A 101 -10.30 7.13 13.99
N GLU A 102 -11.18 7.44 13.03
CA GLU A 102 -12.61 7.10 13.09
C GLU A 102 -12.91 5.80 12.29
N MET A 103 -12.27 5.64 11.11
CA MET A 103 -12.52 4.45 10.23
C MET A 103 -11.68 3.23 10.62
N VAL A 104 -10.52 3.46 11.22
CA VAL A 104 -9.63 2.38 11.69
C VAL A 104 -9.24 2.62 13.17
N PRO A 105 -10.06 2.08 14.14
CA PRO A 105 -9.72 2.12 15.58
C PRO A 105 -8.55 1.16 15.89
N LYS A 106 -8.46 0.09 15.07
CA LYS A 106 -7.50 -1.01 15.28
C LYS A 106 -6.12 -0.72 14.69
N LEU A 107 -6.02 0.36 13.87
CA LEU A 107 -4.79 0.69 13.17
C LEU A 107 -3.63 0.91 14.16
N ARG A 108 -2.79 -0.11 14.26
CA ARG A 108 -1.59 -0.09 15.11
C ARG A 108 -0.39 0.37 14.29
N LEU A 109 -0.25 -0.15 13.05
CA LEU A 109 0.91 0.11 12.18
C LEU A 109 0.42 0.43 10.76
N ILE A 110 1.01 1.46 10.14
CA ILE A 110 0.74 1.84 8.74
C ILE A 110 1.94 1.41 7.91
N CYS A 111 1.71 0.83 6.73
CA CYS A 111 2.81 0.37 5.85
C CYS A 111 2.75 1.13 4.51
N PHE A 112 3.79 1.91 4.24
CA PHE A 112 3.92 2.69 3.02
C PHE A 112 4.72 1.87 2.01
N ASN A 113 4.17 1.62 0.81
CA ASN A 113 4.91 0.92 -0.27
C ASN A 113 5.36 1.99 -1.28
N GLY A 114 6.68 2.20 -1.33
CA GLY A 114 7.27 3.28 -2.11
C GLY A 114 7.67 4.45 -1.20
N ARG A 115 8.88 4.98 -1.44
CA ARG A 115 9.46 6.13 -0.68
C ARG A 115 8.50 7.34 -0.68
N LYS A 116 7.97 7.68 -1.85
CA LYS A 116 7.07 8.84 -2.06
C LYS A 116 5.77 8.73 -1.20
N ALA A 117 5.42 7.51 -0.78
CA ALA A 117 4.34 7.28 0.21
C ALA A 117 4.87 7.55 1.63
N GLY A 118 6.07 7.00 1.89
CA GLY A 118 6.75 7.09 3.19
C GLY A 118 7.31 8.47 3.53
N GLU A 119 7.31 9.38 2.54
CA GLU A 119 7.66 10.81 2.77
C GLU A 119 6.56 11.51 3.62
N TYR A 120 5.37 10.87 3.71
CA TYR A 120 4.24 11.34 4.52
C TYR A 120 4.06 10.46 5.78
N GLU A 121 5.13 9.74 6.17
CA GLU A 121 5.19 8.99 7.45
C GLU A 121 5.11 9.92 8.69
N PRO A 122 5.96 11.03 8.82
CA PRO A 122 5.95 11.91 10.02
C PRO A 122 4.57 12.54 10.26
N LEU A 123 3.78 12.66 9.18
CA LEU A 123 2.42 13.19 9.22
C LEU A 123 1.51 12.24 10.03
N LEU A 124 1.45 10.96 9.61
CA LEU A 124 0.44 10.01 10.11
C LEU A 124 0.81 9.42 11.48
N ARG A 125 2.10 9.48 11.84
CA ARG A 125 2.54 9.05 13.18
C ARG A 125 2.17 10.12 14.24
N GLY A 126 1.76 11.32 13.76
CA GLY A 126 1.17 12.35 14.61
C GLY A 126 -0.28 12.05 15.04
N MET A 127 -0.94 11.09 14.35
CA MET A 127 -2.30 10.61 14.71
C MET A 127 -2.26 9.56 15.85
N GLY A 128 -1.08 9.40 16.50
CA GLY A 128 -0.88 8.37 17.53
C GLY A 128 -0.77 6.97 16.96
N TYR A 129 -0.45 6.88 15.66
CA TYR A 129 -0.31 5.61 14.95
C TYR A 129 1.15 5.34 14.63
N GLU A 130 1.59 4.08 14.78
CA GLU A 130 2.92 3.67 14.32
C GLU A 130 2.90 3.59 12.80
N THR A 131 4.00 3.98 12.17
CA THR A 131 4.17 4.03 10.73
C THR A 131 5.48 3.33 10.34
N LYS A 132 5.49 2.71 9.15
CA LYS A 132 6.65 1.98 8.61
C LYS A 132 6.76 2.29 7.12
N VAL A 133 7.92 2.80 6.70
CA VAL A 133 8.25 2.99 5.27
C VAL A 133 8.87 1.69 4.75
N LEU A 134 8.25 1.14 3.73
CA LEU A 134 8.77 0.03 2.95
C LEU A 134 9.08 0.55 1.53
N PRO A 135 10.08 -0.04 0.81
CA PRO A 135 10.40 0.35 -0.59
C PRO A 135 9.27 -0.05 -1.56
N SER A 136 9.44 0.30 -2.84
CA SER A 136 8.52 -0.10 -3.90
C SER A 136 8.60 -1.63 -4.07
N SER A 137 7.44 -2.28 -4.10
CA SER A 137 7.32 -3.73 -4.23
C SER A 137 7.36 -4.19 -5.72
N SER A 138 7.81 -3.29 -6.60
CA SER A 138 7.90 -3.52 -8.05
C SER A 138 9.00 -4.54 -8.39
N GLY A 139 8.85 -5.19 -9.56
CA GLY A 139 9.84 -6.14 -10.09
C GLY A 139 11.17 -5.50 -10.48
N ALA A 140 11.15 -4.16 -10.68
CA ALA A 140 12.37 -3.36 -10.92
C ALA A 140 13.28 -3.36 -9.68
N ASN A 141 12.66 -3.35 -8.48
CA ASN A 141 13.40 -3.34 -7.18
C ASN A 141 13.97 -4.71 -6.81
N ARG A 142 13.72 -5.75 -7.66
CA ARG A 142 14.08 -7.16 -7.37
C ARG A 142 15.58 -7.36 -7.08
N ARG A 143 16.43 -6.56 -7.75
CA ARG A 143 17.91 -6.60 -7.56
C ARG A 143 18.28 -6.28 -6.08
N PHE A 144 17.48 -5.40 -5.44
CA PHE A 144 17.68 -4.98 -4.03
C PHE A 144 16.55 -5.52 -3.12
N SER A 145 15.65 -6.36 -3.67
CA SER A 145 14.46 -6.87 -2.94
C SER A 145 14.76 -8.21 -2.22
N LYS A 146 16.04 -8.57 -2.07
CA LYS A 146 16.44 -9.76 -1.31
C LYS A 146 16.11 -9.56 0.17
N ASN A 147 16.69 -8.49 0.76
CA ASN A 147 16.39 -8.04 2.15
C ASN A 147 14.90 -7.69 2.38
N ARG A 148 14.12 -7.51 1.30
CA ARG A 148 12.68 -7.18 1.38
C ARG A 148 11.88 -8.42 1.79
N GLU A 149 12.44 -9.63 1.53
CA GLU A 149 11.80 -10.91 1.86
C GLU A 149 11.54 -11.00 3.38
N SER A 150 12.62 -10.84 4.16
CA SER A 150 12.59 -10.93 5.64
C SER A 150 11.91 -9.69 6.25
N GLU A 151 12.08 -8.53 5.60
CA GLU A 151 11.57 -7.26 6.08
C GLU A 151 10.03 -7.25 6.04
N TRP A 152 9.48 -7.51 4.84
CA TRP A 152 8.03 -7.48 4.62
C TRP A 152 7.38 -8.68 5.32
N GLU A 153 8.18 -9.76 5.53
CA GLU A 153 7.77 -10.92 6.33
C GLU A 153 7.44 -10.48 7.76
N ALA A 154 8.37 -9.71 8.36
CA ALA A 154 8.31 -9.34 9.78
C ALA A 154 7.13 -8.36 10.04
N VAL A 155 6.96 -7.42 9.09
CA VAL A 155 5.99 -6.31 9.20
C VAL A 155 4.52 -6.82 9.28
N PHE A 156 4.18 -7.95 8.64
CA PHE A 156 2.77 -8.44 8.60
C PHE A 156 2.59 -9.79 9.31
N ARG A 157 3.69 -10.50 9.65
CA ARG A 157 3.60 -11.84 10.31
C ARG A 157 3.18 -11.71 11.78
N HIS A 158 3.49 -10.55 12.41
CA HIS A 158 3.22 -10.33 13.85
C HIS A 158 1.70 -10.10 14.12
N LEU A 159 0.90 -9.95 13.04
CA LEU A 159 -0.54 -9.64 13.14
C LEU A 159 -1.37 -10.82 13.68
N GLU A 160 -0.76 -12.02 13.75
CA GLU A 160 -1.40 -13.20 14.36
C GLU A 160 -1.08 -13.30 15.88
N HIS A 161 -0.25 -12.32 16.36
CA HIS A 161 0.28 -12.26 17.75
C HIS A 161 1.23 -13.48 18.02
#